data_9F16
#
_entry.id   9F16
#
_cell.length_a   1.00
_cell.length_b   1.00
_cell.length_c   1.00
_cell.angle_alpha   90.00
_cell.angle_beta   90.00
_cell.angle_gamma   90.00
#
_symmetry.space_group_name_H-M   'P 1'
#
_entity_poly.entity_id   1
_entity_poly.type   'polypeptide(L)'
_entity_poly.pdbx_seq_one_letter_code
;MSIPVTEFRQFSEQQPAFRVLKPWWDVFTDYLSVAMLMIGVFGCTLQVMQDKIICLPKRVQPAQNHSSLSNVSQAVASTT
PLPPPKPSPANPITVEMKGLKTDLDLQQYSFINQMCYERALHWYAKYFPYLVLIHTLVFMLCSNFWFKFPGSSSKIEHFI
SILGKCFDSPWTTRALSEVSGEDSEEKDNRKNNMNRSNTIQSGPEGSLVNSQSLKSIPEKFVVDKSTAGALDKKEGEQAK
ALFEKVKKFRLHVEEGDILYAMYVRQTVLKVIKFLIIIAYNSALVSKVQFTVDCNVDIQDMTGYKNFSCNHTMAHLFSKL
SFCYLCFVSIYGLTCLYTLYWLFYRSLREYSFEYVRQETGIDDIPDVKNDFAFMLHMIDQYDPLYSKRFALFLSEVSENK
LKQLNLNNEWTPDKLRQKLQTNAHNRLELPLIMLSGLPDTVFEITELQSLKLEIIKNVMIPATIAQLDNLQELSLHQCSV
KIHSAALSFLKENLKVLSVKFDDMRELPPWMYGLRNLEELYLVGSLSHDISRNVTLESLRDLKSLKILSIKSNVSKIPQA
VVDVSSHLQKMCIHNDGTKLVMLNNLKKMTNLTELELVHCDLERIPHAVFSLLSLQELDLKENNLKSIEEIVSFQHLRKL
TVLKLWHNSITYIPEHIKKLTSLERLSFSHNKIEVLPSHLFLCNKIRYLDLSYNDIRFIPPEIGVLQSLQYFSITCNKVE
SLPDELYFCKKLKTLKIGKNSLSVLSPKIGNLLFLSYLDVKGNHFEILPPELGDCRALKRAGLVVEDALFETLPSDVREQ
MKADALEVLFQ
;
_entity_poly.pdbx_strand_id   A,B,C,D,E,F,G
#
# COMPACT_ATOMS: atom_id res chain seq x y z
N MET A 38 27.77 29.91 15.77
CA MET A 38 26.54 30.69 15.79
C MET A 38 26.77 32.04 16.47
N ILE A 39 27.66 32.05 17.46
CA ILE A 39 27.98 33.29 18.15
C ILE A 39 28.79 34.21 17.24
N GLY A 40 29.69 33.62 16.43
CA GLY A 40 30.50 34.43 15.54
C GLY A 40 29.69 35.17 14.50
N VAL A 41 28.72 34.48 13.89
CA VAL A 41 27.89 35.12 12.87
C VAL A 41 26.99 36.17 13.48
N PHE A 42 26.49 35.92 14.70
CA PHE A 42 25.60 36.89 15.35
C PHE A 42 26.32 38.20 15.61
N GLY A 43 27.57 38.14 16.10
CA GLY A 43 28.32 39.35 16.34
C GLY A 43 28.63 40.09 15.05
N CYS A 44 29.01 39.37 14.01
CA CYS A 44 29.25 40.00 12.71
C CYS A 44 27.96 40.58 12.13
N THR A 45 26.82 39.96 12.41
CA THR A 45 25.57 40.43 11.86
C THR A 45 25.23 41.83 12.35
N LEU A 46 25.24 42.02 13.68
CA LEU A 46 24.93 43.34 14.22
C LEU A 46 26.06 44.33 14.00
N GLN A 47 27.30 43.84 13.89
CA GLN A 47 28.43 44.72 13.61
C GLN A 47 28.24 45.41 12.27
N VAL A 48 27.75 44.68 11.28
CA VAL A 48 27.36 45.31 10.02
C VAL A 48 26.19 46.27 10.25
N MET A 49 25.27 45.89 11.14
CA MET A 49 24.04 46.66 11.30
C MET A 49 24.25 47.86 12.22
N GLN A 50 24.61 47.62 13.48
CA GLN A 50 24.55 48.66 14.50
C GLN A 50 25.87 48.92 15.21
N ASP A 51 27.01 48.55 14.63
CA ASP A 51 28.30 48.91 15.22
C ASP A 51 28.61 50.35 14.87
N LYS A 52 27.88 51.26 15.51
CA LYS A 52 28.04 52.68 15.28
C LYS A 52 28.35 53.35 16.60
N ILE A 53 29.39 54.20 16.60
CA ILE A 53 29.83 54.90 17.79
C ILE A 53 29.44 56.36 17.68
N ILE A 54 28.77 56.88 18.70
CA ILE A 54 28.39 58.28 18.75
C ILE A 54 29.53 59.07 19.35
N CYS A 55 29.75 60.27 18.81
CA CYS A 55 30.89 61.09 19.15
C CYS A 55 30.45 62.54 19.35
N LEU A 56 31.14 63.22 20.25
CA LEU A 56 30.89 64.63 20.49
C LEU A 56 32.22 65.32 20.76
N PRO A 57 32.35 66.60 20.41
CA PRO A 57 33.56 67.34 20.78
C PRO A 57 33.59 67.58 22.28
N LYS A 58 34.70 67.20 22.92
CA LYS A 58 34.68 67.07 24.39
C LYS A 58 34.81 68.42 25.09
N ARG A 59 35.94 69.09 24.89
CA ARG A 59 36.26 70.27 25.69
C ARG A 59 35.50 71.49 25.22
N VAL A 60 34.91 72.21 26.17
CA VAL A 60 34.25 73.47 25.88
C VAL A 60 34.74 74.50 26.90
N GLU A 96 21.89 78.91 36.10
CA GLU A 96 21.14 78.09 35.16
C GLU A 96 22.07 77.59 34.05
N MET A 97 21.66 76.51 33.38
CA MET A 97 22.40 75.94 32.26
C MET A 97 21.49 75.82 31.05
N LYS A 98 22.08 75.92 29.88
CA LYS A 98 21.37 75.88 28.61
C LYS A 98 22.04 74.88 27.68
N GLY A 99 21.63 74.90 26.41
CA GLY A 99 22.17 74.00 25.43
C GLY A 99 23.63 74.29 25.12
N LEU A 100 24.21 73.38 24.33
CA LEU A 100 25.60 73.49 23.92
C LEU A 100 25.69 73.40 22.41
N LYS A 101 24.90 74.23 21.72
CA LYS A 101 24.79 74.14 20.27
C LYS A 101 26.17 74.11 19.62
N THR A 102 26.34 73.19 18.68
CA THR A 102 27.64 72.89 18.10
C THR A 102 27.80 73.34 16.66
N ASP A 103 26.69 73.64 15.98
CA ASP A 103 26.67 74.07 14.57
C ASP A 103 27.61 73.25 13.70
N LEU A 104 27.41 71.92 13.73
CA LEU A 104 28.05 71.00 12.81
C LEU A 104 26.97 70.13 12.19
N ASP A 105 27.01 69.97 10.87
CA ASP A 105 26.01 69.14 10.22
C ASP A 105 26.37 67.67 10.36
N LEU A 106 25.45 66.82 9.90
CA LEU A 106 25.62 65.38 10.08
C LEU A 106 26.84 64.85 9.35
N GLN A 107 27.25 65.52 8.28
CA GLN A 107 28.41 65.07 7.51
C GLN A 107 29.67 65.05 8.38
N GLN A 108 29.98 66.18 9.00
CA GLN A 108 31.16 66.23 9.86
C GLN A 108 31.05 65.23 10.98
N TYR A 109 29.84 64.99 11.46
CA TYR A 109 29.69 64.11 12.61
C TYR A 109 29.93 62.66 12.22
N SER A 110 29.45 62.25 11.04
CA SER A 110 29.79 60.93 10.56
C SER A 110 31.29 60.81 10.33
N PHE A 111 31.91 61.87 9.81
CA PHE A 111 33.36 61.90 9.65
C PHE A 111 34.04 61.65 10.99
N ILE A 112 33.60 62.34 12.03
CA ILE A 112 34.21 62.21 13.34
C ILE A 112 33.94 60.83 13.91
N ASN A 113 32.75 60.27 13.66
CA ASN A 113 32.47 58.91 14.05
C ASN A 113 33.51 57.97 13.46
N GLN A 114 33.75 58.09 12.15
CA GLN A 114 34.76 57.26 11.51
C GLN A 114 36.13 57.45 12.15
N MET A 115 36.55 58.71 12.31
CA MET A 115 37.90 58.99 12.78
C MET A 115 38.12 58.42 14.18
N CYS A 116 37.24 58.76 15.11
CA CYS A 116 37.44 58.30 16.48
C CYS A 116 37.19 56.81 16.62
N TYR A 117 36.33 56.23 15.78
CA TYR A 117 36.16 54.79 15.79
C TYR A 117 37.46 54.10 15.41
N GLU A 118 38.14 54.62 14.39
CA GLU A 118 39.43 54.04 14.03
C GLU A 118 40.46 54.25 15.14
N ARG A 119 40.58 55.48 15.63
CA ARG A 119 41.68 55.79 16.54
C ARG A 119 41.46 55.21 17.93
N ALA A 120 40.37 55.63 18.60
CA ALA A 120 40.25 55.36 20.02
C ALA A 120 39.95 53.90 20.31
N LEU A 121 39.08 53.27 19.52
CA LEU A 121 38.62 51.93 19.85
C LEU A 121 39.75 50.91 19.70
N HIS A 122 39.79 49.98 20.65
CA HIS A 122 40.83 48.97 20.67
C HIS A 122 40.67 47.98 19.52
N TRP A 123 41.80 47.49 19.01
CA TRP A 123 41.78 46.65 17.82
C TRP A 123 41.01 45.36 18.06
N TYR A 124 41.23 44.71 19.20
CA TYR A 124 40.53 43.47 19.49
C TYR A 124 39.03 43.70 19.58
N ALA A 125 38.63 44.86 20.09
CA ALA A 125 37.20 45.17 20.17
C ALA A 125 36.58 45.20 18.78
N LYS A 126 37.22 45.90 17.84
CA LYS A 126 36.67 46.00 16.48
C LYS A 126 36.64 44.65 15.79
N TYR A 127 37.69 43.85 15.98
CA TYR A 127 37.79 42.55 15.34
C TYR A 127 37.25 41.42 16.20
N PHE A 128 36.61 41.75 17.31
CA PHE A 128 35.98 40.72 18.16
C PHE A 128 35.02 39.80 17.41
N PRO A 129 34.10 40.30 16.57
CA PRO A 129 33.26 39.37 15.81
C PRO A 129 34.04 38.53 14.82
N TYR A 130 35.24 38.96 14.44
CA TYR A 130 36.01 38.20 13.45
C TYR A 130 36.94 37.20 14.13
N LEU A 131 37.47 37.55 15.30
CA LEU A 131 38.31 36.60 16.03
C LEU A 131 37.51 35.37 16.45
N VAL A 132 36.26 35.57 16.86
CA VAL A 132 35.42 34.44 17.24
C VAL A 132 35.13 33.53 16.04
N LEU A 133 34.86 34.14 14.88
CA LEU A 133 34.52 33.36 13.70
C LEU A 133 35.69 32.49 13.25
N ILE A 134 36.90 33.05 13.22
CA ILE A 134 38.05 32.31 12.72
C ILE A 134 38.41 31.17 13.66
N HIS A 135 38.28 31.39 14.97
CA HIS A 135 38.60 30.35 15.93
C HIS A 135 37.58 29.22 15.88
N THR A 136 36.32 29.54 15.60
CA THR A 136 35.31 28.50 15.45
C THR A 136 35.63 27.60 14.27
N LEU A 137 36.06 28.17 13.14
CA LEU A 137 36.33 27.39 11.95
C LEU A 137 37.48 26.41 12.16
N VAL A 138 38.55 26.87 12.81
CA VAL A 138 39.70 26.02 13.05
C VAL A 138 39.43 25.06 14.20
N ILE A 277 43.51 31.18 23.91
CA ILE A 277 42.29 31.98 24.05
C ILE A 277 42.20 32.57 25.44
N ILE A 278 42.27 31.70 26.45
CA ILE A 278 42.14 32.15 27.85
C ILE A 278 43.31 33.03 28.24
N ALA A 279 44.48 32.82 27.64
CA ALA A 279 45.69 33.54 28.06
C ALA A 279 45.56 35.04 27.85
N TYR A 280 45.05 35.45 26.69
CA TYR A 280 45.01 36.87 26.36
C TYR A 280 43.62 37.48 26.44
N ASN A 281 42.56 36.74 26.11
CA ASN A 281 41.22 37.32 26.16
C ASN A 281 40.79 37.67 27.57
N SER A 282 41.31 36.96 28.58
CA SER A 282 40.96 37.28 29.96
C SER A 282 41.44 38.67 30.33
N ALA A 283 42.66 39.03 29.92
CA ALA A 283 43.14 40.40 30.13
C ALA A 283 42.56 41.38 29.12
N LEU A 284 41.98 40.89 28.03
CA LEU A 284 41.37 41.77 27.04
C LEU A 284 39.94 42.14 27.36
N VAL A 285 39.29 41.42 28.29
CA VAL A 285 37.92 41.76 28.67
C VAL A 285 37.88 43.13 29.33
N SER A 286 38.85 43.40 30.22
CA SER A 286 38.92 44.71 30.86
C SER A 286 39.33 45.81 29.91
N LYS A 287 39.79 45.47 28.70
CA LYS A 287 40.23 46.50 27.76
C LYS A 287 39.05 47.27 27.19
N VAL A 288 37.99 46.57 26.82
CA VAL A 288 36.83 47.25 26.24
C VAL A 288 36.11 48.06 27.32
N GLN A 289 35.77 49.29 26.98
CA GLN A 289 35.10 50.20 27.90
C GLN A 289 33.80 50.67 27.29
N PHE A 290 32.83 50.99 28.14
CA PHE A 290 31.60 51.57 27.65
C PHE A 290 31.90 52.90 26.96
N THR A 291 32.36 53.88 27.72
CA THR A 291 32.77 55.15 27.14
C THR A 291 34.20 55.08 26.64
N VAL A 292 34.61 56.11 25.91
CA VAL A 292 35.98 56.19 25.41
C VAL A 292 36.23 57.64 24.99
N ASP A 293 37.49 58.03 24.94
CA ASP A 293 37.89 59.39 24.62
C ASP A 293 38.95 59.35 23.52
N CYS A 294 39.07 60.44 22.79
CA CYS A 294 40.08 60.51 21.74
C CYS A 294 40.56 61.94 21.54
N ASN A 295 41.87 62.14 21.59
CA ASN A 295 42.50 63.41 21.21
C ASN A 295 43.01 63.26 19.77
N VAL A 296 42.10 63.43 18.83
CA VAL A 296 42.44 63.27 17.42
C VAL A 296 42.64 64.64 16.80
N ASP A 297 43.69 64.77 16.00
CA ASP A 297 44.06 66.06 15.41
C ASP A 297 43.10 66.39 14.25
N ILE A 298 41.86 66.71 14.63
CA ILE A 298 40.85 67.17 13.71
C ILE A 298 40.63 68.67 13.84
N GLN A 299 41.45 69.34 14.64
CA GLN A 299 41.50 70.79 14.60
C GLN A 299 41.93 71.24 13.22
N ASP A 300 41.49 72.43 12.81
CA ASP A 300 41.65 72.94 11.46
C ASP A 300 40.91 72.08 10.43
N MET A 301 40.20 71.07 10.90
CA MET A 301 39.33 70.24 10.08
C MET A 301 37.86 70.40 10.44
N THR A 302 37.53 70.42 11.72
CA THR A 302 36.18 70.71 12.17
C THR A 302 36.15 71.67 13.35
N GLY A 303 37.28 72.18 13.80
CA GLY A 303 37.33 73.14 14.88
C GLY A 303 37.41 72.54 16.27
N TYR A 304 37.72 71.25 16.39
CA TYR A 304 37.81 70.62 17.69
C TYR A 304 39.00 69.68 17.70
N LYS A 305 39.48 69.36 18.90
CA LYS A 305 40.56 68.41 19.06
C LYS A 305 40.15 67.18 19.85
N ASN A 306 39.49 67.36 20.97
CA ASN A 306 39.15 66.23 21.83
C ASN A 306 37.68 65.85 21.65
N PHE A 307 37.42 64.56 21.83
CA PHE A 307 36.08 64.04 21.59
C PHE A 307 35.79 62.92 22.58
N SER A 308 34.54 62.87 23.02
CA SER A 308 34.03 61.76 23.82
C SER A 308 33.10 60.92 22.96
N CYS A 309 33.30 59.61 22.97
CA CYS A 309 32.52 58.73 22.13
C CYS A 309 32.16 57.47 22.91
N ASN A 310 31.18 56.75 22.37
CA ASN A 310 30.91 55.38 22.79
C ASN A 310 29.79 54.80 21.94
N HIS A 311 29.64 53.49 22.02
CA HIS A 311 28.81 52.75 21.08
C HIS A 311 27.96 51.75 21.84
N THR A 312 26.86 51.36 21.20
CA THR A 312 25.90 50.45 21.82
C THR A 312 26.55 49.11 22.16
N MET A 313 27.48 48.67 21.32
CA MET A 313 28.00 47.31 21.43
C MET A 313 28.98 47.14 22.59
N ALA A 314 29.37 48.24 23.25
CA ALA A 314 30.38 48.17 24.30
C ALA A 314 29.95 47.23 25.43
N HIS A 315 28.84 47.54 26.09
CA HIS A 315 28.36 46.66 27.14
C HIS A 315 27.84 45.35 26.58
N LEU A 316 27.37 45.35 25.33
CA LEU A 316 26.89 44.12 24.72
C LEU A 316 28.03 43.12 24.54
N PHE A 317 29.16 43.60 24.01
CA PHE A 317 30.29 42.71 23.77
C PHE A 317 30.91 42.23 25.08
N SER A 318 30.98 43.10 26.08
CA SER A 318 31.55 42.70 27.38
C SER A 318 30.75 41.56 27.98
N LYS A 319 29.41 41.64 27.91
CA LYS A 319 28.60 40.53 28.37
C LYS A 319 28.65 39.36 27.40
N LEU A 320 28.76 39.66 26.09
CA LEU A 320 28.90 38.59 25.11
C LEU A 320 30.24 37.87 25.28
N SER A 321 31.30 38.61 25.59
CA SER A 321 32.59 37.98 25.83
C SER A 321 32.56 37.10 27.07
N PHE A 322 31.85 37.53 28.11
CA PHE A 322 31.79 36.76 29.34
C PHE A 322 31.15 35.39 29.10
N CYS A 323 30.06 35.35 28.33
CA CYS A 323 29.43 34.08 28.01
C CYS A 323 30.32 33.25 27.08
N TYR A 324 30.99 33.88 26.13
CA TYR A 324 31.87 33.13 25.24
C TYR A 324 33.08 32.57 25.97
N LEU A 325 33.67 33.34 26.89
CA LEU A 325 34.81 32.83 27.64
C LEU A 325 34.45 31.58 28.43
N CYS A 326 33.20 31.48 28.87
CA CYS A 326 32.74 30.24 29.51
C CYS A 326 32.65 29.11 28.49
N PHE A 327 32.19 29.40 27.27
CA PHE A 327 32.05 28.36 26.26
C PHE A 327 33.41 27.78 25.86
N VAL A 328 34.43 28.62 25.75
CA VAL A 328 35.76 28.12 25.42
C VAL A 328 36.31 27.30 26.58
N SER A 329 36.02 27.71 27.82
CA SER A 329 36.54 27.00 28.98
C SER A 329 36.01 25.58 29.05
N ILE A 330 34.71 25.39 28.82
CA ILE A 330 34.15 24.05 28.86
C ILE A 330 34.68 23.20 27.70
N TYR A 331 34.91 23.85 26.55
CA TYR A 331 35.46 23.12 25.41
C TYR A 331 36.89 22.66 25.68
N GLY A 332 37.69 23.52 26.32
CA GLY A 332 39.07 23.18 26.62
C GLY A 332 39.25 22.58 28.01
N ALA B 17 32.88 9.15 -10.68
CA ALA B 17 32.80 10.13 -11.76
C ALA B 17 33.41 11.44 -11.35
N PHE B 18 33.37 11.72 -10.05
CA PHE B 18 33.82 12.97 -9.50
C PHE B 18 34.56 12.81 -8.18
N ARG B 19 34.78 11.58 -7.73
CA ARG B 19 35.29 11.31 -6.39
C ARG B 19 36.66 10.65 -6.38
N VAL B 20 36.81 9.55 -7.11
CA VAL B 20 38.06 8.78 -7.07
C VAL B 20 39.13 9.46 -7.90
N LEU B 21 38.79 10.62 -8.46
CA LEU B 21 39.69 11.37 -9.33
C LEU B 21 40.41 12.49 -8.59
N LYS B 22 40.19 12.61 -7.28
CA LYS B 22 40.65 13.77 -6.52
C LYS B 22 41.70 13.35 -5.48
N PRO B 23 42.98 13.60 -5.74
CA PRO B 23 43.99 13.39 -4.69
C PRO B 23 43.77 14.35 -3.53
N TRP B 24 44.38 14.02 -2.40
CA TRP B 24 44.17 14.81 -1.19
C TRP B 24 44.58 16.26 -1.41
N TRP B 25 45.71 16.48 -2.10
CA TRP B 25 46.09 17.85 -2.40
C TRP B 25 45.06 18.52 -3.30
N ASP B 26 44.43 17.76 -4.20
CA ASP B 26 43.41 18.34 -5.07
C ASP B 26 42.19 18.76 -4.26
N VAL B 27 41.75 17.93 -3.33
CA VAL B 27 40.60 18.29 -2.48
C VAL B 27 40.94 19.50 -1.63
N PHE B 28 42.16 19.54 -1.10
CA PHE B 28 42.59 20.70 -0.31
C PHE B 28 42.56 21.96 -1.15
N THR B 29 43.04 21.88 -2.38
CA THR B 29 42.99 23.03 -3.29
C THR B 29 41.56 23.43 -3.59
N ASP B 30 40.67 22.45 -3.78
CA ASP B 30 39.27 22.76 -4.07
C ASP B 30 38.62 23.50 -2.91
N TYR B 31 38.87 23.04 -1.69
CA TYR B 31 38.29 23.74 -0.54
C TYR B 31 38.94 25.09 -0.31
N LEU B 32 40.22 25.24 -0.66
CA LEU B 32 40.83 26.55 -0.67
C LEU B 32 40.13 27.48 -1.65
N SER B 33 39.77 26.95 -2.82
CA SER B 33 39.03 27.75 -3.80
C SER B 33 37.65 28.12 -3.28
N VAL B 34 37.01 27.21 -2.55
CA VAL B 34 35.72 27.52 -1.93
C VAL B 34 35.88 28.67 -0.95
N ALA B 35 36.94 28.63 -0.14
CA ALA B 35 37.22 29.73 0.77
C ALA B 35 37.51 31.02 0.00
N MET B 36 38.18 30.90 -1.15
CA MET B 36 38.42 32.06 -2.00
C MET B 36 37.10 32.71 -2.41
N LEU B 37 36.17 31.88 -2.88
CA LEU B 37 34.87 32.38 -3.30
C LEU B 37 34.13 33.03 -2.14
N MET B 38 34.19 32.42 -0.96
CA MET B 38 33.51 32.99 0.19
C MET B 38 34.10 34.35 0.57
N ILE B 39 35.42 34.44 0.62
CA ILE B 39 36.07 35.72 0.90
C ILE B 39 35.64 36.77 -0.11
N GLY B 40 35.67 36.39 -1.39
CA GLY B 40 35.31 37.36 -2.42
C GLY B 40 33.88 37.83 -2.33
N VAL B 41 32.94 36.90 -2.13
CA VAL B 41 31.54 37.28 -2.09
C VAL B 41 31.27 38.14 -0.87
N PHE B 42 31.92 37.84 0.25
CA PHE B 42 31.76 38.69 1.43
C PHE B 42 32.29 40.09 1.17
N GLY B 43 33.47 40.18 0.53
CA GLY B 43 34.04 41.49 0.24
C GLY B 43 33.18 42.32 -0.69
N CYS B 44 32.69 41.70 -1.77
CA CYS B 44 31.84 42.43 -2.71
C CYS B 44 30.52 42.80 -2.06
N THR B 45 29.97 41.94 -1.21
CA THR B 45 28.74 42.28 -0.51
C THR B 45 28.95 43.51 0.37
N LEU B 46 30.05 43.55 1.11
CA LEU B 46 30.33 44.71 1.95
C LEU B 46 30.55 45.95 1.10
N GLN B 47 31.24 45.82 -0.03
CA GLN B 47 31.48 46.97 -0.90
C GLN B 47 30.16 47.52 -1.45
N VAL B 48 29.26 46.65 -1.86
CA VAL B 48 27.98 47.13 -2.38
C VAL B 48 27.16 47.75 -1.27
N MET B 49 27.20 47.17 -0.07
CA MET B 49 26.33 47.63 1.01
C MET B 49 26.83 48.93 1.62
N GLN B 50 28.03 48.92 2.19
CA GLN B 50 28.47 50.01 3.06
C GLN B 50 29.71 50.75 2.58
N ASP B 51 30.20 50.47 1.37
CA ASP B 51 31.37 51.22 0.92
C ASP B 51 31.00 52.66 0.62
N LYS B 52 31.27 53.55 1.57
CA LYS B 52 30.97 54.96 1.41
C LYS B 52 32.17 55.75 1.90
N ILE B 53 32.68 56.62 1.06
CA ILE B 53 33.69 57.59 1.44
C ILE B 53 32.99 58.76 2.12
N ILE B 54 33.67 59.38 3.07
CA ILE B 54 33.20 60.60 3.69
C ILE B 54 34.27 61.66 3.52
N CYS B 55 33.86 62.86 3.11
CA CYS B 55 34.77 63.89 2.66
C CYS B 55 34.46 65.21 3.35
N LEU B 56 35.49 66.01 3.56
CA LEU B 56 35.37 67.37 4.06
C LEU B 56 36.36 68.24 3.31
N PRO B 57 36.07 69.52 3.18
CA PRO B 57 37.10 70.45 2.70
C PRO B 57 38.27 70.47 3.66
N LYS B 58 39.49 70.42 3.13
CA LYS B 58 40.65 70.17 3.98
C LYS B 58 41.14 71.43 4.69
N ARG B 59 41.62 72.40 3.93
CA ARG B 59 42.41 73.49 4.51
C ARG B 59 41.48 74.58 5.00
N VAL B 60 41.26 74.63 6.30
CA VAL B 60 40.48 75.69 6.90
C VAL B 60 41.44 76.80 7.33
N GLU B 96 39.74 78.83 23.64
CA GLU B 96 38.62 77.92 23.39
C GLU B 96 38.43 77.72 21.90
N MET B 97 37.84 76.58 21.52
CA MET B 97 37.53 76.28 20.13
C MET B 97 36.03 76.14 19.97
N LYS B 98 35.49 76.70 18.89
CA LYS B 98 34.07 76.70 18.61
C LYS B 98 33.78 75.84 17.39
N GLY B 99 32.53 75.86 16.94
CA GLY B 99 32.16 75.13 15.75
C GLY B 99 32.80 75.71 14.49
N LEU B 100 32.73 74.92 13.43
CA LEU B 100 33.37 75.25 12.16
C LEU B 100 32.41 74.98 11.01
N LYS B 101 31.21 75.55 11.09
CA LYS B 101 30.17 75.28 10.11
C LYS B 101 30.67 75.55 8.70
N THR B 102 30.32 74.65 7.78
CA THR B 102 30.85 74.67 6.43
C THR B 102 29.84 75.12 5.39
N ASP B 103 28.60 75.38 5.78
CA ASP B 103 27.53 75.86 4.91
C ASP B 103 27.52 75.13 3.56
N LEU B 104 27.37 73.81 3.62
CA LEU B 104 27.15 72.98 2.45
C LEU B 104 25.97 72.08 2.70
N ASP B 105 25.02 72.05 1.79
CA ASP B 105 23.91 71.13 2.03
C ASP B 105 24.35 69.71 1.67
N LEU B 106 23.43 68.77 1.88
CA LEU B 106 23.77 67.36 1.79
C LEU B 106 24.24 66.99 0.38
N GLN B 107 23.62 67.58 -0.65
CA GLN B 107 23.87 67.11 -2.00
C GLN B 107 25.32 67.35 -2.40
N GLN B 108 25.84 68.55 -2.12
CA GLN B 108 27.24 68.80 -2.43
C GLN B 108 28.14 67.86 -1.66
N TYR B 109 27.74 67.48 -0.45
CA TYR B 109 28.53 66.52 0.30
C TYR B 109 28.58 65.19 -0.45
N SER B 110 27.45 64.73 -0.96
CA SER B 110 27.45 63.50 -1.74
C SER B 110 28.32 63.64 -2.98
N PHE B 111 28.23 64.79 -3.65
CA PHE B 111 29.01 65.01 -4.86
C PHE B 111 30.49 64.97 -4.58
N ILE B 112 30.91 65.63 -3.49
CA ILE B 112 32.32 65.61 -3.10
C ILE B 112 32.74 64.20 -2.76
N ASN B 113 31.88 63.46 -2.07
CA ASN B 113 32.17 62.06 -1.78
C ASN B 113 32.49 61.32 -3.07
N GLN B 114 31.61 61.44 -4.06
CA GLN B 114 31.82 60.71 -5.31
C GLN B 114 33.10 61.16 -6.00
N MET B 115 33.31 62.47 -6.08
CA MET B 115 34.45 62.99 -6.82
C MET B 115 35.76 62.53 -6.21
N CYS B 116 35.94 62.74 -4.90
CA CYS B 116 37.19 62.36 -4.28
C CYS B 116 37.29 60.85 -4.09
N TYR B 117 36.17 60.13 -4.11
CA TYR B 117 36.23 58.68 -4.12
C TYR B 117 36.84 58.17 -5.41
N GLU B 118 36.39 58.72 -6.53
CA GLU B 118 36.96 58.32 -7.81
C GLU B 118 38.41 58.76 -7.93
N ARG B 119 38.68 60.04 -7.65
CA ARG B 119 40.01 60.61 -7.89
C ARG B 119 41.04 60.06 -6.91
N ALA B 120 40.84 60.30 -5.62
CA ALA B 120 41.89 60.02 -4.65
C ALA B 120 41.99 58.54 -4.33
N LEU B 121 40.89 57.93 -3.90
CA LEU B 121 40.94 56.56 -3.43
C LEU B 121 41.44 55.64 -4.51
N HIS B 122 42.38 54.77 -4.15
CA HIS B 122 43.08 53.97 -5.14
C HIS B 122 42.15 52.96 -5.80
N TRP B 123 42.35 52.79 -7.11
CA TRP B 123 41.48 51.88 -7.86
C TRP B 123 41.60 50.45 -7.36
N TYR B 124 42.81 50.04 -6.98
CA TYR B 124 42.99 48.68 -6.47
C TYR B 124 42.20 48.45 -5.20
N ALA B 125 42.18 49.46 -4.31
CA ALA B 125 41.40 49.34 -3.10
C ALA B 125 39.93 49.08 -3.42
N LYS B 126 39.43 49.70 -4.48
CA LYS B 126 38.03 49.51 -4.86
C LYS B 126 37.81 48.15 -5.49
N TYR B 127 38.72 47.74 -6.37
CA TYR B 127 38.51 46.55 -7.19
C TYR B 127 38.95 45.25 -6.51
N PHE B 128 39.60 45.34 -5.35
CA PHE B 128 40.15 44.14 -4.70
C PHE B 128 39.15 43.00 -4.56
N PRO B 129 37.94 43.20 -4.02
CA PRO B 129 36.99 42.08 -3.97
C PRO B 129 36.65 41.54 -5.35
N TYR B 130 36.47 42.43 -6.33
CA TYR B 130 36.15 41.97 -7.68
C TYR B 130 37.32 41.21 -8.29
N LEU B 131 38.53 41.66 -8.00
CA LEU B 131 39.72 40.90 -8.38
C LEU B 131 39.67 39.51 -7.78
N VAL B 132 39.30 39.41 -6.50
CA VAL B 132 39.25 38.12 -5.85
C VAL B 132 38.23 37.22 -6.54
N LEU B 133 37.07 37.77 -6.87
CA LEU B 133 36.07 36.98 -7.61
C LEU B 133 36.61 36.48 -8.93
N ILE B 134 37.24 37.36 -9.72
CA ILE B 134 37.66 36.94 -11.05
C ILE B 134 38.75 35.88 -10.95
N HIS B 135 39.66 36.03 -10.00
CA HIS B 135 40.73 35.04 -9.88
C HIS B 135 40.19 33.72 -9.35
N THR B 136 39.23 33.77 -8.44
CA THR B 136 38.59 32.55 -7.97
C THR B 136 37.89 31.82 -9.12
N LEU B 137 37.16 32.56 -9.95
CA LEU B 137 36.43 31.93 -11.04
C LEU B 137 37.39 31.33 -12.06
N VAL B 138 38.48 32.05 -12.38
CA VAL B 138 39.44 31.50 -13.32
C VAL B 138 40.11 30.27 -12.74
N PHE B 139 40.35 30.26 -11.42
CA PHE B 139 40.88 29.06 -10.78
C PHE B 139 39.91 27.89 -10.91
N MET B 140 38.61 28.15 -10.69
CA MET B 140 37.62 27.09 -10.82
C MET B 140 37.62 26.53 -12.23
N LEU B 141 37.67 27.43 -13.23
CA LEU B 141 37.66 26.98 -14.61
C LEU B 141 38.92 26.17 -14.94
N CYS B 142 40.09 26.65 -14.52
CA CYS B 142 41.33 25.94 -14.82
C CYS B 142 41.45 24.63 -14.04
N SER B 143 40.69 24.49 -12.95
CA SER B 143 40.67 23.23 -12.24
C SER B 143 39.74 22.23 -12.91
N ASN B 144 38.54 22.67 -13.31
CA ASN B 144 37.54 21.76 -13.86
C ASN B 144 37.68 21.53 -15.36
N PHE B 145 38.53 22.28 -16.05
CA PHE B 145 38.70 22.08 -17.48
C PHE B 145 39.26 20.70 -17.80
N TRP B 146 39.94 20.06 -16.86
CA TRP B 146 40.45 18.72 -17.08
C TRP B 146 39.32 17.74 -17.36
N PHE B 147 38.15 17.98 -16.77
CA PHE B 147 37.00 17.10 -16.94
C PHE B 147 35.91 17.72 -17.81
N LYS B 148 35.97 19.02 -18.08
CA LYS B 148 34.98 19.67 -18.92
C LYS B 148 35.33 19.62 -20.41
N PHE B 149 36.49 19.08 -20.76
CA PHE B 149 36.83 18.86 -22.16
C PHE B 149 36.34 17.48 -22.58
N PRO B 150 35.36 17.37 -23.48
CA PRO B 150 34.75 16.06 -23.76
C PRO B 150 35.72 15.04 -24.34
N GLY B 151 36.70 15.48 -25.13
CA GLY B 151 37.58 14.54 -25.80
C GLY B 151 38.31 13.62 -24.82
N SER B 152 38.86 14.20 -23.76
CA SER B 152 39.45 13.40 -22.68
C SER B 152 38.41 12.94 -21.68
N SER B 153 37.27 13.64 -21.60
CA SER B 153 36.24 13.27 -20.63
C SER B 153 35.65 11.90 -20.95
N SER B 154 35.49 11.58 -22.24
CA SER B 154 34.96 10.26 -22.61
C SER B 154 35.91 9.15 -22.16
N LYS B 155 37.22 9.33 -22.39
CA LYS B 155 38.18 8.34 -21.94
C LYS B 155 38.16 8.22 -20.41
N ILE B 156 38.06 9.35 -19.72
CA ILE B 156 38.00 9.34 -18.26
C ILE B 156 36.76 8.58 -17.79
N GLU B 157 35.62 8.81 -18.45
CA GLU B 157 34.39 8.12 -18.09
C GLU B 157 34.51 6.62 -18.29
N HIS B 158 35.08 6.20 -19.42
CA HIS B 158 35.22 4.77 -19.64
C HIS B 158 36.17 4.15 -18.62
N PHE B 159 37.25 4.86 -18.29
CA PHE B 159 38.20 4.40 -17.28
C PHE B 159 37.54 4.24 -15.92
N ILE B 160 36.80 5.25 -15.47
CA ILE B 160 36.17 5.15 -14.16
C ILE B 160 35.17 4.00 -14.15
N SER B 161 34.42 3.84 -15.24
CA SER B 161 33.44 2.75 -15.30
C SER B 161 34.13 1.40 -15.23
N ILE B 162 35.24 1.23 -15.96
CA ILE B 162 35.86 -0.09 -16.00
C ILE B 162 36.51 -0.42 -14.66
N LEU B 163 37.14 0.55 -14.01
CA LEU B 163 37.63 0.26 -12.65
C LEU B 163 36.49 -0.03 -11.68
N GLY B 164 35.36 0.68 -11.79
CA GLY B 164 34.24 0.36 -10.93
C GLY B 164 33.78 -1.07 -11.10
N LYS B 165 33.61 -1.50 -12.36
CA LYS B 165 33.22 -2.88 -12.63
C LYS B 165 34.31 -3.86 -12.21
N CYS B 166 35.57 -3.41 -12.21
CA CYS B 166 36.67 -4.31 -11.92
C CYS B 166 36.81 -4.57 -10.43
N PHE B 167 36.90 -3.51 -9.61
CA PHE B 167 37.00 -3.76 -8.18
C PHE B 167 35.65 -4.19 -7.62
N ASP B 168 34.58 -4.01 -8.39
CA ASP B 168 33.30 -4.58 -8.01
C ASP B 168 33.19 -6.05 -8.40
N SER B 169 34.11 -6.54 -9.22
CA SER B 169 34.03 -7.92 -9.70
C SER B 169 34.57 -8.90 -8.66
N PRO B 170 33.77 -9.87 -8.22
CA PRO B 170 34.29 -10.90 -7.31
C PRO B 170 35.35 -11.79 -7.94
N TRP B 171 35.36 -11.92 -9.27
CA TRP B 171 36.37 -12.76 -9.90
C TRP B 171 37.77 -12.21 -9.70
N THR B 172 37.89 -10.90 -9.47
CA THR B 172 39.19 -10.35 -9.12
C THR B 172 39.72 -11.00 -7.85
N THR B 173 38.88 -11.08 -6.81
CA THR B 173 39.27 -11.76 -5.59
C THR B 173 39.51 -13.25 -5.83
N ARG B 174 38.66 -13.86 -6.67
CA ARG B 174 38.80 -15.29 -6.94
C ARG B 174 40.14 -15.60 -7.60
N ALA B 175 40.58 -14.76 -8.54
CA ALA B 175 41.85 -14.98 -9.21
C ALA B 175 43.02 -14.61 -8.31
N LEU B 176 42.88 -13.56 -7.50
CA LEU B 176 43.94 -13.21 -6.57
C LEU B 176 44.17 -14.30 -5.54
N SER B 177 43.11 -14.94 -5.06
CA SER B 177 43.24 -16.02 -4.09
C SER B 177 43.82 -17.27 -4.74
N GLU B 237 32.60 -15.08 -13.94
CA GLU B 237 31.75 -15.54 -15.03
C GLU B 237 31.72 -14.52 -16.18
N GLN B 238 31.02 -13.40 -15.95
CA GLN B 238 30.86 -12.39 -16.97
C GLN B 238 32.09 -11.49 -17.13
N ALA B 239 33.04 -11.55 -16.18
CA ALA B 239 34.29 -10.80 -16.34
C ALA B 239 35.06 -11.25 -17.57
N LYS B 240 34.80 -12.46 -18.07
CA LYS B 240 35.40 -12.90 -19.30
C LYS B 240 35.01 -11.98 -20.46
N ALA B 241 33.74 -11.56 -20.49
CA ALA B 241 33.30 -10.62 -21.50
C ALA B 241 33.85 -9.21 -21.24
N LEU B 242 34.33 -8.96 -20.02
CA LEU B 242 34.91 -7.65 -19.71
C LEU B 242 36.40 -7.59 -19.99
N PHE B 243 37.06 -8.74 -20.12
CA PHE B 243 38.47 -8.75 -20.48
C PHE B 243 38.70 -8.11 -21.84
N GLU B 244 37.78 -8.32 -22.79
CA GLU B 244 37.92 -7.69 -24.10
C GLU B 244 37.76 -6.18 -24.01
N LYS B 245 36.85 -5.71 -23.16
CA LYS B 245 36.76 -4.27 -22.93
C LYS B 245 38.06 -3.73 -22.35
N VAL B 246 38.64 -4.46 -21.39
CA VAL B 246 39.91 -4.06 -20.80
C VAL B 246 40.98 -3.95 -21.88
N LYS B 247 41.09 -4.97 -22.73
CA LYS B 247 42.15 -4.99 -23.72
C LYS B 247 41.94 -3.93 -24.79
N LYS B 248 40.68 -3.70 -25.20
CA LYS B 248 40.44 -2.67 -26.21
C LYS B 248 40.78 -1.29 -25.67
N PHE B 249 40.43 -1.02 -24.41
CA PHE B 249 40.78 0.27 -23.82
C PHE B 249 42.28 0.42 -23.67
N ARG B 250 42.96 -0.64 -23.24
CA ARG B 250 44.40 -0.53 -23.02
C ARG B 250 45.14 -0.33 -24.33
N LEU B 251 44.69 -0.99 -25.41
CA LEU B 251 45.28 -0.70 -26.71
C LEU B 251 44.88 0.67 -27.21
N HIS B 252 43.73 1.18 -26.77
CA HIS B 252 43.26 2.48 -27.22
C HIS B 252 44.10 3.62 -26.65
N VAL B 253 44.40 3.58 -25.35
CA VAL B 253 44.93 4.77 -24.70
C VAL B 253 46.44 4.73 -24.52
N GLU B 254 47.11 3.64 -24.88
CA GLU B 254 48.56 3.63 -24.90
C GLU B 254 49.12 4.66 -25.88
N GLU B 255 48.31 5.11 -26.83
CA GLU B 255 48.67 6.11 -27.82
C GLU B 255 48.53 7.54 -27.29
N GLY B 256 48.01 7.70 -26.08
CA GLY B 256 47.59 9.01 -25.63
C GLY B 256 48.66 9.78 -24.86
N ASP B 257 48.51 9.83 -23.53
CA ASP B 257 49.41 10.54 -22.62
C ASP B 257 49.16 12.04 -22.72
N ILE B 258 48.29 12.45 -23.66
CA ILE B 258 47.94 13.85 -23.79
C ILE B 258 47.10 14.31 -22.59
N LEU B 259 46.38 13.40 -21.95
CA LEU B 259 45.66 13.75 -20.72
C LEU B 259 46.63 14.17 -19.63
N TYR B 260 47.72 13.42 -19.48
CA TYR B 260 48.76 13.78 -18.53
C TYR B 260 49.36 15.14 -18.84
N ALA B 261 49.65 15.38 -20.13
CA ALA B 261 50.23 16.66 -20.52
C ALA B 261 49.26 17.82 -20.26
N MET B 262 47.97 17.61 -20.53
CA MET B 262 46.98 18.63 -20.25
C MET B 262 46.90 18.94 -18.77
N TYR B 263 46.93 17.89 -17.93
CA TYR B 263 46.92 18.11 -16.49
C TYR B 263 48.16 18.86 -16.04
N VAL B 264 49.32 18.49 -16.57
CA VAL B 264 50.56 19.18 -16.23
C VAL B 264 50.47 20.65 -16.61
N ARG B 265 49.94 20.93 -17.80
CA ARG B 265 49.82 22.32 -18.23
C ARG B 265 48.82 23.08 -17.36
N GLN B 266 47.75 22.43 -16.92
CA GLN B 266 46.83 23.07 -15.99
C GLN B 266 47.53 23.45 -14.70
N THR B 267 48.32 22.52 -14.16
CA THR B 267 49.07 22.81 -12.94
C THR B 267 50.06 23.94 -13.16
N VAL B 268 50.72 23.97 -14.31
CA VAL B 268 51.67 25.03 -14.62
C VAL B 268 50.96 26.37 -14.68
N LEU B 269 49.78 26.42 -15.31
CA LEU B 269 49.01 27.66 -15.35
C LEU B 269 48.64 28.12 -13.96
N LYS B 270 48.22 27.19 -13.11
CA LYS B 270 47.92 27.54 -11.72
C LYS B 270 49.15 28.12 -11.04
N VAL B 271 50.32 27.51 -11.26
CA VAL B 271 51.55 27.97 -10.64
C VAL B 271 51.88 29.39 -11.10
N ILE B 272 51.79 29.64 -12.40
CA ILE B 272 52.15 30.95 -12.93
C ILE B 272 51.21 32.02 -12.41
N LYS B 273 49.90 31.73 -12.42
CA LYS B 273 48.96 32.72 -11.91
C LYS B 273 49.18 32.98 -10.43
N PHE B 274 49.44 31.92 -9.65
CA PHE B 274 49.87 32.08 -8.27
C PHE B 274 51.03 33.05 -8.14
N LEU B 275 52.07 32.85 -8.94
CA LEU B 275 53.26 33.67 -8.83
C LEU B 275 52.92 35.14 -9.08
N ILE B 276 52.14 35.39 -10.13
CA ILE B 276 51.80 36.77 -10.47
C ILE B 276 50.94 37.40 -9.37
N ILE B 277 49.94 36.67 -8.89
CA ILE B 277 49.04 37.19 -7.85
C ILE B 277 49.84 37.58 -6.61
N ILE B 278 50.66 36.66 -6.12
CA ILE B 278 51.42 36.94 -4.91
C ILE B 278 52.35 38.12 -5.15
N ALA B 279 53.01 38.14 -6.31
CA ALA B 279 53.97 39.20 -6.60
C ALA B 279 53.32 40.57 -6.53
N TYR B 280 52.20 40.77 -7.24
CA TYR B 280 51.68 42.14 -7.26
C TYR B 280 50.95 42.47 -5.96
N ASN B 281 50.30 41.49 -5.34
CA ASN B 281 49.59 41.78 -4.09
C ASN B 281 50.54 42.16 -2.97
N SER B 282 51.74 41.54 -2.95
CA SER B 282 52.72 41.92 -1.93
C SER B 282 53.03 43.41 -1.98
N ALA B 283 53.14 43.97 -3.18
CA ALA B 283 53.41 45.40 -3.32
C ALA B 283 52.16 46.22 -3.05
N LEU B 284 51.00 45.75 -3.50
CA LEU B 284 49.81 46.59 -3.46
C LEU B 284 49.08 46.56 -2.12
N VAL B 285 49.44 45.67 -1.20
CA VAL B 285 48.82 45.70 0.13
C VAL B 285 49.07 47.05 0.81
N SER B 286 50.30 47.54 0.73
CA SER B 286 50.64 48.80 1.39
C SER B 286 49.95 50.00 0.75
N LYS B 287 49.47 49.86 -0.48
CA LYS B 287 48.94 51.02 -1.19
C LYS B 287 47.69 51.57 -0.53
N VAL B 288 46.82 50.70 -0.03
CA VAL B 288 45.57 51.15 0.58
C VAL B 288 45.87 51.91 1.86
N GLN B 289 45.02 52.90 2.17
CA GLN B 289 45.17 53.71 3.36
C GLN B 289 43.81 54.05 3.92
N PHE B 290 43.77 54.34 5.21
CA PHE B 290 42.52 54.72 5.85
C PHE B 290 42.09 56.11 5.43
N THR B 291 42.91 57.11 5.71
CA THR B 291 42.62 58.47 5.32
C THR B 291 43.27 58.78 3.98
N VAL B 292 42.89 59.93 3.42
CA VAL B 292 43.43 60.36 2.13
C VAL B 292 43.17 61.84 1.96
N ASP B 293 44.03 62.51 1.19
CA ASP B 293 43.90 63.92 0.87
C ASP B 293 43.83 64.05 -0.64
N CYS B 294 42.87 64.83 -1.12
CA CYS B 294 42.73 65.06 -2.56
C CYS B 294 42.60 66.55 -2.85
N ASN B 295 43.24 66.97 -3.92
CA ASN B 295 43.16 68.35 -4.42
C ASN B 295 42.42 68.29 -5.74
N VAL B 296 41.10 68.35 -5.68
CA VAL B 296 40.25 68.31 -6.86
C VAL B 296 39.85 69.72 -7.22
N ASP B 297 39.95 70.04 -8.51
CA ASP B 297 39.61 71.37 -9.00
C ASP B 297 38.09 71.52 -9.11
N ILE B 298 37.42 71.32 -7.96
CA ILE B 298 36.00 71.57 -7.85
C ILE B 298 35.71 72.90 -7.18
N GLN B 299 36.75 73.64 -6.82
CA GLN B 299 36.58 75.02 -6.38
C GLN B 299 35.85 75.82 -7.45
N ASP B 300 35.10 76.83 -7.01
CA ASP B 300 34.29 77.69 -7.85
C ASP B 300 33.12 76.94 -8.49
N MET B 301 32.97 75.65 -8.21
CA MET B 301 31.74 74.92 -8.45
C MET B 301 31.09 74.45 -7.17
N THR B 302 31.90 74.20 -6.14
CA THR B 302 31.42 73.97 -4.78
C THR B 302 32.19 74.83 -3.78
N GLY B 303 33.17 75.59 -4.23
CA GLY B 303 33.88 76.52 -3.38
C GLY B 303 35.04 75.95 -2.58
N TYR B 304 35.49 74.75 -2.89
CA TYR B 304 36.62 74.16 -2.18
C TYR B 304 37.50 73.37 -3.14
N LYS B 305 38.78 73.25 -2.77
CA LYS B 305 39.75 72.54 -3.58
C LYS B 305 40.54 71.49 -2.81
N ASN B 306 40.75 71.67 -1.52
CA ASN B 306 41.48 70.71 -0.69
C ASN B 306 40.49 69.91 0.12
N PHE B 307 40.69 68.59 0.17
CA PHE B 307 39.72 67.73 0.84
C PHE B 307 40.41 66.61 1.59
N SER B 308 39.92 66.33 2.79
CA SER B 308 40.29 65.16 3.56
C SER B 308 39.15 64.17 3.53
N CYS B 309 39.44 62.91 3.23
CA CYS B 309 38.41 61.90 3.13
C CYS B 309 38.87 60.60 3.75
N ASN B 310 37.91 59.76 4.09
CA ASN B 310 38.20 58.41 4.55
C ASN B 310 36.95 57.58 4.37
N HIS B 311 37.15 56.27 4.16
CA HIS B 311 36.03 55.38 3.92
C HIS B 311 36.10 54.19 4.86
N THR B 312 34.93 53.63 5.13
CA THR B 312 34.79 52.61 6.17
C THR B 312 35.62 51.37 5.85
N MET B 313 35.60 50.94 4.59
CA MET B 313 36.17 49.64 4.24
C MET B 313 37.67 49.57 4.51
N ALA B 314 38.38 50.69 4.32
CA ALA B 314 39.82 50.68 4.06
C ALA B 314 40.59 49.74 4.96
N HIS B 315 40.65 50.03 6.26
CA HIS B 315 41.49 49.23 7.14
C HIS B 315 41.04 47.78 7.14
N LEU B 316 39.73 47.57 7.20
CA LEU B 316 39.19 46.22 7.15
C LEU B 316 39.77 45.46 5.96
N PHE B 317 39.69 46.06 4.78
CA PHE B 317 40.17 45.38 3.58
C PHE B 317 41.64 45.00 3.75
N SER B 318 42.44 45.94 4.26
CA SER B 318 43.84 45.63 4.54
C SER B 318 43.95 44.32 5.27
N LYS B 319 43.31 44.24 6.45
CA LYS B 319 43.38 43.01 7.23
C LYS B 319 42.83 41.85 6.43
N LEU B 320 41.68 42.04 5.80
CA LEU B 320 41.13 41.00 4.95
C LEU B 320 42.17 40.55 3.93
N SER B 321 42.76 41.53 3.22
CA SER B 321 43.76 41.21 2.22
C SER B 321 44.82 40.30 2.82
N PHE B 322 45.32 40.66 4.00
CA PHE B 322 46.39 39.89 4.61
C PHE B 322 46.01 38.42 4.70
N CYS B 323 44.87 38.12 5.33
CA CYS B 323 44.52 36.72 5.51
C CYS B 323 44.30 36.06 4.16
N TYR B 324 43.66 36.80 3.23
CA TYR B 324 43.49 36.29 1.88
C TYR B 324 44.83 35.86 1.30
N LEU B 325 45.83 36.74 1.37
CA LEU B 325 47.14 36.38 0.83
C LEU B 325 47.64 35.08 1.44
N CYS B 326 47.55 34.95 2.76
CA CYS B 326 48.03 33.74 3.41
C CYS B 326 47.38 32.52 2.80
N PHE B 327 46.05 32.56 2.62
CA PHE B 327 45.36 31.44 2.01
C PHE B 327 45.98 31.11 0.67
N VAL B 328 46.11 32.12 -0.20
CA VAL B 328 46.66 31.87 -1.52
C VAL B 328 48.01 31.19 -1.37
N SER B 329 48.83 31.66 -0.43
CA SER B 329 50.18 31.11 -0.29
C SER B 329 50.15 29.61 -0.08
N ILE B 330 49.28 29.12 0.82
CA ILE B 330 49.30 27.69 1.10
C ILE B 330 48.85 26.92 -0.14
N TYR B 331 47.91 27.51 -0.89
CA TYR B 331 47.54 26.94 -2.18
C TYR B 331 48.76 26.70 -3.03
N GLY B 332 49.62 27.71 -3.14
CA GLY B 332 50.83 27.55 -3.93
C GLY B 332 51.67 26.39 -3.45
N LEU B 333 51.76 26.23 -2.13
CA LEU B 333 52.54 25.12 -1.58
C LEU B 333 52.01 23.79 -2.12
N THR B 334 50.69 23.66 -2.21
CA THR B 334 50.11 22.45 -2.80
C THR B 334 50.68 22.22 -4.18
N CYS B 335 50.66 23.25 -5.02
CA CYS B 335 51.28 23.15 -6.34
C CYS B 335 52.72 22.67 -6.21
N LEU B 336 53.47 23.30 -5.30
CA LEU B 336 54.85 22.89 -5.09
C LEU B 336 54.95 21.40 -4.82
N TYR B 337 54.06 20.88 -3.96
CA TYR B 337 54.06 19.45 -3.69
C TYR B 337 53.93 18.66 -4.99
N THR B 338 52.90 18.98 -5.77
CA THR B 338 52.71 18.27 -7.03
C THR B 338 53.92 18.44 -7.93
N LEU B 339 54.59 19.59 -7.86
CA LEU B 339 55.79 19.79 -8.65
C LEU B 339 56.83 18.73 -8.34
N TYR B 340 57.11 18.51 -7.04
CA TYR B 340 57.95 17.37 -6.68
C TYR B 340 57.35 16.09 -7.22
N TRP B 341 56.05 15.89 -6.95
CA TRP B 341 55.32 14.74 -7.44
C TRP B 341 55.34 14.64 -8.95
N LEU B 342 55.61 15.75 -9.64
CA LEU B 342 55.74 15.71 -11.09
C LEU B 342 57.19 15.56 -11.55
N PHE B 343 58.15 16.10 -10.81
CA PHE B 343 59.51 16.26 -11.33
C PHE B 343 60.54 15.42 -10.59
N TYR B 344 60.11 14.42 -9.84
CA TYR B 344 61.06 13.49 -9.24
C TYR B 344 60.70 12.02 -9.42
N ARG B 345 59.43 11.67 -9.54
CA ARG B 345 59.04 10.27 -9.60
C ARG B 345 59.15 9.66 -10.99
N SER B 346 59.26 10.49 -12.03
CA SER B 346 59.31 10.03 -13.42
C SER B 346 58.16 9.07 -13.72
N LEU B 347 56.95 9.60 -13.60
CA LEU B 347 55.73 8.80 -13.66
C LEU B 347 55.33 8.41 -15.08
N ARG B 348 56.23 8.55 -16.06
CA ARG B 348 55.90 8.16 -17.42
C ARG B 348 55.76 6.66 -17.60
N GLU B 349 56.26 5.86 -16.65
CA GLU B 349 56.19 4.41 -16.75
C GLU B 349 55.72 3.82 -15.44
N TYR B 350 54.92 2.76 -15.53
CA TYR B 350 54.42 2.06 -14.36
C TYR B 350 54.72 0.57 -14.49
N SER B 351 55.42 0.04 -13.49
CA SER B 351 55.66 -1.40 -13.39
C SER B 351 55.29 -1.83 -11.98
N PHE B 352 54.41 -2.82 -11.85
CA PHE B 352 53.98 -3.25 -10.54
C PHE B 352 55.14 -3.79 -9.72
N GLU B 353 55.69 -4.93 -10.15
CA GLU B 353 56.77 -5.61 -9.44
C GLU B 353 56.38 -5.92 -8.00
N TYR B 354 55.11 -5.70 -7.66
CA TYR B 354 54.55 -6.07 -6.36
C TYR B 354 53.46 -7.10 -6.53
N VAL B 355 52.46 -6.84 -7.38
CA VAL B 355 51.49 -7.86 -7.73
C VAL B 355 52.19 -9.07 -8.32
N ARG B 356 53.19 -8.83 -9.18
CA ARG B 356 54.00 -9.93 -9.72
C ARG B 356 54.64 -10.74 -8.62
N GLN B 357 54.94 -10.10 -7.49
CA GLN B 357 55.60 -10.80 -6.40
C GLN B 357 54.61 -11.36 -5.37
N GLU B 358 53.40 -10.80 -5.29
CA GLU B 358 52.46 -11.24 -4.25
C GLU B 358 51.49 -12.30 -4.76
N THR B 359 51.03 -12.18 -6.01
CA THR B 359 50.29 -13.27 -6.64
C THR B 359 51.15 -14.10 -7.59
N GLY B 360 52.44 -13.82 -7.68
CA GLY B 360 53.32 -14.63 -8.50
C GLY B 360 52.98 -14.68 -9.97
N ILE B 361 52.58 -13.55 -10.55
CA ILE B 361 52.21 -13.48 -11.95
C ILE B 361 53.28 -12.66 -12.69
N ASP B 362 54.00 -13.32 -13.59
CA ASP B 362 55.07 -12.65 -14.33
C ASP B 362 54.55 -11.79 -15.47
N ASP B 363 53.25 -11.84 -15.76
CA ASP B 363 52.67 -11.00 -16.80
C ASP B 363 52.36 -9.62 -16.23
N ILE B 364 51.61 -8.82 -17.00
CA ILE B 364 51.39 -7.40 -16.72
C ILE B 364 52.74 -6.71 -16.55
N PRO B 365 53.61 -6.69 -17.59
CA PRO B 365 54.93 -6.08 -17.41
C PRO B 365 54.88 -4.57 -17.22
N ASP B 366 54.22 -3.87 -18.13
CA ASP B 366 54.28 -2.42 -18.17
C ASP B 366 53.05 -1.88 -18.88
N VAL B 367 52.83 -0.57 -18.70
CA VAL B 367 51.80 0.18 -19.41
C VAL B 367 52.42 1.48 -19.89
N LYS B 368 51.74 2.12 -20.85
CA LYS B 368 52.29 3.31 -21.47
C LYS B 368 52.14 4.52 -20.55
N ASN B 369 52.55 5.68 -21.05
CA ASN B 369 52.65 6.87 -20.22
C ASN B 369 51.29 7.28 -19.67
N ASP B 370 50.26 7.28 -20.50
CA ASP B 370 48.93 7.66 -20.02
C ASP B 370 48.45 6.69 -18.95
N PHE B 371 48.58 5.38 -19.21
CA PHE B 371 48.16 4.39 -18.24
C PHE B 371 49.06 4.41 -17.01
N ALA B 372 50.36 4.65 -17.18
CA ALA B 372 51.23 4.83 -16.03
C ALA B 372 50.69 5.95 -15.14
N PHE B 373 50.38 7.10 -15.74
CA PHE B 373 49.91 8.24 -14.97
C PHE B 373 48.58 7.97 -14.27
N MET B 374 47.63 7.36 -14.98
CA MET B 374 46.34 7.08 -14.36
C MET B 374 46.45 6.04 -13.26
N LEU B 375 47.33 5.05 -13.44
CA LEU B 375 47.64 4.12 -12.35
C LEU B 375 48.22 4.87 -11.16
N HIS B 376 49.11 5.82 -11.42
CA HIS B 376 49.70 6.60 -10.32
C HIS B 376 48.64 7.39 -9.58
N MET B 377 47.73 8.03 -10.31
CA MET B 377 46.69 8.83 -9.68
C MET B 377 45.78 7.94 -8.85
N ILE B 378 45.43 6.76 -9.37
CA ILE B 378 44.64 5.81 -8.60
C ILE B 378 45.37 5.40 -7.34
N ASP B 379 46.67 5.12 -7.44
CA ASP B 379 47.46 4.77 -6.27
C ASP B 379 47.46 5.89 -5.24
N GLN B 380 47.58 7.13 -5.70
CA GLN B 380 47.50 8.27 -4.79
C GLN B 380 46.14 8.32 -4.10
N TYR B 381 45.07 8.06 -4.86
CA TYR B 381 43.75 7.98 -4.25
C TYR B 381 43.62 6.73 -3.40
N ASP B 382 43.76 5.56 -4.00
CA ASP B 382 43.65 4.30 -3.28
C ASP B 382 44.48 3.21 -3.94
N PRO B 383 45.59 2.80 -3.33
CA PRO B 383 46.38 1.70 -3.91
C PRO B 383 45.61 0.38 -3.96
N LEU B 384 44.67 0.18 -3.06
CA LEU B 384 43.89 -1.06 -3.05
C LEU B 384 43.07 -1.20 -4.33
N TYR B 385 42.51 -0.09 -4.82
CA TYR B 385 41.80 -0.13 -6.09
C TYR B 385 42.74 -0.45 -7.25
N SER B 386 43.98 0.04 -7.20
CA SER B 386 44.96 -0.34 -8.22
C SER B 386 45.25 -1.83 -8.17
N LYS B 387 45.40 -2.38 -6.96
CA LYS B 387 45.60 -3.82 -6.80
C LYS B 387 44.43 -4.59 -7.38
N ARG B 388 43.21 -4.13 -7.10
CA ARG B 388 42.01 -4.80 -7.59
C ARG B 388 41.92 -4.72 -9.11
N PHE B 389 42.27 -3.57 -9.69
CA PHE B 389 42.19 -3.40 -11.14
C PHE B 389 43.32 -4.11 -11.87
N ALA B 390 44.43 -4.37 -11.16
CA ALA B 390 45.63 -4.95 -11.82
C ALA B 390 45.32 -6.25 -12.56
N LEU B 391 44.49 -7.11 -11.96
CA LEU B 391 44.26 -8.47 -12.53
C LEU B 391 43.61 -8.49 -13.92
N PHE B 392 42.63 -7.63 -14.19
CA PHE B 392 41.88 -7.73 -15.48
C PHE B 392 42.82 -7.59 -16.69
N LEU B 393 44.12 -7.38 -16.46
CA LEU B 393 45.07 -7.29 -17.56
C LEU B 393 45.88 -8.57 -17.72
N SER B 394 45.97 -9.37 -16.66
CA SER B 394 46.81 -10.56 -16.68
C SER B 394 46.36 -11.54 -17.74
N GLU B 395 47.33 -12.05 -18.51
CA GLU B 395 47.03 -13.05 -19.53
C GLU B 395 46.72 -14.40 -18.90
N VAL B 396 47.53 -14.81 -17.91
CA VAL B 396 47.31 -16.11 -17.27
C VAL B 396 45.97 -16.13 -16.54
N SER B 397 45.62 -15.02 -15.87
CA SER B 397 44.31 -14.94 -15.24
C SER B 397 43.20 -15.00 -16.27
N GLU B 398 43.43 -14.43 -17.46
CA GLU B 398 42.46 -14.55 -18.54
C GLU B 398 42.28 -16.01 -18.96
N ASN B 399 43.40 -16.75 -19.04
CA ASN B 399 43.31 -18.17 -19.36
C ASN B 399 42.53 -18.92 -18.28
N LYS B 400 42.77 -18.58 -17.01
CA LYS B 400 42.06 -19.22 -15.92
C LYS B 400 40.57 -18.91 -15.97
N LEU B 401 40.22 -17.68 -16.33
CA LEU B 401 38.80 -17.33 -16.44
C LEU B 401 38.15 -18.04 -17.62
N LYS B 402 38.87 -18.17 -18.73
CA LYS B 402 38.36 -18.97 -19.84
C LYS B 402 38.11 -20.41 -19.41
N GLN B 403 39.06 -20.99 -18.68
CA GLN B 403 38.88 -22.34 -18.16
C GLN B 403 37.69 -22.42 -17.22
N LEU B 404 37.52 -21.40 -16.38
CA LEU B 404 36.43 -21.39 -15.41
C LEU B 404 35.07 -21.37 -16.11
N ASN B 405 34.89 -20.45 -17.05
CA ASN B 405 33.64 -20.38 -17.78
C ASN B 405 33.40 -21.65 -18.60
N LEU B 406 34.48 -22.20 -19.17
CA LEU B 406 34.37 -23.46 -19.91
C LEU B 406 33.91 -24.60 -19.02
N ASN B 407 34.45 -24.69 -17.81
CA ASN B 407 34.02 -25.73 -16.88
C ASN B 407 32.58 -25.49 -16.44
N ASN B 408 32.19 -24.24 -16.28
CA ASN B 408 30.82 -23.94 -15.84
C ASN B 408 29.80 -24.32 -16.91
N GLU B 409 30.07 -23.99 -18.18
CA GLU B 409 29.02 -24.13 -19.19
C GLU B 409 28.99 -25.52 -19.81
N TRP B 410 30.12 -26.23 -19.83
CA TRP B 410 30.10 -27.67 -20.11
C TRP B 410 30.05 -28.43 -18.79
N THR B 411 28.93 -29.17 -18.60
CA THR B 411 28.71 -29.86 -17.31
C THR B 411 28.52 -31.37 -17.48
N PRO B 412 28.44 -32.14 -16.36
CA PRO B 412 28.66 -33.57 -16.39
C PRO B 412 27.48 -34.28 -17.02
N ASP B 413 26.25 -33.85 -16.73
CA ASP B 413 25.05 -34.45 -17.37
C ASP B 413 25.16 -34.27 -18.88
N LYS B 414 25.54 -33.06 -19.32
CA LYS B 414 25.68 -32.79 -20.77
C LYS B 414 26.71 -33.77 -21.36
N LEU B 415 27.85 -33.94 -20.68
CA LEU B 415 28.89 -34.83 -21.30
C LEU B 415 28.42 -36.29 -21.29
N ARG B 416 27.66 -36.68 -20.26
CA ARG B 416 27.11 -38.06 -20.19
C ARG B 416 26.19 -38.27 -21.39
N GLN B 417 25.33 -37.27 -21.69
CA GLN B 417 24.43 -37.37 -22.87
C GLN B 417 25.29 -37.47 -24.14
N LYS B 418 26.35 -36.66 -24.23
CA LYS B 418 27.22 -36.65 -25.43
C LYS B 418 27.92 -38.01 -25.63
N LEU B 419 28.18 -38.78 -24.56
CA LEU B 419 28.96 -40.04 -24.71
C LEU B 419 28.45 -41.02 -25.81
N GLN B 420 29.30 -41.99 -26.19
CA GLN B 420 28.89 -43.05 -27.12
C GLN B 420 30.03 -44.04 -27.26
N THR B 421 29.87 -44.98 -28.18
CA THR B 421 30.89 -45.96 -28.50
C THR B 421 31.59 -45.57 -29.81
N ASN B 422 32.90 -45.71 -29.84
CA ASN B 422 33.69 -45.35 -31.00
C ASN B 422 33.85 -46.55 -31.93
N ALA B 423 34.74 -46.44 -32.91
CA ALA B 423 34.99 -47.55 -33.82
C ALA B 423 35.54 -48.77 -33.07
N HIS B 424 36.47 -48.54 -32.15
CA HIS B 424 37.07 -49.65 -31.41
C HIS B 424 36.34 -49.94 -30.11
N ASN B 425 35.01 -50.05 -30.19
CA ASN B 425 34.13 -50.54 -29.12
C ASN B 425 34.57 -50.00 -27.75
N ARG B 426 34.51 -48.68 -27.61
CA ARG B 426 34.93 -48.05 -26.37
C ARG B 426 34.02 -46.88 -26.05
N LEU B 427 33.66 -46.73 -24.78
CA LEU B 427 32.79 -45.62 -24.38
C LEU B 427 33.54 -44.31 -24.57
N GLU B 428 33.18 -43.58 -25.62
CA GLU B 428 33.91 -42.38 -26.03
C GLU B 428 33.04 -41.14 -25.85
N LEU B 429 33.70 -40.04 -25.51
CA LEU B 429 33.07 -38.73 -25.46
C LEU B 429 33.65 -37.88 -26.58
N PRO B 430 33.13 -37.97 -27.80
CA PRO B 430 33.67 -37.17 -28.89
C PRO B 430 33.45 -35.68 -28.66
N LEU B 431 34.46 -34.89 -28.99
CA LEU B 431 34.36 -33.43 -28.96
C LEU B 431 34.78 -32.89 -30.32
N ILE B 432 34.01 -31.92 -30.81
CA ILE B 432 34.27 -31.34 -32.12
C ILE B 432 34.58 -29.85 -32.08
N MET B 433 34.14 -29.13 -31.05
CA MET B 433 34.45 -27.70 -30.94
C MET B 433 34.68 -27.40 -29.47
N LEU B 434 35.93 -27.05 -29.11
CA LEU B 434 36.26 -26.71 -27.74
C LEU B 434 37.45 -25.77 -27.71
N SER B 435 37.59 -25.07 -26.59
CA SER B 435 38.73 -24.20 -26.34
C SER B 435 39.50 -24.62 -25.09
N GLY B 436 39.19 -25.78 -24.53
CA GLY B 436 39.85 -26.25 -23.33
C GLY B 436 39.23 -27.55 -22.88
N LEU B 437 39.62 -27.98 -21.69
CA LEU B 437 39.17 -29.27 -21.17
C LEU B 437 38.18 -29.05 -20.04
N PRO B 438 36.90 -29.36 -20.21
CA PRO B 438 35.96 -29.25 -19.09
C PRO B 438 36.34 -30.18 -17.95
N ASP B 439 36.14 -29.69 -16.72
CA ASP B 439 36.45 -30.49 -15.55
C ASP B 439 35.51 -31.68 -15.41
N THR B 440 34.23 -31.49 -15.76
CA THR B 440 33.27 -32.58 -15.68
C THR B 440 33.65 -33.73 -16.62
N VAL B 441 34.38 -33.42 -17.69
CA VAL B 441 34.90 -34.48 -18.56
C VAL B 441 35.76 -35.45 -17.76
N PHE B 442 36.57 -34.92 -16.85
CA PHE B 442 37.39 -35.75 -15.98
C PHE B 442 36.62 -36.33 -14.81
N GLU B 443 35.35 -35.93 -14.62
CA GLU B 443 34.52 -36.50 -13.58
C GLU B 443 33.84 -37.80 -14.00
N ILE B 444 33.89 -38.15 -15.29
CA ILE B 444 33.27 -39.36 -15.79
C ILE B 444 34.35 -40.40 -16.06
N THR B 445 34.64 -41.23 -15.07
CA THR B 445 35.77 -42.16 -15.15
C THR B 445 35.51 -43.33 -16.09
N GLU B 446 34.26 -43.62 -16.43
CA GLU B 446 33.94 -44.80 -17.22
C GLU B 446 34.26 -44.62 -18.70
N LEU B 447 34.53 -43.41 -19.15
CA LEU B 447 34.86 -43.20 -20.56
C LEU B 447 36.19 -43.86 -20.89
N GLN B 448 36.27 -44.50 -22.06
CA GLN B 448 37.44 -45.22 -22.48
C GLN B 448 38.21 -44.54 -23.61
N SER B 449 37.60 -43.58 -24.31
CA SER B 449 38.24 -42.92 -25.43
C SER B 449 37.73 -41.48 -25.54
N LEU B 450 38.46 -40.68 -26.31
CA LEU B 450 38.16 -39.27 -26.48
C LEU B 450 38.48 -38.86 -27.91
N LYS B 451 37.63 -38.02 -28.48
CA LYS B 451 37.79 -37.55 -29.85
C LYS B 451 37.81 -36.02 -29.84
N LEU B 452 38.80 -35.44 -30.51
CA LEU B 452 39.02 -34.00 -30.50
C LEU B 452 39.22 -33.48 -31.92
N GLU B 453 38.49 -32.43 -32.27
CA GLU B 453 38.60 -31.79 -33.58
C GLU B 453 38.74 -30.29 -33.38
N ILE B 454 39.83 -29.72 -33.93
CA ILE B 454 40.09 -28.29 -33.90
C ILE B 454 39.87 -27.76 -32.48
N ILE B 455 40.68 -28.23 -31.55
CA ILE B 455 40.61 -27.79 -30.17
C ILE B 455 42.04 -27.49 -29.74
N LYS B 456 42.44 -26.23 -29.85
CA LYS B 456 43.78 -25.82 -29.49
C LYS B 456 43.79 -25.25 -28.07
N ASN B 457 44.99 -24.88 -27.62
CA ASN B 457 45.20 -24.35 -26.28
C ASN B 457 44.66 -25.31 -25.22
N VAL B 458 45.00 -26.58 -25.38
CA VAL B 458 44.51 -27.66 -24.53
C VAL B 458 45.57 -27.97 -23.49
N MET B 459 45.18 -27.95 -22.23
CA MET B 459 46.01 -28.43 -21.12
C MET B 459 45.32 -29.65 -20.51
N ILE B 460 46.02 -30.78 -20.49
CA ILE B 460 45.53 -31.98 -19.83
C ILE B 460 46.01 -31.94 -18.39
N PRO B 461 45.12 -31.80 -17.41
CA PRO B 461 45.54 -31.87 -16.01
C PRO B 461 45.64 -33.31 -15.54
N ALA B 462 46.14 -33.47 -14.32
CA ALA B 462 46.23 -34.78 -13.69
C ALA B 462 44.83 -35.33 -13.42
N THR B 463 43.82 -34.51 -13.68
CA THR B 463 42.43 -34.99 -13.61
C THR B 463 42.14 -36.02 -14.68
N ILE B 464 42.94 -36.09 -15.74
CA ILE B 464 42.82 -37.21 -16.67
C ILE B 464 43.20 -38.50 -15.98
N ALA B 465 44.08 -38.42 -14.98
CA ALA B 465 44.35 -39.58 -14.13
C ALA B 465 43.12 -40.01 -13.37
N GLN B 466 42.18 -39.09 -13.13
CA GLN B 466 40.89 -39.48 -12.61
C GLN B 466 40.19 -40.45 -13.57
N LEU B 467 40.34 -40.23 -14.87
CA LEU B 467 39.81 -41.14 -15.89
C LEU B 467 40.72 -42.36 -15.98
N ASP B 468 40.62 -43.20 -14.93
CA ASP B 468 41.55 -44.32 -14.79
C ASP B 468 41.41 -45.33 -15.93
N ASN B 469 40.18 -45.62 -16.33
CA ASN B 469 39.93 -46.58 -17.41
C ASN B 469 40.03 -45.87 -18.76
N LEU B 470 41.25 -45.51 -19.13
CA LEU B 470 41.52 -44.75 -20.34
C LEU B 470 42.55 -45.50 -21.17
N GLN B 471 42.13 -45.99 -22.35
CA GLN B 471 43.00 -46.81 -23.19
C GLN B 471 43.06 -46.37 -24.65
N GLU B 472 42.10 -45.57 -25.12
CA GLU B 472 42.14 -45.06 -26.49
C GLU B 472 41.99 -43.55 -26.46
N LEU B 473 42.58 -42.89 -27.45
CA LEU B 473 42.40 -41.43 -27.57
C LEU B 473 42.35 -41.10 -29.07
N SER B 474 41.39 -40.28 -29.51
CA SER B 474 41.39 -39.86 -30.93
C SER B 474 41.74 -38.37 -30.98
N LEU B 475 42.75 -38.04 -31.77
CA LEU B 475 43.18 -36.63 -31.88
C LEU B 475 43.08 -36.21 -33.34
N HIS B 476 42.39 -35.11 -33.62
CA HIS B 476 42.28 -34.58 -34.97
C HIS B 476 42.48 -33.07 -34.94
N GLN B 477 43.67 -32.63 -35.33
CA GLN B 477 43.98 -31.21 -35.53
C GLN B 477 43.77 -30.42 -34.24
N CYS B 478 44.47 -30.83 -33.19
CA CYS B 478 44.37 -30.17 -31.90
C CYS B 478 45.76 -30.02 -31.29
N SER B 479 45.96 -28.94 -30.55
CA SER B 479 47.21 -28.69 -29.84
C SER B 479 47.00 -28.99 -28.36
N VAL B 480 47.74 -29.98 -27.86
CA VAL B 480 47.52 -30.51 -26.51
C VAL B 480 48.86 -30.55 -25.78
N LYS B 481 48.87 -30.04 -24.55
CA LYS B 481 50.03 -30.12 -23.68
C LYS B 481 49.60 -30.80 -22.38
N ILE B 482 50.38 -31.79 -21.95
CA ILE B 482 50.04 -32.53 -20.75
C ILE B 482 50.97 -32.14 -19.62
N HIS B 483 50.44 -32.13 -18.40
CA HIS B 483 51.29 -31.98 -17.24
C HIS B 483 51.96 -33.30 -16.91
N SER B 484 53.06 -33.22 -16.15
CA SER B 484 53.92 -34.37 -15.95
C SER B 484 53.19 -35.51 -15.25
N ALA B 485 52.37 -35.20 -14.24
CA ALA B 485 51.64 -36.26 -13.54
C ALA B 485 50.62 -36.91 -14.46
N ALA B 486 49.83 -36.10 -15.17
CA ALA B 486 48.87 -36.64 -16.13
C ALA B 486 49.59 -37.39 -17.24
N LEU B 487 50.73 -36.86 -17.70
CA LEU B 487 51.49 -37.52 -18.76
C LEU B 487 52.00 -38.87 -18.29
N SER B 488 52.44 -38.96 -17.03
CA SER B 488 52.85 -40.25 -16.48
C SER B 488 51.68 -41.21 -16.38
N PHE B 489 50.52 -40.70 -15.97
CA PHE B 489 49.32 -41.54 -15.94
C PHE B 489 49.03 -42.10 -17.32
N LEU B 490 49.10 -41.26 -18.35
CA LEU B 490 48.87 -41.73 -19.70
C LEU B 490 49.97 -42.68 -20.16
N LYS B 491 51.20 -42.46 -19.70
CA LYS B 491 52.30 -43.37 -20.03
C LYS B 491 52.06 -44.75 -19.46
N GLU B 492 51.49 -44.83 -18.27
CA GLU B 492 51.22 -46.10 -17.62
C GLU B 492 49.83 -46.64 -17.89
N ASN B 493 49.00 -45.92 -18.66
CA ASN B 493 47.62 -46.32 -18.86
C ASN B 493 47.16 -46.41 -20.30
N LEU B 494 47.82 -45.74 -21.24
CA LEU B 494 47.33 -45.72 -22.62
C LEU B 494 47.54 -47.06 -23.32
N LYS B 495 46.60 -47.41 -24.19
CA LYS B 495 46.72 -48.58 -25.05
C LYS B 495 46.56 -48.27 -26.52
N VAL B 496 45.65 -47.36 -26.88
CA VAL B 496 45.35 -47.06 -28.28
C VAL B 496 45.35 -45.55 -28.45
N LEU B 497 45.65 -45.09 -29.66
CA LEU B 497 45.75 -43.66 -29.91
C LEU B 497 45.43 -43.35 -31.36
N SER B 498 44.75 -42.22 -31.59
CA SER B 498 44.52 -41.67 -32.91
C SER B 498 44.98 -40.22 -32.91
N VAL B 499 45.77 -39.84 -33.91
CA VAL B 499 46.33 -38.49 -33.99
C VAL B 499 46.28 -38.00 -35.44
N LYS B 500 45.93 -36.74 -35.61
CA LYS B 500 45.89 -36.08 -36.92
C LYS B 500 46.59 -34.73 -36.81
N PHE B 501 47.53 -34.47 -37.72
CA PHE B 501 48.25 -33.20 -37.76
C PHE B 501 48.35 -32.71 -39.20
N ASP B 502 48.13 -31.41 -39.38
CA ASP B 502 48.19 -30.79 -40.71
C ASP B 502 49.57 -30.21 -41.01
N ASP B 503 50.03 -29.26 -40.19
CA ASP B 503 51.31 -28.59 -40.41
C ASP B 503 52.31 -28.93 -39.31
N MET B 504 52.21 -30.14 -38.75
CA MET B 504 53.15 -30.68 -37.78
C MET B 504 53.01 -29.97 -36.43
N ARG B 505 52.19 -28.92 -36.39
CA ARG B 505 52.01 -28.17 -35.14
C ARG B 505 51.12 -28.93 -34.17
N GLU B 506 49.98 -29.45 -34.65
CA GLU B 506 49.09 -30.21 -33.79
C GLU B 506 49.70 -31.52 -33.32
N LEU B 507 50.78 -31.97 -33.95
CA LEU B 507 51.46 -33.18 -33.51
C LEU B 507 52.12 -32.91 -32.16
N PRO B 508 51.81 -33.69 -31.12
CA PRO B 508 52.43 -33.46 -29.82
C PRO B 508 53.70 -34.27 -29.67
N PRO B 509 54.74 -33.68 -29.07
CA PRO B 509 55.98 -34.44 -28.84
C PRO B 509 55.87 -35.44 -27.69
N TRP B 510 55.08 -35.11 -26.68
CA TRP B 510 55.02 -35.95 -25.48
C TRP B 510 54.50 -37.35 -25.76
N MET B 511 53.80 -37.55 -26.89
CA MET B 511 53.32 -38.88 -27.23
C MET B 511 54.47 -39.83 -27.52
N TYR B 512 55.67 -39.31 -27.77
CA TYR B 512 56.87 -40.12 -27.90
C TYR B 512 57.44 -40.58 -26.56
N GLY B 513 56.72 -40.34 -25.47
CA GLY B 513 57.15 -40.78 -24.16
C GLY B 513 56.32 -41.91 -23.60
N LEU B 514 55.12 -42.11 -24.14
CA LEU B 514 54.24 -43.16 -23.67
C LEU B 514 54.82 -44.52 -24.05
N ARG B 515 55.26 -45.28 -23.05
CA ARG B 515 55.87 -46.56 -23.33
C ARG B 515 54.85 -47.67 -23.56
N ASN B 516 53.62 -47.50 -23.10
CA ASN B 516 52.62 -48.56 -23.10
C ASN B 516 51.65 -48.47 -24.25
N LEU B 517 51.87 -47.57 -25.21
CA LEU B 517 50.97 -47.46 -26.35
C LEU B 517 51.11 -48.67 -27.28
N GLU B 518 49.97 -49.19 -27.74
CA GLU B 518 49.96 -50.35 -28.63
C GLU B 518 49.65 -49.95 -30.07
N GLU B 519 48.55 -49.26 -30.30
CA GLU B 519 48.10 -48.89 -31.64
C GLU B 519 48.02 -47.38 -31.76
N LEU B 520 48.66 -46.84 -32.79
CA LEU B 520 48.62 -45.41 -33.09
C LEU B 520 48.13 -45.21 -34.52
N TYR B 521 47.12 -44.36 -34.69
CA TYR B 521 46.53 -44.08 -35.98
C TYR B 521 46.84 -42.64 -36.38
N LEU B 522 47.38 -42.45 -37.58
CA LEU B 522 47.83 -41.16 -38.05
C LEU B 522 47.23 -40.87 -39.42
N VAL B 523 46.90 -39.60 -39.66
CA VAL B 523 46.42 -39.12 -40.95
C VAL B 523 47.07 -37.78 -41.23
N GLY B 524 47.71 -37.65 -42.38
CA GLY B 524 48.36 -36.40 -42.76
C GLY B 524 49.86 -36.43 -42.60
N ALA C 17 23.58 12.75 -26.79
CA ALA C 17 22.24 13.32 -26.90
C ALA C 17 22.28 14.82 -26.63
N PHE C 18 22.95 15.19 -25.54
CA PHE C 18 23.09 16.58 -25.16
C PHE C 18 24.53 16.97 -24.88
N ARG C 19 25.48 16.03 -24.95
CA ARG C 19 26.88 16.29 -24.67
C ARG C 19 27.77 16.02 -25.86
N VAL C 20 27.57 14.90 -26.56
CA VAL C 20 28.45 14.48 -27.64
C VAL C 20 28.24 15.36 -28.86
N LEU C 21 27.26 16.25 -28.80
CA LEU C 21 26.94 17.18 -29.88
C LEU C 21 27.67 18.51 -29.73
N LYS C 22 28.54 18.63 -28.72
CA LYS C 22 29.19 19.90 -28.40
C LYS C 22 30.70 19.74 -28.56
N PRO C 23 31.25 20.12 -29.70
CA PRO C 23 32.72 20.13 -29.85
C PRO C 23 33.36 21.12 -28.88
N TRP C 24 34.69 21.08 -28.82
CA TRP C 24 35.41 21.88 -27.84
C TRP C 24 35.13 23.36 -28.03
N TRP C 25 35.11 23.84 -29.27
CA TRP C 25 34.79 25.24 -29.49
C TRP C 25 33.36 25.54 -29.09
N ASP C 26 32.45 24.59 -29.30
CA ASP C 26 31.07 24.80 -28.87
C ASP C 26 30.98 24.97 -27.37
N VAL C 27 31.68 24.12 -26.61
CA VAL C 27 31.65 24.22 -25.16
C VAL C 27 32.29 25.52 -24.70
N PHE C 28 33.41 25.90 -25.32
CA PHE C 28 34.08 27.14 -24.93
C PHE C 28 33.19 28.34 -25.20
N THR C 29 32.49 28.33 -26.34
CA THR C 29 31.54 29.39 -26.64
C THR C 29 30.40 29.40 -25.63
N ASP C 30 29.94 28.23 -25.21
CA ASP C 30 28.90 28.16 -24.19
C ASP C 30 29.34 28.81 -22.89
N TYR C 31 30.57 28.51 -22.47
CA TYR C 31 31.09 29.12 -21.24
C TYR C 31 31.25 30.63 -21.40
N LEU C 32 31.73 31.08 -22.56
CA LEU C 32 31.80 32.51 -22.80
C LEU C 32 30.43 33.15 -22.74
N SER C 33 29.41 32.48 -23.28
CA SER C 33 28.05 33.00 -23.24
C SER C 33 27.56 33.11 -21.81
N VAL C 34 27.84 32.09 -20.98
CA VAL C 34 27.41 32.14 -19.59
C VAL C 34 28.10 33.28 -18.86
N ALA C 35 29.40 33.46 -19.11
CA ALA C 35 30.13 34.55 -18.47
C ALA C 35 29.58 35.91 -18.90
N MET C 36 29.28 36.06 -20.19
CA MET C 36 28.70 37.31 -20.67
C MET C 36 27.34 37.55 -20.05
N LEU C 37 26.53 36.50 -19.90
CA LEU C 37 25.22 36.66 -19.30
C LEU C 37 25.33 37.11 -17.84
N MET C 38 26.25 36.51 -17.08
CA MET C 38 26.39 36.95 -15.70
C MET C 38 26.94 38.36 -15.62
N ILE C 39 27.85 38.73 -16.54
CA ILE C 39 28.33 40.10 -16.61
C ILE C 39 27.18 41.06 -16.84
N GLY C 40 26.31 40.73 -17.79
CA GLY C 40 25.19 41.61 -18.10
C GLY C 40 24.20 41.74 -16.95
N VAL C 41 23.87 40.62 -16.31
CA VAL C 41 22.91 40.68 -15.21
C VAL C 41 23.51 41.45 -14.04
N PHE C 42 24.81 41.29 -13.80
CA PHE C 42 25.48 42.06 -12.78
C PHE C 42 25.43 43.55 -13.09
N GLY C 43 25.68 43.92 -14.36
CA GLY C 43 25.61 45.31 -14.73
C GLY C 43 24.22 45.90 -14.58
N CYS C 44 23.20 45.13 -14.96
CA CYS C 44 21.82 45.60 -14.78
C CYS C 44 21.49 45.79 -13.31
N THR C 45 21.94 44.85 -12.47
CA THR C 45 21.71 44.98 -11.03
C THR C 45 22.37 46.24 -10.48
N LEU C 46 23.62 46.49 -10.87
CA LEU C 46 24.29 47.70 -10.42
C LEU C 46 23.57 48.95 -10.91
N GLN C 47 23.13 48.95 -12.17
CA GLN C 47 22.44 50.12 -12.70
C GLN C 47 21.14 50.38 -11.94
N VAL C 48 20.38 49.34 -11.63
CA VAL C 48 19.11 49.56 -10.94
C VAL C 48 19.35 49.94 -9.48
N MET C 49 20.45 49.45 -8.89
CA MET C 49 20.64 49.64 -7.46
C MET C 49 21.37 50.93 -7.13
N GLN C 50 22.60 51.08 -7.64
CA GLN C 50 23.47 52.18 -7.23
C GLN C 50 23.52 53.34 -8.22
N ASP C 51 23.06 53.18 -9.45
CA ASP C 51 23.28 54.23 -10.44
C ASP C 51 22.43 55.45 -10.16
N LYS C 52 23.01 56.42 -9.46
CA LYS C 52 22.35 57.69 -9.17
C LYS C 52 23.20 58.81 -9.73
N ILE C 53 22.60 59.66 -10.54
CA ILE C 53 23.31 60.84 -11.05
C ILE C 53 23.28 61.92 -9.97
N ILE C 54 24.40 62.60 -9.80
CA ILE C 54 24.50 63.76 -8.93
C ILE C 54 24.82 64.96 -9.80
N CYS C 55 24.05 66.03 -9.61
CA CYS C 55 24.19 67.24 -10.41
C CYS C 55 24.38 68.43 -9.50
N LEU C 56 25.03 69.46 -10.02
CA LEU C 56 25.21 70.72 -9.33
C LEU C 56 25.18 71.83 -10.36
N PRO C 57 24.70 73.02 -9.98
CA PRO C 57 24.91 74.18 -10.85
C PRO C 57 26.40 74.43 -11.03
N LYS C 58 26.79 74.71 -12.28
CA LYS C 58 28.21 74.82 -12.60
C LYS C 58 28.69 76.27 -12.54
N ARG C 59 28.06 77.16 -13.31
CA ARG C 59 28.59 78.51 -13.48
C ARG C 59 28.56 79.29 -12.17
N VAL C 60 29.70 79.90 -11.84
CA VAL C 60 29.82 80.77 -10.68
C VAL C 60 30.63 82.00 -11.05
N GLU C 96 40.54 84.29 2.94
CA GLU C 96 40.05 82.95 3.24
C GLU C 96 38.88 82.58 2.33
N MET C 97 38.77 81.31 2.00
CA MET C 97 37.71 80.79 1.16
C MET C 97 36.70 80.00 1.98
N LYS C 98 35.43 80.23 1.70
CA LYS C 98 34.33 79.62 2.42
C LYS C 98 33.56 78.68 1.50
N GLY C 99 32.43 78.19 1.99
CA GLY C 99 31.58 77.34 1.18
C GLY C 99 30.95 78.12 0.04
N LEU C 100 30.19 77.39 -0.77
CA LEU C 100 29.56 77.95 -1.94
C LEU C 100 28.07 77.66 -1.95
N LYS C 101 27.40 77.95 -0.83
CA LYS C 101 26.01 77.55 -0.66
C LYS C 101 25.15 78.08 -1.80
N THR C 102 24.20 77.25 -2.23
CA THR C 102 23.39 77.54 -3.41
C THR C 102 21.90 77.63 -3.10
N ASP C 103 21.51 77.54 -1.84
CA ASP C 103 20.15 77.73 -1.33
C ASP C 103 19.07 77.21 -2.30
N LEU C 104 19.19 75.91 -2.60
CA LEU C 104 18.12 75.17 -3.26
C LEU C 104 17.83 73.93 -2.43
N ASP C 105 16.55 73.63 -2.24
CA ASP C 105 16.21 72.48 -1.41
C ASP C 105 16.39 71.19 -2.21
N LEU C 106 16.08 70.07 -1.56
CA LEU C 106 16.40 68.77 -2.13
C LEU C 106 15.62 68.49 -3.40
N GLN C 107 14.36 68.94 -3.48
CA GLN C 107 13.53 68.54 -4.59
C GLN C 107 14.01 69.16 -5.89
N GLN C 108 14.37 70.44 -5.88
CA GLN C 108 14.94 71.01 -7.09
C GLN C 108 16.17 70.25 -7.52
N TYR C 109 16.95 69.77 -6.54
CA TYR C 109 18.14 69.00 -6.87
C TYR C 109 17.78 67.69 -7.55
N SER C 110 16.76 67.01 -7.04
CA SER C 110 16.31 65.78 -7.69
C SER C 110 15.82 66.06 -9.10
N PHE C 111 15.08 67.16 -9.27
CA PHE C 111 14.57 67.51 -10.59
C PHE C 111 15.71 67.80 -11.55
N ILE C 112 16.72 68.54 -11.09
CA ILE C 112 17.89 68.82 -11.93
C ILE C 112 18.60 67.53 -12.28
N ASN C 113 18.74 66.62 -11.30
CA ASN C 113 19.35 65.33 -11.55
C ASN C 113 18.61 64.61 -12.67
N GLN C 114 17.29 64.52 -12.56
CA GLN C 114 16.50 63.81 -13.57
C GLN C 114 16.67 64.47 -14.93
N MET C 115 16.58 65.80 -14.97
CA MET C 115 16.64 66.51 -16.25
C MET C 115 17.97 66.29 -16.94
N CYS C 116 19.07 66.58 -16.23
CA CYS C 116 20.37 66.45 -16.88
C CYS C 116 20.71 64.98 -17.13
N TYR C 117 20.16 64.06 -16.34
CA TYR C 117 20.35 62.64 -16.59
C TYR C 117 19.73 62.24 -17.92
N GLU C 118 18.50 62.70 -18.17
CA GLU C 118 17.89 62.43 -19.46
C GLU C 118 18.65 63.11 -20.58
N ARG C 119 19.06 64.36 -20.37
CA ARG C 119 19.67 65.13 -21.44
C ARG C 119 21.12 64.75 -21.70
N ALA C 120 21.98 64.93 -20.70
CA ALA C 120 23.42 64.90 -20.96
C ALA C 120 23.98 63.49 -20.98
N LEU C 121 23.55 62.63 -20.06
CA LEU C 121 24.16 61.31 -19.94
C LEU C 121 23.95 60.51 -21.22
N HIS C 122 25.02 59.84 -21.65
CA HIS C 122 25.00 59.16 -22.93
C HIS C 122 24.01 58.01 -22.92
N TRP C 123 23.24 57.89 -24.00
CA TRP C 123 22.26 56.82 -24.11
C TRP C 123 22.93 55.45 -24.04
N TYR C 124 24.04 55.28 -24.74
CA TYR C 124 24.78 54.04 -24.65
C TYR C 124 25.26 53.80 -23.23
N ALA C 125 25.73 54.86 -22.56
CA ALA C 125 26.17 54.73 -21.18
C ALA C 125 25.04 54.28 -20.27
N LYS C 126 23.79 54.56 -20.65
CA LYS C 126 22.64 54.16 -19.84
C LYS C 126 22.04 52.84 -20.27
N TYR C 127 22.35 52.35 -21.48
CA TYR C 127 21.78 51.11 -21.98
C TYR C 127 22.78 49.98 -22.10
N PHE C 128 24.04 50.20 -21.74
CA PHE C 128 25.08 49.18 -21.89
C PHE C 128 24.71 47.82 -21.32
N PRO C 129 24.28 47.68 -20.07
CA PRO C 129 23.92 46.34 -19.59
C PRO C 129 22.79 45.71 -20.39
N TYR C 130 21.80 46.50 -20.79
CA TYR C 130 20.68 45.95 -21.54
C TYR C 130 21.11 45.46 -22.91
N LEU C 131 21.97 46.21 -23.60
CA LEU C 131 22.44 45.75 -24.90
C LEU C 131 23.34 44.53 -24.75
N VAL C 132 24.11 44.47 -23.66
CA VAL C 132 24.87 43.25 -23.40
C VAL C 132 23.92 42.07 -23.24
N LEU C 133 22.83 42.27 -22.49
CA LEU C 133 21.82 41.22 -22.35
C LEU C 133 21.28 40.78 -23.71
N ILE C 134 20.89 41.73 -24.55
CA ILE C 134 20.23 41.34 -25.79
C ILE C 134 21.21 40.62 -26.71
N HIS C 135 22.46 41.08 -26.76
CA HIS C 135 23.43 40.42 -27.62
C HIS C 135 23.76 39.02 -27.11
N THR C 136 23.91 38.87 -25.80
CA THR C 136 24.15 37.54 -25.24
C THR C 136 22.99 36.62 -25.51
N LEU C 137 21.77 37.12 -25.37
CA LEU C 137 20.60 36.28 -25.60
C LEU C 137 20.45 35.91 -27.07
N VAL C 138 20.78 36.81 -27.99
CA VAL C 138 20.77 36.46 -29.41
C VAL C 138 21.82 35.40 -29.69
N PHE C 139 23.00 35.52 -29.06
CA PHE C 139 24.00 34.47 -29.18
C PHE C 139 23.44 33.13 -28.72
N MET C 140 22.80 33.11 -27.56
CA MET C 140 22.24 31.87 -27.02
C MET C 140 21.18 31.31 -27.95
N LEU C 141 20.30 32.17 -28.46
CA LEU C 141 19.20 31.70 -29.30
C LEU C 141 19.69 31.18 -30.63
N CYS C 142 20.63 31.88 -31.27
CA CYS C 142 21.16 31.41 -32.53
C CYS C 142 22.02 30.17 -32.37
N SER C 143 22.59 29.96 -31.18
CA SER C 143 23.26 28.69 -30.91
C SER C 143 22.25 27.56 -30.73
N ASN C 144 21.18 27.81 -29.97
CA ASN C 144 20.25 26.75 -29.62
C ASN C 144 19.23 26.45 -30.71
N PHE C 145 19.10 27.33 -31.71
CA PHE C 145 18.19 27.04 -32.82
C PHE C 145 18.64 25.82 -33.60
N TRP C 146 19.89 25.41 -33.43
CA TRP C 146 20.37 24.20 -34.10
C TRP C 146 19.65 22.97 -33.58
N PHE C 147 19.17 23.03 -32.34
CA PHE C 147 18.42 21.94 -31.74
C PHE C 147 16.95 22.25 -31.55
N LYS C 148 16.56 23.52 -31.52
CA LYS C 148 15.16 23.89 -31.35
C LYS C 148 14.35 23.76 -32.63
N PHE C 149 15.01 23.60 -33.78
CA PHE C 149 14.30 23.44 -35.05
C PHE C 149 13.91 21.97 -35.24
N PRO C 150 12.63 21.64 -35.14
CA PRO C 150 12.24 20.22 -35.17
C PRO C 150 12.62 19.50 -36.45
N GLY C 151 12.60 20.18 -37.59
CA GLY C 151 12.90 19.52 -38.84
C GLY C 151 14.29 18.89 -38.86
N SER C 152 15.28 19.61 -38.35
CA SER C 152 16.62 19.05 -38.22
C SER C 152 16.82 18.31 -36.90
N SER C 153 16.11 18.73 -35.84
CA SER C 153 16.29 18.10 -34.54
C SER C 153 15.82 16.65 -34.55
N SER C 154 14.77 16.34 -35.30
CA SER C 154 14.31 14.96 -35.39
C SER C 154 15.37 14.07 -36.03
N LYS C 155 15.98 14.55 -37.12
CA LYS C 155 17.06 13.81 -37.74
C LYS C 155 18.25 13.66 -36.80
N ILE C 156 18.55 14.72 -36.04
CA ILE C 156 19.63 14.67 -35.07
C ILE C 156 19.36 13.61 -34.02
N GLU C 157 18.13 13.57 -33.51
CA GLU C 157 17.76 12.59 -32.50
C GLU C 157 17.85 11.17 -33.07
N HIS C 158 17.39 10.98 -34.29
CA HIS C 158 17.50 9.66 -34.91
C HIS C 158 18.96 9.26 -35.06
N PHE C 159 19.81 10.21 -35.47
CA PHE C 159 21.23 9.91 -35.66
C PHE C 159 21.91 9.56 -34.33
N ILE C 160 21.62 10.32 -33.28
CA ILE C 160 22.24 10.05 -31.98
C ILE C 160 21.76 8.70 -31.44
N SER C 161 20.46 8.41 -31.61
CA SER C 161 19.95 7.13 -31.14
C SER C 161 20.60 5.97 -31.89
N ILE C 162 20.73 6.09 -33.22
CA ILE C 162 21.29 4.98 -33.99
C ILE C 162 22.76 4.80 -33.67
N LEU C 163 23.51 5.89 -33.53
CA LEU C 163 24.92 5.74 -33.18
C LEU C 163 25.08 5.14 -31.79
N GLY C 164 24.27 5.58 -30.82
CA GLY C 164 24.36 5.02 -29.49
C GLY C 164 24.04 3.54 -29.45
N LYS C 165 22.99 3.13 -30.17
CA LYS C 165 22.66 1.72 -30.23
C LYS C 165 23.73 0.93 -30.97
N CYS C 166 24.44 1.59 -31.89
CA CYS C 166 25.62 0.97 -32.49
C CYS C 166 26.70 0.74 -31.45
N PHE C 167 26.96 1.73 -30.61
CA PHE C 167 28.02 1.59 -29.61
C PHE C 167 27.62 0.62 -28.53
N ASP C 168 26.33 0.35 -28.39
CA ASP C 168 25.87 -0.61 -27.40
C ASP C 168 25.97 -2.06 -27.88
N SER C 169 26.28 -2.28 -29.16
CA SER C 169 26.27 -3.63 -29.72
C SER C 169 27.66 -4.25 -29.63
N PRO C 170 27.82 -5.39 -28.94
CA PRO C 170 29.14 -6.04 -28.87
C PRO C 170 29.45 -6.85 -30.12
N TRP C 171 28.40 -7.21 -30.86
CA TRP C 171 28.60 -7.95 -32.11
C TRP C 171 29.50 -7.17 -33.07
N THR C 172 29.45 -5.85 -33.04
CA THR C 172 30.28 -5.05 -33.93
C THR C 172 31.76 -5.38 -33.72
N THR C 173 32.22 -5.30 -32.47
CA THR C 173 33.61 -5.63 -32.18
C THR C 173 33.88 -7.11 -32.38
N ARG C 174 32.91 -7.97 -32.08
CA ARG C 174 33.12 -9.40 -32.26
C ARG C 174 33.37 -9.73 -33.72
N ALA C 175 32.60 -9.12 -34.63
CA ALA C 175 32.84 -9.31 -36.06
C ALA C 175 34.15 -8.65 -36.49
N LEU C 176 34.44 -7.47 -35.96
CA LEU C 176 35.71 -6.82 -36.27
C LEU C 176 36.89 -7.58 -35.71
N SER C 177 36.66 -8.49 -34.77
CA SER C 177 37.73 -9.30 -34.21
C SER C 177 38.28 -10.26 -35.26
N GLU C 237 22.90 -10.46 -32.70
CA GLU C 237 21.57 -11.03 -32.55
C GLU C 237 20.50 -10.03 -32.96
N GLN C 238 20.38 -8.94 -32.19
CA GLN C 238 19.40 -7.91 -32.49
C GLN C 238 19.95 -6.78 -33.34
N ALA C 239 21.28 -6.70 -33.51
CA ALA C 239 21.84 -5.74 -34.43
C ALA C 239 21.42 -6.02 -35.87
N LYS C 240 21.04 -7.26 -36.16
CA LYS C 240 20.50 -7.58 -37.48
C LYS C 240 19.17 -6.87 -37.70
N ALA C 241 18.37 -6.75 -36.66
CA ALA C 241 17.17 -5.91 -36.72
C ALA C 241 17.51 -4.44 -36.73
N LEU C 242 18.76 -4.08 -36.46
CA LEU C 242 19.20 -2.69 -36.47
C LEU C 242 19.83 -2.29 -37.80
N PHE C 243 20.26 -3.28 -38.59
CA PHE C 243 20.81 -2.99 -39.91
C PHE C 243 19.79 -2.30 -40.80
N GLU C 244 18.54 -2.76 -40.75
CA GLU C 244 17.49 -2.16 -41.57
C GLU C 244 17.26 -0.70 -41.16
N LYS C 245 17.30 -0.42 -39.85
CA LYS C 245 17.16 0.96 -39.42
C LYS C 245 18.35 1.80 -39.85
N VAL C 246 19.56 1.22 -39.83
CA VAL C 246 20.74 1.94 -40.31
C VAL C 246 20.56 2.34 -41.77
N LYS C 247 20.19 1.37 -42.61
CA LYS C 247 20.08 1.69 -44.04
C LYS C 247 18.92 2.64 -44.30
N LYS C 248 17.81 2.48 -43.58
CA LYS C 248 16.70 3.42 -43.73
C LYS C 248 17.12 4.83 -43.36
N PHE C 249 17.79 4.98 -42.22
CA PHE C 249 18.23 6.30 -41.79
C PHE C 249 19.22 6.91 -42.77
N ARG C 250 20.17 6.11 -43.27
CA ARG C 250 21.14 6.67 -44.20
C ARG C 250 20.47 7.10 -45.50
N LEU C 251 19.55 6.28 -46.02
CA LEU C 251 18.85 6.67 -47.24
C LEU C 251 17.97 7.90 -47.01
N HIS C 252 17.42 8.03 -45.81
CA HIS C 252 16.56 9.18 -45.50
C HIS C 252 17.37 10.46 -45.39
N VAL C 253 18.47 10.43 -44.65
CA VAL C 253 19.19 11.64 -44.29
C VAL C 253 20.32 11.98 -45.26
N GLU C 254 20.88 10.99 -45.95
CA GLU C 254 21.83 11.30 -47.02
C GLU C 254 21.19 12.20 -48.07
N GLU C 255 19.88 12.11 -48.23
CA GLU C 255 19.11 12.98 -49.11
C GLU C 255 18.61 14.24 -48.41
N GLY C 256 19.25 14.62 -47.30
CA GLY C 256 18.88 15.79 -46.55
C GLY C 256 19.79 16.97 -46.84
N ASP C 257 20.78 17.17 -45.98
CA ASP C 257 21.89 18.07 -46.21
C ASP C 257 21.48 19.53 -46.06
N ILE C 258 20.42 19.77 -45.28
CA ILE C 258 20.09 21.14 -44.88
C ILE C 258 20.83 21.51 -43.61
N LEU C 259 21.28 20.49 -42.86
CA LEU C 259 21.87 20.72 -41.55
C LEU C 259 23.16 21.52 -41.66
N TYR C 260 24.03 21.17 -42.61
CA TYR C 260 25.29 21.89 -42.75
C TYR C 260 25.02 23.35 -43.13
N ALA C 261 24.05 23.56 -44.01
CA ALA C 261 23.75 24.93 -44.45
C ALA C 261 23.24 25.77 -43.30
N MET C 262 22.36 25.22 -42.47
CA MET C 262 21.82 26.00 -41.37
C MET C 262 22.87 26.22 -40.27
N TYR C 263 23.76 25.24 -40.09
CA TYR C 263 24.91 25.46 -39.19
C TYR C 263 25.81 26.57 -39.71
N VAL C 264 26.07 26.59 -41.02
CA VAL C 264 26.87 27.66 -41.60
C VAL C 264 26.16 28.99 -41.43
N ARG C 265 24.83 29.00 -41.56
CA ARG C 265 24.06 30.22 -41.34
C ARG C 265 24.26 30.74 -39.92
N GLN C 266 24.17 29.84 -38.93
CA GLN C 266 24.38 30.26 -37.55
C GLN C 266 25.78 30.79 -37.32
N THR C 267 26.79 30.10 -37.88
CA THR C 267 28.17 30.56 -37.70
C THR C 267 28.38 31.93 -38.33
N VAL C 268 27.83 32.15 -39.53
CA VAL C 268 27.96 33.45 -40.19
C VAL C 268 27.29 34.53 -39.37
N LEU C 269 26.09 34.23 -38.83
CA LEU C 269 25.40 35.20 -38.00
C LEU C 269 26.23 35.58 -36.79
N LYS C 270 26.80 34.59 -36.11
CA LYS C 270 27.61 34.88 -34.93
C LYS C 270 28.85 35.68 -35.29
N VAL C 271 29.48 35.36 -36.43
CA VAL C 271 30.65 36.11 -36.87
C VAL C 271 30.29 37.57 -37.12
N ILE C 272 29.16 37.80 -37.81
CA ILE C 272 28.74 39.17 -38.11
C ILE C 272 28.45 39.92 -36.82
N LYS C 273 27.79 39.27 -35.86
CA LYS C 273 27.50 39.94 -34.60
C LYS C 273 28.77 40.30 -33.86
N PHE C 274 29.76 39.39 -33.84
CA PHE C 274 31.04 39.72 -33.24
C PHE C 274 31.68 40.92 -33.91
N LEU C 275 31.65 40.94 -35.25
CA LEU C 275 32.26 42.04 -35.98
C LEU C 275 31.61 43.37 -35.61
N ILE C 276 30.27 43.40 -35.57
CA ILE C 276 29.59 44.67 -35.29
C ILE C 276 29.83 45.11 -33.84
N ILE C 277 29.83 44.14 -32.91
CA ILE C 277 30.13 44.48 -31.53
C ILE C 277 31.49 45.16 -31.44
N ILE C 278 32.51 44.55 -32.03
CA ILE C 278 33.83 45.15 -31.99
C ILE C 278 33.79 46.54 -32.61
N ALA C 279 33.19 46.65 -33.79
CA ALA C 279 33.25 47.88 -34.56
C ALA C 279 32.65 49.05 -33.79
N TYR C 280 31.45 48.88 -33.24
CA TYR C 280 30.84 50.05 -32.61
C TYR C 280 31.26 50.23 -31.16
N ASN C 281 31.55 49.15 -30.43
CA ASN C 281 32.02 49.31 -29.06
C ASN C 281 33.38 49.97 -29.01
N SER C 282 34.23 49.74 -30.03
CA SER C 282 35.54 50.38 -30.06
C SER C 282 35.42 51.89 -29.92
N ALA C 283 34.48 52.49 -30.64
CA ALA C 283 34.25 53.92 -30.50
C ALA C 283 33.46 54.26 -29.24
N LEU C 284 32.45 53.45 -28.90
CA LEU C 284 31.54 53.85 -27.82
C LEU C 284 32.19 53.78 -26.44
N VAL C 285 33.22 52.94 -26.27
CA VAL C 285 33.75 52.70 -24.93
C VAL C 285 34.27 53.99 -24.31
N SER C 286 35.02 54.78 -25.09
CA SER C 286 35.58 56.01 -24.56
C SER C 286 34.58 57.15 -24.53
N LYS C 287 33.38 56.96 -25.08
CA LYS C 287 32.40 58.04 -25.12
C LYS C 287 31.89 58.36 -23.72
N VAL C 288 31.67 57.34 -22.90
CA VAL C 288 31.21 57.55 -21.53
C VAL C 288 32.35 58.11 -20.69
N GLN C 289 32.04 59.12 -19.89
CA GLN C 289 33.03 59.75 -19.02
C GLN C 289 32.45 59.87 -17.62
N PHE C 290 33.34 59.93 -16.64
CA PHE C 290 32.91 60.02 -15.25
C PHE C 290 32.12 61.30 -15.03
N THR C 291 32.76 62.44 -15.24
CA THR C 291 32.07 63.72 -15.14
C THR C 291 31.49 64.10 -16.49
N VAL C 292 30.60 65.09 -16.48
CA VAL C 292 30.00 65.60 -17.70
C VAL C 292 29.39 66.96 -17.36
N ASP C 293 29.20 67.78 -18.39
CA ASP C 293 28.62 69.10 -18.24
C ASP C 293 27.39 69.21 -19.12
N CYS C 294 26.33 69.82 -18.57
CA CYS C 294 25.11 70.03 -19.34
C CYS C 294 24.67 71.47 -19.21
N ASN C 295 24.45 72.13 -20.35
CA ASN C 295 23.86 73.46 -20.38
C ASN C 295 22.40 73.30 -20.75
N VAL C 296 21.62 72.81 -19.80
CA VAL C 296 20.20 72.56 -20.03
C VAL C 296 19.43 73.82 -19.69
N ASP C 297 18.46 74.16 -20.55
CA ASP C 297 17.71 75.40 -20.39
C ASP C 297 16.64 75.22 -19.32
N ILE C 298 17.11 75.13 -18.08
CA ILE C 298 16.24 75.06 -16.91
C ILE C 298 16.36 76.35 -16.09
N GLN C 299 16.81 77.43 -16.72
CA GLN C 299 16.84 78.71 -16.05
C GLN C 299 15.42 79.24 -15.90
N ASP C 300 15.24 80.14 -14.93
CA ASP C 300 13.92 80.67 -14.54
C ASP C 300 13.11 79.58 -13.86
N MET C 301 13.64 78.36 -13.84
CA MET C 301 13.07 77.25 -13.10
C MET C 301 13.76 77.09 -11.75
N THR C 302 15.07 77.00 -11.74
CA THR C 302 15.88 77.20 -10.55
C THR C 302 16.89 78.32 -10.75
N GLY C 303 16.90 78.97 -11.90
CA GLY C 303 17.78 80.09 -12.17
C GLY C 303 19.14 79.73 -12.72
N TYR C 304 19.47 78.45 -12.78
CA TYR C 304 20.76 78.01 -13.27
C TYR C 304 20.62 77.32 -14.62
N LYS C 305 21.68 77.39 -15.41
CA LYS C 305 21.64 76.86 -16.78
C LYS C 305 22.82 75.94 -17.03
N ASN C 306 23.92 76.17 -16.34
CA ASN C 306 25.14 75.39 -16.50
C ASN C 306 25.30 74.45 -15.32
N PHE C 307 25.51 73.16 -15.60
CA PHE C 307 25.53 72.17 -14.53
C PHE C 307 26.65 71.17 -14.74
N SER C 308 27.36 70.86 -13.66
CA SER C 308 28.32 69.77 -13.63
C SER C 308 27.67 68.56 -12.99
N CYS C 309 27.77 67.42 -13.66
CA CYS C 309 27.10 66.21 -13.19
C CYS C 309 28.03 65.03 -13.33
N ASN C 310 27.67 63.95 -12.62
CA ASN C 310 28.44 62.72 -12.67
C ASN C 310 27.61 61.60 -12.08
N HIS C 311 27.79 60.39 -12.61
CA HIS C 311 27.00 59.25 -12.18
C HIS C 311 27.91 58.16 -11.64
N THR C 312 27.33 57.29 -10.81
CA THR C 312 28.10 56.41 -9.95
C THR C 312 28.93 55.40 -10.75
N MET C 313 28.28 54.66 -11.65
CA MET C 313 28.90 53.48 -12.24
C MET C 313 30.05 53.81 -13.19
N ALA C 314 30.12 55.06 -13.66
CA ALA C 314 30.84 55.39 -14.89
C ALA C 314 32.18 54.68 -15.00
N HIS C 315 33.12 55.04 -14.11
CA HIS C 315 34.46 54.50 -14.22
C HIS C 315 34.45 52.99 -14.22
N LEU C 316 33.76 52.39 -13.25
CA LEU C 316 33.68 50.94 -13.19
C LEU C 316 33.16 50.38 -14.50
N PHE C 317 32.04 50.94 -14.98
CA PHE C 317 31.48 50.47 -16.24
C PHE C 317 32.53 50.46 -17.33
N SER C 318 33.27 51.56 -17.46
CA SER C 318 34.35 51.63 -18.42
C SER C 318 35.23 50.40 -18.30
N LYS C 319 35.83 50.22 -17.12
CA LYS C 319 36.67 49.06 -16.88
C LYS C 319 35.90 47.78 -17.23
N LEU C 320 34.69 47.65 -16.67
CA LEU C 320 33.88 46.48 -16.96
C LEU C 320 33.74 46.31 -18.47
N SER C 321 33.31 47.37 -19.15
CA SER C 321 33.13 47.30 -20.59
C SER C 321 34.38 46.78 -21.25
N PHE C 322 35.53 47.37 -20.89
CA PHE C 322 36.79 46.95 -21.50
C PHE C 322 36.97 45.45 -21.37
N CYS C 323 36.85 44.94 -20.13
CA CYS C 323 37.01 43.51 -19.93
C CYS C 323 35.99 42.74 -20.75
N TYR C 324 34.72 43.20 -20.70
CA TYR C 324 33.68 42.56 -21.48
C TYR C 324 34.10 42.47 -22.93
N LEU C 325 34.61 43.58 -23.49
CA LEU C 325 34.98 43.58 -24.89
C LEU C 325 36.00 42.50 -25.18
N CYS C 326 37.00 42.34 -24.30
CA CYS C 326 38.00 41.30 -24.52
C CYS C 326 37.33 39.95 -24.71
N PHE C 327 36.40 39.61 -23.82
CA PHE C 327 35.71 38.33 -23.95
C PHE C 327 35.08 38.22 -25.32
N VAL C 328 34.37 39.26 -25.74
CA VAL C 328 33.71 39.22 -27.04
C VAL C 328 34.74 38.92 -28.13
N SER C 329 35.88 39.61 -28.09
CA SER C 329 36.91 39.38 -29.09
C SER C 329 37.26 37.90 -29.14
N ILE C 330 37.59 37.34 -27.97
CA ILE C 330 37.97 35.93 -27.91
C ILE C 330 36.88 35.08 -28.55
N TYR C 331 35.63 35.36 -28.19
CA TYR C 331 34.53 34.57 -28.71
C TYR C 331 34.58 34.53 -30.23
N GLY C 332 34.68 35.70 -30.85
CA GLY C 332 34.69 35.74 -32.29
C GLY C 332 35.79 34.88 -32.88
N LEU C 333 36.98 34.97 -32.28
CA LEU C 333 38.12 34.24 -32.79
C LEU C 333 37.81 32.75 -32.89
N THR C 334 37.13 32.20 -31.88
CA THR C 334 36.79 30.79 -31.92
C THR C 334 35.98 30.47 -33.16
N CYS C 335 34.92 31.25 -33.40
CA CYS C 335 34.14 31.05 -34.61
C CYS C 335 35.02 31.20 -35.84
N LEU C 336 35.93 32.17 -35.82
CA LEU C 336 36.86 32.33 -36.93
C LEU C 336 37.68 31.07 -37.13
N TYR C 337 38.14 30.46 -36.04
CA TYR C 337 38.82 29.18 -36.16
C TYR C 337 37.92 28.15 -36.81
N THR C 338 36.66 28.07 -36.37
CA THR C 338 35.69 27.20 -37.02
C THR C 338 35.60 27.53 -38.50
N LEU C 339 35.64 28.82 -38.83
CA LEU C 339 35.61 29.23 -40.24
C LEU C 339 36.81 28.66 -40.98
N TYR C 340 37.99 28.70 -40.35
CA TYR C 340 39.14 28.00 -40.92
C TYR C 340 38.81 26.54 -41.16
N TRP C 341 38.28 25.88 -40.13
CA TRP C 341 37.90 24.47 -40.27
C TRP C 341 36.84 24.29 -41.33
N LEU C 342 36.06 25.34 -41.61
CA LEU C 342 35.05 25.27 -42.65
C LEU C 342 35.55 25.75 -44.00
N PHE C 343 36.71 26.41 -44.06
CA PHE C 343 37.27 26.88 -45.31
C PHE C 343 38.61 26.24 -45.62
N TYR C 344 38.92 25.12 -45.00
CA TYR C 344 40.11 24.36 -45.40
C TYR C 344 39.89 22.85 -45.47
N ARG C 345 38.81 22.30 -44.94
CA ARG C 345 38.64 20.86 -44.91
C ARG C 345 37.64 20.32 -45.92
N SER C 346 36.68 21.14 -46.37
CA SER C 346 35.69 20.73 -47.37
C SER C 346 34.98 19.44 -46.94
N LEU C 347 34.28 19.54 -45.82
CA LEU C 347 33.59 18.41 -45.20
C LEU C 347 32.36 17.95 -45.97
N ARG C 348 32.13 18.41 -47.20
CA ARG C 348 30.97 17.93 -47.96
C ARG C 348 31.09 16.47 -48.38
N GLU C 349 32.28 15.89 -48.30
CA GLU C 349 32.46 14.48 -48.60
C GLU C 349 33.53 13.90 -47.70
N TYR C 350 33.22 12.79 -47.05
CA TYR C 350 34.14 12.11 -46.16
C TYR C 350 34.47 10.73 -46.74
N SER C 351 35.75 10.42 -46.79
CA SER C 351 36.22 9.11 -47.21
C SER C 351 36.93 8.45 -46.04
N PHE C 352 36.50 7.23 -45.68
CA PHE C 352 37.14 6.52 -44.59
C PHE C 352 38.59 6.22 -44.91
N GLU C 353 38.82 5.34 -45.90
CA GLU C 353 40.15 5.00 -46.39
C GLU C 353 41.04 4.47 -45.27
N TYR C 354 40.47 4.24 -44.09
CA TYR C 354 41.23 3.80 -42.94
C TYR C 354 40.79 2.41 -42.48
N VAL C 355 39.50 2.22 -42.19
CA VAL C 355 39.02 0.90 -41.82
C VAL C 355 39.29 -0.10 -42.95
N ARG C 356 39.16 0.35 -44.19
CA ARG C 356 39.45 -0.49 -45.35
C ARG C 356 40.88 -1.02 -45.30
N GLN C 357 41.77 -0.31 -44.61
CA GLN C 357 43.17 -0.71 -44.58
C GLN C 357 43.43 -1.80 -43.55
N GLU C 358 43.07 -1.55 -42.28
CA GLU C 358 43.39 -2.54 -41.25
C GLU C 358 42.35 -3.66 -41.20
N THR C 359 41.06 -3.31 -41.14
CA THR C 359 40.04 -4.34 -41.00
C THR C 359 39.84 -5.15 -42.27
N GLY C 360 40.43 -4.73 -43.39
CA GLY C 360 40.34 -5.47 -44.63
C GLY C 360 38.95 -5.55 -45.21
N ILE C 361 38.16 -4.49 -45.06
CA ILE C 361 36.81 -4.43 -45.60
C ILE C 361 36.82 -3.48 -46.79
N ASP C 362 36.41 -3.98 -47.95
CA ASP C 362 36.42 -3.18 -49.16
C ASP C 362 35.16 -2.35 -49.35
N ASP C 363 34.15 -2.56 -48.52
CA ASP C 363 32.92 -1.78 -48.58
C ASP C 363 33.08 -0.48 -47.78
N ILE C 364 31.97 0.20 -47.52
CA ILE C 364 31.94 1.52 -46.89
C ILE C 364 32.75 2.50 -47.73
N PRO C 365 32.30 2.83 -48.95
CA PRO C 365 33.07 3.75 -49.80
C PRO C 365 33.12 5.18 -49.29
N ASP C 366 31.95 5.76 -49.01
CA ASP C 366 31.85 7.18 -48.72
C ASP C 366 30.56 7.43 -47.95
N VAL C 367 30.36 8.69 -47.54
CA VAL C 367 29.12 9.14 -46.91
C VAL C 367 28.74 10.48 -47.52
N LYS C 368 27.44 10.75 -47.55
CA LYS C 368 26.93 11.94 -48.24
C LYS C 368 27.30 13.21 -47.48
N ASN C 369 26.87 14.34 -48.04
CA ASN C 369 27.35 15.65 -47.57
C ASN C 369 26.97 15.88 -46.11
N ASP C 370 25.69 15.73 -45.77
CA ASP C 370 25.28 15.83 -44.38
C ASP C 370 25.94 14.74 -43.54
N PHE C 371 25.98 13.52 -44.08
CA PHE C 371 26.64 12.43 -43.37
C PHE C 371 28.13 12.71 -43.22
N ALA C 372 28.77 13.23 -44.26
CA ALA C 372 30.18 13.58 -44.14
C ALA C 372 30.40 14.62 -43.05
N PHE C 373 29.56 15.65 -43.02
CA PHE C 373 29.72 16.71 -42.04
C PHE C 373 29.56 16.18 -40.62
N MET C 374 28.48 15.44 -40.37
CA MET C 374 28.24 15.00 -39.00
C MET C 374 29.20 13.88 -38.59
N LEU C 375 29.66 13.09 -39.56
CA LEU C 375 30.70 12.11 -39.26
C LEU C 375 32.00 12.80 -38.88
N HIS C 376 32.35 13.87 -39.59
CA HIS C 376 33.52 14.65 -39.22
C HIS C 376 33.35 15.26 -37.83
N MET C 377 32.15 15.75 -37.52
CA MET C 377 31.90 16.30 -36.19
C MET C 377 32.10 15.24 -35.12
N ILE C 378 31.58 14.04 -35.36
CA ILE C 378 31.77 12.94 -34.42
C ILE C 378 33.25 12.61 -34.27
N ASP C 379 33.97 12.59 -35.38
CA ASP C 379 35.40 12.29 -35.33
C ASP C 379 36.15 13.33 -34.50
N GLN C 380 35.81 14.61 -34.68
CA GLN C 380 36.40 15.64 -33.84
C GLN C 380 36.05 15.43 -32.37
N TYR C 381 34.80 15.05 -32.11
CA TYR C 381 34.40 14.73 -30.74
C TYR C 381 35.15 13.53 -30.21
N ASP C 382 35.33 12.50 -31.05
CA ASP C 382 36.00 11.28 -30.63
C ASP C 382 36.50 10.52 -31.84
N PRO C 383 37.77 10.10 -31.87
CA PRO C 383 38.28 9.35 -33.03
C PRO C 383 37.77 7.93 -33.13
N LEU C 384 37.27 7.35 -32.04
CA LEU C 384 36.78 5.98 -32.05
C LEU C 384 35.30 5.86 -32.36
N TYR C 385 34.51 6.92 -32.12
CA TYR C 385 33.07 6.79 -32.29
C TYR C 385 32.70 6.58 -33.76
N SER C 386 33.22 7.42 -34.66
CA SER C 386 32.97 7.18 -36.08
C SER C 386 33.55 5.84 -36.52
N LYS C 387 34.73 5.52 -36.02
CA LYS C 387 35.35 4.23 -36.29
C LYS C 387 34.39 3.07 -36.01
N ARG C 388 33.77 3.08 -34.83
CA ARG C 388 32.91 1.97 -34.45
C ARG C 388 31.57 2.05 -35.18
N PHE C 389 31.10 3.26 -35.44
CA PHE C 389 29.79 3.42 -36.10
C PHE C 389 29.86 3.02 -37.57
N ALA C 390 31.06 2.88 -38.13
CA ALA C 390 31.18 2.66 -39.60
C ALA C 390 30.70 1.30 -40.10
N LEU C 391 30.82 0.24 -39.31
CA LEU C 391 30.54 -1.13 -39.84
C LEU C 391 29.09 -1.31 -40.30
N PHE C 392 28.11 -0.79 -39.56
CA PHE C 392 26.69 -1.10 -39.95
C PHE C 392 26.51 -0.79 -41.44
N LEU C 393 27.38 0.04 -42.03
CA LEU C 393 27.29 0.31 -43.45
C LEU C 393 27.93 -0.81 -44.26
N SER C 394 28.95 -1.46 -43.71
CA SER C 394 29.58 -2.57 -44.38
C SER C 394 28.58 -3.69 -44.62
N GLU C 395 28.57 -4.22 -45.84
CA GLU C 395 27.61 -5.27 -46.21
C GLU C 395 28.13 -6.66 -45.87
N VAL C 396 29.44 -6.87 -45.91
CA VAL C 396 30.00 -8.17 -45.54
C VAL C 396 29.67 -8.48 -44.09
N SER C 397 29.80 -7.48 -43.21
CA SER C 397 29.44 -7.67 -41.81
C SER C 397 27.96 -7.99 -41.66
N GLU C 398 27.11 -7.34 -42.45
CA GLU C 398 25.68 -7.64 -42.40
C GLU C 398 25.40 -9.08 -42.82
N ASN C 399 26.09 -9.55 -43.87
CA ASN C 399 25.94 -10.93 -44.29
C ASN C 399 26.43 -11.89 -43.21
N LYS C 400 27.54 -11.55 -42.55
CA LYS C 400 28.04 -12.38 -41.46
C LYS C 400 27.02 -12.46 -40.33
N LEU C 401 26.40 -11.34 -39.97
CA LEU C 401 25.43 -11.35 -38.89
C LEU C 401 24.16 -12.09 -39.29
N LYS C 402 23.75 -11.98 -40.56
CA LYS C 402 22.63 -12.79 -41.03
C LYS C 402 22.95 -14.27 -40.95
N GLN C 403 24.15 -14.65 -41.34
CA GLN C 403 24.59 -16.03 -41.20
C GLN C 403 24.55 -16.47 -39.75
N LEU C 404 25.07 -15.63 -38.84
CA LEU C 404 25.07 -15.97 -37.43
C LEU C 404 23.66 -16.14 -36.88
N ASN C 405 22.76 -15.23 -37.25
CA ASN C 405 21.40 -15.29 -36.76
C ASN C 405 20.68 -16.54 -37.27
N LEU C 406 20.86 -16.86 -38.56
CA LEU C 406 20.21 -18.07 -39.09
C LEU C 406 20.81 -19.32 -38.47
N ASN C 407 22.13 -19.34 -38.24
CA ASN C 407 22.74 -20.48 -37.58
C ASN C 407 22.22 -20.65 -36.16
N ASN C 408 22.05 -19.55 -35.43
CA ASN C 408 21.43 -19.61 -34.12
C ASN C 408 20.01 -20.16 -34.22
N GLU C 409 19.28 -19.73 -35.26
CA GLU C 409 17.92 -20.25 -35.46
C GLU C 409 17.94 -21.67 -35.98
N TRP C 410 18.83 -21.98 -36.93
CA TRP C 410 18.85 -23.30 -37.57
C TRP C 410 19.59 -24.30 -36.69
N THR C 411 18.93 -24.66 -35.60
CA THR C 411 19.47 -25.68 -34.71
C THR C 411 19.39 -27.05 -35.37
N PRO C 412 20.27 -27.99 -34.97
CA PRO C 412 20.18 -29.35 -35.51
C PRO C 412 18.84 -30.03 -35.29
N ASP C 413 18.18 -29.75 -34.15
CA ASP C 413 16.90 -30.38 -33.86
C ASP C 413 15.86 -29.99 -34.91
N LYS C 414 15.81 -28.71 -35.29
CA LYS C 414 14.86 -28.28 -36.31
C LYS C 414 15.15 -28.95 -37.64
N LEU C 415 16.42 -29.07 -38.00
CA LEU C 415 16.79 -29.75 -39.24
C LEU C 415 16.34 -31.21 -39.22
N ARG C 416 16.54 -31.89 -38.09
CA ARG C 416 16.08 -33.27 -37.97
C ARG C 416 14.56 -33.36 -38.05
N GLN C 417 13.85 -32.38 -37.50
CA GLN C 417 12.40 -32.42 -37.53
C GLN C 417 11.86 -32.36 -38.95
N LYS C 418 12.44 -31.50 -39.79
CA LYS C 418 12.01 -31.38 -41.17
C LYS C 418 12.57 -32.47 -42.07
N LEU C 419 13.50 -33.28 -41.58
CA LEU C 419 14.08 -34.34 -42.39
C LEU C 419 13.03 -35.40 -42.75
N GLN C 420 13.13 -35.90 -43.97
CA GLN C 420 12.22 -36.92 -44.48
C GLN C 420 12.91 -37.62 -45.65
N THR C 421 12.23 -38.64 -46.20
CA THR C 421 12.74 -39.35 -47.36
C THR C 421 12.17 -38.73 -48.62
N ASN C 422 12.95 -38.78 -49.70
CA ASN C 422 12.55 -38.18 -50.96
C ASN C 422 11.66 -39.15 -51.73
N ALA C 423 11.38 -38.81 -53.00
CA ALA C 423 10.65 -39.74 -53.87
C ALA C 423 11.50 -40.97 -54.17
N HIS C 424 12.78 -40.77 -54.49
CA HIS C 424 13.67 -41.88 -54.84
C HIS C 424 14.42 -42.41 -53.63
N ASN C 425 13.68 -42.66 -52.55
CA ASN C 425 14.14 -43.41 -51.38
C ASN C 425 15.50 -42.92 -50.87
N ARG C 426 15.55 -41.66 -50.44
CA ARG C 426 16.75 -41.12 -49.83
C ARG C 426 16.34 -40.00 -48.87
N LEU C 427 16.99 -39.95 -47.72
CA LEU C 427 16.64 -38.98 -46.69
C LEU C 427 16.93 -37.56 -47.17
N GLU C 428 15.90 -36.71 -47.16
CA GLU C 428 15.95 -35.40 -47.76
C GLU C 428 15.54 -34.34 -46.76
N LEU C 429 16.17 -33.17 -46.84
CA LEU C 429 15.76 -32.02 -46.05
C LEU C 429 15.14 -30.98 -46.96
N PRO C 430 13.82 -30.78 -46.91
CA PRO C 430 13.18 -29.81 -47.81
C PRO C 430 13.51 -28.39 -47.38
N LEU C 431 14.19 -27.65 -48.25
CA LEU C 431 14.47 -26.23 -48.05
C LEU C 431 13.63 -25.45 -49.05
N ILE C 432 12.76 -24.59 -48.54
CA ILE C 432 11.75 -23.95 -49.37
C ILE C 432 11.99 -22.46 -49.44
N MET C 433 12.59 -21.89 -48.39
CA MET C 433 12.87 -20.46 -48.38
C MET C 433 14.00 -20.18 -47.40
N LEU C 434 14.92 -19.30 -47.82
CA LEU C 434 16.01 -18.79 -46.99
C LEU C 434 16.74 -17.71 -47.79
N SER C 435 17.85 -17.22 -47.24
CA SER C 435 18.75 -16.35 -47.97
C SER C 435 20.16 -16.92 -48.12
N GLY C 436 20.49 -17.97 -47.36
CA GLY C 436 21.79 -18.61 -47.47
C GLY C 436 21.72 -20.02 -46.92
N LEU C 437 22.80 -20.76 -47.13
CA LEU C 437 22.87 -22.15 -46.71
C LEU C 437 23.28 -22.20 -45.25
N PRO C 438 22.46 -22.73 -44.35
CA PRO C 438 22.86 -22.80 -42.94
C PRO C 438 24.08 -23.69 -42.75
N ASP C 439 24.98 -23.25 -41.87
CA ASP C 439 26.19 -24.03 -41.62
C ASP C 439 25.91 -25.29 -40.82
N THR C 440 24.87 -25.27 -39.96
CA THR C 440 24.49 -26.48 -39.24
C THR C 440 24.05 -27.58 -40.18
N VAL C 441 23.62 -27.24 -41.40
CA VAL C 441 23.31 -28.26 -42.40
C VAL C 441 24.53 -29.17 -42.59
N PHE C 442 25.73 -28.62 -42.46
CA PHE C 442 26.93 -29.41 -42.68
C PHE C 442 27.17 -30.44 -41.58
N GLU C 443 26.62 -30.25 -40.38
CA GLU C 443 26.88 -31.23 -39.33
C GLU C 443 25.90 -32.39 -39.36
N ILE C 444 24.84 -32.30 -40.17
CA ILE C 444 23.93 -33.42 -40.36
C ILE C 444 24.23 -34.03 -41.72
N THR C 445 25.03 -35.10 -41.73
CA THR C 445 25.52 -35.70 -42.96
C THR C 445 24.84 -37.01 -43.32
N GLU C 446 23.92 -37.50 -42.48
CA GLU C 446 23.35 -38.82 -42.71
C GLU C 446 22.39 -38.82 -43.88
N LEU C 447 21.62 -37.74 -44.06
CA LEU C 447 20.62 -37.71 -45.13
C LEU C 447 21.30 -37.85 -46.49
N GLN C 448 20.71 -38.68 -47.34
CA GLN C 448 21.29 -38.95 -48.66
C GLN C 448 20.59 -38.19 -49.77
N SER C 449 19.64 -37.31 -49.44
CA SER C 449 18.96 -36.48 -50.43
C SER C 449 18.86 -35.06 -49.89
N LEU C 450 18.69 -34.11 -50.80
CA LEU C 450 18.58 -32.71 -50.38
C LEU C 450 17.73 -31.95 -51.39
N LYS C 451 16.82 -31.12 -50.86
CA LYS C 451 15.91 -30.32 -51.68
C LYS C 451 15.98 -28.87 -51.22
N LEU C 452 16.33 -27.98 -52.15
CA LEU C 452 16.40 -26.55 -51.87
C LEU C 452 15.57 -25.81 -52.90
N GLU C 453 14.70 -24.91 -52.42
CA GLU C 453 13.75 -24.22 -53.29
C GLU C 453 13.92 -22.72 -53.15
N ILE C 454 14.23 -22.06 -54.26
CA ILE C 454 14.14 -20.60 -54.40
C ILE C 454 14.87 -19.95 -53.23
N ILE C 455 16.18 -20.13 -53.16
CA ILE C 455 16.98 -19.48 -52.13
C ILE C 455 18.21 -18.86 -52.79
N LYS C 456 18.12 -17.59 -53.13
CA LYS C 456 19.19 -16.94 -53.86
C LYS C 456 20.41 -16.74 -52.96
N ASN C 457 21.57 -16.66 -53.60
CA ASN C 457 22.85 -16.36 -52.94
C ASN C 457 23.13 -17.41 -51.85
N VAL C 458 23.34 -18.63 -52.32
CA VAL C 458 23.69 -19.77 -51.48
C VAL C 458 25.11 -20.20 -51.82
N MET C 459 25.97 -20.23 -50.81
CA MET C 459 27.38 -20.52 -51.00
C MET C 459 27.70 -21.89 -50.44
N ILE C 460 28.46 -22.67 -51.21
CA ILE C 460 28.88 -24.01 -50.81
C ILE C 460 30.36 -23.94 -50.45
N PRO C 461 30.72 -24.01 -49.16
CA PRO C 461 32.14 -23.99 -48.78
C PRO C 461 32.77 -25.37 -48.75
N ALA C 462 34.01 -25.44 -48.28
CA ALA C 462 34.65 -26.73 -48.04
C ALA C 462 33.91 -27.56 -47.00
N THR C 463 33.09 -26.92 -46.17
CA THR C 463 32.33 -27.64 -45.16
C THR C 463 31.34 -28.62 -45.75
N ILE C 464 31.04 -28.50 -47.05
CA ILE C 464 30.21 -29.49 -47.72
C ILE C 464 30.87 -30.86 -47.70
N ALA C 465 32.19 -30.90 -47.50
CA ALA C 465 32.89 -32.17 -47.35
C ALA C 465 32.37 -32.95 -46.14
N GLN C 466 31.80 -32.25 -45.16
CA GLN C 466 31.19 -32.92 -44.03
C GLN C 466 30.01 -33.77 -44.47
N LEU C 467 29.23 -33.26 -45.43
CA LEU C 467 28.01 -33.95 -45.86
C LEU C 467 28.33 -35.06 -46.85
N ASP C 468 29.24 -35.96 -46.49
CA ASP C 468 29.67 -36.97 -47.46
C ASP C 468 28.62 -38.06 -47.62
N ASN C 469 27.89 -38.39 -46.56
CA ASN C 469 26.87 -39.43 -46.65
C ASN C 469 25.57 -38.83 -47.18
N LEU C 470 25.67 -38.09 -48.29
CA LEU C 470 24.51 -37.59 -49.01
C LEU C 470 24.67 -37.95 -50.47
N GLN C 471 23.57 -38.28 -51.13
CA GLN C 471 23.68 -38.79 -52.48
C GLN C 471 22.75 -38.12 -53.49
N GLU C 472 21.60 -37.63 -53.05
CA GLU C 472 20.65 -37.01 -53.95
C GLU C 472 20.56 -35.52 -53.63
N LEU C 473 20.38 -34.71 -54.67
CA LEU C 473 20.35 -33.26 -54.43
C LEU C 473 19.30 -32.64 -55.35
N SER C 474 18.46 -31.77 -54.80
CA SER C 474 17.41 -31.12 -55.63
C SER C 474 17.66 -29.62 -55.64
N LEU C 475 17.65 -29.04 -56.85
CA LEU C 475 17.88 -27.59 -56.98
C LEU C 475 16.58 -26.98 -57.49
N HIS C 476 16.04 -26.01 -56.79
CA HIS C 476 14.88 -25.28 -57.29
C HIS C 476 15.22 -23.80 -57.38
N GLN C 477 15.83 -23.40 -58.50
CA GLN C 477 15.89 -22.00 -58.93
C GLN C 477 16.52 -21.11 -57.85
N CYS C 478 17.80 -21.38 -57.61
CA CYS C 478 18.56 -20.65 -56.61
C CYS C 478 19.89 -20.23 -57.21
N SER C 479 20.37 -19.05 -56.85
CA SER C 479 21.69 -18.60 -57.28
C SER C 479 22.71 -19.18 -56.31
N VAL C 480 23.37 -20.26 -56.71
CA VAL C 480 24.23 -21.04 -55.83
C VAL C 480 25.64 -21.08 -56.43
N LYS C 481 26.63 -20.77 -55.60
CA LYS C 481 28.03 -20.72 -56.00
C LYS C 481 28.84 -21.64 -55.10
N ILE C 482 30.07 -21.94 -55.53
CA ILE C 482 30.87 -22.97 -54.87
C ILE C 482 32.31 -22.54 -54.64
N HIS C 483 33.07 -23.41 -53.99
CA HIS C 483 34.51 -23.28 -53.79
C HIS C 483 35.20 -24.46 -54.45
N SER C 484 36.53 -24.37 -54.58
CA SER C 484 37.31 -25.45 -55.17
C SER C 484 37.13 -26.75 -54.40
N ALA C 485 37.22 -26.68 -53.07
CA ALA C 485 36.94 -27.87 -52.26
C ALA C 485 35.49 -28.30 -52.40
N ALA C 486 34.57 -27.33 -52.47
CA ALA C 486 33.17 -27.65 -52.71
C ALA C 486 32.99 -28.33 -54.06
N LEU C 487 33.66 -27.81 -55.09
CA LEU C 487 33.57 -28.41 -56.42
C LEU C 487 34.09 -29.83 -56.41
N SER C 488 35.23 -30.07 -55.74
CA SER C 488 35.81 -31.41 -55.71
C SER C 488 34.91 -32.38 -54.94
N PHE C 489 34.35 -31.94 -53.82
CA PHE C 489 33.43 -32.80 -53.08
C PHE C 489 32.21 -33.13 -53.94
N LEU C 490 31.65 -32.13 -54.63
CA LEU C 490 30.52 -32.38 -55.51
C LEU C 490 30.87 -33.36 -56.61
N LYS C 491 32.05 -33.19 -57.19
CA LYS C 491 32.50 -33.99 -58.32
C LYS C 491 32.98 -35.37 -57.92
N GLU C 492 33.21 -35.62 -56.64
CA GLU C 492 33.65 -36.94 -56.20
C GLU C 492 32.58 -37.74 -55.47
N ASN C 493 31.65 -37.09 -54.79
CA ASN C 493 30.69 -37.81 -53.96
C ASN C 493 29.33 -38.01 -54.63
N LEU C 494 28.76 -36.95 -55.18
CA LEU C 494 27.35 -36.97 -55.57
C LEU C 494 27.13 -37.89 -56.78
N LYS C 495 26.08 -38.71 -56.70
CA LYS C 495 25.65 -39.55 -57.81
C LYS C 495 24.22 -39.29 -58.27
N VAL C 496 23.41 -38.54 -57.52
CA VAL C 496 22.05 -38.22 -57.96
C VAL C 496 21.82 -36.72 -57.77
N LEU C 497 21.22 -36.08 -58.77
CA LEU C 497 21.07 -34.63 -58.81
C LEU C 497 19.74 -34.27 -59.47
N SER C 498 19.04 -33.30 -58.88
CA SER C 498 17.80 -32.77 -59.43
C SER C 498 17.88 -31.25 -59.47
N VAL C 499 17.42 -30.65 -60.57
CA VAL C 499 17.63 -29.23 -60.83
C VAL C 499 16.31 -28.61 -61.30
N LYS C 500 16.00 -27.44 -60.76
CA LYS C 500 15.03 -26.53 -61.35
C LYS C 500 15.71 -25.18 -61.55
N PHE C 501 15.55 -24.61 -62.75
CA PHE C 501 16.30 -23.43 -63.14
C PHE C 501 15.49 -22.66 -64.17
N ASP C 502 15.80 -21.38 -64.33
CA ASP C 502 15.10 -20.56 -65.31
C ASP C 502 16.01 -20.02 -66.40
N ASP C 503 17.05 -19.25 -66.06
CA ASP C 503 17.68 -18.39 -67.05
C ASP C 503 19.20 -18.33 -66.94
N MET C 504 19.85 -19.44 -66.55
CA MET C 504 21.31 -19.58 -66.66
C MET C 504 22.06 -18.66 -65.71
N ARG C 505 21.34 -17.79 -65.00
CA ARG C 505 21.96 -16.87 -64.06
C ARG C 505 22.11 -17.50 -62.68
N GLU C 506 20.98 -17.95 -62.10
CA GLU C 506 21.03 -18.82 -60.95
C GLU C 506 21.81 -20.08 -61.28
N LEU C 507 21.63 -20.59 -62.49
CA LEU C 507 22.13 -21.90 -62.86
C LEU C 507 23.65 -21.92 -62.84
N PRO C 508 24.27 -22.87 -62.18
CA PRO C 508 25.71 -23.03 -62.26
C PRO C 508 26.13 -23.47 -63.65
N PRO C 509 26.98 -22.69 -64.32
CA PRO C 509 27.60 -23.20 -65.55
C PRO C 509 28.49 -24.40 -65.31
N TRP C 510 29.16 -24.46 -64.16
CA TRP C 510 30.01 -25.62 -63.84
C TRP C 510 29.18 -26.88 -63.60
N MET C 511 27.86 -26.76 -63.50
CA MET C 511 26.98 -27.93 -63.43
C MET C 511 27.14 -28.71 -64.74
N TYR C 512 27.60 -28.02 -65.78
CA TYR C 512 27.87 -28.67 -67.06
C TYR C 512 29.19 -29.46 -67.06
N GLY C 513 29.80 -29.66 -65.88
CA GLY C 513 31.04 -30.41 -65.82
C GLY C 513 31.26 -31.34 -64.63
N LEU C 514 30.31 -31.42 -63.70
CA LEU C 514 30.48 -32.30 -62.55
C LEU C 514 30.67 -33.72 -63.02
N ARG C 515 31.62 -34.45 -62.42
CA ARG C 515 32.11 -35.68 -63.03
C ARG C 515 31.45 -36.96 -62.51
N ASN C 516 31.50 -37.20 -61.19
CA ASN C 516 31.08 -38.50 -60.69
C ASN C 516 29.59 -38.62 -60.45
N LEU C 517 28.78 -37.69 -60.93
CA LEU C 517 27.33 -37.83 -60.85
C LEU C 517 26.87 -39.03 -61.66
N GLU C 518 25.93 -39.79 -61.12
CA GLU C 518 25.37 -40.94 -61.83
C GLU C 518 24.07 -40.58 -62.54
N GLU C 519 23.12 -40.00 -61.82
CA GLU C 519 21.78 -39.77 -62.34
C GLU C 519 21.43 -38.30 -62.21
N LEU C 520 20.95 -37.71 -63.30
CA LEU C 520 20.78 -36.28 -63.44
C LEU C 520 19.32 -35.94 -63.69
N TYR C 521 18.85 -34.85 -63.09
CA TYR C 521 17.45 -34.43 -63.25
C TYR C 521 17.37 -32.91 -63.38
N LEU C 522 16.57 -32.45 -64.35
CA LEU C 522 16.36 -31.03 -64.61
C LEU C 522 14.87 -30.73 -64.73
N VAL C 523 14.52 -29.48 -64.44
CA VAL C 523 13.14 -28.99 -64.59
C VAL C 523 13.18 -27.54 -65.05
N GLY C 524 12.32 -27.20 -66.00
CA GLY C 524 12.22 -25.84 -66.50
C GLY C 524 12.61 -25.71 -67.95
N SER C 525 12.05 -24.72 -68.64
CA SER C 525 12.31 -24.57 -70.07
C SER C 525 13.77 -24.25 -70.33
N LEU C 526 14.28 -24.77 -71.44
CA LEU C 526 15.68 -24.62 -71.82
C LEU C 526 15.86 -23.89 -73.14
N SER C 527 15.19 -24.33 -74.20
CA SER C 527 15.41 -23.74 -75.52
C SER C 527 15.03 -22.27 -75.55
N HIS C 528 13.89 -21.93 -74.96
CA HIS C 528 13.41 -20.54 -74.90
C HIS C 528 13.28 -19.95 -76.30
N ARG C 532 14.06 -24.31 -82.10
CA ARG C 532 14.31 -23.80 -80.73
C ARG C 532 15.69 -24.31 -80.24
N ASN C 533 16.74 -23.54 -80.49
CA ASN C 533 18.11 -23.94 -80.06
C ASN C 533 18.19 -23.90 -78.54
N VAL C 534 18.67 -24.99 -77.92
CA VAL C 534 18.78 -25.02 -76.47
C VAL C 534 20.22 -24.68 -76.09
N THR C 535 20.37 -23.71 -75.19
CA THR C 535 21.69 -23.26 -74.76
C THR C 535 22.23 -24.13 -73.62
N LEU C 536 22.34 -25.43 -73.92
CA LEU C 536 22.85 -26.42 -72.98
C LEU C 536 24.30 -26.74 -73.35
N GLU C 537 25.22 -26.43 -72.45
CA GLU C 537 26.63 -26.67 -72.72
C GLU C 537 26.92 -28.17 -72.76
N SER C 538 28.11 -28.51 -73.26
CA SER C 538 28.50 -29.90 -73.41
C SER C 538 28.73 -30.55 -72.05
N LEU C 539 28.38 -31.83 -71.94
CA LEU C 539 28.57 -32.64 -70.75
C LEU C 539 29.53 -33.76 -71.10
N ARG C 540 30.83 -33.53 -70.90
CA ARG C 540 31.84 -34.54 -71.16
C ARG C 540 32.64 -34.86 -69.91
N ASP C 541 32.96 -33.85 -69.09
CA ASP C 541 33.80 -34.08 -67.92
C ASP C 541 33.18 -35.13 -67.02
N LEU C 542 31.85 -35.20 -66.99
CA LEU C 542 31.18 -36.22 -66.20
C LEU C 542 31.45 -37.57 -66.85
N LYS C 543 31.72 -38.61 -66.04
CA LYS C 543 31.96 -39.93 -66.62
C LYS C 543 31.37 -41.10 -65.84
N SER C 544 30.41 -40.88 -64.94
CA SER C 544 29.73 -41.99 -64.27
C SER C 544 28.21 -41.94 -64.45
N LEU C 545 27.73 -41.33 -65.53
CA LEU C 545 26.30 -41.06 -65.67
C LEU C 545 25.51 -42.32 -66.02
N LYS C 546 24.26 -42.33 -65.59
CA LYS C 546 23.31 -43.35 -65.99
C LYS C 546 22.01 -42.75 -66.54
N ILE C 547 21.58 -41.61 -65.99
CA ILE C 547 20.29 -41.00 -66.31
C ILE C 547 20.49 -39.52 -66.61
N LEU C 548 19.78 -39.03 -67.63
CA LEU C 548 19.81 -37.63 -68.02
C LEU C 548 18.39 -37.23 -68.44
N SER C 549 17.72 -36.44 -67.61
CA SER C 549 16.31 -36.10 -67.83
C SER C 549 16.14 -34.59 -67.85
N ILE C 550 15.34 -34.10 -68.80
CA ILE C 550 15.13 -32.67 -69.01
C ILE C 550 13.65 -32.42 -69.27
N LYS C 551 13.10 -31.41 -68.61
CA LYS C 551 11.71 -30.99 -68.76
C LYS C 551 11.71 -29.56 -69.29
N SER C 552 11.74 -29.42 -70.60
CA SER C 552 11.98 -28.11 -71.21
C SER C 552 11.25 -28.04 -72.54
N ASN C 553 11.61 -27.05 -73.36
CA ASN C 553 11.04 -26.84 -74.69
C ASN C 553 12.08 -27.10 -75.78
N VAL C 554 12.99 -28.03 -75.53
CA VAL C 554 14.06 -28.31 -76.49
C VAL C 554 13.46 -28.92 -77.75
N SER C 555 13.83 -28.38 -78.91
CA SER C 555 13.29 -28.83 -80.19
C SER C 555 14.17 -29.92 -80.80
N LYS C 556 15.43 -29.59 -81.08
CA LYS C 556 16.37 -30.52 -81.66
C LYS C 556 17.23 -31.16 -80.57
N ILE C 557 17.66 -32.39 -80.81
CA ILE C 557 18.52 -33.06 -79.83
C ILE C 557 19.87 -32.35 -79.78
N PRO C 558 20.34 -31.95 -78.60
CA PRO C 558 21.62 -31.22 -78.54
C PRO C 558 22.79 -32.15 -78.74
N GLN C 559 23.92 -31.57 -79.16
CA GLN C 559 25.14 -32.34 -79.29
C GLN C 559 25.74 -32.73 -77.95
N ALA C 560 25.28 -32.11 -76.85
CA ALA C 560 25.82 -32.42 -75.54
C ALA C 560 25.58 -33.88 -75.18
N VAL C 561 24.38 -34.40 -75.46
CA VAL C 561 24.11 -35.80 -75.19
C VAL C 561 24.93 -36.71 -76.10
N VAL C 562 25.48 -36.16 -77.18
CA VAL C 562 26.46 -36.93 -77.96
C VAL C 562 27.69 -37.22 -77.11
N ASP C 563 28.14 -36.24 -76.33
CA ASP C 563 29.16 -36.46 -75.32
C ASP C 563 28.62 -37.15 -74.08
N VAL C 564 27.36 -37.60 -74.13
CA VAL C 564 26.70 -38.23 -73.01
C VAL C 564 26.18 -39.62 -73.35
N SER C 565 25.52 -39.76 -74.51
CA SER C 565 24.78 -40.99 -74.81
C SER C 565 25.67 -42.22 -74.74
N SER C 566 26.97 -42.05 -74.95
CA SER C 566 27.91 -43.15 -74.69
C SER C 566 27.81 -43.63 -73.25
N HIS C 567 27.52 -42.72 -72.31
CA HIS C 567 27.33 -43.09 -70.92
C HIS C 567 25.94 -42.73 -70.42
N LEU C 568 24.94 -42.77 -71.29
CA LEU C 568 23.57 -42.46 -70.88
C LEU C 568 22.74 -43.74 -71.00
N GLN C 569 22.64 -44.46 -69.90
CA GLN C 569 21.85 -45.67 -69.82
C GLN C 569 20.35 -45.38 -69.75
N LYS C 570 19.96 -44.18 -69.33
CA LYS C 570 18.53 -43.84 -69.20
C LYS C 570 18.35 -42.42 -69.71
N MET C 571 17.87 -42.29 -70.95
CA MET C 571 17.64 -40.98 -71.55
C MET C 571 16.18 -40.55 -71.37
N GLY D 43 8.33 46.89 -16.22
CA GLY D 43 6.99 47.37 -16.53
C GLY D 43 6.22 47.81 -15.30
N CYS D 44 5.33 46.93 -14.83
CA CYS D 44 4.54 47.23 -13.64
C CYS D 44 5.42 47.34 -12.39
N THR D 45 6.56 46.66 -12.38
CA THR D 45 7.47 46.73 -11.24
C THR D 45 8.02 48.14 -11.06
N LEU D 46 8.27 48.84 -12.17
CA LEU D 46 8.76 50.22 -12.07
C LEU D 46 7.68 51.15 -11.56
N GLN D 47 6.41 50.86 -11.85
CA GLN D 47 5.33 51.74 -11.43
C GLN D 47 5.20 51.78 -9.91
N VAL D 48 5.30 50.62 -9.26
CA VAL D 48 5.15 50.59 -7.80
C VAL D 48 6.26 51.37 -7.13
N MET D 49 7.50 51.21 -7.61
CA MET D 49 8.64 51.80 -6.92
C MET D 49 8.98 53.18 -7.47
N GLN D 50 9.15 53.29 -8.78
CA GLN D 50 9.75 54.47 -9.39
C GLN D 50 8.79 55.36 -10.16
N ASP D 51 7.49 55.07 -10.13
CA ASP D 51 6.55 55.98 -10.78
C ASP D 51 6.33 57.21 -9.89
N LYS D 52 7.32 58.09 -9.85
CA LYS D 52 7.24 59.30 -9.06
C LYS D 52 7.46 60.49 -9.98
N ILE D 53 6.52 61.41 -9.99
CA ILE D 53 6.64 62.64 -10.77
C ILE D 53 7.29 63.69 -9.90
N ILE D 54 8.17 64.47 -10.50
CA ILE D 54 8.77 65.62 -9.83
C ILE D 54 8.16 66.87 -10.43
N CYS D 55 7.95 67.88 -9.59
CA CYS D 55 7.24 69.08 -10.00
C CYS D 55 7.89 70.29 -9.37
N LEU D 56 7.63 71.45 -9.98
CA LEU D 56 8.15 72.73 -9.50
C LEU D 56 7.26 73.83 -10.06
N PRO D 57 7.15 74.97 -9.36
CA PRO D 57 6.39 76.08 -9.92
C PRO D 57 7.11 76.66 -11.14
N LYS D 58 6.33 76.97 -12.17
CA LYS D 58 6.88 77.23 -13.50
C LYS D 58 7.48 78.63 -13.61
N ARG D 59 6.64 79.66 -13.47
CA ARG D 59 7.05 81.02 -13.78
C ARG D 59 7.40 81.78 -12.51
N VAL D 60 8.48 82.56 -12.60
CA VAL D 60 8.93 83.36 -11.46
C VAL D 60 8.89 84.84 -11.81
N GLU D 96 25.58 87.45 -13.39
CA GLU D 96 25.65 86.34 -12.45
C GLU D 96 24.24 85.87 -12.07
N MET D 97 24.13 84.58 -11.73
CA MET D 97 22.85 84.00 -11.34
C MET D 97 22.99 83.36 -9.97
N LYS D 98 21.89 83.33 -9.23
CA LYS D 98 21.85 82.79 -7.89
C LYS D 98 20.81 81.68 -7.80
N GLY D 99 20.55 81.22 -6.59
CA GLY D 99 19.48 80.26 -6.37
C GLY D 99 18.12 80.89 -6.55
N LEU D 100 17.11 80.02 -6.59
CA LEU D 100 15.74 80.47 -6.84
C LEU D 100 14.81 79.88 -5.78
N LYS D 101 15.16 80.10 -4.52
CA LYS D 101 14.38 79.58 -3.40
C LYS D 101 12.89 79.78 -3.63
N THR D 102 12.13 78.70 -3.42
CA THR D 102 10.69 78.74 -3.55
C THR D 102 9.96 78.81 -2.23
N ASP D 103 10.68 78.70 -1.11
CA ASP D 103 10.15 78.75 0.25
C ASP D 103 8.89 77.89 0.39
N LEU D 104 9.03 76.63 0.00
CA LEU D 104 8.00 75.62 0.20
C LEU D 104 8.62 74.42 0.90
N ASP D 105 7.91 73.87 1.88
CA ASP D 105 8.44 72.71 2.59
C ASP D 105 8.06 71.43 1.85
N LEU D 106 8.39 70.30 2.47
CA LEU D 106 8.30 69.03 1.77
C LEU D 106 6.85 68.62 1.52
N GLN D 107 5.95 68.91 2.47
CA GLN D 107 4.62 68.30 2.40
C GLN D 107 3.87 68.78 1.17
N GLN D 108 3.67 70.09 1.03
CA GLN D 108 2.93 70.54 -0.13
C GLN D 108 3.67 70.24 -1.42
N TYR D 109 4.97 69.96 -1.35
CA TYR D 109 5.64 69.40 -2.51
C TYR D 109 5.09 68.02 -2.84
N SER D 110 4.91 67.18 -1.83
CA SER D 110 4.26 65.90 -2.10
C SER D 110 2.85 66.12 -2.64
N PHE D 111 2.15 67.10 -2.07
CA PHE D 111 0.79 67.41 -2.50
C PHE D 111 0.76 67.81 -3.96
N ILE D 112 1.64 68.72 -4.36
CA ILE D 112 1.68 69.19 -5.73
C ILE D 112 2.09 68.07 -6.66
N ASN D 113 2.97 67.19 -6.19
CA ASN D 113 3.29 65.99 -6.95
C ASN D 113 2.04 65.19 -7.24
N GLN D 114 1.27 64.88 -6.20
CA GLN D 114 0.04 64.11 -6.41
C GLN D 114 -0.91 64.82 -7.37
N MET D 115 -1.12 66.12 -7.14
CA MET D 115 -2.12 66.84 -7.91
C MET D 115 -1.75 66.87 -9.39
N CYS D 116 -0.53 67.31 -9.70
CA CYS D 116 -0.17 67.44 -11.10
C CYS D 116 0.06 66.08 -11.74
N TYR D 117 0.34 65.05 -10.93
CA TYR D 117 0.36 63.70 -11.47
C TYR D 117 -1.03 63.27 -11.93
N GLU D 118 -2.04 63.52 -11.10
CA GLU D 118 -3.40 63.19 -11.50
C GLU D 118 -3.82 63.97 -12.73
N ARG D 119 -3.53 65.27 -12.75
CA ARG D 119 -4.11 66.13 -13.78
C ARG D 119 -3.38 66.06 -15.11
N ALA D 120 -2.10 66.44 -15.12
CA ALA D 120 -1.42 66.66 -16.39
C ALA D 120 -1.10 65.35 -17.10
N LEU D 121 -0.59 64.37 -16.37
CA LEU D 121 -0.09 63.16 -17.01
C LEU D 121 -1.22 62.34 -17.61
N HIS D 122 -0.97 61.76 -18.78
CA HIS D 122 -2.02 61.07 -19.53
C HIS D 122 -2.29 59.69 -18.95
N TRP D 123 -3.56 59.27 -19.04
CA TRP D 123 -3.98 58.02 -18.43
C TRP D 123 -3.28 56.82 -19.06
N TYR D 124 -3.24 56.78 -20.39
CA TYR D 124 -2.58 55.67 -21.07
C TYR D 124 -1.11 55.61 -20.70
N ALA D 125 -0.46 56.77 -20.60
CA ALA D 125 0.91 56.79 -20.12
C ALA D 125 1.02 56.20 -18.72
N LYS D 126 0.02 56.48 -17.87
CA LYS D 126 0.04 55.93 -16.52
C LYS D 126 -0.36 54.46 -16.50
N TYR D 127 -1.27 54.04 -17.38
CA TYR D 127 -1.76 52.67 -17.40
C TYR D 127 -1.01 51.78 -18.39
N PHE D 128 0.03 52.30 -19.06
CA PHE D 128 0.77 51.50 -20.03
C PHE D 128 1.31 50.19 -19.47
N PRO D 129 1.97 50.15 -18.30
CA PRO D 129 2.40 48.85 -17.78
C PRO D 129 1.26 47.87 -17.57
N TYR D 130 0.10 48.36 -17.11
CA TYR D 130 -1.06 47.50 -16.99
C TYR D 130 -1.67 47.18 -18.35
N LEU D 131 -1.59 48.12 -19.29
CA LEU D 131 -2.21 47.91 -20.59
C LEU D 131 -1.58 46.73 -21.33
N VAL D 132 -0.26 46.63 -21.30
CA VAL D 132 0.40 45.50 -21.94
C VAL D 132 0.07 44.21 -21.21
N LEU D 133 0.00 44.27 -19.87
CA LEU D 133 -0.25 43.07 -19.09
C LEU D 133 -1.61 42.47 -19.39
N ILE D 134 -2.66 43.30 -19.45
CA ILE D 134 -4.00 42.78 -19.70
C ILE D 134 -4.10 42.22 -21.11
N HIS D 135 -3.43 42.85 -22.07
CA HIS D 135 -3.39 42.30 -23.43
C HIS D 135 -2.58 41.01 -23.47
N THR D 136 -1.57 40.90 -22.60
CA THR D 136 -0.75 39.70 -22.52
C THR D 136 -1.46 38.63 -21.69
N ILE D 277 -4.94 47.05 -31.46
CA ILE D 277 -3.70 47.44 -30.83
C ILE D 277 -2.98 48.49 -31.66
N ILE D 278 -2.62 48.12 -32.89
CA ILE D 278 -1.88 49.03 -33.76
C ILE D 278 -2.72 50.24 -34.13
N ALA D 279 -4.06 50.09 -34.11
CA ALA D 279 -4.93 51.18 -34.53
C ALA D 279 -4.77 52.40 -33.63
N TYR D 280 -4.68 52.19 -32.33
CA TYR D 280 -4.61 53.31 -31.38
C TYR D 280 -3.24 53.51 -30.78
N ASN D 281 -2.40 52.47 -30.71
CA ASN D 281 -1.06 52.64 -30.16
C ASN D 281 -0.18 53.53 -31.03
N SER D 282 -0.53 53.69 -32.31
CA SER D 282 0.29 54.52 -33.19
C SER D 282 0.31 55.97 -32.75
N ALA D 283 -0.84 56.50 -32.34
CA ALA D 283 -0.92 57.91 -31.98
C ALA D 283 -0.72 58.13 -30.49
N LEU D 284 -1.16 57.18 -29.65
CA LEU D 284 -1.06 57.37 -28.21
C LEU D 284 0.38 57.38 -27.73
N VAL D 285 1.28 56.71 -28.46
CA VAL D 285 2.71 56.81 -28.14
C VAL D 285 3.19 58.24 -28.30
N SER D 286 2.79 58.89 -29.40
CA SER D 286 3.13 60.28 -29.61
C SER D 286 2.45 61.20 -28.61
N LYS D 287 1.33 60.77 -28.02
CA LYS D 287 0.67 61.58 -27.01
C LYS D 287 1.54 61.75 -25.76
N VAL D 288 2.21 60.68 -25.34
CA VAL D 288 3.01 60.73 -24.13
C VAL D 288 4.23 61.62 -24.33
N GLN D 289 4.59 62.34 -23.27
CA GLN D 289 5.73 63.24 -23.29
C GLN D 289 6.58 63.03 -22.04
N PHE D 290 7.87 63.31 -22.17
CA PHE D 290 8.76 63.23 -21.02
C PHE D 290 8.52 64.39 -20.07
N THR D 291 8.73 65.61 -20.56
CA THR D 291 8.39 66.78 -19.77
C THR D 291 6.92 67.11 -19.92
N VAL D 292 6.34 67.70 -18.88
CA VAL D 292 4.91 68.01 -18.87
C VAL D 292 4.73 69.32 -18.14
N ASP D 293 3.63 70.01 -18.43
CA ASP D 293 3.26 71.23 -17.77
C ASP D 293 1.85 71.08 -17.22
N CYS D 294 1.53 71.85 -16.18
CA CYS D 294 0.16 71.85 -15.69
C CYS D 294 -0.19 73.19 -15.09
N ASN D 295 -1.33 73.72 -15.50
CA ASN D 295 -1.89 74.97 -14.99
C ASN D 295 -3.15 74.60 -14.23
N VAL D 296 -3.00 74.37 -12.93
CA VAL D 296 -4.08 73.91 -12.09
C VAL D 296 -4.21 74.86 -10.90
N ASP D 297 -5.41 74.92 -10.34
CA ASP D 297 -5.74 75.89 -9.30
C ASP D 297 -5.16 75.44 -7.96
N ILE D 298 -3.87 75.71 -7.76
CA ILE D 298 -3.23 75.52 -6.48
C ILE D 298 -2.85 76.84 -5.83
N GLN D 299 -3.11 77.97 -6.50
CA GLN D 299 -3.01 79.24 -5.82
C GLN D 299 -4.05 79.30 -4.72
N ASP D 300 -3.75 80.06 -3.67
CA ASP D 300 -4.45 80.07 -2.39
C ASP D 300 -4.22 78.77 -1.62
N MET D 301 -3.52 77.80 -2.21
CA MET D 301 -3.02 76.64 -1.51
C MET D 301 -1.52 76.76 -1.28
N THR D 302 -0.77 76.94 -2.35
CA THR D 302 0.64 77.29 -2.30
C THR D 302 0.92 78.61 -2.99
N GLY D 303 -0.11 79.30 -3.46
CA GLY D 303 0.09 80.53 -4.20
C GLY D 303 0.79 80.34 -5.52
N TYR D 304 0.39 79.33 -6.28
CA TYR D 304 0.98 79.12 -7.60
C TYR D 304 -0.08 78.54 -8.52
N LYS D 305 0.09 78.80 -9.82
CA LYS D 305 -0.83 78.31 -10.85
C LYS D 305 -0.12 77.40 -11.85
N ASN D 306 1.04 77.81 -12.35
CA ASN D 306 1.71 77.13 -13.44
C ASN D 306 2.89 76.33 -12.91
N PHE D 307 2.98 75.06 -13.33
CA PHE D 307 4.01 74.17 -12.83
C PHE D 307 4.62 73.38 -13.97
N SER D 308 5.92 73.11 -13.86
CA SER D 308 6.61 72.16 -14.72
C SER D 308 6.83 70.86 -13.96
N CYS D 309 6.80 69.75 -14.70
CA CYS D 309 6.95 68.44 -14.06
C CYS D 309 7.59 67.48 -15.05
N ASN D 310 8.11 66.39 -14.50
CA ASN D 310 8.61 65.30 -15.33
C ASN D 310 8.43 63.97 -14.60
N HIS D 311 8.30 62.91 -15.37
CA HIS D 311 8.08 61.57 -14.86
C HIS D 311 9.30 60.71 -15.14
N THR D 312 9.58 59.78 -14.21
CA THR D 312 10.82 59.03 -14.26
C THR D 312 10.93 58.17 -15.52
N MET D 313 9.92 57.36 -15.79
CA MET D 313 10.01 56.35 -16.84
C MET D 313 9.50 56.82 -18.20
N ALA D 314 9.17 58.11 -18.34
CA ALA D 314 8.55 58.59 -19.56
C ALA D 314 9.40 58.29 -20.79
N HIS D 315 10.67 58.69 -20.74
CA HIS D 315 11.57 58.34 -21.84
C HIS D 315 11.90 56.86 -21.82
N LEU D 316 12.00 56.27 -20.62
CA LEU D 316 12.26 54.84 -20.51
C LEU D 316 11.13 54.04 -21.13
N PHE D 317 9.88 54.45 -20.85
CA PHE D 317 8.73 53.77 -21.45
C PHE D 317 8.62 54.06 -22.94
N SER D 318 8.87 55.31 -23.34
CA SER D 318 8.75 55.67 -24.75
C SER D 318 9.73 54.87 -25.59
N LYS D 319 10.98 54.73 -25.14
CA LYS D 319 11.91 53.82 -25.79
C LYS D 319 11.41 52.38 -25.69
N LEU D 320 10.87 52.00 -24.53
CA LEU D 320 10.34 50.65 -24.36
C LEU D 320 9.10 50.43 -25.22
N SER D 321 8.18 51.40 -25.24
CA SER D 321 6.94 51.24 -25.98
C SER D 321 7.19 51.09 -27.48
N PHE D 322 8.19 51.79 -28.00
CA PHE D 322 8.51 51.67 -29.42
C PHE D 322 8.97 50.24 -29.74
N CYS D 323 9.74 49.63 -28.84
CA CYS D 323 10.16 48.25 -29.04
C CYS D 323 8.98 47.29 -28.91
N TYR D 324 8.03 47.59 -28.03
CA TYR D 324 6.89 46.71 -27.83
C TYR D 324 6.04 46.60 -29.10
N LEU D 325 5.84 47.72 -29.79
CA LEU D 325 5.05 47.74 -31.01
C LEU D 325 5.69 46.88 -32.10
N ALA E 17 -12.20 12.39 -5.96
CA ALA E 17 -12.86 12.33 -4.66
C ALA E 17 -13.58 13.63 -4.37
N PHE E 18 -13.10 14.71 -4.97
CA PHE E 18 -13.75 16.01 -4.81
C PHE E 18 -13.97 16.75 -6.11
N ARG E 19 -13.20 16.45 -7.16
CA ARG E 19 -13.36 17.10 -8.45
C ARG E 19 -14.73 16.79 -9.07
N VAL E 20 -15.16 15.53 -8.99
CA VAL E 20 -16.44 15.12 -9.55
C VAL E 20 -17.61 15.81 -8.88
N LEU E 21 -17.41 16.39 -7.71
CA LEU E 21 -18.48 17.05 -6.96
C LEU E 21 -18.85 18.41 -7.53
N LYS E 22 -18.05 18.94 -8.43
CA LYS E 22 -18.16 20.35 -8.83
C LYS E 22 -18.58 20.47 -10.29
N PRO E 23 -19.85 20.79 -10.58
CA PRO E 23 -20.21 21.18 -11.94
C PRO E 23 -19.56 22.51 -12.31
N TRP E 24 -19.73 22.87 -13.59
CA TRP E 24 -18.97 24.00 -14.13
C TRP E 24 -19.26 25.29 -13.38
N TRP E 25 -20.52 25.51 -13.00
CA TRP E 25 -20.86 26.76 -12.34
C TRP E 25 -20.16 26.91 -10.99
N ASP E 26 -20.07 25.81 -10.24
CA ASP E 26 -19.41 25.90 -8.93
C ASP E 26 -17.90 26.11 -9.09
N VAL E 27 -17.29 25.46 -10.07
CA VAL E 27 -15.87 25.71 -10.32
C VAL E 27 -15.65 27.16 -10.69
N PHE E 28 -16.54 27.71 -11.53
CA PHE E 28 -16.43 29.11 -11.94
C PHE E 28 -16.56 30.02 -10.73
N THR E 29 -17.50 29.72 -9.83
CA THR E 29 -17.67 30.52 -8.63
C THR E 29 -16.45 30.42 -7.72
N ASP E 30 -15.84 29.24 -7.64
CA ASP E 30 -14.63 29.10 -6.85
C ASP E 30 -13.51 29.97 -7.41
N TYR E 31 -13.34 29.93 -8.73
CA TYR E 31 -12.37 30.82 -9.37
C TYR E 31 -12.66 32.27 -9.05
N LEU E 32 -13.93 32.67 -9.16
CA LEU E 32 -14.29 34.06 -8.90
C LEU E 32 -13.99 34.43 -7.46
N SER E 33 -14.29 33.54 -6.52
CA SER E 33 -13.99 33.82 -5.11
C SER E 33 -12.51 33.97 -4.88
N VAL E 34 -11.70 33.15 -5.54
CA VAL E 34 -10.25 33.29 -5.41
C VAL E 34 -9.80 34.63 -5.95
N ALA E 35 -10.36 35.05 -7.08
CA ALA E 35 -10.05 36.38 -7.60
C ALA E 35 -10.48 37.47 -6.64
N MET E 36 -11.63 37.27 -5.98
CA MET E 36 -12.10 38.22 -4.98
C MET E 36 -11.08 38.35 -3.85
N LEU E 37 -10.57 37.21 -3.38
CA LEU E 37 -9.59 37.24 -2.30
C LEU E 37 -8.30 37.93 -2.74
N MET E 38 -7.84 37.63 -3.95
CA MET E 38 -6.62 38.29 -4.43
C MET E 38 -6.82 39.79 -4.52
N ILE E 39 -7.96 40.23 -5.06
CA ILE E 39 -8.25 41.65 -5.14
C ILE E 39 -8.26 42.27 -3.74
N GLY E 40 -8.90 41.59 -2.79
CA GLY E 40 -9.00 42.15 -1.46
C GLY E 40 -7.66 42.29 -0.77
N VAL E 41 -6.81 41.26 -0.86
CA VAL E 41 -5.51 41.34 -0.22
C VAL E 41 -4.65 42.39 -0.91
N PHE E 42 -4.78 42.51 -2.24
CA PHE E 42 -4.12 43.57 -2.98
C PHE E 42 -4.51 44.93 -2.40
N GLY E 43 -5.81 45.16 -2.23
CA GLY E 43 -6.27 46.44 -1.73
C GLY E 43 -5.81 46.72 -0.31
N CYS E 44 -5.91 45.72 0.58
CA CYS E 44 -5.48 45.93 1.95
C CYS E 44 -3.98 46.19 2.03
N THR E 45 -3.19 45.46 1.26
CA THR E 45 -1.74 45.64 1.29
C THR E 45 -1.37 47.05 0.84
N LEU E 46 -1.97 47.51 -0.25
CA LEU E 46 -1.64 48.86 -0.72
C LEU E 46 -2.19 49.93 0.22
N GLN E 47 -3.34 49.67 0.84
CA GLN E 47 -3.87 50.61 1.82
C GLN E 47 -2.92 50.75 2.99
N VAL E 48 -2.36 49.63 3.46
CA VAL E 48 -1.40 49.70 4.56
C VAL E 48 -0.14 50.43 4.12
N MET E 49 0.37 50.09 2.93
CA MET E 49 1.69 50.59 2.53
C MET E 49 1.65 52.03 2.07
N GLN E 50 0.91 52.32 0.99
CA GLN E 50 0.97 53.61 0.34
C GLN E 50 -0.14 54.57 0.75
N ASP E 51 -1.28 54.06 1.24
CA ASP E 51 -2.45 54.91 1.38
C ASP E 51 -2.26 55.93 2.49
N LYS E 52 -1.78 57.10 2.13
CA LYS E 52 -1.67 58.23 3.03
C LYS E 52 -2.28 59.44 2.35
N ILE E 53 -3.16 60.13 3.06
CA ILE E 53 -3.77 61.35 2.55
C ILE E 53 -2.84 62.51 2.87
N ILE E 54 -2.74 63.43 1.94
CA ILE E 54 -2.00 64.67 2.13
C ILE E 54 -3.01 65.78 2.33
N CYS E 55 -2.61 66.78 3.12
CA CYS E 55 -3.53 67.82 3.56
C CYS E 55 -2.80 69.15 3.64
N LEU E 56 -3.50 70.21 3.30
CA LEU E 56 -2.98 71.56 3.46
C LEU E 56 -4.07 72.46 4.01
N PRO E 57 -3.71 73.55 4.68
CA PRO E 57 -4.73 74.50 5.12
C PRO E 57 -5.25 75.31 3.96
N LYS E 58 -6.58 75.35 3.83
CA LYS E 58 -7.22 75.81 2.58
C LYS E 58 -7.20 77.33 2.44
N ARG E 59 -7.87 78.04 3.33
CA ARG E 59 -8.09 79.47 3.12
C ARG E 59 -6.86 80.27 3.52
N VAL E 60 -6.27 80.97 2.56
CA VAL E 60 -5.14 81.83 2.82
C VAL E 60 -5.44 83.23 2.30
N GLU E 96 2.88 89.65 -9.18
CA GLU E 96 3.69 88.44 -9.18
C GLU E 96 3.41 87.60 -7.93
N MET E 97 3.42 86.28 -8.10
CA MET E 97 3.17 85.36 -7.01
C MET E 97 4.48 84.82 -6.47
N LYS E 98 4.48 84.46 -5.19
CA LYS E 98 5.64 83.90 -4.52
C LYS E 98 5.22 82.67 -3.73
N GLY E 99 6.14 82.16 -2.93
CA GLY E 99 5.84 81.03 -2.08
C GLY E 99 4.85 81.39 -0.99
N LEU E 100 4.29 80.36 -0.37
CA LEU E 100 3.24 80.50 0.63
C LEU E 100 3.59 79.71 1.88
N LYS E 101 4.81 79.93 2.38
CA LYS E 101 5.28 79.20 3.55
C LYS E 101 4.29 79.30 4.70
N THR E 102 3.91 78.13 5.22
CA THR E 102 2.89 78.04 6.26
C THR E 102 3.49 77.90 7.66
N ASP E 103 4.79 77.73 7.76
CA ASP E 103 5.52 77.53 9.01
C ASP E 103 4.76 76.59 9.96
N LEU E 104 4.54 75.38 9.46
CA LEU E 104 4.02 74.28 10.26
C LEU E 104 4.96 73.09 10.07
N ASP E 105 5.48 72.54 11.16
CA ASP E 105 6.50 71.51 11.01
C ASP E 105 5.85 70.20 10.57
N LEU E 106 6.68 69.17 10.51
CA LEU E 106 6.19 67.87 10.06
C LEU E 106 5.12 67.32 11.00
N GLN E 107 5.23 67.63 12.30
CA GLN E 107 4.32 67.03 13.26
C GLN E 107 2.88 67.47 13.04
N GLN E 108 2.63 68.77 12.97
CA GLN E 108 1.27 69.23 12.74
C GLN E 108 0.76 68.72 11.41
N TYR E 109 1.65 68.57 10.43
CA TYR E 109 1.21 68.06 9.14
C TYR E 109 0.74 66.62 9.27
N SER E 110 1.46 65.81 10.03
CA SER E 110 1.00 64.45 10.28
C SER E 110 -0.35 64.45 10.97
N PHE E 111 -0.51 65.33 11.95
CA PHE E 111 -1.77 65.36 12.70
C PHE E 111 -2.93 65.77 11.81
N ILE E 112 -2.74 66.82 11.01
CA ILE E 112 -3.78 67.25 10.08
C ILE E 112 -4.09 66.14 9.10
N ASN E 113 -3.05 65.46 8.63
CA ASN E 113 -3.23 64.35 7.71
C ASN E 113 -4.19 63.34 8.31
N GLN E 114 -3.91 62.89 9.52
CA GLN E 114 -4.77 61.89 10.14
C GLN E 114 -6.18 62.42 10.36
N MET E 115 -6.29 63.65 10.86
CA MET E 115 -7.61 64.19 11.20
C MET E 115 -8.49 64.27 9.97
N CYS E 116 -8.01 64.92 8.91
CA CYS E 116 -8.84 65.01 7.72
C CYS E 116 -8.92 63.68 6.98
N TYR E 117 -8.03 62.73 7.28
CA TYR E 117 -8.23 61.38 6.78
C TYR E 117 -9.48 60.78 7.38
N GLU E 118 -9.66 60.95 8.68
CA GLU E 118 -10.82 60.35 9.33
C GLU E 118 -12.11 61.12 9.03
N ARG E 119 -12.05 62.45 9.09
CA ARG E 119 -13.28 63.25 9.12
C ARG E 119 -14.02 63.31 7.80
N ALA E 120 -13.42 63.90 6.78
CA ALA E 120 -14.16 64.15 5.55
C ALA E 120 -14.09 63.00 4.56
N LEU E 121 -12.95 62.31 4.49
CA LEU E 121 -12.84 61.17 3.60
C LEU E 121 -13.89 60.13 3.97
N HIS E 122 -14.61 59.65 2.95
CA HIS E 122 -15.79 58.86 3.22
C HIS E 122 -15.46 57.49 3.79
N TRP E 123 -16.34 57.00 4.66
CA TRP E 123 -16.09 55.75 5.37
C TRP E 123 -16.02 54.58 4.41
N TYR E 124 -16.88 54.54 3.40
CA TYR E 124 -16.80 53.48 2.41
C TYR E 124 -15.45 53.47 1.73
N ALA E 125 -14.90 54.65 1.44
CA ALA E 125 -13.59 54.71 0.82
C ALA E 125 -12.54 54.00 1.66
N LYS E 126 -12.58 54.21 2.97
CA LYS E 126 -11.61 53.58 3.84
C LYS E 126 -11.87 52.08 3.98
N TYR E 127 -13.12 51.70 4.14
CA TYR E 127 -13.46 50.32 4.50
C TYR E 127 -13.60 49.39 3.30
N PHE E 128 -13.49 49.91 2.08
CA PHE E 128 -13.70 49.08 0.90
C PHE E 128 -12.90 47.79 0.89
N PRO E 129 -11.59 47.79 1.12
CA PRO E 129 -10.87 46.50 1.10
C PRO E 129 -11.36 45.51 2.13
N TYR E 130 -11.66 45.97 3.35
CA TYR E 130 -12.16 45.05 4.36
C TYR E 130 -13.55 44.54 4.01
N LEU E 131 -14.36 45.37 3.35
CA LEU E 131 -15.63 44.89 2.83
C LEU E 131 -15.40 43.78 1.83
N VAL E 132 -14.40 43.94 0.97
CA VAL E 132 -14.06 42.89 0.02
C VAL E 132 -13.69 41.62 0.75
N LEU E 133 -12.83 41.73 1.77
CA LEU E 133 -12.40 40.54 2.51
C LEU E 133 -13.58 39.84 3.16
N ILE E 134 -14.45 40.59 3.84
CA ILE E 134 -15.54 39.94 4.57
C ILE E 134 -16.48 39.25 3.59
N HIS E 135 -16.83 39.92 2.49
CA HIS E 135 -17.74 39.29 1.54
C HIS E 135 -17.11 38.08 0.89
N THR E 136 -15.83 38.18 0.54
CA THR E 136 -15.14 37.05 -0.09
C THR E 136 -15.09 35.84 0.84
N LEU E 137 -14.75 36.07 2.11
CA LEU E 137 -14.67 34.95 3.03
C LEU E 137 -16.06 34.36 3.27
N VAL E 138 -17.09 35.19 3.24
CA VAL E 138 -18.44 34.66 3.42
C VAL E 138 -18.83 33.79 2.23
N PHE E 139 -18.53 34.22 1.00
CA PHE E 139 -18.78 33.34 -0.15
C PHE E 139 -17.99 32.04 -0.02
N MET E 140 -16.72 32.11 0.37
CA MET E 140 -15.95 30.88 0.51
C MET E 140 -16.57 29.95 1.53
N LEU E 141 -16.92 30.49 2.70
CA LEU E 141 -17.51 29.70 3.77
C LEU E 141 -18.82 29.06 3.32
N CYS E 142 -19.68 29.86 2.68
CA CYS E 142 -20.98 29.34 2.26
C CYS E 142 -20.82 28.26 1.20
N SER E 143 -19.92 28.45 0.24
CA SER E 143 -19.71 27.44 -0.78
C SER E 143 -19.18 26.15 -0.18
N ASN E 144 -18.23 26.25 0.75
CA ASN E 144 -17.64 25.05 1.32
C ASN E 144 -18.55 24.38 2.34
N PHE E 145 -19.54 25.11 2.86
CA PHE E 145 -20.38 24.56 3.91
C PHE E 145 -21.18 23.34 3.46
N TRP E 146 -21.41 23.22 2.14
CA TRP E 146 -22.17 22.09 1.64
C TRP E 146 -21.49 20.78 1.97
N PHE E 147 -20.16 20.72 1.79
CA PHE E 147 -19.41 19.53 2.11
C PHE E 147 -18.85 19.57 3.53
N LYS E 148 -18.85 20.74 4.18
CA LYS E 148 -18.36 20.83 5.54
C LYS E 148 -19.44 20.58 6.59
N PHE E 149 -20.66 20.29 6.18
CA PHE E 149 -21.62 19.84 7.18
C PHE E 149 -21.52 18.33 7.32
N PRO E 150 -21.33 17.81 8.53
CA PRO E 150 -20.97 16.39 8.66
C PRO E 150 -22.04 15.43 8.17
N GLY E 151 -23.31 15.66 8.52
CA GLY E 151 -24.33 14.67 8.22
C GLY E 151 -24.48 14.41 6.74
N SER E 152 -24.59 15.47 5.95
CA SER E 152 -24.67 15.30 4.50
C SER E 152 -23.36 14.76 3.95
N SER E 153 -22.23 15.22 4.49
CA SER E 153 -20.94 14.86 3.91
C SER E 153 -20.64 13.38 4.06
N SER E 154 -21.11 12.76 5.15
CA SER E 154 -20.92 11.32 5.29
C SER E 154 -21.63 10.56 4.17
N LYS E 155 -22.88 10.93 3.89
CA LYS E 155 -23.59 10.33 2.78
C LYS E 155 -22.88 10.60 1.46
N ILE E 156 -22.36 11.82 1.31
CA ILE E 156 -21.66 12.16 0.08
C ILE E 156 -20.42 11.29 -0.10
N GLU E 157 -19.65 11.07 0.97
CA GLU E 157 -18.46 10.26 0.88
C GLU E 157 -18.81 8.81 0.55
N HIS E 158 -19.86 8.29 1.19
CA HIS E 158 -20.28 6.92 0.89
C HIS E 158 -20.72 6.81 -0.57
N PHE E 159 -21.41 7.85 -1.06
CA PHE E 159 -21.76 7.95 -2.47
C PHE E 159 -20.53 7.94 -3.34
N ILE E 160 -19.50 8.70 -2.96
CA ILE E 160 -18.28 8.77 -3.77
C ILE E 160 -17.64 7.40 -3.86
N SER E 161 -17.53 6.71 -2.71
CA SER E 161 -16.92 5.39 -2.69
C SER E 161 -17.67 4.42 -3.58
N ILE E 162 -19.01 4.38 -3.45
CA ILE E 162 -19.77 3.40 -4.21
C ILE E 162 -19.74 3.74 -5.70
N LEU E 163 -19.78 5.03 -6.05
CA LEU E 163 -19.65 5.42 -7.44
C LEU E 163 -18.31 5.01 -8.03
N GLY E 164 -17.22 5.26 -7.30
CA GLY E 164 -15.92 4.84 -7.80
C GLY E 164 -15.84 3.34 -8.01
N LYS E 165 -16.33 2.57 -7.03
CA LYS E 165 -16.24 1.12 -7.15
C LYS E 165 -17.11 0.60 -8.29
N CYS E 166 -18.31 1.15 -8.45
CA CYS E 166 -19.21 0.66 -9.50
C CYS E 166 -18.69 1.04 -10.88
N PHE E 167 -18.20 2.28 -11.04
CA PHE E 167 -17.62 2.66 -12.32
C PHE E 167 -16.38 1.81 -12.63
N ASP E 168 -15.60 1.46 -11.61
CA ASP E 168 -14.39 0.69 -11.84
C ASP E 168 -14.69 -0.77 -12.20
N SER E 169 -15.91 -1.23 -11.99
CA SER E 169 -16.22 -2.64 -12.21
C SER E 169 -16.20 -2.96 -13.70
N PRO E 170 -15.37 -3.90 -14.15
CA PRO E 170 -15.42 -4.30 -15.57
C PRO E 170 -16.56 -5.25 -15.88
N TRP E 171 -17.13 -5.90 -14.86
CA TRP E 171 -18.29 -6.75 -15.10
C TRP E 171 -19.47 -5.93 -15.60
N THR E 172 -19.53 -4.65 -15.26
CA THR E 172 -20.54 -3.78 -15.84
C THR E 172 -20.41 -3.74 -17.36
N THR E 173 -19.18 -3.54 -17.85
CA THR E 173 -18.93 -3.57 -19.29
C THR E 173 -19.25 -4.94 -19.88
N ARG E 174 -18.86 -6.00 -19.17
CA ARG E 174 -19.13 -7.35 -19.67
C ARG E 174 -20.62 -7.60 -19.83
N ALA E 175 -21.42 -7.18 -18.85
CA ALA E 175 -22.86 -7.33 -18.95
C ALA E 175 -23.43 -6.45 -20.06
N LEU E 176 -22.94 -5.21 -20.18
CA LEU E 176 -23.42 -4.32 -21.23
C LEU E 176 -22.92 -4.72 -22.61
N SER E 177 -21.95 -5.62 -22.71
CA SER E 177 -21.43 -6.06 -23.99
C SER E 177 -22.30 -7.18 -24.58
N GLU E 237 -16.91 -11.42 -10.86
CA GLU E 237 -16.50 -12.37 -9.83
C GLU E 237 -16.91 -11.89 -8.44
N GLN E 238 -16.10 -11.02 -7.86
CA GLN E 238 -16.36 -10.49 -6.54
C GLN E 238 -17.28 -9.26 -6.55
N ALA E 239 -17.71 -8.81 -7.73
CA ALA E 239 -18.69 -7.73 -7.79
C ALA E 239 -20.04 -8.15 -7.21
N LYS E 240 -20.29 -9.46 -7.11
CA LYS E 240 -21.44 -9.91 -6.33
C LYS E 240 -21.33 -9.44 -4.90
N ALA E 241 -20.11 -9.29 -4.38
CA ALA E 241 -19.91 -8.67 -3.08
C ALA E 241 -20.09 -7.16 -3.16
N LEU E 242 -20.15 -6.60 -4.37
CA LEU E 242 -20.43 -5.18 -4.51
C LEU E 242 -21.93 -4.91 -4.59
N PHE E 243 -22.71 -5.92 -5.01
CA PHE E 243 -24.15 -5.73 -5.11
C PHE E 243 -24.79 -5.44 -3.77
N GLU E 244 -24.36 -6.11 -2.70
CA GLU E 244 -24.97 -5.85 -1.41
C GLU E 244 -24.59 -4.46 -0.90
N LYS E 245 -23.38 -4.00 -1.19
CA LYS E 245 -23.03 -2.63 -0.86
C LYS E 245 -23.91 -1.66 -1.64
N VAL E 246 -24.16 -1.95 -2.91
CA VAL E 246 -25.02 -1.08 -3.72
C VAL E 246 -26.41 -1.01 -3.11
N LYS E 247 -26.97 -2.17 -2.73
CA LYS E 247 -28.34 -2.18 -2.24
C LYS E 247 -28.43 -1.56 -0.85
N LYS E 248 -27.42 -1.73 -0.01
CA LYS E 248 -27.47 -1.08 1.30
C LYS E 248 -27.36 0.43 1.15
N PHE E 249 -26.51 0.89 0.21
CA PHE E 249 -26.47 2.32 -0.08
C PHE E 249 -27.82 2.81 -0.57
N ARG E 250 -28.46 2.09 -1.48
CA ARG E 250 -29.73 2.59 -2.01
C ARG E 250 -30.78 2.64 -0.91
N LEU E 251 -30.86 1.61 -0.07
CA LEU E 251 -31.87 1.61 0.98
C LEU E 251 -31.60 2.72 1.99
N HIS E 252 -30.33 2.97 2.31
CA HIS E 252 -30.02 4.01 3.29
C HIS E 252 -30.32 5.40 2.75
N VAL E 253 -29.85 5.69 1.53
CA VAL E 253 -29.92 7.06 1.03
C VAL E 253 -31.30 7.40 0.46
N GLU E 254 -32.19 6.42 0.33
CA GLU E 254 -33.56 6.75 -0.07
C GLU E 254 -34.35 7.43 1.04
N GLU E 255 -33.67 7.86 2.11
CA GLU E 255 -34.32 8.50 3.25
C GLU E 255 -33.79 9.91 3.52
N GLY E 256 -33.44 10.65 2.47
CA GLY E 256 -32.79 11.93 2.66
C GLY E 256 -33.57 13.16 2.20
N ASP E 257 -33.18 13.69 1.05
CA ASP E 257 -33.68 14.91 0.41
C ASP E 257 -33.12 16.17 1.07
N ILE E 258 -32.37 16.05 2.17
CA ILE E 258 -31.78 17.24 2.77
C ILE E 258 -30.72 17.87 1.87
N LEU E 259 -30.06 17.07 1.03
CA LEU E 259 -29.01 17.59 0.17
C LEU E 259 -29.56 18.63 -0.80
N TYR E 260 -30.70 18.34 -1.41
CA TYR E 260 -31.30 19.26 -2.37
C TYR E 260 -31.65 20.58 -1.69
N ALA E 261 -32.34 20.52 -0.56
CA ALA E 261 -32.74 21.74 0.13
C ALA E 261 -31.52 22.54 0.59
N MET E 262 -30.50 21.84 1.09
CA MET E 262 -29.31 22.54 1.55
C MET E 262 -28.60 23.26 0.41
N TYR E 263 -28.46 22.58 -0.73
CA TYR E 263 -27.83 23.22 -1.88
C TYR E 263 -28.66 24.39 -2.38
N VAL E 264 -29.98 24.24 -2.38
CA VAL E 264 -30.84 25.34 -2.80
C VAL E 264 -30.68 26.54 -1.88
N ARG E 265 -30.60 26.29 -0.57
CA ARG E 265 -30.40 27.37 0.38
C ARG E 265 -29.05 28.05 0.15
N GLN E 266 -28.01 27.27 -0.13
CA GLN E 266 -26.71 27.87 -0.43
C GLN E 266 -26.80 28.78 -1.65
N THR E 267 -27.45 28.31 -2.71
CA THR E 267 -27.60 29.15 -3.90
C THR E 267 -28.39 30.40 -3.60
N VAL E 268 -29.45 30.27 -2.79
CA VAL E 268 -30.29 31.42 -2.46
C VAL E 268 -29.48 32.47 -1.71
N LEU E 269 -28.70 32.04 -0.72
CA LEU E 269 -27.91 33.00 0.04
C LEU E 269 -26.84 33.64 -0.83
N LYS E 270 -26.23 32.87 -1.73
CA LYS E 270 -25.28 33.47 -2.67
C LYS E 270 -25.96 34.53 -3.52
N VAL E 271 -27.17 34.25 -3.99
CA VAL E 271 -27.89 35.20 -4.82
C VAL E 271 -28.19 36.47 -4.06
N ILE E 272 -28.66 36.35 -2.81
CA ILE E 272 -29.03 37.54 -2.07
C ILE E 272 -27.80 38.36 -1.71
N LYS E 273 -26.69 37.68 -1.41
CA LYS E 273 -25.44 38.41 -1.17
C LYS E 273 -25.01 39.17 -2.42
N PHE E 274 -25.09 38.51 -3.59
CA PHE E 274 -24.84 39.20 -4.84
C PHE E 274 -25.72 40.44 -4.98
N LEU E 275 -27.02 40.28 -4.73
CA LEU E 275 -27.96 41.38 -4.95
C LEU E 275 -27.65 42.55 -4.05
N ILE E 276 -27.38 42.30 -2.77
CA ILE E 276 -27.10 43.40 -1.85
C ILE E 276 -25.76 44.05 -2.19
N ILE E 277 -24.78 43.24 -2.59
CA ILE E 277 -23.49 43.78 -2.98
C ILE E 277 -23.68 44.79 -4.11
N ILE E 278 -24.39 44.40 -5.16
CA ILE E 278 -24.64 45.33 -6.26
C ILE E 278 -25.40 46.53 -5.75
N ALA E 279 -26.42 46.28 -4.91
CA ALA E 279 -27.32 47.35 -4.47
C ALA E 279 -26.55 48.49 -3.80
N TYR E 280 -25.68 48.18 -2.84
CA TYR E 280 -25.05 49.32 -2.19
C TYR E 280 -23.76 49.75 -2.87
N ASN E 281 -23.03 48.83 -3.52
CA ASN E 281 -21.82 49.26 -4.20
C ASN E 281 -22.12 50.18 -5.36
N SER E 282 -23.24 49.97 -6.05
CA SER E 282 -23.62 50.88 -7.13
C SER E 282 -23.76 52.30 -6.62
N ALA E 283 -24.37 52.46 -5.44
CA ALA E 283 -24.54 53.80 -4.89
C ALA E 283 -23.23 54.37 -4.36
N LEU E 284 -22.43 53.55 -3.68
CA LEU E 284 -21.29 54.06 -2.94
C LEU E 284 -19.99 54.08 -3.73
N VAL E 285 -19.97 53.58 -4.96
CA VAL E 285 -18.73 53.64 -5.74
C VAL E 285 -18.37 55.08 -6.05
N SER E 286 -19.35 55.89 -6.45
CA SER E 286 -19.08 57.28 -6.76
C SER E 286 -18.81 58.12 -5.53
N LYS E 287 -19.04 57.57 -4.33
CA LYS E 287 -18.88 58.35 -3.12
C LYS E 287 -17.42 58.77 -2.92
N VAL E 288 -16.47 57.97 -3.41
CA VAL E 288 -15.07 58.35 -3.32
C VAL E 288 -14.81 59.54 -4.23
N GLN E 289 -13.86 60.38 -3.84
CA GLN E 289 -13.46 61.53 -4.64
C GLN E 289 -11.97 61.76 -4.44
N PHE E 290 -11.29 62.11 -5.53
CA PHE E 290 -9.86 62.35 -5.48
C PHE E 290 -9.55 63.48 -4.50
N THR E 291 -10.04 64.68 -4.80
CA THR E 291 -9.89 65.79 -3.88
C THR E 291 -11.00 65.74 -2.82
N VAL E 292 -10.78 66.47 -1.74
CA VAL E 292 -11.77 66.56 -0.67
C VAL E 292 -11.47 67.82 0.13
N ASP E 293 -12.52 68.41 0.70
CA ASP E 293 -12.40 69.59 1.55
C ASP E 293 -12.92 69.24 2.93
N CYS E 294 -12.23 69.73 3.96
CA CYS E 294 -12.67 69.51 5.34
C CYS E 294 -12.47 70.77 6.14
N ASN E 295 -13.52 71.19 6.84
CA ASN E 295 -13.44 72.30 7.78
C ASN E 295 -13.63 71.72 9.17
N VAL E 296 -12.53 71.67 9.93
CA VAL E 296 -12.52 71.08 11.25
C VAL E 296 -11.93 72.09 12.22
N ASP E 297 -12.51 72.16 13.42
CA ASP E 297 -12.10 73.16 14.41
C ASP E 297 -10.75 72.81 15.02
N ILE E 298 -9.73 72.80 14.15
CA ILE E 298 -8.36 72.63 14.60
C ILE E 298 -7.67 73.97 14.74
N GLN E 299 -8.38 75.07 14.49
CA GLN E 299 -7.84 76.36 14.87
C GLN E 299 -7.69 76.41 16.38
N ASP E 300 -6.68 77.14 16.84
CA ASP E 300 -6.16 77.15 18.20
C ASP E 300 -5.39 75.87 18.50
N MET E 301 -5.41 74.90 17.60
CA MET E 301 -4.50 73.77 17.63
C MET E 301 -3.37 73.91 16.64
N THR E 302 -3.68 74.25 15.39
CA THR E 302 -2.66 74.62 14.41
C THR E 302 -3.01 75.93 13.72
N GLY E 303 -3.90 76.72 14.31
CA GLY E 303 -4.27 78.01 13.73
C GLY E 303 -4.89 77.91 12.36
N TYR E 304 -5.67 76.86 12.12
CA TYR E 304 -6.32 76.68 10.82
C TYR E 304 -7.63 75.94 11.01
N LYS E 305 -8.57 76.22 10.11
CA LYS E 305 -9.89 75.61 10.16
C LYS E 305 -10.24 74.88 8.87
N ASN E 306 -9.80 75.38 7.73
CA ASN E 306 -10.24 74.88 6.44
C ASN E 306 -9.06 74.24 5.72
N PHE E 307 -9.30 73.06 5.15
CA PHE E 307 -8.22 72.26 4.60
C PHE E 307 -8.66 71.58 3.32
N SER E 308 -7.71 71.44 2.41
CA SER E 308 -7.89 70.66 1.19
C SER E 308 -6.98 69.44 1.25
N CYS E 309 -7.51 68.30 0.84
CA CYS E 309 -6.78 67.05 1.02
C CYS E 309 -7.06 66.12 -0.14
N ASN E 310 -6.21 65.11 -0.25
CA ASN E 310 -6.39 64.06 -1.24
C ASN E 310 -5.48 62.89 -0.91
N HIS E 311 -5.95 61.67 -1.20
CA HIS E 311 -5.17 60.47 -0.94
C HIS E 311 -4.87 59.76 -2.24
N THR E 312 -3.67 59.18 -2.29
CA THR E 312 -3.12 58.71 -3.55
C THR E 312 -4.00 57.64 -4.19
N MET E 313 -4.48 56.70 -3.37
CA MET E 313 -5.18 55.54 -3.92
C MET E 313 -6.54 55.89 -4.49
N ALA E 314 -7.03 57.11 -4.26
CA ALA E 314 -8.41 57.47 -4.56
C ALA E 314 -8.85 57.02 -5.95
N HIS E 315 -8.26 57.62 -6.98
CA HIS E 315 -8.63 57.24 -8.34
C HIS E 315 -8.42 55.75 -8.55
N LEU E 316 -7.31 55.23 -8.05
CA LEU E 316 -7.05 53.80 -8.14
C LEU E 316 -8.23 53.00 -7.62
N PHE E 317 -8.68 53.31 -6.39
CA PHE E 317 -9.81 52.58 -5.84
C PHE E 317 -11.00 52.63 -6.79
N SER E 318 -11.31 53.82 -7.30
CA SER E 318 -12.38 53.94 -8.29
C SER E 318 -12.20 52.86 -9.35
N LYS E 319 -11.10 52.93 -10.08
CA LYS E 319 -10.82 51.91 -11.09
C LYS E 319 -10.90 50.54 -10.46
N LEU E 320 -10.18 50.34 -9.36
CA LEU E 320 -10.19 49.05 -8.69
C LEU E 320 -11.61 48.60 -8.42
N SER E 321 -12.39 49.49 -7.78
CA SER E 321 -13.75 49.11 -7.43
C SER E 321 -14.51 48.66 -8.66
N PHE E 322 -14.41 49.44 -9.74
CA PHE E 322 -15.12 49.09 -10.96
C PHE E 322 -14.78 47.67 -11.37
N CYS E 323 -13.48 47.37 -11.46
CA CYS E 323 -13.08 46.04 -11.88
C CYS E 323 -13.65 44.99 -10.94
N TYR E 324 -13.54 45.23 -9.64
CA TYR E 324 -14.08 44.29 -8.68
C TYR E 324 -15.57 44.08 -8.93
N LEU E 325 -16.30 45.18 -9.09
CA LEU E 325 -17.73 45.05 -9.33
C LEU E 325 -18.00 44.20 -10.55
N CYS E 326 -17.18 44.36 -11.60
CA CYS E 326 -17.36 43.55 -12.80
C CYS E 326 -17.42 42.07 -12.44
N PHE E 327 -16.42 41.60 -11.68
CA PHE E 327 -16.43 40.20 -11.28
C PHE E 327 -17.73 39.87 -10.57
N VAL E 328 -18.09 40.70 -9.60
CA VAL E 328 -19.33 40.45 -8.85
C VAL E 328 -20.47 40.18 -9.80
N SER E 329 -20.62 41.01 -10.83
CA SER E 329 -21.76 40.89 -11.72
C SER E 329 -21.87 39.48 -12.27
N ILE E 330 -20.78 38.97 -12.85
CA ILE E 330 -20.88 37.69 -13.56
C ILE E 330 -21.22 36.60 -12.55
N TYR E 331 -20.72 36.74 -11.33
CA TYR E 331 -21.03 35.79 -10.28
C TYR E 331 -22.53 35.60 -10.16
N GLY E 332 -23.25 36.72 -10.04
CA GLY E 332 -24.70 36.64 -9.96
C GLY E 332 -25.28 35.92 -11.15
N LEU E 333 -24.81 36.25 -12.34
CA LEU E 333 -25.28 35.56 -13.54
C LEU E 333 -25.12 34.06 -13.39
N THR E 334 -23.93 33.63 -12.98
CA THR E 334 -23.70 32.21 -12.77
C THR E 334 -24.74 31.65 -11.82
N CYS E 335 -24.93 32.34 -10.70
CA CYS E 335 -25.95 31.91 -9.74
C CYS E 335 -27.29 31.75 -10.43
N LEU E 336 -27.71 32.79 -11.16
CA LEU E 336 -29.00 32.74 -11.85
C LEU E 336 -29.10 31.47 -12.68
N TYR E 337 -28.04 31.19 -13.45
CA TYR E 337 -28.01 29.97 -14.26
C TYR E 337 -28.40 28.78 -13.41
N THR E 338 -27.62 28.51 -12.36
CA THR E 338 -27.92 27.40 -11.47
C THR E 338 -29.34 27.51 -10.94
N LEU E 339 -29.73 28.69 -10.47
CA LEU E 339 -31.09 28.86 -9.99
C LEU E 339 -32.10 28.51 -11.06
N TYR E 340 -31.91 29.03 -12.27
CA TYR E 340 -32.79 28.60 -13.36
C TYR E 340 -32.67 27.10 -13.56
N TRP E 341 -31.44 26.61 -13.62
CA TRP E 341 -31.22 25.17 -13.74
C TRP E 341 -31.77 24.41 -12.55
N LEU E 342 -31.97 25.08 -11.42
CA LEU E 342 -32.57 24.43 -10.27
C LEU E 342 -34.09 24.53 -10.25
N PHE E 343 -34.67 25.51 -10.94
CA PHE E 343 -36.12 25.67 -10.92
C PHE E 343 -36.70 25.57 -12.33
N TYR E 344 -36.15 24.68 -13.15
CA TYR E 344 -36.72 24.45 -14.47
C TYR E 344 -36.78 22.97 -14.85
N ARG E 345 -36.19 22.08 -14.06
CA ARG E 345 -36.19 20.66 -14.38
C ARG E 345 -36.88 19.79 -13.34
N SER E 346 -37.22 20.33 -12.17
CA SER E 346 -37.84 19.57 -11.10
C SER E 346 -37.02 18.33 -10.76
N LEU E 347 -35.79 18.58 -10.31
CA LEU E 347 -34.81 17.54 -10.07
C LEU E 347 -35.14 16.64 -8.88
N ARG E 348 -36.33 16.79 -8.29
CA ARG E 348 -36.71 15.94 -7.17
C ARG E 348 -36.96 14.50 -7.59
N GLU E 349 -37.07 14.23 -8.89
CA GLU E 349 -37.34 12.87 -9.37
C GLU E 349 -36.60 12.66 -10.68
N TYR E 350 -35.82 11.59 -10.74
CA TYR E 350 -35.11 11.22 -11.96
C TYR E 350 -35.57 9.85 -12.44
N SER E 351 -35.70 9.71 -13.75
CA SER E 351 -35.93 8.42 -14.39
C SER E 351 -34.92 8.28 -15.52
N PHE E 352 -34.28 7.11 -15.61
CA PHE E 352 -33.30 6.90 -16.65
C PHE E 352 -33.93 7.04 -18.02
N GLU E 353 -34.85 6.13 -18.34
CA GLU E 353 -35.65 6.15 -19.57
C GLU E 353 -34.79 6.07 -20.82
N TYR E 354 -33.47 5.99 -20.68
CA TYR E 354 -32.56 5.70 -21.78
C TYR E 354 -31.82 4.39 -21.55
N VAL E 355 -31.17 4.24 -20.41
CA VAL E 355 -30.54 2.96 -20.07
C VAL E 355 -31.59 1.86 -20.09
N ARG E 356 -32.77 2.14 -19.53
CA ARG E 356 -33.89 1.22 -19.63
C ARG E 356 -34.23 0.92 -21.08
N GLN E 357 -34.11 1.93 -21.95
CA GLN E 357 -34.38 1.73 -23.37
C GLN E 357 -33.18 1.16 -24.11
N GLU E 358 -31.99 1.73 -23.86
CA GLU E 358 -30.81 1.30 -24.59
C GLU E 358 -30.41 -0.13 -24.24
N THR E 359 -30.12 -0.38 -22.97
CA THR E 359 -29.74 -1.72 -22.54
C THR E 359 -30.91 -2.69 -22.56
N GLY E 360 -32.14 -2.20 -22.75
CA GLY E 360 -33.30 -3.06 -22.86
C GLY E 360 -33.65 -3.82 -21.60
N ILE E 361 -33.51 -3.19 -20.44
CA ILE E 361 -33.88 -3.79 -19.17
C ILE E 361 -34.90 -2.88 -18.49
N ASP E 362 -36.05 -3.46 -18.13
CA ASP E 362 -37.14 -2.69 -17.56
C ASP E 362 -36.97 -2.46 -16.06
N ASP E 363 -35.95 -3.03 -15.44
CA ASP E 363 -35.69 -2.75 -14.04
C ASP E 363 -35.00 -1.39 -13.91
N ILE E 364 -34.54 -1.09 -12.69
CA ILE E 364 -33.97 0.21 -12.36
C ILE E 364 -35.01 1.27 -12.70
N PRO E 365 -36.18 1.26 -12.05
CA PRO E 365 -37.28 2.11 -12.52
C PRO E 365 -37.06 3.60 -12.31
N ASP E 366 -36.80 4.02 -11.07
CA ASP E 366 -36.71 5.42 -10.67
C ASP E 366 -35.72 5.52 -9.51
N VAL E 367 -35.69 6.69 -8.87
CA VAL E 367 -34.81 6.96 -7.74
C VAL E 367 -35.57 7.80 -6.72
N LYS E 368 -34.97 7.94 -5.54
CA LYS E 368 -35.52 8.82 -4.53
C LYS E 368 -35.16 10.26 -4.89
N ASN E 369 -35.66 11.22 -4.11
CA ASN E 369 -35.44 12.62 -4.43
C ASN E 369 -33.97 13.01 -4.35
N ASP E 370 -33.33 12.69 -3.23
CA ASP E 370 -31.91 12.99 -3.11
C ASP E 370 -31.09 12.12 -4.06
N PHE E 371 -31.55 10.89 -4.29
CA PHE E 371 -30.92 10.09 -5.34
C PHE E 371 -31.02 10.78 -6.68
N ALA E 372 -32.19 11.33 -7.00
CA ALA E 372 -32.35 12.07 -8.24
C ALA E 372 -31.36 13.22 -8.30
N PHE E 373 -31.23 13.97 -7.21
CA PHE E 373 -30.37 15.15 -7.22
C PHE E 373 -28.90 14.75 -7.37
N MET E 374 -28.47 13.71 -6.65
CA MET E 374 -27.11 13.20 -6.81
C MET E 374 -26.86 12.78 -8.26
N LEU E 375 -27.80 12.05 -8.85
CA LEU E 375 -27.60 11.56 -10.21
C LEU E 375 -27.56 12.71 -11.20
N HIS E 376 -28.40 13.73 -10.98
CA HIS E 376 -28.36 14.92 -11.83
C HIS E 376 -27.01 15.60 -11.76
N MET E 377 -26.48 15.76 -10.55
CA MET E 377 -25.17 16.39 -10.40
C MET E 377 -24.10 15.55 -11.12
N ILE E 378 -24.18 14.23 -10.99
CA ILE E 378 -23.21 13.38 -11.66
C ILE E 378 -23.28 13.55 -13.16
N ASP E 379 -24.50 13.58 -13.72
CA ASP E 379 -24.65 13.78 -15.16
C ASP E 379 -24.08 15.12 -15.59
N GLN E 380 -24.35 16.18 -14.82
CA GLN E 380 -23.80 17.48 -15.16
C GLN E 380 -22.28 17.45 -15.14
N TYR E 381 -21.70 16.70 -14.21
CA TYR E 381 -20.25 16.48 -14.27
C TYR E 381 -19.90 15.52 -15.39
N ASP E 382 -20.45 14.30 -15.34
CA ASP E 382 -20.16 13.29 -16.36
C ASP E 382 -21.29 12.26 -16.42
N PRO E 383 -22.05 12.23 -17.53
CA PRO E 383 -23.17 11.27 -17.62
C PRO E 383 -22.74 9.81 -17.55
N LEU E 384 -21.58 9.45 -18.09
CA LEU E 384 -21.23 8.03 -18.17
C LEU E 384 -20.87 7.42 -16.83
N TYR E 385 -20.48 8.23 -15.84
CA TYR E 385 -20.30 7.70 -14.50
C TYR E 385 -21.60 7.16 -13.93
N SER E 386 -22.67 7.97 -14.02
CA SER E 386 -23.98 7.47 -13.62
C SER E 386 -24.45 6.35 -14.53
N LYS E 387 -24.05 6.40 -15.80
CA LYS E 387 -24.37 5.31 -16.72
C LYS E 387 -23.84 3.99 -16.19
N ARG E 388 -22.57 3.95 -15.79
CA ARG E 388 -21.97 2.71 -15.29
C ARG E 388 -22.47 2.37 -13.89
N PHE E 389 -22.84 3.39 -13.11
CA PHE E 389 -23.47 3.11 -11.82
C PHE E 389 -24.83 2.46 -11.98
N ALA E 390 -25.56 2.85 -13.02
CA ALA E 390 -26.94 2.38 -13.20
C ALA E 390 -27.04 0.86 -13.14
N LEU E 391 -26.07 0.16 -13.72
CA LEU E 391 -26.21 -1.32 -13.84
C LEU E 391 -26.25 -2.03 -12.48
N PHE E 392 -25.43 -1.63 -11.51
CA PHE E 392 -25.41 -2.42 -10.25
C PHE E 392 -26.78 -2.33 -9.59
N LEU E 393 -27.63 -1.45 -10.12
CA LEU E 393 -28.97 -1.30 -9.55
C LEU E 393 -29.95 -2.29 -10.17
N SER E 394 -29.55 -2.95 -11.25
CA SER E 394 -30.42 -3.95 -11.87
C SER E 394 -30.42 -5.23 -11.06
N GLU E 395 -31.61 -5.74 -10.76
CA GLU E 395 -31.70 -7.03 -10.10
C GLU E 395 -31.43 -8.16 -11.08
N VAL E 396 -31.77 -7.97 -12.35
CA VAL E 396 -31.46 -8.97 -13.38
C VAL E 396 -29.96 -9.15 -13.50
N SER E 397 -29.22 -8.04 -13.52
CA SER E 397 -27.76 -8.12 -13.57
C SER E 397 -27.21 -8.81 -12.33
N GLU E 398 -27.80 -8.53 -11.17
CA GLU E 398 -27.39 -9.20 -9.94
C GLU E 398 -27.60 -10.70 -10.05
N ASN E 399 -28.75 -11.12 -10.58
CA ASN E 399 -29.00 -12.55 -10.77
C ASN E 399 -28.00 -13.16 -11.73
N LYS E 400 -27.69 -12.45 -12.83
CA LYS E 400 -26.75 -12.99 -13.80
C LYS E 400 -25.37 -13.14 -13.20
N LEU E 401 -24.91 -12.17 -12.39
CA LEU E 401 -23.58 -12.30 -11.80
C LEU E 401 -23.57 -13.38 -10.72
N LYS E 402 -24.66 -13.52 -9.97
CA LYS E 402 -24.75 -14.62 -9.02
C LYS E 402 -24.65 -15.96 -9.73
N GLN E 403 -25.37 -16.11 -10.85
CA GLN E 403 -25.28 -17.33 -11.64
C GLN E 403 -23.87 -17.55 -12.17
N LEU E 404 -23.22 -16.48 -12.64
CA LEU E 404 -21.88 -16.62 -13.20
C LEU E 404 -20.88 -17.06 -12.14
N ASN E 405 -20.93 -16.45 -10.95
CA ASN E 405 -20.00 -16.86 -9.91
C ASN E 405 -20.34 -18.24 -9.37
N LEU E 406 -21.63 -18.60 -9.36
CA LEU E 406 -22.02 -19.95 -8.98
C LEU E 406 -21.46 -20.99 -9.95
N ASN E 407 -21.52 -20.69 -11.25
CA ASN E 407 -20.93 -21.58 -12.24
C ASN E 407 -19.41 -21.56 -12.18
N ASN E 408 -18.82 -20.45 -11.74
CA ASN E 408 -17.39 -20.45 -11.45
C ASN E 408 -17.08 -21.42 -10.31
N GLU E 409 -17.94 -21.46 -9.31
CA GLU E 409 -17.78 -22.43 -8.22
C GLU E 409 -18.18 -23.84 -8.63
N TRP E 410 -19.16 -23.97 -9.53
CA TRP E 410 -19.71 -25.28 -9.87
C TRP E 410 -19.10 -25.78 -11.18
N THR E 411 -18.52 -26.96 -11.14
CA THR E 411 -17.89 -27.57 -12.30
C THR E 411 -18.42 -28.97 -12.52
N PRO E 412 -18.39 -29.47 -13.75
CA PRO E 412 -18.92 -30.82 -14.00
C PRO E 412 -18.23 -31.91 -13.21
N ASP E 413 -16.93 -31.76 -12.94
CA ASP E 413 -16.23 -32.77 -12.15
C ASP E 413 -16.77 -32.83 -10.72
N LYS E 414 -17.03 -31.66 -10.12
CA LYS E 414 -17.64 -31.63 -8.79
C LYS E 414 -19.00 -32.31 -8.80
N LEU E 415 -19.78 -32.05 -9.85
CA LEU E 415 -21.10 -32.66 -9.98
C LEU E 415 -20.98 -34.19 -10.08
N ARG E 416 -20.02 -34.66 -10.87
CA ARG E 416 -19.87 -36.11 -11.05
C ARG E 416 -19.31 -36.77 -9.80
N GLN E 417 -18.58 -36.01 -8.96
CA GLN E 417 -18.20 -36.52 -7.66
C GLN E 417 -19.44 -36.85 -6.83
N LYS E 418 -20.42 -35.95 -6.85
CA LYS E 418 -21.67 -36.15 -6.13
C LYS E 418 -22.60 -37.13 -6.82
N LEU E 419 -22.47 -37.31 -8.14
CA LEU E 419 -23.32 -38.24 -8.86
C LEU E 419 -23.20 -39.64 -8.27
N GLN E 420 -24.34 -40.30 -8.10
CA GLN E 420 -24.37 -41.61 -7.46
C GLN E 420 -25.57 -42.38 -7.99
N THR E 421 -25.93 -43.47 -7.31
CA THR E 421 -27.12 -44.22 -7.65
C THR E 421 -28.21 -43.94 -6.62
N ASN E 422 -29.45 -43.84 -7.09
CA ASN E 422 -30.56 -43.48 -6.23
C ASN E 422 -31.20 -44.73 -5.64
N ALA E 423 -32.38 -44.56 -5.04
CA ALA E 423 -33.14 -45.71 -4.57
C ALA E 423 -33.53 -46.62 -5.73
N HIS E 424 -33.98 -46.04 -6.83
CA HIS E 424 -34.34 -46.84 -8.00
C HIS E 424 -33.18 -47.01 -8.96
N ASN E 425 -32.00 -47.33 -8.42
CA ASN E 425 -30.78 -47.62 -9.18
C ASN E 425 -30.60 -46.74 -10.40
N ARG E 426 -30.51 -45.42 -10.20
CA ARG E 426 -30.38 -44.49 -11.32
C ARG E 426 -29.24 -43.52 -11.04
N LEU E 427 -28.57 -43.10 -12.11
CA LEU E 427 -27.52 -42.09 -11.99
C LEU E 427 -28.18 -40.76 -11.63
N GLU E 428 -27.93 -40.29 -10.42
CA GLU E 428 -28.65 -39.18 -9.83
C GLU E 428 -27.69 -38.19 -9.20
N LEU E 429 -28.04 -36.91 -9.28
CA LEU E 429 -27.24 -35.83 -8.71
C LEU E 429 -27.92 -35.28 -7.47
N PRO E 430 -27.31 -35.45 -6.29
CA PRO E 430 -27.90 -34.87 -5.08
C PRO E 430 -27.65 -33.37 -5.02
N LEU E 431 -28.73 -32.59 -4.94
CA LEU E 431 -28.65 -31.15 -4.79
C LEU E 431 -29.27 -30.77 -3.46
N ILE E 432 -28.44 -30.27 -2.54
CA ILE E 432 -28.82 -30.14 -1.15
C ILE E 432 -29.02 -28.69 -0.74
N MET E 433 -28.14 -27.77 -1.16
CA MET E 433 -28.23 -26.37 -0.76
C MET E 433 -27.83 -25.52 -1.97
N LEU E 434 -28.82 -25.00 -2.67
CA LEU E 434 -28.56 -24.13 -3.80
C LEU E 434 -29.66 -23.09 -3.92
N SER E 435 -29.31 -21.97 -4.55
CA SER E 435 -30.26 -20.92 -4.86
C SER E 435 -30.49 -20.78 -6.36
N GLY E 436 -29.77 -21.53 -7.18
CA GLY E 436 -29.93 -21.44 -8.61
C GLY E 436 -29.58 -22.76 -9.26
N LEU E 437 -29.56 -22.74 -10.58
CA LEU E 437 -29.31 -23.95 -11.36
C LEU E 437 -27.96 -23.83 -12.06
N PRO E 438 -26.93 -24.55 -11.59
CA PRO E 438 -25.63 -24.47 -12.26
C PRO E 438 -25.74 -24.91 -13.71
N ASP E 439 -25.05 -24.17 -14.59
CA ASP E 439 -25.05 -24.50 -16.01
C ASP E 439 -24.20 -25.72 -16.31
N THR E 440 -23.19 -26.01 -15.48
CA THR E 440 -22.41 -27.23 -15.65
C THR E 440 -23.29 -28.47 -15.49
N VAL E 441 -24.36 -28.35 -14.70
CA VAL E 441 -25.34 -29.42 -14.62
C VAL E 441 -25.90 -29.72 -16.01
N PHE E 442 -26.18 -28.69 -16.78
CA PHE E 442 -26.69 -28.87 -18.13
C PHE E 442 -25.63 -29.36 -19.10
N GLU E 443 -24.36 -29.44 -18.66
CA GLU E 443 -23.30 -30.05 -19.45
C GLU E 443 -23.09 -31.51 -19.08
N ILE E 444 -23.95 -32.07 -18.23
CA ILE E 444 -23.84 -33.45 -17.78
C ILE E 444 -25.18 -34.11 -18.09
N THR E 445 -25.20 -35.01 -19.08
CA THR E 445 -26.44 -35.63 -19.51
C THR E 445 -26.53 -37.11 -19.16
N GLU E 446 -25.44 -37.72 -18.67
CA GLU E 446 -25.46 -39.16 -18.44
C GLU E 446 -26.25 -39.55 -17.21
N LEU E 447 -26.55 -38.61 -16.31
CA LEU E 447 -27.31 -38.93 -15.11
C LEU E 447 -28.74 -39.28 -15.49
N GLN E 448 -29.29 -40.31 -14.86
CA GLN E 448 -30.63 -40.78 -15.17
C GLN E 448 -31.69 -40.21 -14.24
N SER E 449 -31.30 -39.78 -13.04
CA SER E 449 -32.22 -39.20 -12.08
C SER E 449 -31.66 -37.87 -11.59
N LEU E 450 -32.52 -37.10 -10.93
CA LEU E 450 -32.11 -35.81 -10.40
C LEU E 450 -32.93 -35.48 -9.16
N LYS E 451 -32.23 -35.06 -8.10
CA LYS E 451 -32.88 -34.67 -6.86
C LYS E 451 -32.39 -33.29 -6.44
N LEU E 452 -33.32 -32.45 -5.98
CA LEU E 452 -33.01 -31.09 -5.55
C LEU E 452 -33.67 -30.86 -4.19
N GLU E 453 -32.89 -30.39 -3.23
CA GLU E 453 -33.37 -30.19 -1.87
C GLU E 453 -33.15 -28.76 -1.44
N ILE E 454 -34.19 -28.15 -0.87
CA ILE E 454 -34.13 -26.82 -0.28
C ILE E 454 -33.54 -25.84 -1.30
N ILE E 455 -34.20 -25.72 -2.45
CA ILE E 455 -33.74 -24.80 -3.48
C ILE E 455 -34.93 -24.00 -3.99
N LYS E 456 -35.07 -22.77 -3.51
CA LYS E 456 -36.21 -21.92 -3.82
C LYS E 456 -35.89 -20.97 -4.95
N ASN E 457 -36.95 -20.48 -5.60
CA ASN E 457 -36.89 -19.39 -6.56
C ASN E 457 -35.96 -19.72 -7.72
N VAL E 458 -36.22 -20.86 -8.34
CA VAL E 458 -35.43 -21.34 -9.46
C VAL E 458 -36.37 -21.76 -10.59
N MET E 459 -35.95 -21.51 -11.82
CA MET E 459 -36.72 -21.87 -12.99
C MET E 459 -35.84 -22.67 -13.93
N ILE E 460 -36.32 -23.84 -14.34
CA ILE E 460 -35.54 -24.76 -15.16
C ILE E 460 -35.59 -24.28 -16.61
N PRO E 461 -34.45 -24.05 -17.26
CA PRO E 461 -34.46 -23.60 -18.65
C PRO E 461 -34.69 -24.77 -19.60
N ALA E 462 -34.76 -24.43 -20.89
CA ALA E 462 -34.82 -25.44 -21.95
C ALA E 462 -33.50 -26.19 -22.12
N THR E 463 -32.50 -25.89 -21.28
CA THR E 463 -31.22 -26.59 -21.37
C THR E 463 -31.35 -28.07 -21.04
N ILE E 464 -32.44 -28.48 -20.39
CA ILE E 464 -32.66 -29.92 -20.18
C ILE E 464 -32.86 -30.63 -21.50
N ALA E 465 -33.22 -29.89 -22.55
CA ALA E 465 -33.26 -30.48 -23.88
C ALA E 465 -31.91 -31.08 -24.26
N GLN E 466 -30.82 -30.53 -23.72
CA GLN E 466 -29.51 -31.16 -23.88
C GLN E 466 -29.45 -32.48 -23.12
N LEU E 467 -30.22 -32.60 -22.04
CA LEU E 467 -30.15 -33.74 -21.14
C LEU E 467 -31.35 -34.65 -21.42
N ASP E 468 -31.19 -35.51 -22.43
CA ASP E 468 -32.30 -36.38 -22.80
C ASP E 468 -32.40 -37.61 -21.90
N ASN E 469 -31.28 -38.06 -21.34
CA ASN E 469 -31.23 -39.32 -20.60
C ASN E 469 -31.73 -39.14 -19.17
N LEU E 470 -32.97 -38.68 -19.05
CA LEU E 470 -33.58 -38.49 -17.74
C LEU E 470 -34.96 -39.14 -17.69
N GLN E 471 -35.19 -39.94 -16.67
CA GLN E 471 -36.50 -40.51 -16.39
C GLN E 471 -36.97 -40.31 -14.96
N GLU E 472 -36.12 -39.86 -14.05
CA GLU E 472 -36.49 -39.69 -12.66
C GLU E 472 -36.09 -38.30 -12.18
N LEU E 473 -36.95 -37.68 -11.37
CA LEU E 473 -36.66 -36.33 -10.84
C LEU E 473 -37.19 -36.23 -9.40
N SER E 474 -36.65 -35.32 -8.60
CA SER E 474 -37.11 -35.17 -7.20
C SER E 474 -37.03 -33.70 -6.76
N LEU E 475 -37.94 -33.28 -5.87
CA LEU E 475 -37.94 -31.89 -5.36
C LEU E 475 -38.20 -31.91 -3.85
N HIS E 476 -37.15 -31.76 -3.05
CA HIS E 476 -37.26 -31.76 -1.60
C HIS E 476 -37.33 -30.32 -1.13
N GLN E 477 -38.54 -29.82 -0.90
CA GLN E 477 -38.76 -28.46 -0.44
C GLN E 477 -38.09 -27.45 -1.37
N CYS E 478 -38.61 -27.41 -2.60
CA CYS E 478 -38.03 -26.56 -3.63
C CYS E 478 -39.18 -25.95 -4.44
N SER E 479 -39.33 -24.63 -4.35
CA SER E 479 -40.28 -23.91 -5.19
C SER E 479 -39.63 -23.70 -6.55
N VAL E 480 -40.13 -24.42 -7.56
CA VAL E 480 -39.47 -24.49 -8.86
C VAL E 480 -40.49 -24.19 -9.95
N LYS E 481 -40.07 -23.37 -10.92
CA LYS E 481 -40.84 -23.09 -12.11
C LYS E 481 -40.10 -23.63 -13.32
N ILE E 482 -40.75 -23.54 -14.48
CA ILE E 482 -40.28 -24.22 -15.68
C ILE E 482 -40.09 -23.23 -16.82
N HIS E 483 -39.41 -23.71 -17.86
CA HIS E 483 -39.47 -23.13 -19.18
C HIS E 483 -40.43 -23.94 -20.03
N SER E 484 -41.07 -23.28 -20.99
CA SER E 484 -42.08 -23.94 -21.80
C SER E 484 -41.49 -25.11 -22.59
N ALA E 485 -40.34 -24.87 -23.25
CA ALA E 485 -39.65 -25.97 -23.90
C ALA E 485 -39.19 -27.02 -22.90
N ALA E 486 -38.75 -26.57 -21.72
CA ALA E 486 -38.43 -27.49 -20.64
C ALA E 486 -39.66 -28.29 -20.24
N LEU E 487 -40.82 -27.63 -20.18
CA LEU E 487 -42.05 -28.34 -19.82
C LEU E 487 -42.38 -29.41 -20.86
N SER E 488 -42.27 -29.08 -22.14
CA SER E 488 -42.54 -30.09 -23.17
C SER E 488 -41.54 -31.24 -23.07
N PHE E 489 -40.27 -30.93 -22.83
CA PHE E 489 -39.25 -31.96 -22.68
C PHE E 489 -39.58 -32.88 -21.50
N LEU E 490 -40.05 -32.30 -20.40
CA LEU E 490 -40.44 -33.12 -19.25
C LEU E 490 -41.66 -33.98 -19.57
N LYS E 491 -42.66 -33.40 -20.23
CA LYS E 491 -43.87 -34.16 -20.56
C LYS E 491 -43.54 -35.32 -21.49
N GLU E 492 -42.54 -35.15 -22.36
CA GLU E 492 -42.18 -36.21 -23.28
C GLU E 492 -41.11 -37.15 -22.75
N ASN E 493 -40.42 -36.79 -21.68
CA ASN E 493 -39.23 -37.51 -21.26
C ASN E 493 -39.31 -38.11 -19.87
N LEU E 494 -39.89 -37.41 -18.90
CA LEU E 494 -39.84 -37.87 -17.52
C LEU E 494 -40.71 -39.09 -17.31
N LYS E 495 -40.21 -40.02 -16.51
CA LYS E 495 -40.94 -41.21 -16.13
C LYS E 495 -41.19 -41.32 -14.63
N VAL E 496 -40.29 -40.82 -13.81
CA VAL E 496 -40.38 -40.91 -12.36
C VAL E 496 -40.20 -39.53 -11.76
N LEU E 497 -40.93 -39.25 -10.68
CA LEU E 497 -40.76 -37.99 -9.97
C LEU E 497 -41.15 -38.14 -8.51
N SER E 498 -40.33 -37.58 -7.63
CA SER E 498 -40.61 -37.53 -6.20
C SER E 498 -40.73 -36.08 -5.77
N VAL E 499 -41.80 -35.77 -5.03
CA VAL E 499 -42.09 -34.42 -4.60
C VAL E 499 -42.15 -34.39 -3.08
N LYS E 500 -41.33 -33.54 -2.47
CA LYS E 500 -41.40 -33.27 -1.04
C LYS E 500 -41.81 -31.82 -0.85
N PHE E 501 -42.90 -31.61 -0.13
CA PHE E 501 -43.46 -30.28 0.07
C PHE E 501 -43.94 -30.16 1.50
N ASP E 502 -44.08 -28.92 1.96
CA ASP E 502 -44.52 -28.63 3.31
C ASP E 502 -45.89 -27.98 3.36
N ASP E 503 -46.10 -26.88 2.64
CA ASP E 503 -47.35 -26.14 2.69
C ASP E 503 -47.93 -25.92 1.30
N MET E 504 -47.53 -26.75 0.33
CA MET E 504 -48.01 -26.75 -1.05
C MET E 504 -47.46 -25.55 -1.82
N ARG E 505 -46.84 -24.59 -1.15
CA ARG E 505 -46.24 -23.45 -1.83
C ARG E 505 -45.15 -23.90 -2.80
N GLU E 506 -44.47 -25.01 -2.49
CA GLU E 506 -43.44 -25.55 -3.34
C GLU E 506 -43.99 -26.46 -4.43
N LEU E 507 -45.30 -26.68 -4.45
CA LEU E 507 -45.99 -27.58 -5.37
C LEU E 507 -46.45 -26.82 -6.62
N PRO E 508 -45.68 -26.88 -7.71
CA PRO E 508 -46.07 -26.18 -8.93
C PRO E 508 -47.08 -27.00 -9.71
N PRO E 509 -48.29 -26.48 -9.91
CA PRO E 509 -49.37 -27.29 -10.47
C PRO E 509 -49.16 -27.75 -11.91
N TRP E 510 -48.21 -27.18 -12.64
CA TRP E 510 -48.04 -27.58 -14.02
C TRP E 510 -47.67 -29.05 -14.15
N MET E 511 -47.19 -29.67 -13.06
CA MET E 511 -46.92 -31.11 -13.10
C MET E 511 -48.16 -31.91 -13.45
N TYR E 512 -49.35 -31.41 -13.05
CA TYR E 512 -50.57 -32.14 -13.36
C TYR E 512 -50.79 -32.27 -14.86
N GLY E 513 -50.11 -31.46 -15.68
CA GLY E 513 -50.20 -31.59 -17.12
C GLY E 513 -49.26 -32.59 -17.75
N LEU E 514 -48.31 -33.13 -16.98
CA LEU E 514 -47.39 -34.12 -17.53
C LEU E 514 -48.14 -35.37 -17.91
N ARG E 515 -47.62 -36.09 -18.90
CA ARG E 515 -48.34 -37.22 -19.50
C ARG E 515 -47.61 -38.54 -19.42
N ASN E 516 -46.31 -38.56 -19.71
CA ASN E 516 -45.57 -39.80 -19.93
C ASN E 516 -44.88 -40.32 -18.68
N LEU E 517 -45.10 -39.67 -17.53
CA LEU E 517 -44.51 -40.14 -16.29
C LEU E 517 -45.13 -41.46 -15.86
N GLU E 518 -44.31 -42.31 -15.23
CA GLU E 518 -44.73 -43.62 -14.78
C GLU E 518 -44.90 -43.71 -13.27
N GLU E 519 -44.00 -43.09 -12.51
CA GLU E 519 -43.98 -43.21 -11.07
C GLU E 519 -43.93 -41.83 -10.44
N LEU E 520 -44.81 -41.59 -9.47
CA LEU E 520 -44.87 -40.29 -8.80
C LEU E 520 -44.94 -40.50 -7.29
N TYR E 521 -44.25 -39.63 -6.55
CA TYR E 521 -44.19 -39.72 -5.09
C TYR E 521 -44.58 -38.38 -4.49
N LEU E 522 -45.39 -38.42 -3.44
CA LEU E 522 -45.86 -37.22 -2.75
C LEU E 522 -45.42 -37.26 -1.30
N VAL E 523 -44.95 -36.13 -0.78
CA VAL E 523 -44.48 -36.02 0.59
C VAL E 523 -45.05 -34.73 1.16
N GLY E 524 -46.10 -34.83 1.96
CA GLY E 524 -46.70 -33.68 2.59
C GLY E 524 -48.20 -33.84 2.73
N SER E 525 -48.78 -33.09 3.66
CA SER E 525 -50.20 -33.16 3.91
C SER E 525 -51.00 -32.60 2.74
N LEU E 526 -52.21 -33.13 2.57
CA LEU E 526 -53.09 -32.70 1.48
C LEU E 526 -54.47 -32.29 1.97
N SER E 527 -54.99 -32.93 3.02
CA SER E 527 -56.34 -32.62 3.47
C SER E 527 -56.45 -31.19 3.98
N HIS E 528 -55.46 -30.74 4.74
CA HIS E 528 -55.43 -29.39 5.31
C HIS E 528 -56.70 -28.78 5.89
N ARG E 532 -61.87 -30.83 4.89
CA ARG E 532 -60.56 -31.51 4.92
C ARG E 532 -60.38 -32.30 3.62
N ASN E 533 -60.63 -31.65 2.49
CA ASN E 533 -60.52 -32.35 1.17
C ASN E 533 -59.05 -32.43 0.76
N VAL E 534 -58.57 -33.62 0.40
CA VAL E 534 -57.20 -33.70 -0.10
C VAL E 534 -57.00 -32.66 -1.19
N THR E 535 -55.98 -31.83 -1.04
CA THR E 535 -55.73 -30.78 -2.00
C THR E 535 -55.14 -31.35 -3.28
N LEU E 536 -56.01 -31.84 -4.17
CA LEU E 536 -55.59 -32.51 -5.39
C LEU E 536 -56.28 -31.87 -6.59
N GLU E 537 -55.52 -31.67 -7.66
CA GLU E 537 -56.08 -31.22 -8.93
C GLU E 537 -56.34 -32.43 -9.82
N SER E 538 -56.99 -32.17 -10.96
CA SER E 538 -57.44 -33.25 -11.84
C SER E 538 -56.26 -34.04 -12.38
N LEU E 539 -56.23 -35.34 -12.07
CA LEU E 539 -55.18 -36.24 -12.54
C LEU E 539 -55.59 -36.93 -13.84
N ARG E 540 -55.99 -36.13 -14.83
CA ARG E 540 -56.40 -36.66 -16.13
C ARG E 540 -55.31 -36.52 -17.19
N ASP E 541 -54.45 -35.51 -17.07
CA ASP E 541 -53.44 -35.25 -18.08
C ASP E 541 -52.30 -36.25 -18.03
N LEU E 542 -52.17 -37.02 -16.95
CA LEU E 542 -51.10 -37.99 -16.79
C LEU E 542 -51.52 -39.28 -17.47
N LYS E 543 -51.07 -39.45 -18.71
CA LYS E 543 -51.55 -40.52 -19.57
C LYS E 543 -50.76 -41.81 -19.42
N SER E 544 -49.74 -41.86 -18.56
CA SER E 544 -48.88 -43.03 -18.49
C SER E 544 -48.52 -43.45 -17.08
N LEU E 545 -49.18 -42.94 -16.05
CA LEU E 545 -48.86 -43.32 -14.68
C LEU E 545 -49.24 -44.76 -14.42
N LYS E 546 -48.37 -45.48 -13.72
CA LYS E 546 -48.63 -46.88 -13.43
C LYS E 546 -48.41 -47.16 -11.94
N ILE E 547 -47.58 -46.36 -11.29
CA ILE E 547 -47.27 -46.50 -9.87
C ILE E 547 -47.37 -45.13 -9.21
N LEU E 548 -48.05 -45.07 -8.08
CA LEU E 548 -48.22 -43.83 -7.33
C LEU E 548 -47.98 -44.07 -5.86
N SER E 549 -47.34 -43.10 -5.21
CA SER E 549 -47.03 -43.16 -3.78
C SER E 549 -47.43 -41.85 -3.11
N ILE E 550 -48.04 -41.94 -1.94
CA ILE E 550 -48.54 -40.78 -1.21
C ILE E 550 -48.13 -40.89 0.24
N LYS E 551 -47.55 -39.81 0.77
CA LYS E 551 -47.22 -39.68 2.19
C LYS E 551 -47.90 -38.42 2.72
N SER E 552 -49.04 -38.58 3.36
CA SER E 552 -49.86 -37.44 3.77
C SER E 552 -50.59 -37.80 5.05
N ASN E 553 -51.61 -37.03 5.38
CA ASN E 553 -52.47 -37.24 6.55
C ASN E 553 -53.94 -37.20 6.14
N VAL E 554 -54.25 -37.83 5.03
CA VAL E 554 -55.54 -37.68 4.38
C VAL E 554 -56.46 -38.82 4.82
N SER E 555 -57.76 -38.52 4.90
CA SER E 555 -58.77 -39.48 5.33
C SER E 555 -59.63 -40.00 4.19
N LYS E 556 -59.65 -39.33 3.05
CA LYS E 556 -60.52 -39.71 1.94
C LYS E 556 -59.71 -39.80 0.66
N ILE E 557 -60.11 -40.71 -0.22
CA ILE E 557 -59.46 -40.81 -1.53
C ILE E 557 -60.03 -39.72 -2.43
N PRO E 558 -59.20 -38.81 -2.92
CA PRO E 558 -59.70 -37.75 -3.81
C PRO E 558 -60.16 -38.30 -5.14
N GLN E 559 -61.06 -37.55 -5.79
CA GLN E 559 -61.69 -38.02 -7.01
C GLN E 559 -60.68 -38.19 -8.14
N ALA E 560 -59.77 -37.23 -8.30
CA ALA E 560 -58.97 -37.13 -9.52
C ALA E 560 -58.11 -38.36 -9.78
N VAL E 561 -57.81 -39.16 -8.75
CA VAL E 561 -57.00 -40.35 -8.95
C VAL E 561 -57.72 -41.35 -9.86
N VAL E 562 -59.05 -41.37 -9.80
CA VAL E 562 -59.81 -42.23 -10.70
C VAL E 562 -59.56 -41.84 -12.14
N ASP E 563 -59.24 -40.57 -12.39
CA ASP E 563 -58.89 -40.12 -13.73
C ASP E 563 -57.67 -40.84 -14.27
N VAL E 564 -56.73 -41.23 -13.40
CA VAL E 564 -55.56 -41.99 -13.83
C VAL E 564 -55.72 -43.47 -13.50
N SER E 565 -56.72 -43.85 -12.71
CA SER E 565 -56.96 -45.26 -12.42
C SER E 565 -57.30 -46.06 -13.68
N SER E 566 -57.70 -45.38 -14.76
CA SER E 566 -57.96 -46.06 -16.02
C SER E 566 -56.70 -46.70 -16.60
N HIS E 567 -55.52 -46.27 -16.16
CA HIS E 567 -54.27 -46.91 -16.55
C HIS E 567 -53.29 -47.08 -15.41
N LEU E 568 -53.61 -46.61 -14.21
CA LEU E 568 -52.73 -46.81 -13.07
C LEU E 568 -52.74 -48.27 -12.64
N GLN E 569 -51.55 -48.83 -12.40
CA GLN E 569 -51.40 -50.23 -12.05
C GLN E 569 -51.10 -50.46 -10.58
N LYS E 570 -50.34 -49.56 -9.93
CA LYS E 570 -50.00 -49.70 -8.53
C LYS E 570 -50.37 -48.42 -7.80
N MET E 571 -51.07 -48.56 -6.68
CA MET E 571 -51.48 -47.43 -5.84
C MET E 571 -51.00 -47.68 -4.43
N CYS E 572 -50.32 -46.68 -3.87
CA CYS E 572 -49.74 -46.86 -2.52
C CYS E 572 -50.04 -45.61 -1.68
N ILE E 573 -50.89 -45.75 -0.66
CA ILE E 573 -51.19 -44.60 0.22
C ILE E 573 -50.68 -44.94 1.62
N HIS E 574 -49.91 -44.03 2.22
CA HIS E 574 -49.32 -44.29 3.56
C HIS E 574 -49.53 -43.04 4.41
N ASN E 575 -50.74 -42.88 4.94
CA ASN E 575 -51.02 -41.76 5.81
C ASN E 575 -50.29 -41.92 7.15
N ASP E 576 -50.21 -40.83 7.89
CA ASP E 576 -49.53 -40.78 9.18
C ASP E 576 -50.45 -41.16 10.33
N GLY E 577 -51.54 -41.88 10.07
CA GLY E 577 -52.49 -42.26 11.09
C GLY E 577 -53.91 -41.76 10.85
N THR E 578 -54.14 -40.94 9.83
CA THR E 578 -55.49 -40.51 9.53
C THR E 578 -56.30 -41.67 8.98
N LYS E 579 -57.50 -41.88 9.53
CA LYS E 579 -58.31 -43.02 9.15
C LYS E 579 -58.90 -42.82 7.76
N LEU E 580 -58.76 -43.83 6.91
CA LEU E 580 -59.32 -43.81 5.56
C LEU E 580 -60.82 -44.02 5.67
N VAL E 581 -61.53 -42.93 5.93
CA VAL E 581 -62.95 -43.02 6.26
C VAL E 581 -63.79 -43.38 5.03
N MET E 582 -63.54 -42.73 3.89
CA MET E 582 -64.35 -42.91 2.70
C MET E 582 -63.48 -43.52 1.62
N LEU E 583 -63.99 -44.57 0.96
CA LEU E 583 -63.25 -45.31 -0.04
C LEU E 583 -64.04 -45.47 -1.34
N ASN E 584 -65.00 -44.57 -1.60
CA ASN E 584 -65.90 -44.75 -2.74
C ASN E 584 -65.15 -44.66 -4.06
N ASN E 585 -64.22 -43.70 -4.18
CA ASN E 585 -63.44 -43.59 -5.41
C ASN E 585 -62.52 -44.79 -5.61
N LEU E 586 -61.99 -45.33 -4.51
CA LEU E 586 -61.03 -46.42 -4.59
C LEU E 586 -61.61 -47.61 -5.35
N LYS E 587 -62.89 -47.91 -5.13
CA LYS E 587 -63.52 -49.06 -5.78
C LYS E 587 -63.52 -48.93 -7.30
N LYS E 588 -63.36 -47.71 -7.83
CA LYS E 588 -63.43 -47.51 -9.27
C LYS E 588 -62.09 -47.77 -9.97
N MET E 589 -61.06 -48.12 -9.22
CA MET E 589 -59.73 -48.35 -9.79
C MET E 589 -59.71 -49.71 -10.48
N THR E 590 -60.20 -49.73 -11.71
CA THR E 590 -60.29 -50.98 -12.47
C THR E 590 -58.91 -51.54 -12.75
N ASN E 591 -57.96 -50.69 -13.11
CA ASN E 591 -56.62 -51.15 -13.49
C ASN E 591 -55.70 -51.35 -12.30
N LEU E 592 -56.16 -51.10 -11.08
CA LEU E 592 -55.32 -51.29 -9.91
C LEU E 592 -55.03 -52.77 -9.70
N THR E 593 -53.75 -53.08 -9.49
CA THR E 593 -53.30 -54.44 -9.25
C THR E 593 -52.76 -54.65 -7.85
N GLU E 594 -52.02 -53.68 -7.31
CA GLU E 594 -51.40 -53.79 -6.00
C GLU E 594 -51.81 -52.59 -5.16
N LEU E 595 -52.37 -52.85 -3.99
CA LEU E 595 -52.86 -51.81 -3.10
C LEU E 595 -52.16 -51.92 -1.76
N GLU E 596 -51.69 -50.77 -1.25
CA GLU E 596 -51.08 -50.70 0.07
C GLU E 596 -51.81 -49.66 0.89
N LEU E 597 -52.19 -50.03 2.11
CA LEU E 597 -52.84 -49.12 3.06
C LEU E 597 -52.03 -49.21 4.35
N VAL E 598 -50.99 -48.40 4.46
CA VAL E 598 -50.06 -48.46 5.56
C VAL E 598 -50.43 -47.43 6.60
N HIS E 599 -50.56 -47.87 7.86
CA HIS E 599 -50.78 -46.97 8.99
C HIS E 599 -52.03 -46.11 8.80
N CYS E 600 -53.06 -46.71 8.22
CA CYS E 600 -54.30 -46.00 7.92
C CYS E 600 -55.32 -46.07 9.05
N ASP E 601 -54.97 -46.70 10.17
CA ASP E 601 -55.86 -46.76 11.34
C ASP E 601 -57.22 -47.33 10.99
N LEU E 602 -57.22 -48.36 10.14
CA LEU E 602 -58.49 -48.92 9.68
C LEU E 602 -59.19 -49.68 10.81
N GLU E 603 -58.46 -50.54 11.51
CA GLU E 603 -58.94 -51.38 12.61
C GLU E 603 -59.95 -52.43 12.15
N ARG E 604 -60.31 -52.43 10.87
CA ARG E 604 -61.24 -53.42 10.31
C ARG E 604 -61.08 -53.39 8.80
N ILE E 605 -61.55 -54.46 8.17
CA ILE E 605 -61.40 -54.60 6.72
C ILE E 605 -62.38 -53.67 6.03
N PRO E 606 -61.90 -52.72 5.22
CA PRO E 606 -62.83 -51.90 4.43
C PRO E 606 -63.35 -52.67 3.23
N HIS E 607 -64.63 -52.45 2.91
CA HIS E 607 -65.27 -53.19 1.84
C HIS E 607 -64.69 -52.88 0.47
N ALA E 608 -64.05 -51.72 0.31
CA ALA E 608 -63.59 -51.30 -1.02
C ALA E 608 -62.57 -52.27 -1.60
N VAL E 609 -61.83 -52.97 -0.75
CA VAL E 609 -60.81 -53.89 -1.24
C VAL E 609 -61.45 -55.02 -2.04
N PHE E 610 -62.58 -55.54 -1.55
CA PHE E 610 -63.29 -56.57 -2.30
C PHE E 610 -63.80 -56.05 -3.64
N SER E 611 -63.88 -54.73 -3.80
CA SER E 611 -64.32 -54.12 -5.05
C SER E 611 -63.19 -53.97 -6.06
N LEU E 612 -61.98 -54.40 -5.72
CA LEU E 612 -60.82 -54.34 -6.61
C LEU E 612 -60.49 -55.78 -7.02
N LEU E 613 -61.06 -56.20 -8.16
CA LEU E 613 -60.92 -57.58 -8.59
C LEU E 613 -59.47 -57.94 -8.91
N SER E 614 -58.76 -57.03 -9.54
CA SER E 614 -57.38 -57.29 -9.99
C SER E 614 -56.37 -57.26 -8.85
N LEU E 615 -56.79 -57.25 -7.59
CA LEU E 615 -55.85 -57.18 -6.49
C LEU E 615 -54.95 -58.41 -6.47
N GLN E 616 -53.66 -58.18 -6.29
CA GLN E 616 -52.68 -59.25 -6.18
C GLN E 616 -51.83 -59.15 -4.94
N GLU E 617 -51.46 -57.93 -4.52
CA GLU E 617 -50.61 -57.72 -3.36
C GLU E 617 -51.28 -56.70 -2.44
N LEU E 618 -51.37 -57.04 -1.16
CA LEU E 618 -52.08 -56.22 -0.19
C LEU E 618 -51.20 -55.99 1.04
N ASP E 619 -51.34 -54.81 1.63
CA ASP E 619 -50.64 -54.47 2.87
C ASP E 619 -51.61 -53.78 3.82
N LEU E 620 -51.52 -54.15 5.10
CA LEU E 620 -52.33 -53.56 6.17
C LEU E 620 -51.45 -53.23 7.36
N LYS E 621 -50.32 -52.58 7.10
CA LYS E 621 -49.36 -52.28 8.16
C LYS E 621 -49.91 -51.22 9.10
N GLU E 622 -49.80 -51.48 10.40
CA GLU E 622 -50.10 -50.49 11.45
C GLU E 622 -51.53 -49.98 11.38
N ASN E 623 -52.46 -50.84 10.94
CA ASN E 623 -53.87 -50.54 11.04
C ASN E 623 -54.53 -51.23 12.23
N ASN E 624 -53.79 -52.11 12.91
CA ASN E 624 -54.20 -52.70 14.19
C ASN E 624 -55.55 -53.43 14.08
N LEU E 625 -55.81 -54.04 12.94
CA LEU E 625 -57.00 -54.87 12.79
C LEU E 625 -56.94 -56.03 13.78
N LYS E 626 -58.12 -56.43 14.26
CA LYS E 626 -58.23 -57.62 15.10
C LYS E 626 -59.20 -58.64 14.54
N SER E 627 -60.30 -58.19 13.94
CA SER E 627 -61.27 -59.08 13.31
C SER E 627 -61.09 -59.02 11.80
N ILE E 628 -60.78 -60.16 11.20
CA ILE E 628 -60.53 -60.24 9.77
C ILE E 628 -61.45 -61.31 9.17
N GLU E 629 -62.63 -61.47 9.76
CA GLU E 629 -63.55 -62.52 9.33
C GLU E 629 -64.05 -62.34 7.91
N GLU E 630 -63.69 -61.24 7.24
CA GLU E 630 -64.11 -60.98 5.86
C GLU E 630 -63.29 -61.75 4.84
N ILE E 631 -62.56 -62.78 5.26
CA ILE E 631 -61.76 -63.56 4.31
C ILE E 631 -62.66 -64.15 3.22
N VAL E 632 -63.86 -64.56 3.60
CA VAL E 632 -64.81 -65.08 2.62
C VAL E 632 -65.09 -64.04 1.54
N SER E 633 -65.25 -62.78 1.94
CA SER E 633 -65.37 -61.71 0.95
C SER E 633 -64.10 -61.62 0.12
N PHE E 634 -62.94 -61.72 0.77
CA PHE E 634 -61.69 -61.81 0.05
C PHE E 634 -61.62 -63.03 -0.85
N GLN E 635 -62.41 -64.06 -0.57
CA GLN E 635 -62.48 -65.22 -1.47
C GLN E 635 -62.97 -64.83 -2.85
N HIS E 636 -63.67 -63.69 -2.97
CA HIS E 636 -64.01 -63.18 -4.30
C HIS E 636 -62.75 -62.88 -5.11
N LEU E 637 -61.67 -62.47 -4.44
CA LEU E 637 -60.41 -62.18 -5.10
C LEU E 637 -59.57 -63.46 -5.11
N ARG E 638 -59.54 -64.14 -6.24
CA ARG E 638 -58.79 -65.39 -6.37
C ARG E 638 -57.32 -65.16 -6.70
N LYS E 639 -56.90 -63.90 -6.90
CA LYS E 639 -55.53 -63.59 -7.26
C LYS E 639 -54.74 -63.01 -6.11
N LEU E 640 -55.09 -63.33 -4.86
CA LEU E 640 -54.44 -62.77 -3.69
C LEU E 640 -53.06 -63.42 -3.54
N THR E 641 -52.10 -62.88 -4.28
CA THR E 641 -50.74 -63.42 -4.24
C THR E 641 -50.10 -63.15 -2.89
N VAL E 642 -50.14 -61.91 -2.42
CA VAL E 642 -49.43 -61.48 -1.22
C VAL E 642 -50.41 -60.77 -0.29
N LEU E 643 -50.27 -61.00 1.01
CA LEU E 643 -51.08 -60.33 2.02
C LEU E 643 -50.21 -59.99 3.22
N LYS E 644 -50.14 -58.71 3.54
CA LYS E 644 -49.40 -58.23 4.71
C LYS E 644 -50.37 -57.90 5.83
N LEU E 645 -49.98 -58.24 7.06
CA LEU E 645 -50.75 -57.90 8.26
C LEU E 645 -49.82 -57.36 9.34
N TRP E 646 -49.00 -56.38 8.95
CA TRP E 646 -47.98 -55.85 9.89
C TRP E 646 -48.58 -55.09 11.07
N HIS E 647 -48.12 -55.40 12.28
CA HIS E 647 -48.53 -54.59 13.47
C HIS E 647 -50.06 -54.52 13.58
N ASN E 648 -50.75 -55.63 13.36
CA ASN E 648 -52.22 -55.61 13.55
C ASN E 648 -52.56 -56.28 14.89
N SER E 649 -53.83 -56.22 15.31
CA SER E 649 -54.24 -56.73 16.61
C SER E 649 -54.89 -58.11 16.53
N ILE E 650 -54.84 -58.73 15.34
CA ILE E 650 -55.52 -60.04 15.12
C ILE E 650 -54.97 -61.10 16.07
N THR E 651 -55.72 -61.45 17.11
CA THR E 651 -55.33 -62.56 18.01
C THR E 651 -55.30 -63.91 17.31
N TYR E 652 -56.26 -64.21 16.41
CA TYR E 652 -56.32 -65.58 15.83
C TYR E 652 -56.79 -65.53 14.37
N ILE E 653 -56.74 -66.67 13.68
CA ILE E 653 -57.01 -66.67 12.24
C ILE E 653 -58.26 -67.54 12.00
N PRO E 654 -59.32 -66.98 11.43
CA PRO E 654 -60.46 -67.82 11.01
C PRO E 654 -60.04 -68.76 9.89
N GLU E 655 -60.75 -69.88 9.79
CA GLU E 655 -60.38 -70.94 8.87
C GLU E 655 -60.53 -70.54 7.41
N HIS E 656 -61.27 -69.46 7.13
CA HIS E 656 -61.60 -69.10 5.75
C HIS E 656 -60.36 -68.87 4.89
N ILE E 657 -59.23 -68.50 5.50
CA ILE E 657 -58.02 -68.23 4.75
C ILE E 657 -57.51 -69.49 4.05
N LYS E 658 -57.94 -70.67 4.49
CA LYS E 658 -57.57 -71.90 3.79
C LYS E 658 -58.11 -71.93 2.37
N LYS E 659 -59.12 -71.11 2.06
CA LYS E 659 -59.78 -71.19 0.77
C LYS E 659 -59.10 -70.35 -0.30
N LEU E 660 -58.13 -69.53 0.07
CA LEU E 660 -57.38 -68.73 -0.90
C LEU E 660 -56.09 -69.47 -1.23
N THR E 661 -56.10 -70.21 -2.34
CA THR E 661 -54.92 -70.95 -2.75
C THR E 661 -53.79 -70.01 -3.15
N SER E 662 -54.12 -68.92 -3.83
CA SER E 662 -53.13 -68.02 -4.42
C SER E 662 -52.25 -67.33 -3.38
N LEU E 663 -52.52 -67.57 -2.09
CA LEU E 663 -51.73 -66.94 -1.05
C LEU E 663 -50.32 -67.52 -1.07
N GLU E 664 -49.32 -66.63 -1.15
CA GLU E 664 -47.93 -67.05 -1.26
C GLU E 664 -47.01 -66.43 -0.21
N ARG E 665 -47.40 -65.30 0.40
CA ARG E 665 -46.57 -64.65 1.40
C ARG E 665 -47.46 -64.20 2.55
N LEU E 666 -47.05 -64.56 3.78
CA LEU E 666 -47.89 -64.23 4.96
C LEU E 666 -47.03 -63.43 5.95
N SER E 667 -47.51 -62.24 6.32
CA SER E 667 -46.76 -61.38 7.27
C SER E 667 -47.58 -61.21 8.55
N PHE E 668 -46.96 -61.43 9.71
CA PHE E 668 -47.66 -61.24 11.00
C PHE E 668 -46.67 -60.65 11.97
N SER E 669 -45.95 -59.63 11.50
CA SER E 669 -44.97 -58.97 12.35
C SER E 669 -45.69 -58.14 13.41
N HIS E 670 -45.34 -58.39 14.67
CA HIS E 670 -45.88 -57.65 15.81
C HIS E 670 -47.41 -57.68 15.81
N ASN E 671 -47.93 -58.89 15.90
CA ASN E 671 -49.37 -59.12 15.97
C ASN E 671 -49.69 -59.87 17.26
N LYS E 672 -50.99 -60.04 17.50
CA LYS E 672 -51.43 -60.64 18.78
C LYS E 672 -51.70 -62.14 18.62
N ILE E 673 -51.27 -62.80 17.54
CA ILE E 673 -51.58 -64.25 17.49
C ILE E 673 -50.84 -64.97 18.64
N GLU E 674 -51.51 -65.92 19.29
CA GLU E 674 -50.91 -66.66 20.42
C GLU E 674 -50.95 -68.14 20.08
N VAL E 675 -52.05 -68.59 19.47
CA VAL E 675 -52.12 -69.97 19.00
C VAL E 675 -52.46 -69.93 17.51
N LEU E 676 -51.69 -70.68 16.70
CA LEU E 676 -51.91 -70.71 15.27
C LEU E 676 -52.73 -71.94 14.93
N PRO E 677 -53.93 -71.79 14.37
CA PRO E 677 -54.72 -72.96 13.98
C PRO E 677 -54.07 -73.72 12.83
N SER E 678 -54.35 -75.02 12.78
CA SER E 678 -53.69 -75.89 11.82
C SER E 678 -54.21 -75.70 10.41
N HIS E 679 -55.42 -75.16 10.25
CA HIS E 679 -55.99 -75.01 8.92
C HIS E 679 -55.21 -74.02 8.06
N LEU E 680 -54.37 -73.17 8.67
CA LEU E 680 -53.47 -72.33 7.89
C LEU E 680 -52.61 -73.16 6.96
N PHE E 681 -52.31 -74.41 7.35
CA PHE E 681 -51.46 -75.27 6.56
C PHE E 681 -52.27 -76.02 5.53
N LEU E 682 -53.42 -75.47 5.15
CA LEU E 682 -54.23 -76.00 4.05
C LEU E 682 -54.00 -75.22 2.77
N CYS E 683 -52.93 -74.43 2.69
CA CYS E 683 -52.52 -73.73 1.47
C CYS E 683 -51.01 -73.95 1.31
N ASN E 684 -50.63 -74.91 0.46
CA ASN E 684 -49.22 -75.24 0.29
C ASN E 684 -48.53 -74.36 -0.75
N LYS E 685 -49.26 -73.42 -1.37
CA LYS E 685 -48.67 -72.53 -2.37
C LYS E 685 -47.78 -71.47 -1.73
N ILE E 686 -47.79 -71.34 -0.41
CA ILE E 686 -47.07 -70.28 0.28
C ILE E 686 -45.58 -70.55 0.23
N ARG E 687 -44.79 -69.49 0.04
CA ARG E 687 -43.34 -69.57 0.16
C ARG E 687 -42.78 -68.73 1.30
N TYR E 688 -43.40 -67.60 1.58
CA TYR E 688 -42.97 -66.67 2.61
C TYR E 688 -43.91 -66.79 3.80
N LEU E 689 -43.33 -66.94 5.00
CA LEU E 689 -44.14 -67.16 6.18
C LEU E 689 -43.46 -66.50 7.37
N ASP E 690 -43.94 -65.31 7.73
CA ASP E 690 -43.38 -64.56 8.86
C ASP E 690 -44.50 -64.31 9.87
N LEU E 691 -44.39 -64.93 11.03
CA LEU E 691 -45.28 -64.69 12.15
C LEU E 691 -44.50 -64.24 13.37
N SER E 692 -43.41 -63.51 13.15
CA SER E 692 -42.51 -63.11 14.22
C SER E 692 -43.18 -62.06 15.11
N TYR E 693 -42.57 -61.86 16.28
CA TYR E 693 -43.04 -60.87 17.27
C TYR E 693 -44.45 -61.20 17.75
N ASN E 694 -44.84 -62.46 17.66
CA ASN E 694 -46.14 -62.91 18.10
C ASN E 694 -45.98 -63.82 19.30
N ASP E 695 -47.08 -64.42 19.73
CA ASP E 695 -47.15 -65.11 21.01
C ASP E 695 -47.32 -66.61 20.86
N ILE E 696 -46.68 -67.20 19.86
CA ILE E 696 -46.80 -68.63 19.61
C ILE E 696 -45.80 -69.38 20.49
N ARG E 697 -46.27 -70.45 21.11
CA ARG E 697 -45.46 -71.25 22.02
C ARG E 697 -44.89 -72.51 21.38
N PHE E 698 -45.62 -73.13 20.46
CA PHE E 698 -45.15 -74.31 19.75
C PHE E 698 -45.79 -74.35 18.37
N ILE E 699 -45.21 -75.15 17.49
CA ILE E 699 -45.65 -75.26 16.10
C ILE E 699 -46.25 -76.65 15.90
N PRO E 700 -47.49 -76.75 15.41
CA PRO E 700 -48.00 -78.06 15.03
C PRO E 700 -47.22 -78.61 13.86
N PRO E 701 -47.14 -79.94 13.73
CA PRO E 701 -46.36 -80.55 12.64
C PRO E 701 -46.89 -80.26 11.25
N GLU E 702 -48.05 -79.60 11.12
CA GLU E 702 -48.60 -79.32 9.80
C GLU E 702 -47.68 -78.44 8.96
N ILE E 703 -46.72 -77.75 9.58
CA ILE E 703 -45.70 -77.01 8.86
C ILE E 703 -44.93 -77.88 7.88
N GLY E 704 -45.08 -79.21 7.98
CA GLY E 704 -44.42 -80.09 7.03
C GLY E 704 -45.15 -80.28 5.71
N VAL E 705 -46.39 -79.80 5.60
CA VAL E 705 -47.17 -80.01 4.37
C VAL E 705 -47.13 -78.82 3.42
N LEU E 706 -46.60 -77.68 3.85
CA LEU E 706 -46.44 -76.53 2.96
C LEU E 706 -45.02 -76.50 2.42
N GLN E 707 -44.74 -77.47 1.55
CA GLN E 707 -43.38 -77.65 1.06
C GLN E 707 -42.87 -76.47 0.26
N SER E 708 -43.77 -75.68 -0.34
CA SER E 708 -43.33 -74.54 -1.15
C SER E 708 -42.72 -73.42 -0.33
N LEU E 709 -42.83 -73.47 0.99
CA LEU E 709 -42.30 -72.41 1.83
C LEU E 709 -40.81 -72.22 1.59
N GLN E 710 -40.40 -70.97 1.43
CA GLN E 710 -39.01 -70.63 1.17
C GLN E 710 -38.39 -69.75 2.24
N TYR E 711 -39.19 -68.92 2.90
CA TYR E 711 -38.73 -68.03 3.96
C TYR E 711 -39.59 -68.26 5.19
N PHE E 712 -38.95 -68.16 6.37
CA PHE E 712 -39.68 -68.35 7.61
C PHE E 712 -39.06 -67.50 8.71
N SER E 713 -39.92 -66.86 9.50
CA SER E 713 -39.46 -65.94 10.54
C SER E 713 -40.43 -65.96 11.71
N ILE E 714 -39.93 -66.39 12.88
CA ILE E 714 -40.72 -66.41 14.11
C ILE E 714 -39.97 -65.73 15.24
N THR E 715 -39.15 -64.74 14.91
CA THR E 715 -38.39 -64.03 15.93
C THR E 715 -39.31 -63.40 16.97
N CYS E 716 -38.80 -63.28 18.19
CA CYS E 716 -39.54 -62.68 19.30
C CYS E 716 -40.87 -63.39 19.55
N ASN E 717 -40.87 -64.71 19.40
CA ASN E 717 -42.00 -65.56 19.78
C ASN E 717 -41.52 -66.54 20.84
N LYS E 718 -42.35 -67.51 21.17
CA LYS E 718 -42.13 -68.36 22.33
C LYS E 718 -42.01 -69.84 21.97
N VAL E 719 -41.42 -70.14 20.82
CA VAL E 719 -41.23 -71.54 20.45
C VAL E 719 -40.16 -72.17 21.33
N GLU E 720 -40.38 -73.43 21.71
CA GLU E 720 -39.46 -74.14 22.59
C GLU E 720 -39.06 -75.51 22.08
N SER E 721 -39.75 -76.07 21.10
CA SER E 721 -39.39 -77.34 20.50
C SER E 721 -39.88 -77.34 19.06
N LEU E 722 -39.29 -78.23 18.25
CA LEU E 722 -39.47 -78.21 16.81
C LEU E 722 -40.25 -79.43 16.34
N PRO E 723 -41.41 -79.25 15.70
CA PRO E 723 -42.02 -80.38 14.97
C PRO E 723 -41.15 -80.76 13.79
N ASP E 724 -40.51 -81.93 13.88
CA ASP E 724 -39.47 -82.32 12.94
C ASP E 724 -39.96 -82.36 11.50
N GLU E 725 -41.27 -82.27 11.28
CA GLU E 725 -41.79 -82.04 9.93
C GLU E 725 -41.31 -80.71 9.38
N LEU E 726 -40.87 -79.80 10.23
CA LEU E 726 -40.20 -78.59 9.76
C LEU E 726 -38.99 -78.93 8.91
N TYR E 727 -38.35 -80.06 9.19
CA TYR E 727 -37.21 -80.54 8.41
C TYR E 727 -37.64 -81.27 7.15
N PHE E 728 -38.91 -81.19 6.75
CA PHE E 728 -39.39 -81.87 5.56
C PHE E 728 -39.53 -80.92 4.38
N CYS E 729 -39.75 -79.63 4.63
CA CYS E 729 -39.94 -78.64 3.56
C CYS E 729 -38.56 -78.12 3.17
N LYS E 730 -38.00 -78.69 2.11
CA LYS E 730 -36.65 -78.33 1.70
C LYS E 730 -36.58 -76.97 1.03
N LYS E 731 -37.69 -76.49 0.48
CA LYS E 731 -37.67 -75.22 -0.25
C LYS E 731 -37.38 -74.04 0.66
N LEU E 732 -37.42 -74.22 1.97
CA LEU E 732 -37.16 -73.14 2.91
C LEU E 732 -35.68 -72.81 2.87
N LYS E 733 -35.32 -71.84 2.02
CA LYS E 733 -33.93 -71.40 1.90
C LYS E 733 -33.49 -70.54 3.06
N THR E 734 -34.40 -69.79 3.67
CA THR E 734 -34.06 -68.85 4.73
C THR E 734 -34.95 -69.11 5.93
N LEU E 735 -34.33 -69.28 7.09
CA LEU E 735 -35.05 -69.57 8.34
C LEU E 735 -34.64 -68.55 9.39
N LYS E 736 -35.64 -67.96 10.06
CA LYS E 736 -35.41 -66.96 11.10
C LYS E 736 -36.20 -67.36 12.33
N ILE E 737 -35.60 -68.22 13.16
CA ILE E 737 -36.27 -68.61 14.40
C ILE E 737 -36.28 -67.44 15.37
N GLY E 738 -35.14 -66.75 15.51
CA GLY E 738 -35.08 -65.58 16.37
C GLY E 738 -34.79 -65.92 17.81
N LYS E 739 -35.06 -64.95 18.69
CA LYS E 739 -34.80 -65.08 20.12
C LYS E 739 -36.05 -65.67 20.77
N ASN E 740 -36.09 -67.01 20.80
CA ASN E 740 -37.21 -67.71 21.41
C ASN E 740 -36.70 -68.70 22.43
N SER E 741 -37.55 -69.60 22.93
CA SER E 741 -37.19 -70.49 24.03
C SER E 741 -36.78 -71.88 23.55
N LEU E 742 -36.20 -71.98 22.36
CA LEU E 742 -35.69 -73.26 21.88
C LEU E 742 -34.47 -73.67 22.69
N SER E 743 -34.24 -74.99 22.76
CA SER E 743 -33.14 -75.52 23.57
C SER E 743 -32.23 -76.50 22.84
N VAL E 744 -32.70 -77.22 21.84
CA VAL E 744 -31.86 -78.16 21.09
C VAL E 744 -32.14 -78.00 19.60
N LEU E 745 -31.14 -78.33 18.79
CA LEU E 745 -31.24 -78.25 17.34
C LEU E 745 -31.12 -79.65 16.78
N SER E 746 -32.13 -80.08 16.04
CA SER E 746 -32.19 -81.46 15.57
C SER E 746 -31.20 -81.68 14.43
N PRO E 747 -30.61 -82.88 14.35
CA PRO E 747 -29.75 -83.22 13.20
C PRO E 747 -30.50 -83.23 11.88
N LYS E 748 -31.84 -83.37 11.91
CA LYS E 748 -32.62 -83.41 10.67
C LYS E 748 -32.50 -82.12 9.88
N ILE E 749 -31.84 -81.10 10.44
CA ILE E 749 -31.51 -79.91 9.68
C ILE E 749 -30.65 -80.23 8.47
N GLY E 750 -30.00 -81.39 8.46
CA GLY E 750 -29.28 -81.83 7.28
C GLY E 750 -30.15 -82.16 6.09
N ASN E 751 -31.48 -82.19 6.28
CA ASN E 751 -32.37 -82.48 5.16
C ASN E 751 -32.49 -81.30 4.19
N LEU E 752 -32.51 -80.07 4.71
CA LEU E 752 -32.86 -78.89 3.91
C LEU E 752 -31.58 -78.22 3.43
N LEU E 753 -30.89 -78.88 2.49
CA LEU E 753 -29.63 -78.35 1.98
C LEU E 753 -29.81 -76.98 1.33
N PHE E 754 -31.02 -76.68 0.84
CA PHE E 754 -31.27 -75.37 0.28
C PHE E 754 -31.20 -74.26 1.31
N LEU E 755 -31.34 -74.58 2.59
CA LEU E 755 -31.28 -73.58 3.65
C LEU E 755 -29.97 -72.82 3.62
N SER E 756 -30.04 -71.53 3.33
CA SER E 756 -28.85 -70.68 3.26
C SER E 756 -28.72 -69.72 4.44
N TYR E 757 -29.82 -69.45 5.15
CA TYR E 757 -29.81 -68.55 6.29
C TYR E 757 -30.48 -69.21 7.47
N LEU E 758 -29.95 -68.96 8.66
CA LEU E 758 -30.50 -69.55 9.88
C LEU E 758 -30.32 -68.57 11.02
N ASP E 759 -31.44 -68.08 11.58
CA ASP E 759 -31.39 -67.11 12.73
C ASP E 759 -31.92 -67.76 14.00
N VAL E 760 -31.08 -68.51 14.71
CA VAL E 760 -31.51 -69.11 16.02
C VAL E 760 -31.05 -68.32 17.25
N LYS E 761 -30.34 -67.19 17.09
CA LYS E 761 -29.78 -66.48 18.28
C LYS E 761 -30.90 -66.13 19.28
N GLY E 762 -30.64 -66.22 20.59
CA GLY E 762 -31.64 -65.98 21.60
C GLY E 762 -32.33 -67.22 22.13
N ASN E 763 -31.85 -68.41 21.79
CA ASN E 763 -32.43 -69.65 22.27
C ASN E 763 -31.57 -70.23 23.38
N HIS E 764 -31.91 -71.43 23.85
CA HIS E 764 -31.18 -72.09 24.93
C HIS E 764 -30.31 -73.22 24.42
N PHE E 765 -29.69 -73.06 23.25
CA PHE E 765 -28.81 -74.08 22.73
C PHE E 765 -27.53 -74.16 23.54
N GLU E 766 -26.96 -75.36 23.59
CA GLU E 766 -25.68 -75.53 24.31
C GLU E 766 -24.67 -76.03 23.29
N ILE E 767 -25.01 -77.12 22.59
CA ILE E 767 -24.10 -77.69 21.55
C ILE E 767 -24.82 -77.66 20.19
N LEU E 768 -24.14 -77.16 19.15
CA LEU E 768 -24.73 -77.18 17.79
C LEU E 768 -24.26 -78.47 17.11
N PRO E 769 -25.18 -79.33 16.60
CA PRO E 769 -24.78 -80.53 15.87
C PRO E 769 -24.05 -80.17 14.58
N PRO E 770 -23.05 -80.97 14.19
CA PRO E 770 -22.31 -80.68 12.95
C PRO E 770 -23.14 -80.85 11.69
N GLU E 771 -24.39 -81.29 11.78
CA GLU E 771 -25.23 -81.51 10.61
C GLU E 771 -25.53 -80.22 9.86
N LEU E 772 -25.31 -79.06 10.48
CA LEU E 772 -25.43 -77.80 9.76
C LEU E 772 -24.40 -77.69 8.65
N GLY E 773 -23.31 -78.46 8.71
CA GLY E 773 -22.39 -78.55 7.62
C GLY E 773 -22.90 -79.32 6.43
N ASP E 774 -24.03 -80.03 6.60
CA ASP E 774 -24.68 -80.66 5.45
C ASP E 774 -25.16 -79.60 4.47
N CYS E 775 -25.75 -78.52 4.99
CA CYS E 775 -26.37 -77.50 4.16
C CYS E 775 -25.28 -76.54 3.68
N ARG E 776 -24.75 -76.82 2.49
CA ARG E 776 -23.71 -75.95 1.94
C ARG E 776 -24.23 -74.54 1.71
N ALA E 777 -25.53 -74.40 1.42
CA ALA E 777 -26.11 -73.08 1.25
C ALA E 777 -25.98 -72.27 2.53
N LEU E 778 -26.23 -72.89 3.67
CA LEU E 778 -26.02 -72.23 4.96
C LEU E 778 -24.52 -72.15 5.23
N LYS E 779 -24.07 -70.96 5.62
CA LYS E 779 -22.67 -70.77 6.02
C LYS E 779 -22.62 -69.91 7.27
N ARG E 780 -21.41 -69.52 7.69
CA ARG E 780 -21.28 -68.66 8.85
C ARG E 780 -22.02 -67.34 8.65
N ALA E 781 -22.09 -66.90 7.39
CA ALA E 781 -22.90 -65.70 7.10
C ALA E 781 -24.36 -65.99 7.46
N GLY E 782 -24.92 -67.07 6.91
CA GLY E 782 -26.32 -67.44 7.19
C GLY E 782 -26.48 -67.93 8.63
N LEU E 783 -25.41 -68.46 9.22
CA LEU E 783 -25.48 -69.02 10.59
C LEU E 783 -25.55 -67.89 11.62
N VAL E 784 -26.75 -67.61 12.15
CA VAL E 784 -26.89 -66.60 13.19
C VAL E 784 -26.90 -67.35 14.52
N VAL E 785 -25.73 -67.51 15.12
CA VAL E 785 -25.57 -68.23 16.37
C VAL E 785 -24.62 -67.45 17.27
N GLU E 786 -24.71 -67.74 18.57
CA GLU E 786 -23.73 -67.23 19.52
C GLU E 786 -22.37 -67.88 19.26
N ASP E 787 -21.31 -67.14 19.58
CA ASP E 787 -19.96 -67.63 19.32
C ASP E 787 -19.66 -68.89 20.14
N ALA E 788 -20.12 -68.93 21.39
CA ALA E 788 -19.93 -70.11 22.21
C ALA E 788 -20.64 -71.32 21.60
N LEU E 789 -21.86 -71.11 21.10
CA LEU E 789 -22.57 -72.17 20.41
C LEU E 789 -21.83 -72.58 19.13
N PHE E 790 -21.28 -71.60 18.41
CA PHE E 790 -20.54 -71.89 17.19
C PHE E 790 -19.30 -72.72 17.49
N GLU E 791 -18.68 -72.50 18.66
CA GLU E 791 -17.50 -73.26 19.03
C GLU E 791 -17.81 -74.75 19.17
N THR E 792 -19.05 -75.10 19.49
CA THR E 792 -19.43 -76.50 19.63
C THR E 792 -19.34 -77.25 18.32
N LEU E 793 -19.33 -76.55 17.19
CA LEU E 793 -19.11 -77.21 15.91
C LEU E 793 -17.68 -77.72 15.83
N PRO E 794 -17.46 -78.82 15.11
CA PRO E 794 -16.09 -79.32 14.92
C PRO E 794 -15.28 -78.35 14.07
N SER E 795 -13.95 -78.53 14.14
CA SER E 795 -13.05 -77.66 13.39
C SER E 795 -13.31 -77.74 11.89
N ASP E 796 -13.50 -78.95 11.38
CA ASP E 796 -13.76 -79.11 9.94
C ASP E 796 -15.06 -78.43 9.54
N VAL E 797 -16.12 -78.64 10.31
CA VAL E 797 -17.43 -78.07 9.95
C VAL E 797 -17.38 -76.54 9.99
N ARG E 798 -16.80 -76.00 11.06
CA ARG E 798 -16.74 -74.54 11.19
C ARG E 798 -15.83 -73.93 10.12
N GLU E 799 -14.72 -74.59 9.79
CA GLU E 799 -13.85 -74.09 8.74
C GLU E 799 -14.52 -74.14 7.38
N GLN E 800 -15.31 -75.18 7.12
CA GLN E 800 -16.05 -75.27 5.88
C GLN E 800 -17.12 -74.18 5.79
N MET E 801 -17.81 -73.91 6.90
CA MET E 801 -18.82 -72.85 6.90
C MET E 801 -18.19 -71.47 6.70
N LYS E 802 -17.18 -71.13 7.50
CA LYS E 802 -16.66 -69.77 7.49
C LYS E 802 -15.94 -69.45 6.18
N ALA E 803 -15.11 -70.36 5.70
CA ALA E 803 -14.29 -70.10 4.52
C ALA E 803 -14.06 -71.43 3.80
N ASP E 804 -13.04 -71.46 2.95
CA ASP E 804 -12.65 -72.67 2.24
C ASP E 804 -11.77 -73.59 3.07
N ALA E 805 -11.76 -73.42 4.39
CA ALA E 805 -10.94 -74.21 5.30
C ALA E 805 -9.46 -74.18 4.90
N ALA F 17 -11.59 8.96 14.82
CA ALA F 17 -11.06 9.48 16.07
C ALA F 17 -10.75 10.96 15.92
N PHE F 18 -11.00 11.49 14.73
CA PHE F 18 -10.65 12.86 14.41
C PHE F 18 -11.73 13.61 13.65
N ARG F 19 -12.74 12.94 13.10
CA ARG F 19 -13.71 13.63 12.26
C ARG F 19 -15.15 13.37 12.69
N VAL F 20 -15.46 12.14 13.10
CA VAL F 20 -16.84 11.78 13.41
C VAL F 20 -17.30 12.26 14.77
N LEU F 21 -16.44 12.97 15.49
CA LEU F 21 -16.68 13.26 16.91
C LEU F 21 -17.50 14.52 17.12
N LYS F 22 -17.85 15.24 16.06
CA LYS F 22 -18.33 16.60 16.18
C LYS F 22 -19.78 16.71 15.75
N PRO F 23 -20.68 17.18 16.61
CA PRO F 23 -22.01 17.56 16.14
C PRO F 23 -21.94 18.86 15.36
N TRP F 24 -23.05 19.18 14.67
CA TRP F 24 -23.05 20.32 13.76
C TRP F 24 -22.75 21.62 14.50
N TRP F 25 -23.37 21.81 15.67
CA TRP F 25 -23.12 23.04 16.41
C TRP F 25 -21.67 23.12 16.87
N ASP F 26 -21.04 21.99 17.15
CA ASP F 26 -19.62 22.01 17.48
C ASP F 26 -18.80 22.52 16.31
N VAL F 27 -19.13 22.07 15.09
CA VAL F 27 -18.43 22.55 13.91
C VAL F 27 -18.65 24.05 13.73
N PHE F 28 -19.89 24.49 13.94
CA PHE F 28 -20.19 25.91 13.83
C PHE F 28 -19.34 26.71 14.82
N THR F 29 -19.28 26.26 16.07
CA THR F 29 -18.47 26.96 17.06
C THR F 29 -16.99 26.92 16.70
N ASP F 30 -16.53 25.81 16.14
CA ASP F 30 -15.13 25.72 15.74
C ASP F 30 -14.80 26.73 14.66
N TYR F 31 -15.66 26.84 13.65
CA TYR F 31 -15.43 27.84 12.61
C TYR F 31 -15.53 29.25 13.14
N LEU F 32 -16.47 29.50 14.06
CA LEU F 32 -16.53 30.81 14.68
C LEU F 32 -15.25 31.13 15.44
N SER F 33 -14.71 30.13 16.14
CA SER F 33 -13.45 30.34 16.85
C SER F 33 -12.32 30.64 15.88
N VAL F 34 -12.30 29.95 14.75
CA VAL F 34 -11.28 30.24 13.73
C VAL F 34 -11.42 31.67 13.25
N ALA F 35 -12.65 32.12 13.02
CA ALA F 35 -12.88 33.49 12.60
C ALA F 35 -12.40 34.48 13.65
N MET F 36 -12.67 34.19 14.92
CA MET F 36 -12.20 35.07 15.99
C MET F 36 -10.68 35.11 16.03
N LEU F 37 -10.04 33.96 15.82
CA LEU F 37 -8.58 33.93 15.78
C LEU F 37 -8.06 34.80 14.64
N MET F 38 -8.69 34.70 13.47
CA MET F 38 -8.29 35.54 12.36
C MET F 38 -8.47 37.02 12.69
N ILE F 39 -9.58 37.36 13.33
CA ILE F 39 -9.83 38.74 13.71
C ILE F 39 -8.73 39.22 14.65
N GLY F 40 -8.40 38.41 15.64
CA GLY F 40 -7.41 38.82 16.63
C GLY F 40 -6.03 38.98 16.04
N VAL F 41 -5.61 38.02 15.21
CA VAL F 41 -4.27 38.12 14.61
C VAL F 41 -4.23 39.29 13.65
N PHE F 42 -5.33 39.56 12.94
CA PHE F 42 -5.38 40.71 12.07
C PHE F 42 -5.24 42.01 12.86
N GLY F 43 -5.95 42.10 13.98
CA GLY F 43 -5.86 43.31 14.80
C GLY F 43 -4.48 43.51 15.36
N CYS F 44 -3.86 42.43 15.85
CA CYS F 44 -2.51 42.54 16.39
C CYS F 44 -1.52 42.94 15.30
N THR F 45 -1.67 42.36 14.10
CA THR F 45 -0.78 42.70 13.00
C THR F 45 -0.90 44.17 12.64
N LEU F 46 -2.13 44.66 12.50
CA LEU F 46 -2.32 46.08 12.21
C LEU F 46 -1.75 46.95 13.32
N GLN F 47 -1.96 46.57 14.57
CA GLN F 47 -1.46 47.38 15.68
C GLN F 47 0.06 47.47 15.64
N VAL F 48 0.74 46.33 15.56
CA VAL F 48 2.20 46.36 15.53
C VAL F 48 2.69 47.06 14.28
N MET F 49 1.85 47.10 13.23
CA MET F 49 2.24 47.80 12.01
C MET F 49 2.18 49.31 12.18
N GLN F 50 1.06 49.81 12.71
CA GLN F 50 0.78 51.24 12.64
C GLN F 50 0.18 51.84 13.91
N ASP F 51 0.40 51.23 15.08
CA ASP F 51 -0.16 51.83 16.29
C ASP F 51 0.67 53.05 16.67
N LYS F 52 0.31 54.20 16.11
CA LYS F 52 1.02 55.44 16.35
C LYS F 52 0.03 56.49 16.80
N ILE F 53 0.35 57.17 17.89
CA ILE F 53 -0.44 58.28 18.37
C ILE F 53 0.25 59.58 18.00
N ILE F 54 -0.52 60.57 17.60
CA ILE F 54 -0.02 61.90 17.29
C ILE F 54 -0.55 62.85 18.35
N CYS F 55 0.30 63.78 18.76
CA CYS F 55 0.02 64.65 19.90
C CYS F 55 0.49 66.06 19.61
N LEU F 56 -0.26 67.03 20.14
CA LEU F 56 0.05 68.44 20.00
C LEU F 56 -0.28 69.15 21.30
N PRO F 57 0.37 70.26 21.60
CA PRO F 57 0.04 71.01 22.81
C PRO F 57 -1.25 71.78 22.66
N LYS F 58 -2.14 71.66 23.65
CA LYS F 58 -3.52 72.11 23.52
C LYS F 58 -3.67 73.62 23.69
N ARG F 59 -3.36 74.12 24.87
CA ARG F 59 -3.67 75.51 25.18
C ARG F 59 -2.81 76.46 24.37
N VAL F 60 -3.43 77.52 23.89
CA VAL F 60 -2.73 78.61 23.25
C VAL F 60 -3.34 79.93 23.72
N GLU F 96 -6.75 87.73 9.11
CA GLU F 96 -6.30 86.50 8.48
C GLU F 96 -5.50 85.64 9.45
N MET F 97 -5.82 84.34 9.49
CA MET F 97 -5.09 83.40 10.32
C MET F 97 -3.81 82.96 9.63
N LYS F 98 -2.85 82.52 10.43
CA LYS F 98 -1.54 82.12 9.93
C LYS F 98 -1.07 80.93 10.75
N GLY F 99 0.22 80.61 10.64
CA GLY F 99 0.75 79.43 11.28
C GLY F 99 0.69 79.50 12.79
N LEU F 100 0.92 78.34 13.40
CA LEU F 100 0.91 78.17 14.85
C LEU F 100 2.17 77.45 15.30
N LYS F 101 3.32 77.98 14.88
CA LYS F 101 4.60 77.32 15.15
C LYS F 101 4.78 77.09 16.64
N THR F 102 5.21 75.87 16.99
CA THR F 102 5.38 75.46 18.36
C THR F 102 6.83 75.38 18.81
N ASP F 103 7.77 75.62 17.90
CA ASP F 103 9.22 75.63 18.16
C ASP F 103 9.63 74.49 19.10
N LEU F 104 9.40 73.27 18.63
CA LEU F 104 9.83 72.07 19.33
C LEU F 104 10.52 71.13 18.34
N ASP F 105 11.47 70.36 18.85
CA ASP F 105 12.14 69.39 17.99
C ASP F 105 11.29 68.16 17.79
N LEU F 106 11.78 67.25 16.95
CA LEU F 106 11.07 66.00 16.70
C LEU F 106 11.13 65.08 17.91
N GLN F 107 12.29 65.02 18.57
CA GLN F 107 12.45 64.05 19.65
C GLN F 107 11.52 64.37 20.80
N GLN F 108 11.35 65.64 21.12
CA GLN F 108 10.35 66.01 22.11
C GLN F 108 8.98 65.50 21.71
N TYR F 109 8.65 65.60 20.42
CA TYR F 109 7.37 65.11 19.96
C TYR F 109 7.25 63.61 20.16
N SER F 110 8.33 62.87 19.89
CA SER F 110 8.30 61.43 20.13
C SER F 110 8.07 61.13 21.60
N PHE F 111 8.75 61.86 22.48
CA PHE F 111 8.59 61.66 23.91
C PHE F 111 7.16 61.95 24.33
N ILE F 112 6.59 63.04 23.83
CA ILE F 112 5.21 63.37 24.17
C ILE F 112 4.27 62.29 23.67
N ASN F 113 4.48 61.83 22.44
CA ASN F 113 3.65 60.76 21.91
C ASN F 113 3.67 59.56 22.84
N GLN F 114 4.85 59.09 23.21
CA GLN F 114 4.95 57.92 24.05
C GLN F 114 4.26 58.15 25.39
N MET F 115 4.55 59.27 26.04
CA MET F 115 4.06 59.51 27.39
C MET F 115 2.55 59.65 27.39
N CYS F 116 2.00 60.50 26.52
CA CYS F 116 0.56 60.66 26.47
C CYS F 116 -0.14 59.38 26.04
N TYR F 117 0.51 58.58 25.17
CA TYR F 117 -0.06 57.29 24.82
C TYR F 117 -0.19 56.41 26.04
N GLU F 118 0.82 56.41 26.89
CA GLU F 118 0.72 55.64 28.13
C GLU F 118 -0.37 56.21 29.04
N ARG F 119 -0.48 57.54 29.11
CA ARG F 119 -1.33 58.15 30.12
C ARG F 119 -2.80 58.14 29.75
N ALA F 120 -3.17 58.81 28.66
CA ALA F 120 -4.58 59.10 28.42
C ALA F 120 -5.31 57.91 27.82
N LEU F 121 -4.73 57.30 26.79
CA LEU F 121 -5.46 56.29 26.03
C LEU F 121 -5.77 55.09 26.91
N HIS F 122 -7.04 54.67 26.88
CA HIS F 122 -7.49 53.62 27.77
C HIS F 122 -6.82 52.29 27.43
N TRP F 123 -6.56 51.49 28.46
CA TRP F 123 -5.79 50.27 28.27
C TRP F 123 -6.52 49.28 27.38
N TYR F 124 -7.85 49.26 27.43
CA TYR F 124 -8.62 48.39 26.55
C TYR F 124 -8.33 48.72 25.09
N ALA F 125 -8.31 50.01 24.74
CA ALA F 125 -7.97 50.40 23.38
C ALA F 125 -6.59 49.88 22.99
N LYS F 126 -5.66 49.84 23.93
CA LYS F 126 -4.31 49.42 23.61
C LYS F 126 -4.20 47.91 23.45
N TYR F 127 -4.96 47.16 24.24
CA TYR F 127 -4.75 45.72 24.35
C TYR F 127 -5.89 44.88 23.82
N PHE F 128 -6.86 45.49 23.13
CA PHE F 128 -7.97 44.74 22.55
C PHE F 128 -7.53 43.59 21.66
N PRO F 129 -6.59 43.74 20.73
CA PRO F 129 -6.19 42.58 19.91
C PRO F 129 -5.63 41.42 20.73
N TYR F 130 -4.75 41.71 21.69
CA TYR F 130 -4.26 40.64 22.53
C TYR F 130 -5.39 40.00 23.32
N LEU F 131 -6.32 40.80 23.80
CA LEU F 131 -7.43 40.27 24.58
C LEU F 131 -8.28 39.30 23.76
N VAL F 132 -8.65 39.72 22.55
CA VAL F 132 -9.45 38.83 21.70
C VAL F 132 -8.65 37.59 21.32
N LEU F 133 -7.35 37.74 21.03
CA LEU F 133 -6.54 36.58 20.69
C LEU F 133 -6.53 35.57 21.83
N ILE F 134 -6.30 36.04 23.06
CA ILE F 134 -6.22 35.11 24.18
C ILE F 134 -7.59 34.49 24.47
N HIS F 135 -8.67 35.27 24.33
CA HIS F 135 -9.97 34.69 24.61
C HIS F 135 -10.37 33.66 23.56
N THR F 136 -10.03 33.90 22.30
CA THR F 136 -10.24 32.88 21.28
C THR F 136 -9.42 31.63 21.57
N LEU F 137 -8.17 31.82 21.98
CA LEU F 137 -7.33 30.68 22.32
C LEU F 137 -7.94 29.90 23.48
N VAL F 138 -8.52 30.60 24.44
CA VAL F 138 -9.14 29.92 25.58
C VAL F 138 -10.37 29.15 25.13
N PHE F 139 -11.17 29.71 24.23
CA PHE F 139 -12.24 28.92 23.63
C PHE F 139 -11.71 27.63 23.02
N MET F 140 -10.66 27.74 22.20
CA MET F 140 -10.23 26.55 21.48
C MET F 140 -9.67 25.51 22.45
N LEU F 141 -8.90 25.95 23.43
CA LEU F 141 -8.36 25.01 24.42
C LEU F 141 -9.46 24.37 25.25
N CYS F 142 -10.47 25.15 25.66
CA CYS F 142 -11.53 24.58 26.46
C CYS F 142 -12.39 23.63 25.64
N SER F 143 -12.49 23.87 24.34
CA SER F 143 -13.20 22.94 23.47
C SER F 143 -12.42 21.63 23.34
N ASN F 144 -11.11 21.73 23.12
CA ASN F 144 -10.33 20.55 22.79
C ASN F 144 -9.74 19.84 24.00
N PHE F 145 -9.92 20.38 25.21
CA PHE F 145 -9.56 19.60 26.40
C PHE F 145 -10.43 18.37 26.55
N TRP F 146 -11.57 18.33 25.86
CA TRP F 146 -12.40 17.14 25.86
C TRP F 146 -11.65 15.93 25.33
N PHE F 147 -10.64 16.15 24.51
CA PHE F 147 -9.81 15.06 23.99
C PHE F 147 -8.36 15.15 24.43
N LYS F 148 -7.88 16.33 24.82
CA LYS F 148 -6.52 16.48 25.31
C LYS F 148 -6.31 15.82 26.67
N PHE F 149 -7.37 15.51 27.40
CA PHE F 149 -7.23 14.85 28.69
C PHE F 149 -7.07 13.35 28.48
N PRO F 150 -5.91 12.79 28.84
CA PRO F 150 -5.65 11.38 28.51
C PRO F 150 -6.64 10.41 29.12
N GLY F 151 -7.15 10.69 30.33
CA GLY F 151 -8.13 9.81 30.92
C GLY F 151 -9.39 9.70 30.09
N SER F 152 -9.88 10.83 29.61
CA SER F 152 -11.00 10.82 28.68
C SER F 152 -10.56 10.37 27.29
N SER F 153 -9.35 10.73 26.90
CA SER F 153 -8.88 10.45 25.54
C SER F 153 -8.83 8.95 25.28
N SER F 154 -8.33 8.19 26.24
CA SER F 154 -8.23 6.74 26.04
C SER F 154 -9.61 6.12 25.85
N LYS F 155 -10.58 6.50 26.69
CA LYS F 155 -11.92 5.97 26.57
C LYS F 155 -12.54 6.32 25.23
N ILE F 156 -12.42 7.60 24.83
CA ILE F 156 -13.03 8.04 23.58
C ILE F 156 -12.38 7.34 22.40
N GLU F 157 -11.06 7.24 22.40
CA GLU F 157 -10.34 6.59 21.31
C GLU F 157 -10.73 5.13 21.20
N HIS F 158 -10.80 4.42 22.33
CA HIS F 158 -11.15 3.02 22.28
C HIS F 158 -12.57 2.83 21.78
N PHE F 159 -13.48 3.71 22.20
CA PHE F 159 -14.84 3.68 21.67
C PHE F 159 -14.86 3.91 20.17
N ILE F 160 -14.11 4.89 19.69
CA ILE F 160 -14.11 5.17 18.26
C ILE F 160 -13.60 3.96 17.50
N SER F 161 -12.52 3.35 18.00
CA SER F 161 -11.96 2.18 17.33
C SER F 161 -12.97 1.04 17.28
N ILE F 162 -13.63 0.76 18.41
CA ILE F 162 -14.54 -0.38 18.44
C ILE F 162 -15.75 -0.11 17.56
N LEU F 163 -16.29 1.12 17.59
CA LEU F 163 -17.44 1.41 16.76
C LEU F 163 -17.07 1.39 15.28
N GLY F 164 -15.89 1.88 14.93
CA GLY F 164 -15.45 1.82 13.55
C GLY F 164 -15.31 0.40 13.05
N LYS F 165 -14.65 -0.45 13.84
CA LYS F 165 -14.54 -1.85 13.47
C LYS F 165 -15.91 -2.52 13.44
N CYS F 166 -16.84 -2.05 14.27
CA CYS F 166 -18.17 -2.63 14.32
C CYS F 166 -18.95 -2.33 13.05
N PHE F 167 -18.99 -1.07 12.64
CA PHE F 167 -19.74 -0.76 11.42
C PHE F 167 -18.96 -1.18 10.18
N ASP F 168 -17.67 -1.45 10.32
CA ASP F 168 -16.89 -1.96 9.20
C ASP F 168 -17.16 -3.43 8.93
N SER F 169 -17.80 -4.13 9.87
CA SER F 169 -17.98 -5.57 9.75
C SER F 169 -19.05 -5.91 8.72
N PRO F 170 -18.74 -6.68 7.68
CA PRO F 170 -19.80 -7.16 6.79
C PRO F 170 -20.67 -8.22 7.44
N TRP F 171 -20.20 -8.88 8.49
CA TRP F 171 -21.04 -9.83 9.20
C TRP F 171 -22.24 -9.12 9.82
N THR F 172 -22.10 -7.85 10.19
CA THR F 172 -23.26 -7.08 10.61
C THR F 172 -24.32 -7.10 9.52
N THR F 173 -23.92 -6.83 8.28
CA THR F 173 -24.88 -6.87 7.18
C THR F 173 -25.44 -8.27 6.98
N ARG F 174 -24.59 -9.28 7.06
CA ARG F 174 -25.07 -10.65 6.84
C ARG F 174 -26.10 -11.05 7.87
N ALA F 175 -25.87 -10.71 9.14
CA ALA F 175 -26.86 -10.96 10.18
C ALA F 175 -28.13 -10.15 9.94
N LEU F 176 -27.97 -8.87 9.57
CA LEU F 176 -29.13 -8.05 9.24
C LEU F 176 -29.84 -8.57 8.01
N SER F 177 -29.14 -9.30 7.15
CA SER F 177 -29.75 -9.87 5.95
C SER F 177 -30.69 -11.01 6.31
N GLU F 237 -17.55 -14.03 10.80
CA GLU F 237 -16.33 -14.81 10.95
C GLU F 237 -15.39 -14.15 11.95
N GLN F 238 -14.53 -13.27 11.46
CA GLN F 238 -13.60 -12.55 12.33
C GLN F 238 -14.32 -11.57 13.25
N ALA F 239 -15.59 -11.27 12.95
CA ALA F 239 -16.38 -10.42 13.84
C ALA F 239 -16.50 -11.04 15.22
N LYS F 240 -16.35 -12.36 15.31
CA LYS F 240 -16.41 -13.02 16.61
C LYS F 240 -15.42 -12.42 17.58
N ALA F 241 -14.16 -12.26 17.15
CA ALA F 241 -13.16 -11.63 18.01
C ALA F 241 -13.58 -10.23 18.41
N LEU F 242 -14.26 -9.50 17.52
CA LEU F 242 -14.70 -8.16 17.85
C LEU F 242 -15.82 -8.17 18.90
N PHE F 243 -16.58 -9.27 18.99
CA PHE F 243 -17.63 -9.34 20.00
C PHE F 243 -17.06 -9.26 21.41
N GLU F 244 -15.95 -9.95 21.69
CA GLU F 244 -15.37 -9.91 23.02
C GLU F 244 -14.86 -8.51 23.33
N LYS F 245 -14.30 -7.82 22.35
CA LYS F 245 -13.90 -6.44 22.58
C LYS F 245 -15.11 -5.55 22.83
N VAL F 246 -16.22 -5.84 22.17
CA VAL F 246 -17.46 -5.10 22.42
C VAL F 246 -17.87 -5.25 23.88
N LYS F 247 -17.93 -6.49 24.36
CA LYS F 247 -18.35 -6.69 25.74
C LYS F 247 -17.32 -6.17 26.73
N LYS F 248 -16.03 -6.25 26.37
CA LYS F 248 -14.99 -5.70 27.22
C LYS F 248 -15.18 -4.19 27.38
N PHE F 249 -15.42 -3.50 26.26
CA PHE F 249 -15.65 -2.07 26.36
C PHE F 249 -16.90 -1.76 27.16
N ARG F 250 -17.98 -2.53 26.94
CA ARG F 250 -19.21 -2.22 27.64
C ARG F 250 -19.04 -2.41 29.14
N LEU F 251 -18.28 -3.43 29.56
CA LEU F 251 -18.09 -3.64 31.00
C LEU F 251 -17.13 -2.61 31.57
N HIS F 252 -16.08 -2.27 30.84
CA HIS F 252 -15.03 -1.42 31.39
C HIS F 252 -15.45 0.04 31.43
N VAL F 253 -16.20 0.49 30.43
CA VAL F 253 -16.45 1.91 30.25
C VAL F 253 -17.83 2.36 30.76
N GLU F 254 -18.80 1.45 30.83
CA GLU F 254 -20.10 1.83 31.39
C GLU F 254 -19.98 2.32 32.82
N GLU F 255 -18.91 1.94 33.52
CA GLU F 255 -18.60 2.38 34.87
C GLU F 255 -18.09 3.81 34.92
N GLY F 256 -18.21 4.58 33.84
CA GLY F 256 -17.63 5.90 33.78
C GLY F 256 -18.62 7.03 33.99
N ASP F 257 -19.06 7.64 32.89
CA ASP F 257 -19.98 8.78 32.87
C ASP F 257 -19.31 10.06 33.32
N ILE F 258 -18.04 9.98 33.74
CA ILE F 258 -17.29 11.18 34.06
C ILE F 258 -17.10 12.03 32.81
N LEU F 259 -16.99 11.39 31.64
CA LEU F 259 -16.81 12.12 30.40
C LEU F 259 -18.01 13.02 30.13
N TYR F 260 -19.22 12.49 30.36
CA TYR F 260 -20.43 13.28 30.17
C TYR F 260 -20.44 14.49 31.11
N ALA F 261 -20.10 14.28 32.37
CA ALA F 261 -20.12 15.39 33.33
C ALA F 261 -19.10 16.46 32.97
N MET F 262 -17.89 16.05 32.56
CA MET F 262 -16.87 17.04 32.26
C MET F 262 -17.16 17.75 30.93
N TYR F 263 -17.83 17.06 30.00
CA TYR F 263 -18.32 17.75 28.81
C TYR F 263 -19.37 18.79 29.18
N VAL F 264 -20.26 18.44 30.11
CA VAL F 264 -21.22 19.41 30.62
C VAL F 264 -20.49 20.61 31.22
N ARG F 265 -19.43 20.33 31.97
CA ARG F 265 -18.61 21.39 32.55
C ARG F 265 -18.03 22.29 31.48
N GLN F 266 -17.53 21.69 30.39
CA GLN F 266 -16.99 22.48 29.28
C GLN F 266 -18.07 23.38 28.68
N THR F 267 -19.26 22.84 28.47
CA THR F 267 -20.35 23.64 27.94
C THR F 267 -20.68 24.81 28.86
N VAL F 268 -20.76 24.53 30.16
CA VAL F 268 -21.10 25.58 31.13
C VAL F 268 -20.06 26.67 31.13
N LEU F 269 -18.77 26.29 31.12
CA LEU F 269 -17.72 27.30 31.17
C LEU F 269 -17.71 28.11 29.88
N LYS F 270 -17.97 27.48 28.74
CA LYS F 270 -18.10 28.25 27.51
C LYS F 270 -19.22 29.27 27.64
N VAL F 271 -20.36 28.85 28.19
CA VAL F 271 -21.48 29.77 28.33
C VAL F 271 -21.11 30.96 29.21
N ILE F 272 -20.54 30.68 30.38
CA ILE F 272 -20.28 31.76 31.33
C ILE F 272 -19.22 32.71 30.78
N LYS F 273 -18.22 32.16 30.09
CA LYS F 273 -17.19 32.98 29.49
C LYS F 273 -17.77 33.86 28.38
N PHE F 274 -18.69 33.32 27.59
CA PHE F 274 -19.40 34.14 26.61
C PHE F 274 -20.15 35.28 27.29
N LEU F 275 -20.86 34.97 28.37
CA LEU F 275 -21.62 36.00 29.07
C LEU F 275 -20.70 37.10 29.58
N ILE F 276 -19.58 36.73 30.20
CA ILE F 276 -18.71 37.74 30.79
C ILE F 276 -18.06 38.59 29.70
N ILE F 277 -17.65 37.96 28.60
CA ILE F 277 -17.07 38.70 27.48
C ILE F 277 -18.05 39.74 26.99
N ILE F 278 -19.29 39.32 26.72
CA ILE F 278 -20.29 40.26 26.20
C ILE F 278 -20.53 41.36 27.21
N ALA F 279 -20.68 41.00 28.49
CA ALA F 279 -21.04 41.98 29.50
C ALA F 279 -19.99 43.08 29.61
N TYR F 280 -18.71 42.72 29.61
CA TYR F 280 -17.75 43.80 29.82
C TYR F 280 -17.34 44.50 28.53
N ASN F 281 -17.33 43.79 27.40
CA ASN F 281 -17.04 44.46 26.14
C ASN F 281 -18.14 45.45 25.79
N SER F 282 -19.40 45.14 26.12
CA SER F 282 -20.49 46.05 25.84
C SER F 282 -20.27 47.41 26.47
N ALA F 283 -19.54 47.46 27.58
CA ALA F 283 -19.22 48.73 28.22
C ALA F 283 -17.92 49.31 27.71
N LEU F 284 -16.89 48.48 27.51
CA LEU F 284 -15.58 49.03 27.15
C LEU F 284 -15.54 49.51 25.71
N VAL F 285 -16.43 49.02 24.84
CA VAL F 285 -16.38 49.43 23.45
C VAL F 285 -16.60 50.93 23.33
N SER F 286 -17.49 51.49 24.16
CA SER F 286 -17.73 52.92 24.11
C SER F 286 -16.56 53.72 24.65
N LYS F 287 -15.69 53.09 25.44
CA LYS F 287 -14.63 53.84 26.10
C LYS F 287 -13.58 54.33 25.10
N VAL F 288 -13.31 53.56 24.05
CA VAL F 288 -12.32 53.96 23.06
C VAL F 288 -12.84 55.16 22.29
N GLN F 289 -11.93 56.00 21.82
CA GLN F 289 -12.28 57.20 21.09
C GLN F 289 -11.20 57.49 20.05
N PHE F 290 -11.60 58.24 19.02
CA PHE F 290 -10.66 58.63 17.98
C PHE F 290 -9.77 59.74 18.50
N THR F 291 -10.36 60.86 18.90
CA THR F 291 -9.63 61.91 19.58
C THR F 291 -9.43 61.54 21.04
N VAL F 292 -8.52 62.25 21.70
CA VAL F 292 -8.30 62.10 23.13
C VAL F 292 -7.58 63.35 23.61
N ASP F 293 -7.72 63.66 24.89
CA ASP F 293 -7.16 64.88 25.46
C ASP F 293 -6.46 64.53 26.77
N CYS F 294 -5.14 64.66 26.79
CA CYS F 294 -4.37 64.30 27.98
C CYS F 294 -3.85 65.56 28.66
N ASN F 295 -4.13 65.66 29.96
CA ASN F 295 -3.69 66.78 30.78
C ASN F 295 -2.62 66.25 31.74
N VAL F 296 -1.38 66.28 31.28
CA VAL F 296 -0.26 65.71 32.02
C VAL F 296 0.76 66.80 32.31
N ASP F 297 1.40 66.68 33.46
CA ASP F 297 2.31 67.72 33.96
C ASP F 297 3.73 67.50 33.45
N ILE F 298 3.85 67.33 32.12
CA ILE F 298 5.16 67.39 31.49
C ILE F 298 5.58 68.83 31.24
N GLN F 299 4.67 69.79 31.49
CA GLN F 299 5.01 71.20 31.48
C GLN F 299 6.21 71.47 32.37
N ASP F 300 6.88 72.59 32.09
CA ASP F 300 8.08 73.06 32.78
C ASP F 300 9.27 72.14 32.52
N MET F 301 9.08 71.04 31.80
CA MET F 301 10.15 70.25 31.24
C MET F 301 10.06 70.16 29.73
N THR F 302 8.84 70.25 29.20
CA THR F 302 8.60 70.57 27.79
C THR F 302 7.98 71.94 27.60
N GLY F 303 7.54 72.59 28.68
CA GLY F 303 6.83 73.85 28.57
C GLY F 303 5.41 73.73 28.08
N TYR F 304 4.80 72.55 28.14
CA TYR F 304 3.41 72.39 27.74
C TYR F 304 2.74 71.35 28.62
N LYS F 305 1.48 71.60 28.94
CA LYS F 305 0.73 70.87 29.96
C LYS F 305 -0.50 70.15 29.42
N ASN F 306 -1.17 70.71 28.43
CA ASN F 306 -2.41 70.16 27.92
C ASN F 306 -2.22 69.75 26.47
N PHE F 307 -2.72 68.56 26.10
CA PHE F 307 -2.39 68.01 24.80
C PHE F 307 -3.61 67.37 24.16
N SER F 308 -3.74 67.57 22.85
CA SER F 308 -4.69 66.85 22.02
C SER F 308 -3.96 65.75 21.26
N CYS F 309 -4.56 64.57 21.23
CA CYS F 309 -3.91 63.44 20.61
C CYS F 309 -4.95 62.57 19.92
N ASN F 310 -4.45 61.65 19.10
CA ASN F 310 -5.29 60.69 18.42
C ASN F 310 -4.38 59.65 17.79
N HIS F 311 -4.83 58.40 17.83
CA HIS F 311 -4.05 57.31 17.26
C HIS F 311 -4.84 56.68 16.12
N THR F 312 -4.09 56.12 15.17
CA THR F 312 -4.66 55.75 13.88
C THR F 312 -5.79 54.74 14.04
N MET F 313 -5.57 53.72 14.86
CA MET F 313 -6.42 52.54 14.80
C MET F 313 -7.79 52.76 15.43
N ALA F 314 -7.93 53.78 16.28
CA ALA F 314 -9.08 53.92 17.15
C ALA F 314 -10.38 53.65 16.40
N HIS F 315 -10.67 54.50 15.42
CA HIS F 315 -11.92 54.36 14.69
C HIS F 315 -12.10 52.95 14.16
N LEU F 316 -11.07 52.44 13.48
CA LEU F 316 -11.14 51.09 12.94
C LEU F 316 -11.50 50.09 14.02
N PHE F 317 -10.76 50.10 15.14
CA PHE F 317 -11.05 49.16 16.21
C PHE F 317 -12.52 49.23 16.59
N SER F 318 -13.05 50.45 16.77
CA SER F 318 -14.47 50.58 17.07
C SER F 318 -15.28 49.73 16.11
N LYS F 319 -15.22 50.08 14.83
CA LYS F 319 -15.93 49.30 13.83
C LYS F 319 -15.57 47.83 13.97
N LEU F 320 -14.27 47.53 14.02
CA LEU F 320 -13.83 46.14 14.12
C LEU F 320 -14.49 45.49 15.33
N SER F 321 -14.33 46.11 16.50
CA SER F 321 -14.88 45.53 17.71
C SER F 321 -16.38 45.34 17.57
N PHE F 322 -17.05 46.32 16.98
CA PHE F 322 -18.47 46.20 16.70
C PHE F 322 -18.78 44.85 16.09
N CYS F 323 -18.20 44.57 14.92
CA CYS F 323 -18.49 43.30 14.26
C CYS F 323 -18.06 42.13 15.12
N TYR F 324 -16.93 42.25 15.81
CA TYR F 324 -16.50 41.19 16.69
C TYR F 324 -17.58 40.80 17.68
N LEU F 325 -18.22 41.80 18.30
CA LEU F 325 -19.24 41.48 19.28
C LEU F 325 -20.32 40.62 18.66
N CYS F 326 -20.72 40.96 17.42
CA CYS F 326 -21.70 40.17 16.72
C CYS F 326 -21.29 38.71 16.69
N PHE F 327 -20.04 38.44 16.29
CA PHE F 327 -19.56 37.06 16.25
C PHE F 327 -19.80 36.37 17.58
N VAL F 328 -19.37 37.02 18.67
CA VAL F 328 -19.50 36.39 19.98
C VAL F 328 -20.95 36.07 20.26
N SER F 329 -21.85 37.02 19.95
CA SER F 329 -23.27 36.77 20.17
C SER F 329 -23.69 35.47 19.51
N ILE F 330 -23.34 35.32 18.23
CA ILE F 330 -23.71 34.11 17.51
C ILE F 330 -23.19 32.89 18.26
N TYR F 331 -21.93 32.94 18.66
CA TYR F 331 -21.33 31.82 19.40
C TYR F 331 -22.18 31.48 20.61
N GLY F 332 -22.53 32.50 21.41
CA GLY F 332 -23.31 32.25 22.59
C GLY F 332 -24.61 31.54 22.28
N LEU F 333 -25.27 31.96 21.19
CA LEU F 333 -26.53 31.33 20.81
C LEU F 333 -26.37 29.83 20.70
N THR F 334 -25.31 29.39 20.02
CA THR F 334 -25.11 27.95 19.85
C THR F 334 -25.05 27.26 21.19
N CYS F 335 -24.29 27.84 22.13
CA CYS F 335 -24.20 27.26 23.46
C CYS F 335 -25.59 27.04 24.05
N LEU F 336 -26.43 28.07 23.96
CA LEU F 336 -27.79 27.94 24.47
C LEU F 336 -28.47 26.72 23.89
N TYR F 337 -28.43 26.58 22.57
CA TYR F 337 -29.02 25.42 21.91
C TYR F 337 -28.46 24.15 22.53
N THR F 338 -27.14 24.04 22.60
CA THR F 338 -26.52 22.88 23.20
C THR F 338 -26.99 22.70 24.64
N LEU F 339 -27.02 23.78 25.40
CA LEU F 339 -27.51 23.70 26.77
C LEU F 339 -28.95 23.25 26.79
N TYR F 340 -29.77 23.76 25.87
CA TYR F 340 -31.11 23.22 25.73
C TYR F 340 -31.04 21.73 25.44
N TRP F 341 -30.23 21.34 24.45
CA TRP F 341 -30.06 19.93 24.14
C TRP F 341 -29.48 19.16 25.31
N LEU F 342 -28.87 19.85 26.27
CA LEU F 342 -28.30 19.19 27.43
C LEU F 342 -29.30 19.03 28.57
N PHE F 343 -30.42 19.74 28.52
CA PHE F 343 -31.44 19.62 29.56
C PHE F 343 -32.81 19.31 28.96
N TYR F 344 -32.81 18.73 27.76
CA TYR F 344 -34.05 18.37 27.08
C TYR F 344 -34.10 16.91 26.68
N ARG F 345 -33.06 16.12 26.95
CA ARG F 345 -33.00 14.74 26.50
C ARG F 345 -32.75 13.72 27.60
N SER F 346 -32.36 14.14 28.81
CA SER F 346 -32.01 13.22 29.90
C SER F 346 -31.06 12.15 29.39
N LEU F 347 -29.92 12.62 28.91
CA LEU F 347 -28.96 11.83 28.15
C LEU F 347 -28.18 10.81 29.03
N ARG F 348 -28.57 10.68 30.29
CA ARG F 348 -28.00 9.63 31.13
C ARG F 348 -28.57 8.26 30.79
N GLU F 349 -29.52 8.20 29.85
CA GLU F 349 -30.13 6.94 29.47
C GLU F 349 -30.77 7.06 28.09
N TYR F 350 -30.55 6.05 27.25
CA TYR F 350 -31.17 5.97 25.95
C TYR F 350 -31.88 4.63 25.80
N SER F 351 -33.07 4.67 25.20
CA SER F 351 -33.84 3.48 24.87
C SER F 351 -33.97 3.38 23.36
N PHE F 352 -33.52 2.26 22.80
CA PHE F 352 -33.57 2.07 21.36
C PHE F 352 -35.00 2.09 20.89
N GLU F 353 -35.76 1.07 21.30
CA GLU F 353 -37.20 0.97 21.08
C GLU F 353 -37.60 1.01 19.62
N TYR F 354 -36.64 1.00 18.70
CA TYR F 354 -36.97 0.86 17.29
C TYR F 354 -36.18 -0.23 16.61
N VAL F 355 -34.90 -0.39 16.96
CA VAL F 355 -34.15 -1.54 16.46
C VAL F 355 -34.69 -2.82 17.06
N ARG F 356 -35.05 -2.77 18.34
CA ARG F 356 -35.71 -3.91 18.96
C ARG F 356 -37.09 -4.13 18.34
N GLN F 357 -37.76 -3.05 17.95
CA GLN F 357 -39.03 -3.18 17.25
C GLN F 357 -38.83 -3.75 15.85
N GLU F 358 -37.88 -3.19 15.10
CA GLU F 358 -37.74 -3.57 13.69
C GLU F 358 -37.11 -4.95 13.55
N THR F 359 -35.88 -5.11 14.03
CA THR F 359 -35.21 -6.41 13.94
C THR F 359 -35.86 -7.47 14.80
N GLY F 360 -36.70 -7.07 15.76
CA GLY F 360 -37.43 -8.03 16.56
C GLY F 360 -36.61 -8.69 17.65
N ILE F 361 -35.35 -8.31 17.80
CA ILE F 361 -34.47 -8.88 18.82
C ILE F 361 -34.72 -8.14 20.12
N ASP F 362 -35.25 -8.85 21.11
CA ASP F 362 -35.66 -8.24 22.37
C ASP F 362 -34.50 -8.00 23.31
N ASP F 363 -33.30 -8.47 22.97
CA ASP F 363 -32.12 -8.05 23.71
C ASP F 363 -31.74 -6.64 23.28
N ILE F 364 -30.59 -6.19 23.76
CA ILE F 364 -30.11 -4.82 23.57
C ILE F 364 -31.16 -3.91 24.21
N PRO F 365 -31.46 -4.04 25.50
CA PRO F 365 -32.52 -3.22 26.09
C PRO F 365 -32.14 -1.75 26.15
N ASP F 366 -31.01 -1.45 26.77
CA ASP F 366 -30.60 -0.08 27.07
C ASP F 366 -29.08 -0.07 27.24
N VAL F 367 -28.55 1.08 27.63
CA VAL F 367 -27.12 1.23 27.90
C VAL F 367 -26.95 2.09 29.15
N LYS F 368 -25.71 2.34 29.53
CA LYS F 368 -25.43 3.20 30.68
C LYS F 368 -25.50 4.66 30.27
N ASN F 369 -25.02 5.54 31.15
CA ASN F 369 -25.20 6.97 30.96
C ASN F 369 -24.29 7.49 29.85
N ASP F 370 -22.97 7.31 30.01
CA ASP F 370 -22.05 7.76 28.98
C ASP F 370 -22.26 7.01 27.67
N PHE F 371 -22.73 5.76 27.76
CA PHE F 371 -23.05 5.01 26.56
C PHE F 371 -24.24 5.64 25.83
N ALA F 372 -25.25 6.08 26.59
CA ALA F 372 -26.35 6.84 25.98
C ALA F 372 -25.84 8.13 25.38
N PHE F 373 -24.89 8.79 26.07
CA PHE F 373 -24.27 10.00 25.55
C PHE F 373 -23.66 9.75 24.17
N MET F 374 -22.81 8.74 24.07
CA MET F 374 -22.12 8.51 22.80
C MET F 374 -23.11 8.08 21.73
N LEU F 375 -24.14 7.31 22.11
CA LEU F 375 -25.14 6.91 21.15
C LEU F 375 -25.89 8.12 20.58
N HIS F 376 -26.30 9.04 21.45
CA HIS F 376 -27.01 10.22 20.97
C HIS F 376 -26.10 11.09 20.12
N MET F 377 -24.83 11.22 20.51
CA MET F 377 -23.92 12.02 19.70
C MET F 377 -23.77 11.44 18.32
N ILE F 378 -23.53 10.14 18.21
CA ILE F 378 -23.35 9.53 16.90
C ILE F 378 -24.65 9.57 16.11
N ASP F 379 -25.80 9.49 16.80
CA ASP F 379 -27.07 9.62 16.11
C ASP F 379 -27.22 11.00 15.50
N GLN F 380 -26.82 12.04 16.24
CA GLN F 380 -26.76 13.38 15.67
C GLN F 380 -25.84 13.39 14.46
N TYR F 381 -24.71 12.68 14.55
CA TYR F 381 -23.83 12.57 13.40
C TYR F 381 -24.49 11.75 12.29
N ASP F 382 -25.03 10.57 12.63
CA ASP F 382 -25.76 9.72 11.70
C ASP F 382 -26.49 8.59 12.45
N PRO F 383 -27.79 8.41 12.23
CA PRO F 383 -28.48 7.27 12.87
C PRO F 383 -27.99 5.92 12.38
N LEU F 384 -27.52 5.83 11.14
CA LEU F 384 -27.15 4.52 10.60
C LEU F 384 -26.00 3.88 11.35
N TYR F 385 -25.05 4.67 11.84
CA TYR F 385 -23.99 4.09 12.66
C TYR F 385 -24.55 3.49 13.94
N SER F 386 -25.54 4.13 14.55
CA SER F 386 -26.20 3.53 15.71
C SER F 386 -26.87 2.22 15.33
N LYS F 387 -27.57 2.21 14.19
CA LYS F 387 -28.20 1.00 13.71
C LYS F 387 -27.19 -0.13 13.58
N ARG F 388 -26.06 0.15 12.92
CA ARG F 388 -25.04 -0.87 12.70
C ARG F 388 -24.39 -1.31 14.00
N PHE F 389 -24.15 -0.37 14.91
CA PHE F 389 -23.49 -0.62 16.17
C PHE F 389 -24.35 -1.43 17.13
N ALA F 390 -25.66 -1.40 16.93
CA ALA F 390 -26.59 -2.05 17.89
C ALA F 390 -26.44 -3.56 17.93
N LEU F 391 -26.37 -4.24 16.79
CA LEU F 391 -26.41 -5.73 16.79
C LEU F 391 -25.21 -6.34 17.56
N PHE F 392 -24.01 -5.79 17.43
CA PHE F 392 -22.85 -6.45 18.10
C PHE F 392 -23.17 -6.67 19.58
N LEU F 393 -24.10 -5.88 20.13
CA LEU F 393 -24.51 -6.03 21.52
C LEU F 393 -25.53 -7.16 21.68
N SER F 394 -26.18 -7.57 20.60
CA SER F 394 -27.13 -8.67 20.67
C SER F 394 -26.42 -9.98 20.97
N GLU F 395 -26.96 -10.72 21.95
CA GLU F 395 -26.39 -12.02 22.27
C GLU F 395 -26.78 -13.07 21.24
N VAL F 396 -27.99 -12.97 20.69
CA VAL F 396 -28.44 -13.93 19.68
C VAL F 396 -27.54 -13.86 18.45
N SER F 397 -27.07 -12.67 18.11
CA SER F 397 -26.12 -12.52 17.02
C SER F 397 -24.86 -13.32 17.30
N GLU F 398 -24.34 -13.23 18.53
CA GLU F 398 -23.15 -13.99 18.87
C GLU F 398 -23.43 -15.48 18.88
N ASN F 399 -24.64 -15.90 19.26
CA ASN F 399 -24.98 -17.32 19.20
C ASN F 399 -24.97 -17.83 17.77
N LYS F 400 -25.58 -17.06 16.86
CA LYS F 400 -25.57 -17.44 15.45
C LYS F 400 -24.15 -17.44 14.89
N LEU F 401 -23.33 -16.48 15.31
CA LEU F 401 -21.94 -16.44 14.88
C LEU F 401 -21.15 -17.63 15.40
N LYS F 402 -21.41 -18.04 16.64
CA LYS F 402 -20.80 -19.25 17.16
C LYS F 402 -21.22 -20.45 16.32
N GLN F 403 -22.50 -20.53 15.97
CA GLN F 403 -22.99 -21.61 15.13
C GLN F 403 -22.26 -21.62 13.79
N LEU F 404 -22.12 -20.45 13.18
CA LEU F 404 -21.41 -20.34 11.91
C LEU F 404 -19.96 -20.77 12.04
N ASN F 405 -19.29 -20.33 13.11
CA ASN F 405 -17.88 -20.66 13.30
C ASN F 405 -17.69 -22.16 13.48
N LEU F 406 -18.55 -22.79 14.29
CA LEU F 406 -18.42 -24.23 14.49
C LEU F 406 -18.76 -24.99 13.22
N ASN F 407 -19.75 -24.52 12.45
CA ASN F 407 -20.05 -25.17 11.18
C ASN F 407 -18.88 -25.07 10.22
N ASN F 408 -18.23 -23.91 10.17
CA ASN F 408 -17.04 -23.76 9.33
C ASN F 408 -15.93 -24.70 9.79
N GLU F 409 -15.70 -24.75 11.10
CA GLU F 409 -14.64 -25.60 11.63
C GLU F 409 -15.00 -27.07 11.55
N TRP F 410 -16.22 -27.42 11.96
CA TRP F 410 -16.62 -28.83 12.01
C TRP F 410 -17.01 -29.27 10.61
N THR F 411 -16.09 -29.88 9.92
CA THR F 411 -16.38 -30.49 8.64
C THR F 411 -16.81 -31.94 8.84
N PRO F 412 -17.61 -32.48 7.92
CA PRO F 412 -17.94 -33.91 8.02
C PRO F 412 -16.71 -34.80 8.02
N ASP F 413 -15.65 -34.38 7.33
CA ASP F 413 -14.39 -35.09 7.41
C ASP F 413 -13.82 -35.06 8.82
N LYS F 414 -13.86 -33.88 9.46
CA LYS F 414 -13.39 -33.78 10.83
C LYS F 414 -14.21 -34.65 11.76
N LEU F 415 -15.53 -34.69 11.57
CA LEU F 415 -16.37 -35.55 12.38
C LEU F 415 -16.02 -37.01 12.16
N ARG F 416 -15.82 -37.42 10.91
CA ARG F 416 -15.47 -38.80 10.63
C ARG F 416 -14.09 -39.15 11.17
N GLN F 417 -13.22 -38.16 11.35
CA GLN F 417 -11.96 -38.40 12.04
C GLN F 417 -12.21 -38.86 13.47
N LYS F 418 -13.16 -38.21 14.15
CA LYS F 418 -13.46 -38.56 15.53
C LYS F 418 -14.38 -39.76 15.66
N LEU F 419 -15.08 -40.14 14.59
CA LEU F 419 -15.95 -41.31 14.66
C LEU F 419 -15.18 -42.54 15.11
N GLN F 420 -15.78 -43.31 15.99
CA GLN F 420 -15.18 -44.54 16.49
C GLN F 420 -16.29 -45.55 16.72
N THR F 421 -15.96 -46.65 17.38
CA THR F 421 -16.96 -47.62 17.80
C THR F 421 -17.33 -47.37 19.25
N ASN F 422 -18.63 -47.41 19.54
CA ASN F 422 -19.09 -47.25 20.90
C ASN F 422 -18.74 -48.49 21.71
N ALA F 423 -19.14 -48.48 22.97
CA ALA F 423 -19.04 -49.69 23.79
C ALA F 423 -19.93 -50.80 23.22
N HIS F 424 -21.13 -50.44 22.79
CA HIS F 424 -22.11 -51.42 22.34
C HIS F 424 -22.09 -51.59 20.82
N ASN F 425 -20.90 -51.83 20.27
CA ASN F 425 -20.68 -52.19 18.86
C ASN F 425 -21.53 -51.35 17.91
N ARG F 426 -21.29 -50.05 17.94
CA ARG F 426 -21.98 -49.12 17.04
C ARG F 426 -21.02 -48.02 16.66
N LEU F 427 -21.27 -47.42 15.50
CA LEU F 427 -20.50 -46.26 15.04
C LEU F 427 -21.01 -45.03 15.78
N GLU F 428 -20.11 -44.34 16.49
CA GLU F 428 -20.48 -43.25 17.37
C GLU F 428 -19.55 -42.07 17.17
N LEU F 429 -20.10 -40.86 17.32
CA LEU F 429 -19.33 -39.63 17.26
C LEU F 429 -19.15 -39.03 18.64
N PRO F 430 -17.94 -38.96 19.17
CA PRO F 430 -17.72 -38.27 20.45
C PRO F 430 -17.92 -36.77 20.30
N LEU F 431 -18.53 -36.18 21.33
CA LEU F 431 -18.70 -34.74 21.42
C LEU F 431 -18.55 -34.35 22.89
N ILE F 432 -17.40 -33.76 23.23
CA ILE F 432 -17.03 -33.54 24.62
C ILE F 432 -17.36 -32.12 25.06
N MET F 433 -17.24 -31.15 24.15
CA MET F 433 -17.47 -29.76 24.51
C MET F 433 -17.86 -28.99 23.25
N LEU F 434 -19.14 -28.67 23.13
CA LEU F 434 -19.62 -27.85 22.02
C LEU F 434 -20.63 -26.85 22.56
N SER F 435 -20.83 -25.78 21.79
CA SER F 435 -21.85 -24.79 22.10
C SER F 435 -23.15 -25.05 21.38
N GLY F 436 -23.23 -26.10 20.58
CA GLY F 436 -24.44 -26.39 19.83
C GLY F 436 -24.23 -27.54 18.88
N LEU F 437 -25.12 -27.65 17.90
CA LEU F 437 -25.09 -28.75 16.95
C LEU F 437 -24.48 -28.27 15.65
N PRO F 438 -23.30 -28.76 15.27
CA PRO F 438 -22.81 -28.49 13.91
C PRO F 438 -23.77 -29.08 12.89
N ASP F 439 -24.03 -28.30 11.84
CA ASP F 439 -24.93 -28.77 10.80
C ASP F 439 -24.30 -29.89 9.99
N THR F 440 -22.97 -29.86 9.84
CA THR F 440 -22.27 -30.91 9.12
C THR F 440 -22.47 -32.27 9.76
N VAL F 441 -22.78 -32.30 11.07
CA VAL F 441 -23.09 -33.55 11.73
C VAL F 441 -24.25 -34.24 11.05
N PHE F 442 -25.27 -33.48 10.65
CA PHE F 442 -26.43 -34.05 10.00
C PHE F 442 -26.12 -34.55 8.60
N GLU F 443 -24.95 -34.23 8.06
CA GLU F 443 -24.53 -34.79 6.78
C GLU F 443 -23.97 -36.20 6.91
N ILE F 444 -23.78 -36.69 8.13
CA ILE F 444 -23.25 -38.03 8.36
C ILE F 444 -24.36 -38.83 9.03
N THR F 445 -25.07 -39.64 8.25
CA THR F 445 -26.21 -40.38 8.75
C THR F 445 -25.88 -41.84 9.07
N GLU F 446 -24.69 -42.30 8.69
CA GLU F 446 -24.39 -43.73 8.76
C GLU F 446 -24.14 -44.22 10.18
N LEU F 447 -23.59 -43.39 11.06
CA LEU F 447 -23.25 -43.83 12.41
C LEU F 447 -24.53 -44.22 13.16
N GLN F 448 -24.48 -45.37 13.84
CA GLN F 448 -25.65 -45.87 14.54
C GLN F 448 -25.77 -45.32 15.96
N SER F 449 -24.69 -44.81 16.54
CA SER F 449 -24.70 -44.31 17.89
C SER F 449 -24.16 -42.88 17.90
N LEU F 450 -24.41 -42.18 19.01
CA LEU F 450 -24.00 -40.80 19.14
C LEU F 450 -24.03 -40.41 20.61
N LYS F 451 -22.95 -39.80 21.08
CA LYS F 451 -22.88 -39.33 22.46
C LYS F 451 -22.52 -37.86 22.47
N LEU F 452 -23.22 -37.09 23.30
CA LEU F 452 -22.92 -35.68 23.52
C LEU F 452 -22.71 -35.47 25.01
N GLU F 453 -21.63 -34.79 25.37
CA GLU F 453 -21.24 -34.65 26.76
C GLU F 453 -21.01 -33.18 27.07
N ILE F 454 -21.63 -32.70 28.14
CA ILE F 454 -21.47 -31.33 28.63
C ILE F 454 -21.66 -30.34 27.48
N ILE F 455 -22.85 -30.34 26.89
CA ILE F 455 -23.21 -29.41 25.83
C ILE F 455 -24.59 -28.86 26.19
N LYS F 456 -24.61 -27.71 26.85
CA LYS F 456 -25.83 -27.16 27.44
C LYS F 456 -26.57 -26.28 26.45
N ASN F 457 -27.85 -26.06 26.75
CA ASN F 457 -28.70 -25.11 26.03
C ASN F 457 -28.72 -25.42 24.53
N VAL F 458 -29.21 -26.61 24.20
CA VAL F 458 -29.22 -27.12 22.85
C VAL F 458 -30.64 -27.53 22.50
N MET F 459 -31.01 -27.42 21.23
CA MET F 459 -32.28 -27.93 20.74
C MET F 459 -32.07 -28.59 19.38
N ILE F 460 -32.45 -29.87 19.31
CA ILE F 460 -32.25 -30.62 18.07
C ILE F 460 -33.36 -30.29 17.07
N PRO F 461 -33.03 -29.85 15.87
CA PRO F 461 -34.05 -29.52 14.87
C PRO F 461 -34.60 -30.77 14.21
N ALA F 462 -35.44 -30.54 13.19
CA ALA F 462 -35.94 -31.62 12.35
C ALA F 462 -34.88 -32.22 11.45
N THR F 463 -33.68 -31.60 11.39
CA THR F 463 -32.59 -32.13 10.58
C THR F 463 -32.17 -33.52 11.01
N ILE F 464 -32.50 -33.93 12.24
CA ILE F 464 -32.23 -35.30 12.67
C ILE F 464 -32.93 -36.30 11.76
N ALA F 465 -33.99 -35.86 11.07
CA ALA F 465 -34.69 -36.72 10.12
C ALA F 465 -33.74 -37.25 9.05
N GLN F 466 -32.68 -36.50 8.73
CA GLN F 466 -31.64 -37.04 7.86
C GLN F 466 -30.97 -38.24 8.49
N LEU F 467 -30.70 -38.16 9.80
CA LEU F 467 -29.93 -39.19 10.51
C LEU F 467 -30.84 -40.37 10.85
N ASP F 468 -31.24 -41.09 9.81
CA ASP F 468 -32.14 -42.23 10.00
C ASP F 468 -31.40 -43.43 10.59
N ASN F 469 -30.17 -43.68 10.15
CA ASN F 469 -29.43 -44.87 10.54
C ASN F 469 -28.84 -44.71 11.94
N LEU F 470 -29.72 -44.39 12.89
CA LEU F 470 -29.33 -44.21 14.28
C LEU F 470 -30.29 -44.95 15.19
N GLN F 471 -29.75 -45.60 16.20
CA GLN F 471 -30.55 -46.26 17.21
C GLN F 471 -30.08 -45.97 18.62
N GLU F 472 -28.88 -45.43 18.79
CA GLU F 472 -28.29 -45.22 20.10
C GLU F 472 -27.91 -43.76 20.26
N LEU F 473 -28.25 -43.18 21.42
CA LEU F 473 -27.90 -41.76 21.69
C LEU F 473 -27.45 -41.63 23.15
N SER F 474 -26.49 -40.73 23.42
CA SER F 474 -25.97 -40.58 24.81
C SER F 474 -25.92 -39.10 25.20
N LEU F 475 -26.17 -38.81 26.48
CA LEU F 475 -26.22 -37.41 26.95
C LEU F 475 -25.60 -37.33 28.34
N HIS F 476 -24.37 -36.83 28.43
CA HIS F 476 -23.71 -36.68 29.72
C HIS F 476 -23.78 -35.20 30.11
N GLN F 477 -24.74 -34.86 30.97
CA GLN F 477 -24.88 -33.51 31.50
C GLN F 477 -25.03 -32.49 30.37
N CYS F 478 -26.14 -32.64 29.64
CA CYS F 478 -26.48 -31.72 28.55
C CYS F 478 -27.95 -31.40 28.63
N SER F 479 -28.27 -30.16 29.00
CA SER F 479 -29.66 -29.69 29.03
C SER F 479 -30.09 -29.40 27.61
N VAL F 480 -30.75 -30.38 26.98
CA VAL F 480 -31.08 -30.32 25.56
C VAL F 480 -32.56 -30.60 25.37
N LYS F 481 -33.17 -29.87 24.44
CA LYS F 481 -34.55 -30.04 24.03
C LYS F 481 -34.61 -30.39 22.54
N ILE F 482 -35.82 -30.47 22.01
CA ILE F 482 -36.04 -31.10 20.72
C ILE F 482 -36.87 -30.25 19.78
N HIS F 483 -37.09 -30.79 18.58
CA HIS F 483 -38.12 -30.34 17.65
C HIS F 483 -39.22 -31.41 17.60
N SER F 484 -40.42 -30.98 17.19
CA SER F 484 -41.54 -31.91 17.12
C SER F 484 -41.29 -33.03 16.13
N ALA F 485 -40.84 -32.68 14.92
CA ALA F 485 -40.44 -33.70 13.96
C ALA F 485 -39.24 -34.48 14.48
N ALA F 486 -38.34 -33.80 15.19
CA ALA F 486 -37.24 -34.49 15.86
C ALA F 486 -37.78 -35.48 16.88
N LEU F 487 -38.80 -35.08 17.65
CA LEU F 487 -39.38 -35.98 18.64
C LEU F 487 -40.00 -37.20 17.98
N SER F 488 -40.72 -37.00 16.87
CA SER F 488 -41.31 -38.13 16.18
C SER F 488 -40.23 -39.06 15.64
N PHE F 489 -39.16 -38.48 15.08
CA PHE F 489 -38.05 -39.27 14.58
C PHE F 489 -37.41 -40.07 15.70
N LEU F 490 -37.29 -39.47 16.88
CA LEU F 490 -36.75 -40.19 18.04
C LEU F 490 -37.66 -41.35 18.44
N LYS F 491 -38.96 -41.07 18.58
CA LYS F 491 -39.89 -42.10 19.02
C LYS F 491 -39.97 -43.25 18.03
N GLU F 492 -39.72 -42.98 16.76
CA GLU F 492 -39.79 -44.04 15.74
C GLU F 492 -38.45 -44.70 15.45
N ASN F 493 -37.34 -44.08 15.83
CA ASN F 493 -36.04 -44.55 15.37
C ASN F 493 -35.07 -44.90 16.49
N LEU F 494 -35.03 -44.11 17.56
CA LEU F 494 -34.07 -44.37 18.62
C LEU F 494 -34.44 -45.63 19.39
N LYS F 495 -33.45 -46.49 19.60
CA LYS F 495 -33.64 -47.73 20.34
C LYS F 495 -32.82 -47.82 21.61
N VAL F 496 -31.70 -47.10 21.70
CA VAL F 496 -30.84 -47.10 22.88
C VAL F 496 -30.59 -45.66 23.31
N LEU F 497 -30.69 -45.39 24.61
CA LEU F 497 -30.44 -44.07 25.14
C LEU F 497 -29.66 -44.16 26.44
N SER F 498 -28.64 -43.32 26.57
CA SER F 498 -27.86 -43.20 27.79
C SER F 498 -27.89 -41.75 28.24
N VAL F 499 -28.19 -41.53 29.52
CA VAL F 499 -28.30 -40.19 30.07
C VAL F 499 -27.48 -40.12 31.34
N LYS F 500 -26.49 -39.24 31.37
CA LYS F 500 -25.75 -38.92 32.58
C LYS F 500 -26.16 -37.51 32.98
N PHE F 501 -27.27 -37.40 33.71
CA PHE F 501 -27.73 -36.13 34.23
C PHE F 501 -27.23 -35.96 35.65
N ASP F 502 -27.37 -34.75 36.17
CA ASP F 502 -26.92 -34.44 37.53
C ASP F 502 -28.07 -34.08 38.45
N ASP F 503 -28.85 -33.05 38.10
CA ASP F 503 -29.89 -32.52 38.99
C ASP F 503 -31.20 -32.36 38.25
N MET F 504 -31.46 -33.23 37.28
CA MET F 504 -32.71 -33.28 36.53
C MET F 504 -32.89 -32.02 35.68
N ARG F 505 -31.93 -31.10 35.75
CA ARG F 505 -31.92 -29.98 34.83
C ARG F 505 -31.71 -30.44 33.40
N GLU F 506 -30.85 -31.42 33.20
CA GLU F 506 -30.69 -32.04 31.88
C GLU F 506 -31.85 -32.96 31.54
N LEU F 507 -32.65 -33.37 32.51
CA LEU F 507 -33.70 -34.35 32.28
C LEU F 507 -34.80 -33.75 31.42
N PRO F 508 -35.05 -34.29 30.23
CA PRO F 508 -36.16 -33.81 29.42
C PRO F 508 -37.41 -34.62 29.68
N PRO F 509 -38.57 -33.98 29.79
CA PRO F 509 -39.81 -34.75 29.93
C PRO F 509 -40.17 -35.56 28.69
N TRP F 510 -39.87 -35.04 27.50
CA TRP F 510 -40.37 -35.65 26.28
C TRP F 510 -39.83 -37.05 26.04
N MET F 511 -38.71 -37.40 26.69
CA MET F 511 -38.18 -38.75 26.52
C MET F 511 -39.16 -39.79 27.06
N TYR F 512 -40.01 -39.41 28.01
CA TYR F 512 -41.02 -40.34 28.51
C TYR F 512 -42.04 -40.70 27.45
N GLY F 513 -42.12 -39.91 26.37
CA GLY F 513 -42.95 -40.27 25.24
C GLY F 513 -42.35 -41.28 24.30
N LEU F 514 -41.06 -41.59 24.46
CA LEU F 514 -40.39 -42.53 23.58
C LEU F 514 -41.01 -43.90 23.69
N ARG F 515 -41.11 -44.61 22.56
CA ARG F 515 -41.73 -45.93 22.51
C ARG F 515 -40.82 -47.01 21.98
N ASN F 516 -40.08 -46.76 20.91
CA ASN F 516 -39.26 -47.80 20.29
C ASN F 516 -37.96 -48.05 21.04
N LEU F 517 -37.64 -47.24 22.04
CA LEU F 517 -36.47 -47.50 22.87
C LEU F 517 -36.60 -48.87 23.55
N GLU F 518 -35.50 -49.61 23.56
CA GLU F 518 -35.44 -50.85 24.33
C GLU F 518 -34.26 -50.89 25.29
N GLU F 519 -33.26 -50.05 25.11
CA GLU F 519 -32.14 -49.95 26.04
C GLU F 519 -32.10 -48.54 26.61
N LEU F 520 -32.06 -48.47 27.94
CA LEU F 520 -32.01 -47.18 28.63
C LEU F 520 -31.08 -47.28 29.82
N TYR F 521 -30.25 -46.25 29.98
CA TYR F 521 -29.31 -46.17 31.08
C TYR F 521 -29.48 -44.84 31.79
N LEU F 522 -29.57 -44.89 33.11
CA LEU F 522 -29.77 -43.69 33.92
C LEU F 522 -28.56 -43.49 34.82
N VAL F 523 -27.95 -42.31 34.74
CA VAL F 523 -26.86 -41.93 35.63
C VAL F 523 -27.21 -40.57 36.21
N GLY F 524 -27.33 -40.50 37.54
CA GLY F 524 -27.75 -39.30 38.21
C GLY F 524 -28.72 -39.62 39.32
N SER F 525 -28.47 -39.09 40.51
CA SER F 525 -29.31 -39.40 41.66
C SER F 525 -30.71 -38.84 41.49
N LEU F 526 -31.70 -39.60 41.94
CA LEU F 526 -33.10 -39.22 41.84
C LEU F 526 -33.71 -38.91 43.20
N SER F 527 -33.65 -39.85 44.13
CA SER F 527 -34.30 -39.65 45.43
C SER F 527 -33.65 -38.53 46.22
N HIS F 528 -32.33 -38.43 46.16
CA HIS F 528 -31.58 -37.41 46.90
C HIS F 528 -32.04 -37.12 48.32
N ARG F 532 -36.87 -38.74 49.88
CA ARG F 532 -36.06 -39.92 49.45
C ARG F 532 -36.88 -40.76 48.46
N ASN F 533 -37.89 -40.16 47.82
CA ASN F 533 -38.66 -40.88 46.78
C ASN F 533 -38.19 -40.37 45.42
N VAL F 534 -37.97 -41.27 44.46
CA VAL F 534 -37.44 -40.84 43.17
C VAL F 534 -38.53 -40.10 42.42
N THR F 535 -38.25 -38.84 42.06
CA THR F 535 -39.20 -38.02 41.32
C THR F 535 -39.16 -38.41 39.83
N LEU F 536 -39.55 -39.66 39.59
CA LEU F 536 -39.53 -40.25 38.25
C LEU F 536 -40.91 -40.10 37.61
N GLU F 537 -40.94 -39.61 36.38
CA GLU F 537 -42.19 -39.50 35.66
C GLU F 537 -42.61 -40.85 35.10
N SER F 538 -43.88 -40.92 34.68
CA SER F 538 -44.47 -42.20 34.29
C SER F 538 -43.75 -42.80 33.09
N LEU F 539 -43.42 -44.08 33.21
CA LEU F 539 -42.79 -44.85 32.14
C LEU F 539 -43.83 -45.61 31.33
N ARG F 540 -44.83 -44.91 30.82
CA ARG F 540 -45.92 -45.54 30.08
C ARG F 540 -45.60 -45.75 28.62
N ASP F 541 -45.20 -44.69 27.91
CA ASP F 541 -45.02 -44.77 26.47
C ASP F 541 -43.88 -45.68 26.05
N LEU F 542 -43.05 -46.12 27.00
CA LEU F 542 -41.88 -46.96 26.69
C LEU F 542 -42.36 -48.36 26.33
N LYS F 543 -43.05 -48.44 25.19
CA LYS F 543 -43.75 -49.66 24.82
C LYS F 543 -42.83 -50.78 24.33
N SER F 544 -41.65 -50.44 23.81
CA SER F 544 -40.71 -51.42 23.32
C SER F 544 -39.50 -51.59 24.24
N LEU F 545 -39.60 -51.11 25.48
CA LEU F 545 -38.45 -51.13 26.37
C LEU F 545 -38.08 -52.56 26.73
N LYS F 546 -36.79 -52.85 26.69
CA LYS F 546 -36.26 -54.15 27.07
C LYS F 546 -35.09 -54.10 28.03
N ILE F 547 -34.34 -53.01 28.10
CA ILE F 547 -33.19 -52.89 28.99
C ILE F 547 -33.24 -51.54 29.70
N LEU F 548 -33.21 -51.57 31.03
CA LEU F 548 -33.26 -50.37 31.84
C LEU F 548 -32.09 -50.37 32.82
N SER F 549 -31.36 -49.26 32.88
CA SER F 549 -30.21 -49.15 33.78
C SER F 549 -30.35 -47.91 34.64
N ILE F 550 -30.08 -48.07 35.94
CA ILE F 550 -30.21 -46.99 36.90
C ILE F 550 -28.95 -46.91 37.74
N LYS F 551 -28.41 -45.70 37.89
CA LYS F 551 -27.26 -45.41 38.74
C LYS F 551 -27.62 -44.17 39.55
N SER F 552 -28.22 -44.38 40.72
CA SER F 552 -28.72 -43.27 41.52
C SER F 552 -28.64 -43.66 42.99
N ASN F 553 -29.33 -42.92 43.85
CA ASN F 553 -29.39 -43.17 45.28
C ASN F 553 -30.82 -43.35 45.75
N VAL F 554 -31.59 -44.14 45.00
CA VAL F 554 -33.01 -44.28 45.28
C VAL F 554 -33.22 -45.32 46.37
N SER F 555 -34.17 -45.04 47.26
CA SER F 555 -34.46 -45.91 48.40
C SER F 555 -35.65 -46.83 48.18
N LYS F 556 -36.57 -46.49 47.28
CA LYS F 556 -37.73 -47.31 47.01
C LYS F 556 -37.90 -47.46 45.52
N ILE F 557 -38.41 -48.62 45.10
CA ILE F 557 -38.67 -48.87 43.69
C ILE F 557 -39.85 -48.00 43.26
N PRO F 558 -39.68 -47.16 42.24
CA PRO F 558 -40.74 -46.21 41.89
C PRO F 558 -41.98 -46.91 41.37
N GLN F 559 -43.06 -46.14 41.29
CA GLN F 559 -44.29 -46.68 40.71
C GLN F 559 -44.22 -46.71 39.19
N ALA F 560 -43.50 -45.76 38.59
CA ALA F 560 -43.45 -45.66 37.14
C ALA F 560 -42.85 -46.89 36.48
N VAL F 561 -42.02 -47.65 37.21
CA VAL F 561 -41.47 -48.87 36.64
C VAL F 561 -42.58 -49.91 36.44
N VAL F 562 -43.54 -49.94 37.37
CA VAL F 562 -44.74 -50.75 37.19
C VAL F 562 -45.42 -50.40 35.88
N ASP F 563 -45.17 -49.21 35.37
CA ASP F 563 -45.77 -48.73 34.13
C ASP F 563 -45.16 -49.36 32.88
N VAL F 564 -44.05 -50.09 33.00
CA VAL F 564 -43.36 -50.58 31.81
C VAL F 564 -43.03 -52.07 31.92
N SER F 565 -43.26 -52.65 33.10
CA SER F 565 -42.79 -54.01 33.36
C SER F 565 -43.48 -55.07 32.54
N SER F 566 -44.57 -54.73 31.85
CA SER F 566 -45.33 -55.74 31.11
C SER F 566 -44.49 -56.35 29.99
N HIS F 567 -43.54 -55.59 29.46
CA HIS F 567 -42.70 -56.06 28.36
C HIS F 567 -41.22 -55.98 28.66
N LEU F 568 -40.83 -55.43 29.81
CA LEU F 568 -39.43 -55.30 30.14
C LEU F 568 -38.79 -56.68 30.35
N GLN F 569 -37.53 -56.79 29.96
CA GLN F 569 -36.76 -58.01 30.11
C GLN F 569 -35.55 -57.86 31.01
N LYS F 570 -34.82 -56.76 30.89
CA LYS F 570 -33.56 -56.55 31.58
C LYS F 570 -33.61 -55.22 32.30
N MET F 571 -33.11 -55.21 33.54
CA MET F 571 -33.04 -53.99 34.34
C MET F 571 -31.71 -53.95 35.07
N CYS F 572 -31.31 -52.78 35.55
CA CYS F 572 -29.98 -52.68 36.19
C CYS F 572 -30.01 -51.66 37.32
N ILE F 573 -30.05 -52.10 38.58
CA ILE F 573 -30.00 -51.07 39.65
C ILE F 573 -28.71 -51.25 40.45
N HIS F 574 -27.96 -50.16 40.57
CA HIS F 574 -26.71 -50.20 41.36
C HIS F 574 -26.70 -48.89 42.13
N ASN F 575 -27.34 -48.91 43.29
CA ASN F 575 -27.34 -47.72 44.11
C ASN F 575 -26.02 -47.58 44.87
N ASP F 576 -25.78 -46.37 45.37
CA ASP F 576 -24.58 -46.04 46.12
C ASP F 576 -24.66 -46.44 47.58
N GLY F 577 -25.55 -47.37 47.92
CA GLY F 577 -25.77 -47.78 49.30
C GLY F 577 -27.16 -47.46 49.82
N THR F 578 -28.02 -46.85 49.02
CA THR F 578 -29.37 -46.52 49.44
C THR F 578 -30.20 -47.79 49.40
N LYS F 579 -30.35 -48.43 50.55
CA LYS F 579 -31.04 -49.71 50.64
C LYS F 579 -32.47 -49.60 50.14
N LEU F 580 -32.88 -50.57 49.33
CA LEU F 580 -34.24 -50.61 48.78
C LEU F 580 -35.17 -51.11 49.88
N VAL F 581 -35.61 -50.17 50.73
CA VAL F 581 -36.42 -50.52 51.88
C VAL F 581 -37.77 -51.09 51.43
N MET F 582 -38.40 -50.48 50.43
CA MET F 582 -39.69 -50.90 49.94
C MET F 582 -39.50 -51.79 48.72
N LEU F 583 -40.26 -52.89 48.65
CA LEU F 583 -40.06 -53.91 47.63
C LEU F 583 -41.33 -54.25 46.89
N ASN F 584 -42.39 -53.44 47.04
CA ASN F 584 -43.70 -53.81 46.49
C ASN F 584 -43.66 -53.92 44.97
N ASN F 585 -43.18 -52.88 44.30
CA ASN F 585 -43.07 -52.93 42.85
C ASN F 585 -42.06 -53.97 42.40
N LEU F 586 -41.05 -54.25 43.23
CA LEU F 586 -40.11 -55.32 42.93
C LEU F 586 -40.82 -56.67 42.82
N LYS F 587 -41.84 -56.89 43.64
CA LYS F 587 -42.65 -58.10 43.53
C LYS F 587 -43.52 -58.10 42.29
N LYS F 588 -43.70 -56.97 41.62
CA LYS F 588 -44.51 -56.91 40.41
C LYS F 588 -43.72 -57.28 39.17
N MET F 589 -42.39 -57.32 39.26
CA MET F 589 -41.53 -57.41 38.07
C MET F 589 -41.48 -58.86 37.58
N THR F 590 -42.67 -59.42 37.36
CA THR F 590 -42.75 -60.83 37.00
C THR F 590 -42.29 -61.09 35.57
N ASN F 591 -42.73 -60.25 34.62
CA ASN F 591 -42.27 -60.39 33.24
C ASN F 591 -40.78 -60.17 33.12
N LEU F 592 -40.17 -59.49 34.09
CA LEU F 592 -38.73 -59.29 34.10
C LEU F 592 -38.00 -60.62 34.15
N THR F 593 -36.89 -60.72 33.42
CA THR F 593 -36.17 -61.97 33.29
C THR F 593 -34.70 -61.90 33.70
N GLU F 594 -34.09 -60.72 33.75
CA GLU F 594 -32.70 -60.57 34.13
C GLU F 594 -32.59 -59.53 35.24
N LEU F 595 -31.85 -59.86 36.30
CA LEU F 595 -31.74 -59.02 37.48
C LEU F 595 -30.34 -59.11 38.04
N GLU F 596 -29.80 -57.97 38.46
CA GLU F 596 -28.54 -57.94 39.19
C GLU F 596 -28.55 -56.76 40.15
N LEU F 597 -28.09 -56.99 41.37
CA LEU F 597 -28.09 -55.97 42.42
C LEU F 597 -26.65 -55.69 42.81
N VAL F 598 -26.25 -54.42 42.75
CA VAL F 598 -24.91 -53.99 43.12
C VAL F 598 -25.05 -52.99 44.26
N HIS F 599 -24.49 -53.35 45.42
CA HIS F 599 -24.38 -52.43 46.56
C HIS F 599 -25.75 -51.97 47.04
N CYS F 600 -26.76 -52.82 46.88
CA CYS F 600 -28.10 -52.53 47.35
C CYS F 600 -28.22 -52.58 48.87
N ASP F 601 -27.20 -53.10 49.56
CA ASP F 601 -27.09 -52.99 51.01
C ASP F 601 -28.30 -53.60 51.72
N LEU F 602 -28.61 -54.86 51.38
CA LEU F 602 -29.70 -55.57 52.02
C LEU F 602 -29.24 -56.59 53.05
N GLU F 603 -28.02 -57.10 52.91
CA GLU F 603 -27.35 -57.96 53.89
C GLU F 603 -27.99 -59.33 54.00
N ARG F 604 -29.12 -59.53 53.33
CA ARG F 604 -29.85 -60.80 53.33
C ARG F 604 -30.53 -60.93 51.98
N ILE F 605 -31.42 -61.91 51.86
CA ILE F 605 -32.22 -62.08 50.65
C ILE F 605 -33.63 -61.58 50.95
N PRO F 606 -34.02 -60.42 50.43
CA PRO F 606 -35.39 -59.94 50.67
C PRO F 606 -36.42 -60.86 50.04
N HIS F 607 -37.58 -60.94 50.68
CA HIS F 607 -38.62 -61.86 50.24
C HIS F 607 -39.07 -61.58 48.81
N ALA F 608 -38.94 -60.32 48.36
CA ALA F 608 -39.35 -59.96 47.01
C ALA F 608 -38.53 -60.68 45.95
N VAL F 609 -37.35 -61.18 46.31
CA VAL F 609 -36.49 -61.88 45.36
C VAL F 609 -37.23 -63.07 44.77
N PHE F 610 -37.92 -63.83 45.62
CA PHE F 610 -38.67 -64.98 45.16
C PHE F 610 -39.99 -64.60 44.52
N SER F 611 -40.40 -63.33 44.61
CA SER F 611 -41.61 -62.88 43.94
C SER F 611 -41.52 -62.99 42.43
N LEU F 612 -40.32 -63.16 41.88
CA LEU F 612 -40.11 -63.17 40.43
C LEU F 612 -39.63 -64.56 40.03
N LEU F 613 -40.41 -65.23 39.17
CA LEU F 613 -40.10 -66.60 38.74
C LEU F 613 -39.38 -66.64 37.40
N SER F 614 -39.78 -65.78 36.46
CA SER F 614 -39.16 -65.75 35.14
C SER F 614 -37.71 -65.27 35.17
N LEU F 615 -37.17 -65.00 36.36
CA LEU F 615 -35.78 -64.57 36.47
C LEU F 615 -34.83 -65.74 36.22
N GLN F 616 -33.74 -65.47 35.52
CA GLN F 616 -32.70 -66.47 35.29
C GLN F 616 -31.34 -66.08 35.84
N GLU F 617 -31.03 -64.78 35.88
CA GLU F 617 -29.72 -64.30 36.28
C GLU F 617 -29.89 -63.42 37.52
N LEU F 618 -29.05 -63.67 38.53
CA LEU F 618 -29.17 -62.95 39.79
C LEU F 618 -27.81 -62.45 40.25
N ASP F 619 -27.81 -61.28 40.90
CA ASP F 619 -26.63 -60.75 41.54
C ASP F 619 -27.02 -59.99 42.79
N LEU F 620 -26.17 -60.06 43.80
CA LEU F 620 -26.30 -59.29 45.04
C LEU F 620 -24.96 -58.64 45.39
N LYS F 621 -24.37 -57.99 44.39
CA LYS F 621 -23.03 -57.44 44.54
C LYS F 621 -22.98 -56.38 45.63
N GLU F 622 -21.88 -56.42 46.41
CA GLU F 622 -21.61 -55.42 47.44
C GLU F 622 -22.75 -55.29 48.44
N ASN F 623 -23.49 -56.38 48.65
CA ASN F 623 -24.60 -56.35 49.57
C ASN F 623 -24.32 -57.07 50.88
N ASN F 624 -23.08 -57.52 51.10
CA ASN F 624 -22.62 -58.00 52.39
C ASN F 624 -23.48 -59.15 52.89
N LEU F 625 -23.42 -60.24 52.13
CA LEU F 625 -24.23 -61.43 52.37
C LEU F 625 -23.41 -62.48 53.11
N LYS F 626 -23.82 -62.79 54.33
CA LYS F 626 -23.15 -63.77 55.18
C LYS F 626 -23.93 -65.06 55.35
N SER F 627 -25.25 -64.97 55.48
CA SER F 627 -26.12 -66.14 55.54
C SER F 627 -27.26 -65.94 54.56
N ILE F 628 -27.31 -66.77 53.52
CA ILE F 628 -28.26 -66.59 52.43
C ILE F 628 -29.22 -67.78 52.40
N GLU F 629 -29.53 -68.32 53.57
CA GLU F 629 -30.26 -69.58 53.66
C GLU F 629 -31.73 -69.49 53.22
N GLU F 630 -32.20 -68.41 52.61
CA GLU F 630 -33.54 -68.37 52.03
C GLU F 630 -33.64 -69.20 50.73
N ILE F 631 -32.60 -70.00 50.45
CA ILE F 631 -32.50 -70.88 49.30
C ILE F 631 -33.76 -71.74 49.16
N VAL F 632 -34.48 -71.91 50.27
CA VAL F 632 -35.72 -72.71 50.23
C VAL F 632 -36.68 -72.15 49.19
N SER F 633 -36.88 -70.83 49.20
CA SER F 633 -37.75 -70.25 48.18
C SER F 633 -37.09 -70.18 46.82
N PHE F 634 -35.76 -70.32 46.76
CA PHE F 634 -35.11 -70.56 45.49
C PHE F 634 -35.44 -71.94 44.94
N GLN F 635 -35.80 -72.89 45.81
CA GLN F 635 -36.39 -74.13 45.30
C GLN F 635 -37.74 -73.86 44.65
N HIS F 636 -38.33 -72.68 44.89
CA HIS F 636 -39.44 -72.20 44.09
C HIS F 636 -38.99 -71.64 42.75
N LEU F 637 -37.73 -71.24 42.63
CA LEU F 637 -37.19 -70.64 41.41
C LEU F 637 -36.10 -71.55 40.87
N ARG F 638 -36.50 -72.54 40.08
CA ARG F 638 -35.56 -73.46 39.46
C ARG F 638 -35.12 -73.01 38.08
N LYS F 639 -35.27 -71.72 37.77
CA LYS F 639 -34.80 -71.16 36.51
C LYS F 639 -33.59 -70.26 36.69
N LEU F 640 -33.02 -70.20 37.90
CA LEU F 640 -31.93 -69.27 38.17
C LEU F 640 -30.63 -69.79 37.59
N THR F 641 -30.28 -69.34 36.40
CA THR F 641 -29.07 -69.82 35.73
C THR F 641 -27.81 -69.17 36.30
N VAL F 642 -27.90 -67.90 36.70
CA VAL F 642 -26.73 -67.12 37.09
C VAL F 642 -26.96 -66.55 38.48
N LEU F 643 -25.96 -66.68 39.34
CA LEU F 643 -26.06 -66.25 40.73
C LEU F 643 -24.74 -65.59 41.15
N LYS F 644 -24.76 -64.25 41.24
CA LYS F 644 -23.58 -63.47 41.61
C LYS F 644 -23.72 -63.03 43.06
N LEU F 645 -22.65 -63.19 43.84
CA LEU F 645 -22.61 -62.77 45.22
C LEU F 645 -21.35 -61.94 45.49
N TRP F 646 -21.19 -60.85 44.73
CA TRP F 646 -19.94 -60.06 44.83
C TRP F 646 -19.84 -59.25 46.13
N HIS F 647 -18.62 -59.14 46.68
CA HIS F 647 -18.40 -58.27 47.87
C HIS F 647 -19.36 -58.65 49.01
N ASN F 648 -19.53 -59.95 49.24
CA ASN F 648 -20.52 -60.31 50.28
C ASN F 648 -19.80 -60.75 51.56
N SER F 649 -20.52 -61.33 52.52
CA SER F 649 -19.92 -61.64 53.81
C SER F 649 -20.02 -63.12 54.17
N ILE F 650 -20.13 -63.97 53.17
CA ILE F 650 -20.44 -65.41 53.46
C ILE F 650 -19.23 -66.20 53.97
N THR F 651 -19.23 -66.54 55.26
CA THR F 651 -18.27 -67.53 55.76
C THR F 651 -19.11 -68.77 55.99
N TYR F 652 -20.42 -68.69 55.70
CA TYR F 652 -21.37 -69.80 56.01
C TYR F 652 -22.19 -70.14 54.77
N ILE F 653 -21.88 -71.28 54.14
CA ILE F 653 -22.53 -71.65 52.90
C ILE F 653 -23.80 -72.43 53.23
N PRO F 654 -24.95 -72.10 52.64
CA PRO F 654 -26.12 -72.97 52.79
C PRO F 654 -25.91 -74.32 52.13
N GLU F 655 -26.54 -75.33 52.72
CA GLU F 655 -26.58 -76.65 52.08
C GLU F 655 -27.65 -76.70 50.99
N HIS F 656 -28.77 -75.99 51.18
CA HIS F 656 -29.94 -76.13 50.32
C HIS F 656 -29.66 -75.75 48.87
N ILE F 657 -28.58 -75.01 48.60
CA ILE F 657 -28.26 -74.67 47.23
C ILE F 657 -28.01 -75.93 46.40
N LYS F 658 -27.55 -77.01 47.05
CA LYS F 658 -27.32 -78.24 46.32
C LYS F 658 -28.61 -78.83 45.76
N LYS F 659 -29.78 -78.35 46.20
CA LYS F 659 -31.06 -78.79 45.65
C LYS F 659 -31.37 -78.14 44.30
N LEU F 660 -30.68 -77.05 43.95
CA LEU F 660 -30.95 -76.34 42.72
C LEU F 660 -30.27 -77.05 41.55
N THR F 661 -30.99 -77.17 40.43
CA THR F 661 -30.45 -77.88 39.28
C THR F 661 -29.97 -76.92 38.19
N SER F 662 -30.70 -75.83 37.96
CA SER F 662 -30.46 -74.98 36.80
C SER F 662 -29.20 -74.11 36.93
N LEU F 663 -28.53 -74.13 38.08
CA LEU F 663 -27.36 -73.29 38.25
C LEU F 663 -26.30 -73.64 37.23
N GLU F 664 -25.76 -72.61 36.58
CA GLU F 664 -24.74 -72.80 35.56
C GLU F 664 -23.49 -71.98 35.81
N ARG F 665 -23.63 -70.77 36.33
CA ARG F 665 -22.50 -69.91 36.66
C ARG F 665 -22.67 -69.42 38.09
N LEU F 666 -21.65 -69.62 38.92
CA LEU F 666 -21.81 -69.24 40.35
C LEU F 666 -20.74 -68.22 40.73
N SER F 667 -21.14 -67.12 41.36
CA SER F 667 -20.14 -66.11 41.82
C SER F 667 -20.24 -65.92 43.34
N PHE F 668 -19.10 -65.99 44.04
CA PHE F 668 -19.07 -65.76 45.51
C PHE F 668 -17.80 -64.99 45.78
N SER F 669 -17.45 -64.07 44.88
CA SER F 669 -16.23 -63.28 44.97
C SER F 669 -16.20 -62.47 46.27
N HIS F 670 -15.02 -62.43 46.89
CA HIS F 670 -14.78 -61.60 48.07
C HIS F 670 -15.70 -61.98 49.24
N ASN F 671 -15.50 -63.19 49.78
CA ASN F 671 -16.27 -63.66 50.91
C ASN F 671 -15.33 -64.30 51.92
N LYS F 672 -15.87 -64.92 52.98
CA LYS F 672 -14.93 -65.38 54.05
C LYS F 672 -15.10 -66.85 54.46
N ILE F 673 -15.79 -67.66 53.66
CA ILE F 673 -15.89 -69.12 53.96
C ILE F 673 -14.49 -69.74 53.80
N GLU F 674 -14.17 -70.77 54.59
CA GLU F 674 -12.83 -71.40 54.55
C GLU F 674 -12.91 -72.85 54.11
N VAL F 675 -14.00 -73.55 54.44
CA VAL F 675 -14.11 -74.91 53.91
C VAL F 675 -15.46 -75.03 53.21
N LEU F 676 -15.44 -75.52 51.97
CA LEU F 676 -16.65 -75.64 51.17
C LEU F 676 -17.24 -77.03 51.34
N PRO F 677 -18.47 -77.16 51.84
CA PRO F 677 -19.06 -78.48 52.05
C PRO F 677 -19.32 -79.16 50.72
N SER F 678 -18.75 -80.36 50.56
CA SER F 678 -18.67 -81.02 49.25
C SER F 678 -20.05 -81.35 48.67
N HIS F 679 -21.10 -81.43 49.49
CA HIS F 679 -22.42 -81.70 48.97
C HIS F 679 -22.90 -80.60 48.02
N LEU F 680 -22.32 -79.41 48.11
CA LEU F 680 -22.63 -78.34 47.17
C LEU F 680 -22.33 -78.76 45.74
N PHE F 681 -21.49 -79.78 45.54
CA PHE F 681 -21.23 -80.34 44.23
C PHE F 681 -22.44 -81.06 43.64
N LEU F 682 -23.62 -81.00 44.25
CA LEU F 682 -24.82 -81.61 43.68
C LEU F 682 -25.46 -80.77 42.59
N CYS F 683 -24.95 -79.56 42.34
CA CYS F 683 -25.43 -78.73 41.23
C CYS F 683 -24.56 -78.99 40.01
N ASN F 684 -24.72 -80.19 39.46
CA ASN F 684 -23.81 -80.72 38.46
C ASN F 684 -23.85 -79.97 37.13
N LYS F 685 -24.82 -79.10 36.91
CA LYS F 685 -24.91 -78.40 35.63
C LYS F 685 -24.05 -77.15 35.57
N ILE F 686 -23.40 -76.75 36.67
CA ILE F 686 -22.65 -75.50 36.68
C ILE F 686 -21.44 -75.60 35.76
N ARG F 687 -21.12 -74.49 35.09
CA ARG F 687 -19.98 -74.39 34.19
C ARG F 687 -18.95 -73.38 34.65
N TYR F 688 -19.38 -72.27 35.23
CA TYR F 688 -18.53 -71.16 35.62
C TYR F 688 -18.52 -71.06 37.14
N LEU F 689 -17.34 -71.19 37.74
CA LEU F 689 -17.21 -71.21 39.19
C LEU F 689 -16.14 -70.23 39.63
N ASP F 690 -16.46 -69.40 40.62
CA ASP F 690 -15.54 -68.36 41.07
C ASP F 690 -15.78 -68.12 42.56
N LEU F 691 -14.97 -68.74 43.40
CA LEU F 691 -14.98 -68.52 44.83
C LEU F 691 -13.79 -67.70 45.29
N SER F 692 -13.35 -66.74 44.47
CA SER F 692 -12.13 -66.01 44.76
C SER F 692 -12.32 -65.08 45.95
N TYR F 693 -11.17 -64.68 46.53
CA TYR F 693 -11.14 -63.77 47.67
C TYR F 693 -11.96 -64.30 48.84
N ASN F 694 -11.79 -65.60 49.11
CA ASN F 694 -12.33 -66.25 50.29
C ASN F 694 -11.20 -66.81 51.13
N ASP F 695 -11.57 -67.54 52.17
CA ASP F 695 -10.61 -68.15 53.09
C ASP F 695 -10.50 -69.65 52.87
N ILE F 696 -10.87 -70.13 51.68
CA ILE F 696 -10.86 -71.56 51.42
C ILE F 696 -9.43 -72.09 51.51
N ARG F 697 -9.31 -73.34 51.96
CA ARG F 697 -8.00 -73.95 52.13
C ARG F 697 -7.87 -75.29 51.41
N PHE F 698 -8.96 -76.04 51.29
CA PHE F 698 -8.91 -77.39 50.77
C PHE F 698 -9.94 -77.58 49.68
N ILE F 699 -9.69 -78.58 48.83
CA ILE F 699 -10.59 -78.96 47.75
C ILE F 699 -11.05 -80.39 47.99
N PRO F 700 -12.34 -80.64 48.20
CA PRO F 700 -12.81 -82.01 48.34
C PRO F 700 -12.64 -82.77 47.03
N PRO F 701 -12.45 -84.10 47.11
CA PRO F 701 -12.36 -84.89 45.86
C PRO F 701 -13.59 -84.81 44.99
N GLU F 702 -14.78 -84.77 45.60
CA GLU F 702 -16.03 -84.86 44.85
C GLU F 702 -16.20 -83.68 43.89
N ILE F 703 -15.25 -82.73 43.92
CA ILE F 703 -15.23 -81.67 42.93
C ILE F 703 -15.10 -82.23 41.52
N GLY F 704 -14.73 -83.51 41.39
CA GLY F 704 -14.72 -84.13 40.08
C GLY F 704 -16.09 -84.34 39.48
N VAL F 705 -17.16 -84.30 40.28
CA VAL F 705 -18.50 -84.60 39.76
C VAL F 705 -19.11 -83.46 38.97
N LEU F 706 -18.48 -82.29 38.95
CA LEU F 706 -19.01 -81.18 38.18
C LEU F 706 -18.34 -81.10 36.81
N GLN F 707 -18.57 -82.12 35.97
CA GLN F 707 -17.90 -82.20 34.69
C GLN F 707 -18.23 -80.99 33.82
N SER F 708 -19.44 -80.44 33.97
CA SER F 708 -19.84 -79.30 33.16
C SER F 708 -19.00 -78.06 33.43
N LEU F 709 -18.29 -78.03 34.55
CA LEU F 709 -17.50 -76.85 34.90
C LEU F 709 -16.45 -76.55 33.83
N GLN F 710 -16.40 -75.30 33.39
CA GLN F 710 -15.39 -74.85 32.45
C GLN F 710 -14.54 -73.70 32.96
N TYR F 711 -15.00 -72.99 33.99
CA TYR F 711 -14.27 -71.85 34.54
C TYR F 711 -14.07 -72.10 36.03
N PHE F 712 -12.87 -71.84 36.51
CA PHE F 712 -12.58 -71.93 37.94
C PHE F 712 -11.66 -70.80 38.35
N SER F 713 -12.02 -70.12 39.44
CA SER F 713 -11.23 -68.99 39.93
C SER F 713 -11.40 -68.87 41.43
N ILE F 714 -10.31 -69.04 42.17
CA ILE F 714 -10.33 -68.98 43.63
C ILE F 714 -9.24 -68.05 44.14
N THR F 715 -8.99 -66.96 43.41
CA THR F 715 -7.86 -66.10 43.73
C THR F 715 -7.98 -65.49 45.12
N CYS F 716 -6.82 -65.18 45.70
CA CYS F 716 -6.70 -64.56 47.02
C CYS F 716 -7.32 -65.44 48.11
N ASN F 717 -7.14 -66.74 47.98
CA ASN F 717 -7.56 -67.70 48.99
C ASN F 717 -6.38 -68.59 49.36
N LYS F 718 -6.48 -69.22 50.51
CA LYS F 718 -5.36 -69.98 51.07
C LYS F 718 -5.45 -71.45 50.68
N VAL F 719 -6.01 -71.74 49.51
CA VAL F 719 -6.18 -73.11 49.07
C VAL F 719 -4.83 -73.81 49.01
N GLU F 720 -4.79 -75.04 49.48
CA GLU F 720 -3.54 -75.75 49.68
C GLU F 720 -3.44 -77.09 48.96
N SER F 721 -4.56 -77.78 48.77
CA SER F 721 -4.54 -79.12 48.21
C SER F 721 -5.17 -79.15 46.82
N LEU F 722 -4.56 -79.91 45.91
CA LEU F 722 -5.10 -80.14 44.58
C LEU F 722 -5.34 -81.64 44.41
N PRO F 723 -6.58 -82.09 44.56
CA PRO F 723 -6.90 -83.48 44.24
C PRO F 723 -7.01 -83.65 42.73
N ASP F 724 -6.34 -84.69 42.21
CA ASP F 724 -6.38 -84.96 40.77
C ASP F 724 -7.79 -85.00 40.22
N GLU F 725 -8.79 -85.19 41.08
CA GLU F 725 -10.18 -85.17 40.67
C GLU F 725 -10.57 -83.84 40.02
N LEU F 726 -9.84 -82.76 40.34
CA LEU F 726 -10.12 -81.48 39.70
C LEU F 726 -9.88 -81.57 38.19
N TYR F 727 -8.86 -82.31 37.79
CA TYR F 727 -8.61 -82.55 36.38
C TYR F 727 -9.72 -83.37 35.72
N PHE F 728 -10.56 -84.02 36.53
CA PHE F 728 -11.55 -84.92 35.96
C PHE F 728 -12.60 -84.17 35.15
N CYS F 729 -12.90 -82.93 35.53
CA CYS F 729 -13.81 -82.08 34.77
C CYS F 729 -13.00 -81.40 33.67
N LYS F 730 -12.75 -82.14 32.60
CA LYS F 730 -11.88 -81.69 31.52
C LYS F 730 -12.45 -80.50 30.76
N LYS F 731 -13.73 -80.18 30.93
CA LYS F 731 -14.27 -78.98 30.32
C LYS F 731 -13.69 -77.70 30.91
N LEU F 732 -13.02 -77.79 32.05
CA LEU F 732 -12.41 -76.62 32.67
C LEU F 732 -11.35 -76.01 31.77
N LYS F 733 -11.63 -74.82 31.23
CA LYS F 733 -10.69 -74.15 30.35
C LYS F 733 -9.98 -72.97 30.99
N THR F 734 -10.54 -72.41 32.07
CA THR F 734 -9.99 -71.24 32.73
C THR F 734 -9.88 -71.56 34.22
N LEU F 735 -8.68 -71.88 34.67
CA LEU F 735 -8.40 -72.21 36.06
C LEU F 735 -7.58 -71.08 36.67
N LYS F 736 -8.17 -70.35 37.63
CA LYS F 736 -7.54 -69.19 38.23
C LYS F 736 -7.42 -69.41 39.73
N ILE F 737 -6.33 -70.09 40.14
CA ILE F 737 -6.12 -70.29 41.56
C ILE F 737 -5.78 -68.99 42.24
N GLY F 738 -5.04 -68.12 41.58
CA GLY F 738 -4.58 -66.92 42.24
C GLY F 738 -3.38 -67.22 43.12
N LYS F 739 -2.97 -66.20 43.85
CA LYS F 739 -1.81 -66.31 44.72
C LYS F 739 -2.10 -67.28 45.85
N ASN F 740 -1.38 -68.40 45.88
CA ASN F 740 -1.69 -69.49 46.80
C ASN F 740 -0.39 -70.15 47.25
N SER F 741 -0.50 -71.35 47.79
CA SER F 741 0.63 -72.11 48.32
C SER F 741 0.64 -73.53 47.77
N LEU F 742 0.47 -73.67 46.45
CA LEU F 742 0.44 -74.97 45.78
C LEU F 742 1.82 -75.30 45.24
N SER F 743 2.30 -76.50 45.53
CA SER F 743 3.70 -76.85 45.27
C SER F 743 3.90 -77.79 44.09
N VAL F 744 2.95 -78.68 43.79
CA VAL F 744 3.16 -79.71 42.79
C VAL F 744 2.15 -79.57 41.66
N LEU F 745 2.64 -79.74 40.44
CA LEU F 745 1.81 -79.76 39.25
C LEU F 745 1.63 -81.20 38.81
N SER F 746 0.39 -81.69 38.89
CA SER F 746 0.12 -83.09 38.64
C SER F 746 0.23 -83.41 37.15
N PRO F 747 0.53 -84.66 36.80
CA PRO F 747 0.53 -85.05 35.38
C PRO F 747 -0.82 -84.87 34.70
N LYS F 748 -1.93 -85.01 35.44
CA LYS F 748 -3.26 -84.95 34.84
C LYS F 748 -3.62 -83.59 34.28
N ILE F 749 -2.71 -82.61 34.29
CA ILE F 749 -2.93 -81.40 33.50
C ILE F 749 -2.96 -81.74 32.02
N GLY F 750 -2.25 -82.81 31.63
CA GLY F 750 -2.42 -83.32 30.29
C GLY F 750 -3.83 -83.79 30.03
N ASN F 751 -4.53 -84.22 31.09
CA ASN F 751 -5.96 -84.51 30.99
C ASN F 751 -6.71 -83.28 30.49
N LEU F 752 -6.19 -82.09 30.79
CA LEU F 752 -6.83 -80.84 30.35
C LEU F 752 -6.27 -80.43 28.99
N LEU F 753 -6.63 -81.21 27.98
CA LEU F 753 -6.31 -80.84 26.61
C LEU F 753 -7.11 -79.62 26.15
N PHE F 754 -8.17 -79.27 26.87
CA PHE F 754 -9.00 -78.13 26.53
C PHE F 754 -8.69 -76.89 27.34
N LEU F 755 -7.71 -76.95 28.24
CA LEU F 755 -7.42 -75.82 29.11
C LEU F 755 -6.91 -74.63 28.32
N SER F 756 -7.75 -73.61 28.15
CA SER F 756 -7.39 -72.44 27.37
C SER F 756 -6.73 -71.36 28.23
N TYR F 757 -6.99 -71.34 29.53
CA TYR F 757 -6.42 -70.33 30.42
C TYR F 757 -6.06 -70.97 31.75
N LEU F 758 -4.99 -70.45 32.37
CA LEU F 758 -4.54 -70.94 33.67
C LEU F 758 -3.95 -69.77 34.44
N ASP F 759 -4.50 -69.49 35.63
CA ASP F 759 -3.95 -68.41 36.50
C ASP F 759 -3.34 -69.03 37.77
N VAL F 760 -2.06 -69.40 37.72
CA VAL F 760 -1.37 -69.98 38.92
C VAL F 760 -0.49 -68.93 39.61
N LYS F 761 -0.54 -67.68 39.18
CA LYS F 761 0.38 -66.67 39.75
C LYS F 761 0.45 -66.79 41.27
N GLY F 762 1.65 -66.84 41.86
CA GLY F 762 1.78 -66.84 43.30
C GLY F 762 1.52 -68.20 43.92
N ASN F 763 2.32 -69.19 43.54
CA ASN F 763 2.20 -70.54 44.10
C ASN F 763 3.61 -71.05 44.38
N HIS F 764 3.72 -72.32 44.78
CA HIS F 764 4.98 -72.91 45.19
C HIS F 764 5.52 -73.91 44.17
N PHE F 765 5.21 -73.70 42.88
CA PHE F 765 5.84 -74.52 41.84
C PHE F 765 7.30 -74.13 41.69
N GLU F 766 8.15 -75.15 41.77
CA GLU F 766 9.61 -74.91 41.63
C GLU F 766 9.95 -75.11 40.16
N ILE F 767 9.99 -76.38 39.72
CA ILE F 767 10.29 -76.68 38.29
C ILE F 767 9.01 -77.22 37.66
N LEU F 768 8.59 -76.62 36.54
CA LEU F 768 7.34 -77.06 35.89
C LEU F 768 7.64 -78.29 35.04
N PRO F 769 7.03 -79.45 35.30
CA PRO F 769 7.23 -80.61 34.42
C PRO F 769 6.77 -80.29 33.01
N PRO F 770 7.24 -81.05 32.02
CA PRO F 770 6.90 -80.73 30.62
C PRO F 770 5.46 -81.08 30.26
N GLU F 771 4.62 -81.37 31.26
CA GLU F 771 3.24 -81.76 30.99
C GLU F 771 2.50 -80.73 30.16
N LEU F 772 2.85 -79.45 30.29
CA LEU F 772 2.17 -78.40 29.54
C LEU F 772 2.32 -78.58 28.04
N GLY F 773 3.30 -79.38 27.60
CA GLY F 773 3.40 -79.67 26.18
C GLY F 773 2.15 -80.34 25.63
N ASP F 774 1.50 -81.18 26.44
CA ASP F 774 0.25 -81.79 26.00
C ASP F 774 -0.87 -80.76 25.86
N CYS F 775 -0.75 -79.60 26.50
CA CYS F 775 -1.80 -78.59 26.50
C CYS F 775 -1.61 -77.67 25.30
N ARG F 776 -2.19 -78.07 24.17
CA ARG F 776 -2.15 -77.22 22.99
C ARG F 776 -2.99 -75.97 23.18
N ALA F 777 -4.19 -76.11 23.77
CA ALA F 777 -5.09 -74.99 23.93
C ALA F 777 -4.52 -73.90 24.82
N LEU F 778 -3.50 -74.21 25.62
CA LEU F 778 -2.85 -73.24 26.48
C LEU F 778 -1.52 -72.83 25.88
N LYS F 779 -1.31 -71.53 25.76
CA LYS F 779 -0.09 -70.97 25.21
C LYS F 779 0.50 -69.97 26.21
N ARG F 780 1.50 -69.20 25.76
CA ARG F 780 2.18 -68.28 26.66
C ARG F 780 1.22 -67.20 27.17
N ALA F 781 0.30 -66.76 26.31
CA ALA F 781 -0.70 -65.77 26.75
C ALA F 781 -1.52 -66.33 27.92
N GLY F 782 -2.12 -67.52 27.76
CA GLY F 782 -3.02 -68.05 28.79
C GLY F 782 -2.30 -68.51 30.04
N LEU F 783 -0.97 -68.50 30.03
CA LEU F 783 -0.20 -69.02 31.18
C LEU F 783 0.07 -67.89 32.19
N VAL F 784 -0.38 -68.05 33.44
CA VAL F 784 -0.04 -67.06 34.46
C VAL F 784 0.76 -67.72 35.56
N VAL F 785 2.09 -67.73 35.41
CA VAL F 785 3.01 -68.27 36.41
C VAL F 785 4.21 -67.34 36.51
N GLU F 786 5.10 -67.63 37.45
CA GLU F 786 6.35 -66.89 37.53
C GLU F 786 7.25 -67.25 36.35
N ASP F 787 8.07 -66.28 35.94
CA ASP F 787 8.99 -66.51 34.83
C ASP F 787 10.07 -67.54 35.17
N ALA F 788 10.51 -67.59 36.42
CA ALA F 788 11.43 -68.64 36.84
C ALA F 788 10.81 -70.02 36.68
N LEU F 789 9.52 -70.13 36.99
CA LEU F 789 8.80 -71.38 36.77
C LEU F 789 8.84 -71.79 35.30
N PHE F 790 8.53 -70.84 34.40
CA PHE F 790 8.60 -71.11 32.97
C PHE F 790 10.01 -71.46 32.54
N GLU F 791 11.02 -70.94 33.23
CA GLU F 791 12.40 -71.21 32.83
C GLU F 791 12.74 -72.68 32.98
N THR F 792 12.23 -73.32 34.04
CA THR F 792 12.49 -74.74 34.24
C THR F 792 11.80 -75.61 33.18
N LEU F 793 10.84 -75.07 32.45
CA LEU F 793 10.19 -75.83 31.41
C LEU F 793 11.18 -76.20 30.32
N PRO F 794 11.21 -77.44 29.86
CA PRO F 794 12.14 -77.83 28.80
C PRO F 794 11.81 -77.15 27.47
N SER F 795 12.63 -77.47 26.46
CA SER F 795 12.62 -76.72 25.22
C SER F 795 11.33 -76.95 24.43
N ASP F 796 10.88 -78.20 24.33
CA ASP F 796 9.73 -78.49 23.46
C ASP F 796 8.48 -77.77 23.95
N VAL F 797 8.23 -77.81 25.25
CA VAL F 797 7.03 -77.19 25.79
C VAL F 797 7.07 -75.68 25.58
N ARG F 798 8.21 -75.05 25.89
CA ARG F 798 8.30 -73.60 25.75
C ARG F 798 8.20 -73.17 24.29
N GLU F 799 8.73 -73.99 23.38
CA GLU F 799 8.66 -73.65 21.96
C GLU F 799 7.23 -73.79 21.44
N GLN F 800 6.55 -74.88 21.78
CA GLN F 800 5.16 -75.04 21.37
C GLN F 800 4.26 -74.02 22.06
N MET F 801 4.72 -73.46 23.17
CA MET F 801 3.93 -72.51 23.94
C MET F 801 4.06 -71.10 23.38
N LYS F 802 5.30 -70.63 23.20
CA LYS F 802 5.52 -69.26 22.74
C LYS F 802 5.25 -69.10 21.25
N ALA F 803 5.38 -70.16 20.48
CA ALA F 803 5.13 -70.10 19.04
C ALA F 803 4.57 -71.45 18.59
N ASP F 804 4.46 -71.63 17.27
CA ASP F 804 4.00 -72.89 16.70
C ASP F 804 5.12 -73.89 16.50
N ALA F 805 6.37 -73.52 16.79
CA ALA F 805 7.53 -74.40 16.64
C ALA F 805 7.64 -74.97 15.24
N GLY G 40 10.95 34.28 27.57
CA GLY G 40 11.97 35.32 27.47
C GLY G 40 12.36 35.63 26.05
N VAL G 41 12.01 34.73 25.13
CA VAL G 41 12.33 34.93 23.72
C VAL G 41 11.55 36.13 23.17
N PHE G 42 10.27 36.22 23.51
CA PHE G 42 9.44 37.31 22.99
C PHE G 42 9.94 38.66 23.49
N GLY G 43 10.34 38.74 24.76
CA GLY G 43 10.89 39.99 25.27
C GLY G 43 12.20 40.36 24.61
N CYS G 44 13.02 39.37 24.29
CA CYS G 44 14.31 39.64 23.64
C CYS G 44 14.11 40.26 22.26
N THR G 45 13.12 39.77 21.51
CA THR G 45 12.85 40.34 20.18
C THR G 45 12.48 41.82 20.30
N LEU G 46 11.65 42.15 21.29
CA LEU G 46 11.28 43.55 21.50
C LEU G 46 12.45 44.34 22.06
N GLN G 47 13.30 43.70 22.86
CA GLN G 47 14.44 44.40 23.45
C GLN G 47 15.43 44.86 22.39
N VAL G 48 15.75 43.96 21.44
CA VAL G 48 16.73 44.30 20.42
C VAL G 48 16.16 45.33 19.45
N MET G 49 14.91 45.15 19.03
CA MET G 49 14.34 46.01 18.00
C MET G 49 13.65 47.23 18.60
N GLN G 50 12.64 47.01 19.44
CA GLN G 50 11.76 48.08 19.87
C GLN G 50 12.25 48.85 21.08
N ASP G 51 13.13 48.27 21.90
CA ASP G 51 13.48 48.93 23.16
C ASP G 51 14.40 50.10 22.90
N LYS G 52 13.82 51.27 22.63
CA LYS G 52 14.55 52.50 22.44
C LYS G 52 14.04 53.53 23.45
N ILE G 53 14.95 54.21 24.09
CA ILE G 53 14.60 55.17 25.14
C ILE G 53 14.70 56.58 24.58
N ILE G 54 13.79 57.43 25.02
CA ILE G 54 13.77 58.84 24.66
C ILE G 54 14.08 59.65 25.90
N CYS G 55 14.80 60.75 25.71
CA CYS G 55 15.33 61.53 26.83
C CYS G 55 15.20 63.02 26.54
N LEU G 56 15.11 63.80 27.62
CA LEU G 56 15.07 65.26 27.57
C LEU G 56 15.75 65.80 28.81
N PRO G 57 16.28 67.03 28.74
CA PRO G 57 16.88 67.62 29.95
C PRO G 57 15.82 68.20 30.86
N LYS G 58 15.92 67.88 32.15
CA LYS G 58 14.92 68.32 33.12
C LYS G 58 15.15 69.76 33.60
N ARG G 59 16.28 70.01 34.24
CA ARG G 59 16.50 71.31 34.87
C ARG G 59 16.49 72.42 33.85
N VAL G 60 15.78 73.50 34.18
CA VAL G 60 15.74 74.69 33.36
C VAL G 60 16.05 75.90 34.22
N GLU G 96 -0.29 82.22 28.53
CA GLU G 96 0.17 81.47 27.37
C GLU G 96 1.57 80.92 27.62
N MET G 97 1.73 79.61 27.49
CA MET G 97 3.01 78.95 27.65
C MET G 97 3.64 78.72 26.29
N LYS G 98 4.88 79.15 26.13
CA LYS G 98 5.55 79.09 24.84
C LYS G 98 6.23 77.74 24.68
N GLY G 99 6.98 77.58 23.60
CA GLY G 99 7.79 76.40 23.42
C GLY G 99 9.00 76.42 24.31
N LEU G 100 9.68 75.28 24.36
CA LEU G 100 10.81 75.09 25.25
C LEU G 100 12.02 74.61 24.46
N LYS G 101 12.36 75.35 23.40
CA LYS G 101 13.48 74.98 22.56
C LYS G 101 14.73 74.69 23.37
N THR G 102 15.22 73.46 23.26
CA THR G 102 16.44 73.05 23.93
C THR G 102 17.66 73.17 23.04
N ASP G 103 17.47 73.62 21.81
CA ASP G 103 18.50 73.88 20.79
C ASP G 103 19.66 72.88 20.89
N LEU G 104 19.29 71.60 20.80
CA LEU G 104 20.23 70.51 20.58
C LEU G 104 19.75 69.72 19.36
N ASP G 105 20.68 69.26 18.54
CA ASP G 105 20.23 68.54 17.36
C ASP G 105 20.05 67.06 17.68
N LEU G 106 19.84 66.27 16.62
CA LEU G 106 19.44 64.88 16.79
C LEU G 106 20.52 64.05 17.46
N GLN G 107 21.78 64.38 17.22
CA GLN G 107 22.84 63.44 17.52
C GLN G 107 23.08 63.31 19.02
N GLN G 108 23.42 64.42 19.68
CA GLN G 108 23.60 64.30 21.12
C GLN G 108 22.31 63.94 21.81
N TYR G 109 21.16 64.11 21.15
CA TYR G 109 19.96 63.48 21.66
C TYR G 109 20.11 61.96 21.69
N SER G 110 20.58 61.38 20.59
CA SER G 110 20.84 59.94 20.60
C SER G 110 21.89 59.59 21.65
N PHE G 111 22.89 60.44 21.78
CA PHE G 111 23.93 60.25 22.78
C PHE G 111 23.34 60.18 24.18
N ILE G 112 22.45 61.12 24.50
CA ILE G 112 21.80 61.15 25.80
C ILE G 112 20.93 59.92 25.98
N ASN G 113 20.27 59.50 24.90
CA ASN G 113 19.50 58.26 24.94
C ASN G 113 20.38 57.13 25.41
N GLN G 114 21.54 56.97 24.76
CA GLN G 114 22.46 55.91 25.16
C GLN G 114 22.91 56.09 26.60
N MET G 115 23.24 57.32 26.98
CA MET G 115 23.82 57.56 28.30
C MET G 115 22.85 57.13 29.38
N CYS G 116 21.63 57.62 29.31
CA CYS G 116 20.68 57.35 30.38
C CYS G 116 20.07 55.97 30.22
N TYR G 117 20.21 55.36 29.04
CA TYR G 117 19.88 53.96 28.88
C TYR G 117 20.83 53.08 29.69
N GLU G 118 22.13 53.32 29.55
CA GLU G 118 23.10 52.49 30.25
C GLU G 118 23.11 52.79 31.74
N ARG G 119 23.09 54.07 32.10
CA ARG G 119 23.27 54.43 33.50
C ARG G 119 22.02 54.19 34.33
N ALA G 120 20.93 54.90 33.98
CA ALA G 120 19.76 54.89 34.86
C ALA G 120 19.00 53.58 34.79
N LEU G 121 18.79 53.05 33.59
CA LEU G 121 17.94 51.88 33.43
C LEU G 121 18.51 50.70 34.20
N HIS G 122 17.67 50.05 34.98
CA HIS G 122 18.13 49.01 35.89
C HIS G 122 18.56 47.77 35.12
N TRP G 123 19.72 47.21 35.49
CA TRP G 123 20.30 46.13 34.70
C TRP G 123 19.44 44.88 34.71
N TYR G 124 18.72 44.63 35.80
CA TYR G 124 17.75 43.53 35.80
C TYR G 124 16.69 43.75 34.72
N ALA G 125 16.17 44.97 34.62
CA ALA G 125 15.20 45.26 33.56
C ALA G 125 15.82 45.06 32.19
N LYS G 126 17.06 45.52 32.00
CA LYS G 126 17.75 45.30 30.73
C LYS G 126 17.96 43.82 30.49
N TYR G 127 18.33 43.08 31.53
CA TYR G 127 18.52 41.64 31.43
C TYR G 127 17.24 40.84 31.60
N PHE G 128 16.11 41.50 31.90
CA PHE G 128 14.89 40.75 32.17
C PHE G 128 14.48 39.87 31.01
N PRO G 129 14.48 40.33 29.74
CA PRO G 129 14.22 39.39 28.64
C PRO G 129 15.24 38.27 28.59
N TYR G 130 16.50 38.58 28.91
CA TYR G 130 17.52 37.54 28.96
C TYR G 130 17.29 36.61 30.15
N LEU G 131 16.94 37.17 31.31
CA LEU G 131 16.81 36.35 32.51
C LEU G 131 15.73 35.28 32.34
N VAL G 132 14.58 35.66 31.80
CA VAL G 132 13.52 34.68 31.56
C VAL G 132 14.00 33.63 30.56
N LEU G 133 14.70 34.05 29.52
CA LEU G 133 15.25 33.10 28.55
C LEU G 133 16.26 32.17 29.21
N ILE G 134 17.13 32.72 30.06
CA ILE G 134 18.14 31.90 30.72
C ILE G 134 17.49 30.91 31.68
N HIS G 135 16.54 31.40 32.50
CA HIS G 135 15.91 30.52 33.48
C HIS G 135 15.00 29.49 32.83
N THR G 136 14.35 29.84 31.72
CA THR G 136 13.51 28.88 31.04
C THR G 136 14.30 27.69 30.52
N LEU G 137 15.48 27.96 29.95
CA LEU G 137 16.35 26.91 29.43
C LEU G 137 16.96 26.08 30.55
N ILE G 276 13.85 30.63 44.97
CA ILE G 276 14.76 31.76 44.91
C ILE G 276 14.21 32.81 43.96
N ILE G 277 13.55 32.34 42.89
CA ILE G 277 13.00 33.25 41.89
C ILE G 277 11.97 34.19 42.52
N ILE G 278 11.09 33.64 43.35
CA ILE G 278 10.04 34.45 43.97
C ILE G 278 10.65 35.47 44.92
N ALA G 279 11.75 35.12 45.58
CA ALA G 279 12.31 35.99 46.62
C ALA G 279 12.79 37.32 46.04
N TYR G 280 13.49 37.28 44.90
CA TYR G 280 14.11 38.49 44.38
C TYR G 280 13.37 39.10 43.19
N ASN G 281 12.64 38.30 42.41
CA ASN G 281 11.87 38.87 41.32
C ASN G 281 10.71 39.73 41.84
N SER G 282 10.19 39.40 43.03
CA SER G 282 9.08 40.17 43.58
C SER G 282 9.49 41.61 43.84
N ALA G 283 10.70 41.82 44.37
CA ALA G 283 11.17 43.17 44.65
C ALA G 283 11.60 43.92 43.40
N LEU G 284 12.14 43.21 42.40
CA LEU G 284 12.67 43.88 41.21
C LEU G 284 11.59 44.23 40.20
N VAL G 285 10.40 43.63 40.29
CA VAL G 285 9.29 44.06 39.45
C VAL G 285 8.80 45.44 39.88
N SER G 286 8.64 45.64 41.19
CA SER G 286 8.32 46.97 41.69
C SER G 286 9.49 47.92 41.56
N LYS G 287 10.70 47.41 41.39
CA LYS G 287 11.87 48.26 41.20
C LYS G 287 11.77 49.06 39.91
N VAL G 288 11.27 48.44 38.84
CA VAL G 288 11.20 49.10 37.54
C VAL G 288 9.90 49.89 37.43
N GLN G 289 9.94 50.92 36.58
CA GLN G 289 8.80 51.81 36.39
C GLN G 289 8.76 52.24 34.94
N PHE G 290 7.76 53.05 34.60
CA PHE G 290 7.61 53.52 33.23
C PHE G 290 8.62 54.61 32.90
N THR G 291 8.56 55.73 33.62
CA THR G 291 9.50 56.81 33.42
C THR G 291 10.79 56.53 34.17
N VAL G 292 11.76 57.44 34.03
CA VAL G 292 13.03 57.31 34.75
C VAL G 292 13.69 58.68 34.76
N ASP G 293 14.51 58.93 35.76
CA ASP G 293 15.33 60.12 35.84
C ASP G 293 16.80 59.71 35.90
N CYS G 294 17.68 60.65 35.57
CA CYS G 294 19.10 60.37 35.68
C CYS G 294 19.90 61.66 35.71
N ASN G 295 20.84 61.72 36.66
CA ASN G 295 21.76 62.86 36.80
C ASN G 295 23.14 62.35 36.43
N VAL G 296 23.47 62.40 35.14
CA VAL G 296 24.75 61.95 34.63
C VAL G 296 25.48 63.17 34.09
N ASP G 297 26.79 63.24 34.37
CA ASP G 297 27.56 64.46 34.15
C ASP G 297 27.96 64.57 32.67
N ILE G 298 26.97 64.86 31.84
CA ILE G 298 27.21 65.26 30.46
C ILE G 298 27.40 66.78 30.36
N GLN G 299 27.55 67.45 31.50
CA GLN G 299 27.93 68.85 31.48
C GLN G 299 29.30 68.99 30.82
N ASP G 300 29.47 70.08 30.07
CA ASP G 300 30.60 70.35 29.20
C ASP G 300 30.65 69.41 28.00
N MET G 301 29.74 68.43 27.94
CA MET G 301 29.51 67.63 26.77
C MET G 301 28.26 68.05 26.01
N THR G 302 27.17 68.30 26.73
CA THR G 302 26.00 68.97 26.16
C THR G 302 25.51 70.14 26.99
N GLY G 303 26.09 70.39 28.16
CA GLY G 303 25.69 71.52 28.98
C GLY G 303 24.52 71.27 29.90
N TYR G 304 24.03 70.05 30.00
CA TYR G 304 22.92 69.72 30.88
C TYR G 304 23.31 68.57 31.80
N LYS G 305 22.65 68.49 32.95
CA LYS G 305 22.99 67.51 33.97
C LYS G 305 21.85 66.55 34.30
N ASN G 306 20.66 67.07 34.55
CA ASN G 306 19.55 66.26 35.04
C ASN G 306 18.55 66.02 33.93
N PHE G 307 18.23 64.76 33.67
CA PHE G 307 17.42 64.40 32.52
C PHE G 307 16.28 63.50 32.94
N SER G 308 15.18 63.61 32.22
CA SER G 308 14.07 62.67 32.32
C SER G 308 14.07 61.83 31.07
N CYS G 309 13.62 60.58 31.20
CA CYS G 309 13.61 59.66 30.08
C CYS G 309 12.49 58.66 30.26
N ASN G 310 12.18 57.98 29.18
CA ASN G 310 11.29 56.82 29.23
C ASN G 310 11.58 55.94 28.03
N HIS G 311 11.48 54.63 28.24
CA HIS G 311 11.66 53.69 27.17
C HIS G 311 10.32 53.04 26.87
N THR G 312 10.13 52.67 25.62
CA THR G 312 8.79 52.41 25.11
C THR G 312 8.16 51.21 25.80
N MET G 313 8.97 50.23 26.15
CA MET G 313 8.45 48.93 26.53
C MET G 313 8.21 48.75 28.04
N ALA G 314 8.36 49.81 28.83
CA ALA G 314 8.40 49.69 30.29
C ALA G 314 7.12 49.06 30.86
N HIS G 315 5.96 49.64 30.54
CA HIS G 315 4.71 49.13 31.11
C HIS G 315 4.38 47.75 30.58
N LEU G 316 4.76 47.45 29.34
CA LEU G 316 4.43 46.15 28.75
C LEU G 316 5.11 45.02 29.52
N PHE G 317 6.39 45.18 29.83
CA PHE G 317 7.06 44.16 30.65
C PHE G 317 6.45 44.11 32.04
N SER G 318 6.05 45.26 32.58
CA SER G 318 5.41 45.27 33.89
C SER G 318 4.15 44.42 33.90
N LYS G 319 3.34 44.53 32.85
CA LYS G 319 2.22 43.61 32.70
C LYS G 319 2.69 42.20 32.38
N LEU G 320 3.72 42.08 31.55
CA LEU G 320 4.25 40.76 31.20
C LEU G 320 4.93 40.10 32.39
N SER G 321 5.67 40.87 33.19
CA SER G 321 6.38 40.29 34.34
C SER G 321 5.40 39.73 35.36
N PHE G 322 4.32 40.45 35.62
CA PHE G 322 3.38 40.02 36.66
C PHE G 322 2.74 38.69 36.31
N CYS G 323 2.37 38.51 35.04
CA CYS G 323 1.84 37.21 34.61
C CYS G 323 2.91 36.13 34.64
N TYR G 324 4.15 36.48 34.32
CA TYR G 324 5.23 35.48 34.34
C TYR G 324 5.50 35.00 35.76
N LEU G 325 5.37 35.88 36.74
CA LEU G 325 5.59 35.48 38.13
C LEU G 325 4.55 34.45 38.57
N CYS G 326 3.31 34.60 38.13
CA CYS G 326 2.27 33.65 38.49
C CYS G 326 2.58 32.26 37.97
N PHE G 327 3.20 32.16 36.79
CA PHE G 327 3.52 30.85 36.23
C PHE G 327 4.53 30.12 37.10
N VAL G 328 5.54 30.82 37.60
CA VAL G 328 6.57 30.22 38.44
C VAL G 328 6.12 30.19 39.89
#